data_5C2W
#
_entry.id   5C2W
#
_cell.length_a   464.120
_cell.length_b   464.120
_cell.length_c   145.450
_cell.angle_alpha   90.00
_cell.angle_beta   90.00
_cell.angle_gamma   120.00
#
_symmetry.space_group_name_H-M   'H 3 2'
#
loop_
_entity.id
_entity.type
_entity.pdbx_description
1 polymer 'HYDRAZINE SYNTHASE ALPHA SUBUNIT'
2 polymer 'HYDRAZINE SYNTHASE BETA SUBUNIT'
3 polymer 'Hypothetical (Di heme) protein'
4 non-polymer XENON
5 non-polymer 'CHLORIDE ION'
6 non-polymer 'CALCIUM ION'
7 non-polymer 'ZINC ION'
8 non-polymer 'HEME C'
9 non-polymer 'TRIMETHYL GLYCINE'
10 non-polymer 'MAGNESIUM ION'
11 water water
#
loop_
_entity_poly.entity_id
_entity_poly.type
_entity_poly.pdbx_seq_one_letter_code
_entity_poly.pdbx_strand_id
1 'polypeptide(L)'
;EPVMTGGPVQGKALWTDYSGMSKEVQGPVSQILFTQSPRTAKGDPYQNYPHYIPEGSRIVLFDLNTKELKVLTNDFATAF
DPCTYWDGKKFAFAGVHKKGGGCQIWEMNIDGSGLRQMTDLKGTCRSPIYYAAGSIEEGEGRIIWRDRYFEGDWKEHGMV
EKTGMIIFSGSPEGVMDEFHNPYAYNLYRLDTQGGKIIQRITGHVLSGIEFPHLNTTIDQITYNLSSNFDPWLTPDGNIL
FSSVQANGSRAGGEGRVMICVDNWDGAYPRPIYGNCDGEIGGTSGRSQAKITFGDRKIVYVESPYMNWGVGQLAAVSWDA
PFNKTYEKLTGKDGGLYRSPYPLPDDRMLVSYAERGDFGIYWFNFSKCAAGDKVYDDPNWNDHQPAPVYVKYKPRWINTF
TAGKNFGVTVVTYQPFDQVKVEGYPHSWGTWICFDTTLSDQPVGPYPHQKAKNVSHGDIKAVRIIQGYQCVEPDSTRFRV
GAGAHLLGGERSSSNSGTAFQQRGIIGYQYVESDGSTVTSQLSDVPYYMQILDDKGMSVQTALTWAYLRPYHGRICSGCH
YGSYRGRAFKNIHAKALYNWWYDDRSHYDSPFAFRYLKFDNDGNYKGVKHGEDVVVPSDIYYGGPSGTTSQPVEGLTLDK
QRTVDFRRDIQPILDAKCAMCHDSNNPPNLGGGLELVSVDGIAAYSRAYNSLLEPQRGKDPNIGGKYVNPSAAINSLLVW
RLYEAELSANAPREKIFPIEGRLLHNKFLTQDERYAIVEWIDLGAQWDNIPGPDFYPGYLVK
;
A,D
2 'polypeptide(L)'
;GYIQGTHVKTDLPGPFHITMSPDGSTLFISNQSGHSVTFVDARTQKVTGEVAVRVQPEASAVTPDGAFLYVCNAESDSVS
VVDIQRKQEIKEIKVGDWPSGIKISPDGKTAYVACSGCMWNAIDVIDTGRMEKVRSIYTSDYGPRMVEISPDGKTLVAIL
DTVGSINRSVDFIDIASGRVVENRVIHESSNLRDVVYTPDGKYIAVTHQTPKNWLPVCEAENGQVFTNNVTIIETKAGGK
VARLPLDDLNNYDGNPYGMAMDPKGKYLYIGVRGMHRVTILDMDKVLGLVRSSTQEELDYLRDDLGLVRDYLVARVPTGL
GPSSVCLSPDGKFCYAANYFSNNVTVIRTAVD
;
B,E
3 'polypeptide(L)'
;GQPRVISTIQTGATWEPLGREEPLTVPEVHFRVKHSPFKSELVRYGQFQFNDAAWSLQGSYSCASCHYERGQTTGLIWDL
GDEGWGSWKNTKYIRGGRYLPPFRHEGFTGHPDEIVGATSSLDRVCGRDPGFVFRSENFSPMRLEALICYIRALEFTGSP
FRNADGSLTEAQKRGQKIFEDPKVGCLECHPGDPMDPRALFSDAQTHDVGTGRVGVNGFRSTPGKVFNISALEAGEDPYG
VESNTPIIGLDLVKEFDTPTLRDIYASGTYFHDGGARTLMDTINNTVNDKDMHGRTSHLKQQELQDLVEYLKAL
;
C,F
#
loop_
_chem_comp.id
_chem_comp.type
_chem_comp.name
_chem_comp.formula
BET non-polymer 'TRIMETHYL GLYCINE' 'C5 H12 N O2 1'
CA non-polymer 'CALCIUM ION' 'Ca 2'
CL non-polymer 'CHLORIDE ION' 'Cl -1'
HEC non-polymer 'HEME C' 'C34 H34 Fe N4 O4'
MG non-polymer 'MAGNESIUM ION' 'Mg 2'
XE non-polymer XENON Xe
ZN non-polymer 'ZINC ION' 'Zn 2'
#
# COMPACT_ATOMS: atom_id res chain seq x y z
N GLU A 1 21.88 19.13 33.41
CA GLU A 1 22.71 19.18 32.22
C GLU A 1 22.00 19.93 31.09
N PRO A 2 22.75 20.73 30.32
CA PRO A 2 22.16 21.41 29.17
C PRO A 2 21.76 20.41 28.08
N VAL A 3 20.56 20.57 27.53
CA VAL A 3 20.07 19.67 26.49
C VAL A 3 19.72 20.43 25.23
N MET A 4 18.65 21.22 25.29
CA MET A 4 18.18 21.98 24.13
C MET A 4 19.02 23.22 23.92
N THR A 5 19.50 23.79 25.03
CA THR A 5 20.27 25.03 24.98
C THR A 5 21.32 25.06 26.09
N GLY A 6 22.30 25.95 25.94
CA GLY A 6 23.30 26.13 26.97
C GLY A 6 22.70 26.80 28.20
N GLY A 7 23.31 26.56 29.35
CA GLY A 7 22.82 27.13 30.60
C GLY A 7 23.67 28.27 31.14
N PRO A 8 23.40 28.69 32.38
CA PRO A 8 24.14 29.77 33.04
C PRO A 8 25.59 29.38 33.35
N VAL A 9 25.80 28.13 33.70
CA VAL A 9 27.14 27.61 33.97
C VAL A 9 27.37 26.36 33.14
N GLN A 10 28.63 25.98 32.94
CA GLN A 10 28.95 24.76 32.22
C GLN A 10 28.52 23.55 33.04
N GLY A 11 27.72 22.68 32.43
CA GLY A 11 27.24 21.48 33.09
C GLY A 11 25.89 21.66 33.74
N LYS A 12 25.35 22.88 33.66
CA LYS A 12 24.02 23.15 34.21
C LYS A 12 23.12 23.84 33.18
N ALA A 13 21.82 23.70 33.36
CA ALA A 13 20.86 24.07 32.33
C ALA A 13 20.05 25.31 32.67
N LEU A 14 19.61 26.02 31.63
CA LEU A 14 18.74 27.18 31.80
C LEU A 14 17.34 26.72 32.16
N TRP A 15 16.58 27.57 32.86
CA TRP A 15 15.24 27.21 33.28
C TRP A 15 14.29 27.11 32.09
N THR A 16 14.71 27.66 30.95
CA THR A 16 13.92 27.59 29.73
C THR A 16 14.04 26.23 29.06
N ASP A 17 15.03 25.45 29.50
CA ASP A 17 15.25 24.12 28.94
C ASP A 17 14.49 23.09 29.77
N TYR A 18 13.45 22.50 29.17
CA TYR A 18 12.60 21.57 29.88
C TYR A 18 13.31 20.26 30.19
N SER A 19 13.98 19.71 29.18
CA SER A 19 14.68 18.44 29.31
C SER A 19 15.80 18.50 30.34
N GLY A 20 16.61 19.54 30.26
CA GLY A 20 17.74 19.73 31.16
C GLY A 20 17.30 19.92 32.61
N MET A 21 16.34 20.81 32.82
CA MET A 21 15.82 21.05 34.16
C MET A 21 15.15 19.81 34.70
N SER A 22 14.56 19.02 33.81
CA SER A 22 13.98 17.73 34.21
C SER A 22 15.08 16.78 34.67
N LYS A 23 16.23 16.85 34.01
CA LYS A 23 17.39 16.05 34.40
C LYS A 23 17.88 16.46 35.79
N GLU A 24 17.95 17.76 36.03
CA GLU A 24 18.51 18.28 37.28
C GLU A 24 17.56 18.13 38.47
N VAL A 25 16.26 18.18 38.20
CA VAL A 25 15.27 18.19 39.28
C VAL A 25 14.72 16.81 39.60
N GLN A 26 15.13 15.80 38.83
CA GLN A 26 14.57 14.45 38.96
C GLN A 26 14.76 13.86 40.37
N GLY A 27 16.00 13.61 40.74
CA GLY A 27 16.30 12.99 42.02
C GLY A 27 16.28 11.48 41.92
N PRO A 28 16.80 10.79 42.95
CA PRO A 28 16.85 9.32 42.98
C PRO A 28 15.46 8.69 42.99
N VAL A 29 15.30 7.59 42.25
CA VAL A 29 14.02 6.88 42.20
C VAL A 29 14.01 5.69 43.17
N SER A 30 13.09 5.74 44.12
CA SER A 30 12.97 4.67 45.11
C SER A 30 11.71 3.85 44.88
N GLN A 31 10.56 4.51 44.98
CA GLN A 31 9.27 3.84 44.84
C GLN A 31 8.67 4.10 43.45
N ILE A 32 7.93 3.12 42.94
CA ILE A 32 7.22 3.29 41.67
C ILE A 32 5.75 2.87 41.79
N LEU A 33 4.89 3.52 41.02
CA LEU A 33 3.49 3.17 40.95
C LEU A 33 3.22 2.41 39.65
N PHE A 34 2.43 1.33 39.73
CA PHE A 34 2.04 0.66 38.49
C PHE A 34 0.73 -0.12 38.62
N THR A 35 0.14 -0.43 37.47
CA THR A 35 -1.14 -1.11 37.43
C THR A 35 -1.00 -2.62 37.29
N GLN A 36 -1.66 -3.34 38.19
CA GLN A 36 -1.77 -4.78 38.09
C GLN A 36 -3.17 -5.14 37.60
N SER A 37 -3.23 -5.94 36.53
CA SER A 37 -4.50 -6.30 35.94
C SER A 37 -4.71 -7.81 35.99
N PRO A 38 -5.97 -8.24 36.22
CA PRO A 38 -6.29 -9.67 36.16
C PRO A 38 -6.00 -10.19 34.77
N ARG A 39 -5.56 -11.44 34.64
CA ARG A 39 -5.27 -11.92 33.30
C ARG A 39 -6.51 -12.61 32.75
N THR A 40 -7.19 -11.89 31.86
CA THR A 40 -8.41 -12.34 31.22
C THR A 40 -8.61 -11.47 29.98
N ALA A 41 -9.45 -11.90 29.05
CA ALA A 41 -9.86 -11.02 27.97
C ALA A 41 -10.62 -9.84 28.54
N LYS A 42 -11.42 -10.11 29.57
CA LYS A 42 -12.19 -9.06 30.25
C LYS A 42 -11.33 -8.31 31.27
N GLY A 43 -10.26 -8.95 31.74
CA GLY A 43 -9.41 -8.35 32.75
C GLY A 43 -8.34 -7.46 32.16
N ASP A 44 -7.95 -7.75 30.92
CA ASP A 44 -6.97 -6.94 30.21
C ASP A 44 -7.43 -6.76 28.76
N PRO A 45 -8.47 -5.95 28.55
CA PRO A 45 -9.05 -5.77 27.22
C PRO A 45 -8.25 -4.81 26.34
N TYR A 46 -6.99 -5.12 26.09
CA TYR A 46 -6.14 -4.24 25.29
C TYR A 46 -6.49 -4.30 23.81
N GLN A 47 -7.37 -5.21 23.43
CA GLN A 47 -7.82 -5.31 22.05
C GLN A 47 -8.92 -4.30 21.77
N ASN A 48 -9.50 -3.76 22.84
CA ASN A 48 -10.55 -2.75 22.72
C ASN A 48 -10.02 -1.32 22.84
N TYR A 49 -8.70 -1.19 22.97
CA TYR A 49 -8.03 0.11 23.01
C TYR A 49 -8.46 0.95 21.81
N PRO A 50 -8.66 2.27 22.00
CA PRO A 50 -8.48 3.14 23.16
C PRO A 50 -9.45 2.89 24.32
N HIS A 51 -10.51 2.13 24.09
CA HIS A 51 -11.51 1.96 25.13
C HIS A 51 -11.06 0.79 26.00
N TYR A 52 -10.59 1.14 27.19
CA TYR A 52 -9.92 0.18 28.05
C TYR A 52 -10.41 0.33 29.48
N ILE A 53 -11.10 -0.69 29.96
CA ILE A 53 -11.58 -0.71 31.33
C ILE A 53 -11.25 -2.07 31.92
N PRO A 54 -9.99 -2.23 32.36
CA PRO A 54 -9.49 -3.52 32.85
C PRO A 54 -10.15 -3.89 34.18
N GLU A 55 -11.40 -4.35 34.09
CA GLU A 55 -12.21 -4.64 35.26
C GLU A 55 -11.51 -5.59 36.23
N GLY A 56 -11.41 -5.16 37.48
CA GLY A 56 -10.76 -5.96 38.52
C GLY A 56 -9.33 -5.55 38.79
N SER A 57 -8.82 -4.61 38.01
CA SER A 57 -7.44 -4.14 38.16
C SER A 57 -7.24 -3.24 39.37
N ARG A 58 -5.99 -3.12 39.80
CA ARG A 58 -5.65 -2.28 40.94
C ARG A 58 -4.36 -1.50 40.67
N ILE A 59 -4.18 -0.41 41.40
CA ILE A 59 -2.93 0.36 41.31
C ILE A 59 -2.11 0.13 42.56
N VAL A 60 -0.84 -0.19 42.39
CA VAL A 60 0.01 -0.55 43.52
C VAL A 60 1.30 0.28 43.58
N LEU A 61 1.80 0.43 44.80
CA LEU A 61 3.07 1.09 45.05
C LEU A 61 4.12 0.07 45.46
N PHE A 62 5.24 0.06 44.72
CA PHE A 62 6.32 -0.90 44.95
C PHE A 62 7.61 -0.19 45.30
N ASP A 63 8.33 -0.73 46.28
CA ASP A 63 9.62 -0.19 46.68
C ASP A 63 10.73 -0.96 45.99
N LEU A 64 11.60 -0.26 45.27
CA LEU A 64 12.70 -0.90 44.54
C LEU A 64 13.77 -1.43 45.48
N ASN A 65 13.62 -1.11 46.75
CA ASN A 65 14.65 -1.40 47.74
C ASN A 65 14.20 -2.42 48.79
N THR A 66 13.22 -2.03 49.61
CA THR A 66 12.67 -2.94 50.62
C THR A 66 11.82 -4.02 49.97
N LYS A 67 11.48 -3.82 48.70
CA LYS A 67 10.77 -4.81 47.89
C LYS A 67 9.42 -5.21 48.47
N GLU A 68 8.77 -4.29 49.17
CA GLU A 68 7.44 -4.59 49.70
C GLU A 68 6.37 -3.73 49.03
N LEU A 69 5.29 -4.40 48.64
CA LEU A 69 4.27 -3.84 47.79
C LEU A 69 3.01 -3.48 48.58
N LYS A 70 2.34 -2.39 48.20
CA LYS A 70 1.10 -2.02 48.87
C LYS A 70 0.02 -1.58 47.89
N VAL A 71 -1.20 -2.05 48.11
CA VAL A 71 -2.33 -1.74 47.24
C VAL A 71 -3.09 -0.52 47.76
N LEU A 72 -3.05 0.57 47.00
CA LEU A 72 -3.68 1.82 47.41
C LEU A 72 -5.15 1.92 47.00
N THR A 73 -5.55 1.07 46.06
CA THR A 73 -6.86 1.18 45.41
C THR A 73 -7.96 0.27 45.97
N ASN A 74 -7.70 -0.39 47.08
CA ASN A 74 -8.59 -1.43 47.63
C ASN A 74 -10.07 -1.05 47.71
N ASP A 75 -10.36 0.23 47.84
CA ASP A 75 -11.74 0.70 47.89
C ASP A 75 -12.36 0.83 46.49
N PHE A 76 -11.57 0.62 45.46
CA PHE A 76 -12.04 0.72 44.08
C PHE A 76 -12.28 -0.66 43.45
N ALA A 77 -13.32 -0.76 42.63
CA ALA A 77 -13.60 -1.99 41.92
C ALA A 77 -12.59 -2.17 40.79
N THR A 78 -12.26 -1.06 40.14
CA THR A 78 -11.28 -1.06 39.06
C THR A 78 -10.48 0.24 39.10
N ALA A 79 -9.17 0.15 38.88
CA ALA A 79 -8.32 1.34 38.85
C ALA A 79 -7.14 1.14 37.91
N PHE A 80 -6.77 2.21 37.20
CA PHE A 80 -5.71 2.16 36.22
C PHE A 80 -5.29 3.56 35.77
N ASP A 81 -4.34 3.62 34.83
CA ASP A 81 -3.80 4.88 34.32
C ASP A 81 -3.29 5.83 35.40
N PRO A 82 -2.27 5.40 36.17
CA PRO A 82 -1.72 6.32 37.18
C PRO A 82 -0.84 7.41 36.58
N CYS A 83 -0.97 8.63 37.08
CA CYS A 83 -0.06 9.71 36.71
C CYS A 83 0.29 10.54 37.93
N THR A 84 1.58 10.65 38.24
CA THR A 84 2.03 11.34 39.43
C THR A 84 2.03 12.86 39.25
N TYR A 85 1.86 13.57 40.37
CA TYR A 85 1.90 15.03 40.38
C TYR A 85 3.34 15.51 40.23
N TRP A 86 3.53 16.82 40.23
CA TRP A 86 4.86 17.40 40.05
C TRP A 86 5.77 17.09 41.23
N ASP A 87 5.24 17.23 42.44
CA ASP A 87 6.00 16.96 43.65
C ASP A 87 6.19 15.46 43.87
N GLY A 88 5.24 14.68 43.34
CA GLY A 88 5.33 13.24 43.41
C GLY A 88 4.69 12.66 44.67
N LYS A 89 4.05 13.51 45.46
CA LYS A 89 3.44 13.06 46.71
C LYS A 89 1.95 12.76 46.55
N LYS A 90 1.43 12.99 45.35
CA LYS A 90 0.06 12.63 45.01
C LYS A 90 -0.02 12.27 43.53
N PHE A 91 -1.09 11.58 43.15
CA PHE A 91 -1.24 11.15 41.76
C PHE A 91 -2.70 11.03 41.35
N ALA A 92 -2.94 11.17 40.04
CA ALA A 92 -4.29 11.06 39.51
C ALA A 92 -4.41 9.80 38.65
N PHE A 93 -5.61 9.23 38.60
CA PHE A 93 -5.86 8.00 37.86
C PHE A 93 -7.30 7.90 37.40
N ALA A 94 -7.61 6.81 36.70
CA ALA A 94 -8.97 6.55 36.25
C ALA A 94 -9.47 5.22 36.81
N GLY A 95 -10.77 5.15 37.08
CA GLY A 95 -11.34 3.91 37.59
C GLY A 95 -12.74 4.06 38.15
N VAL A 96 -13.35 2.94 38.49
CA VAL A 96 -14.70 2.93 39.04
C VAL A 96 -14.70 2.40 40.48
N HIS A 97 -15.32 3.16 41.38
CA HIS A 97 -15.40 2.80 42.79
C HIS A 97 -16.42 1.68 43.00
N LYS A 98 -16.27 0.96 44.12
CA LYS A 98 -17.20 -0.11 44.45
C LYS A 98 -18.60 0.42 44.71
N LYS A 99 -18.69 1.68 45.12
CA LYS A 99 -19.96 2.33 45.36
C LYS A 99 -20.69 2.61 44.05
N GLY A 100 -19.98 2.45 42.94
CA GLY A 100 -20.54 2.73 41.62
C GLY A 100 -20.19 4.11 41.11
N GLY A 101 -20.95 4.59 40.14
CA GLY A 101 -20.74 5.91 39.58
C GLY A 101 -20.11 5.86 38.20
N GLY A 102 -19.65 4.69 37.81
CA GLY A 102 -19.01 4.51 36.51
C GLY A 102 -17.52 4.79 36.56
N CYS A 103 -16.86 4.68 35.42
CA CYS A 103 -15.42 4.92 35.33
C CYS A 103 -15.16 6.42 35.28
N GLN A 104 -14.44 6.93 36.28
CA GLN A 104 -14.22 8.37 36.41
C GLN A 104 -12.76 8.70 36.72
N ILE A 105 -12.47 9.99 36.84
CA ILE A 105 -11.14 10.45 37.19
C ILE A 105 -11.06 10.74 38.69
N TRP A 106 -10.03 10.20 39.32
CA TRP A 106 -9.81 10.39 40.75
C TRP A 106 -8.38 10.87 40.99
N GLU A 107 -8.13 11.39 42.18
CA GLU A 107 -6.76 11.69 42.60
C GLU A 107 -6.59 11.34 44.06
N MET A 108 -5.38 10.93 44.43
CA MET A 108 -5.12 10.49 45.80
C MET A 108 -3.66 10.71 46.16
N ASN A 109 -3.41 11.00 47.44
CA ASN A 109 -2.04 11.04 47.93
C ASN A 109 -1.43 9.65 47.83
N ILE A 110 -0.13 9.59 47.60
CA ILE A 110 0.53 8.32 47.32
C ILE A 110 0.72 7.49 48.60
N ASP A 111 0.48 8.11 49.75
CA ASP A 111 0.48 7.36 51.02
C ASP A 111 -0.82 6.57 51.15
N GLY A 112 -1.79 6.89 50.29
CA GLY A 112 -3.06 6.19 50.26
C GLY A 112 -4.23 6.96 50.84
N SER A 113 -3.97 8.17 51.33
CA SER A 113 -5.04 8.99 51.90
C SER A 113 -5.45 10.13 50.98
N GLY A 114 -6.45 10.90 51.39
CA GLY A 114 -6.90 12.06 50.66
C GLY A 114 -7.45 11.77 49.27
N LEU A 115 -8.44 10.89 49.21
CA LEU A 115 -9.08 10.55 47.94
C LEU A 115 -10.08 11.61 47.50
N ARG A 116 -10.06 11.96 46.22
CA ARG A 116 -10.99 12.95 45.67
C ARG A 116 -11.49 12.56 44.28
N GLN A 117 -12.78 12.76 44.04
CA GLN A 117 -13.38 12.47 42.75
C GLN A 117 -13.39 13.71 41.86
N MET A 118 -12.61 13.67 40.77
CA MET A 118 -12.47 14.83 39.91
C MET A 118 -13.54 14.93 38.81
N THR A 119 -14.23 13.82 38.55
CA THR A 119 -15.21 13.79 37.46
C THR A 119 -16.47 13.01 37.80
N ASP A 120 -17.62 13.61 37.54
CA ASP A 120 -18.87 12.86 37.46
C ASP A 120 -19.49 13.09 36.09
N LEU A 121 -19.47 12.05 35.26
CA LEU A 121 -19.84 12.19 33.86
C LEU A 121 -20.70 11.03 33.39
N LYS A 122 -21.53 11.26 32.37
CA LYS A 122 -22.21 10.15 31.74
C LYS A 122 -21.34 9.69 30.59
N GLY A 123 -20.68 8.56 30.77
CA GLY A 123 -19.67 8.11 29.84
C GLY A 123 -18.54 7.42 30.58
N THR A 124 -17.40 7.28 29.93
CA THR A 124 -16.21 6.72 30.57
C THR A 124 -15.02 7.66 30.48
N CYS A 125 -14.25 7.74 31.57
CA CYS A 125 -13.09 8.63 31.63
C CYS A 125 -11.78 7.84 31.74
N ARG A 126 -10.71 8.39 31.19
CA ARG A 126 -9.43 7.69 31.11
C ARG A 126 -8.20 8.59 31.03
N SER A 127 -7.09 8.06 31.52
CA SER A 127 -5.75 8.64 31.37
C SER A 127 -5.65 10.12 31.69
N PRO A 128 -5.83 10.48 32.97
CA PRO A 128 -5.66 11.88 33.38
C PRO A 128 -4.18 12.27 33.51
N ILE A 129 -3.86 13.52 33.16
CA ILE A 129 -2.52 14.05 33.38
C ILE A 129 -2.64 15.46 33.95
N TYR A 130 -1.60 15.92 34.64
CA TYR A 130 -1.61 17.26 35.19
C TYR A 130 -0.94 18.25 34.24
N TYR A 131 -1.67 19.30 33.89
CA TYR A 131 -1.11 20.38 33.10
C TYR A 131 -1.16 21.65 33.91
N ALA A 132 0.00 22.21 34.25
CA ALA A 132 0.01 23.31 35.19
C ALA A 132 -0.13 24.62 34.45
N ALA A 133 -1.29 25.25 34.62
CA ALA A 133 -1.63 26.47 33.92
C ALA A 133 -1.91 27.57 34.93
N GLY A 134 -1.05 28.58 34.96
CA GLY A 134 -1.14 29.62 35.96
C GLY A 134 -0.42 29.19 37.23
N SER A 135 -0.10 27.90 37.33
CA SER A 135 0.67 27.43 38.48
C SER A 135 2.03 26.91 38.07
N ILE A 136 3.07 27.73 38.23
CA ILE A 136 4.44 27.22 38.23
C ILE A 136 4.91 26.88 39.65
N GLU A 137 4.60 27.79 40.58
CA GLU A 137 5.08 27.68 41.95
C GLU A 137 3.95 27.39 42.92
N GLU A 138 4.28 26.67 44.00
CA GLU A 138 3.29 26.31 45.00
C GLU A 138 2.83 27.52 45.80
N GLY A 139 1.52 27.69 45.91
CA GLY A 139 0.97 28.81 46.65
C GLY A 139 -0.38 29.27 46.12
N GLU A 140 -0.75 30.49 46.47
CA GLU A 140 -2.01 31.07 46.00
C GLU A 140 -1.75 32.19 45.00
N GLY A 141 -2.45 32.13 43.86
CA GLY A 141 -2.40 33.20 42.88
C GLY A 141 -3.58 34.13 43.05
N ARG A 142 -3.47 35.34 42.51
CA ARG A 142 -4.52 36.34 42.67
C ARG A 142 -5.40 36.43 41.42
N ILE A 143 -6.69 36.65 41.62
CA ILE A 143 -7.63 36.78 40.53
C ILE A 143 -7.94 38.26 40.26
N ILE A 144 -7.75 38.68 39.02
CA ILE A 144 -7.90 40.08 38.64
C ILE A 144 -8.77 40.21 37.39
N TRP A 145 -9.69 41.18 37.39
CA TRP A 145 -10.43 41.44 36.15
C TRP A 145 -10.84 42.89 35.96
N ARG A 146 -11.49 43.16 34.84
CA ARG A 146 -11.95 44.50 34.49
C ARG A 146 -13.41 44.65 34.88
N ASP A 147 -13.79 45.86 35.30
CA ASP A 147 -15.01 46.08 36.08
C ASP A 147 -16.31 46.39 35.33
N ARG A 148 -16.32 46.22 34.01
CA ARG A 148 -17.57 46.19 33.24
C ARG A 148 -18.09 47.60 32.98
N GLU A 151 -16.92 50.67 31.81
CA GLU A 151 -15.58 51.11 31.45
C GLU A 151 -14.77 51.50 32.68
N GLY A 152 -14.43 50.50 33.50
CA GLY A 152 -13.69 50.74 34.72
C GLY A 152 -12.25 50.26 34.66
N ASP A 153 -11.61 50.17 35.83
CA ASP A 153 -10.22 49.78 35.93
C ASP A 153 -10.07 48.27 36.16
N TRP A 154 -8.82 47.82 36.23
CA TRP A 154 -8.52 46.42 36.53
C TRP A 154 -8.29 46.26 38.03
N LYS A 155 -9.06 45.38 38.67
CA LYS A 155 -8.95 45.22 40.11
C LYS A 155 -8.88 43.74 40.55
N GLU A 156 -8.37 43.55 41.76
CA GLU A 156 -8.19 42.22 42.34
C GLU A 156 -9.43 41.75 43.08
N HIS A 157 -9.87 40.53 42.78
CA HIS A 157 -10.93 39.90 43.55
C HIS A 157 -10.54 38.51 44.00
N GLY A 158 -10.33 38.34 45.30
CA GLY A 158 -10.04 37.04 45.87
C GLY A 158 -8.72 36.42 45.42
N MET A 159 -8.46 35.21 45.90
CA MET A 159 -7.30 34.43 45.48
C MET A 159 -7.67 32.97 45.32
N VAL A 160 -6.79 32.20 44.70
CA VAL A 160 -7.03 30.77 44.47
C VAL A 160 -5.76 29.94 44.66
N GLU A 161 -5.88 28.83 45.36
CA GLU A 161 -4.78 27.88 45.49
C GLU A 161 -4.45 27.33 44.11
N LYS A 162 -3.17 27.35 43.74
CA LYS A 162 -2.83 26.95 42.38
C LYS A 162 -2.46 25.47 42.34
N THR A 163 -3.40 24.66 41.85
CA THR A 163 -3.17 23.25 41.59
C THR A 163 -3.00 22.93 40.11
N GLY A 164 -3.16 23.95 39.27
CA GLY A 164 -3.15 23.75 37.83
C GLY A 164 -4.42 23.08 37.32
N MET A 165 -4.31 22.45 36.16
CA MET A 165 -5.45 21.80 35.51
C MET A 165 -5.19 20.32 35.24
N ILE A 166 -6.21 19.62 34.73
CA ILE A 166 -6.08 18.21 34.41
C ILE A 166 -6.62 17.88 33.02
N ILE A 167 -5.74 17.37 32.15
CA ILE A 167 -6.14 16.97 30.81
C ILE A 167 -6.40 15.46 30.76
N PHE A 168 -7.59 15.06 30.31
CA PHE A 168 -7.90 13.64 30.25
C PHE A 168 -8.66 13.27 28.98
N SER A 169 -8.75 11.97 28.71
CA SER A 169 -9.49 11.51 27.52
C SER A 169 -10.78 10.81 27.94
N GLY A 170 -11.89 11.15 27.32
CA GLY A 170 -13.17 10.58 27.73
C GLY A 170 -14.19 10.41 26.62
N SER A 171 -15.15 9.53 26.84
CA SER A 171 -16.17 9.23 25.84
C SER A 171 -17.57 9.35 26.44
N PRO A 172 -18.53 9.87 25.66
CA PRO A 172 -19.92 10.00 26.10
C PRO A 172 -20.66 8.66 26.07
N GLU A 173 -21.96 8.70 26.32
CA GLU A 173 -22.76 7.48 26.41
C GLU A 173 -23.64 7.27 25.18
N GLY A 174 -23.64 6.05 24.65
CA GLY A 174 -24.51 5.68 23.55
C GLY A 174 -24.14 6.33 22.22
N VAL A 175 -22.84 6.33 21.90
CA VAL A 175 -22.38 6.90 20.63
C VAL A 175 -21.53 5.88 19.89
N MET A 176 -21.37 6.11 18.58
CA MET A 176 -20.54 5.23 17.76
C MET A 176 -19.50 6.03 16.98
N ASP A 177 -18.29 5.49 16.88
CA ASP A 177 -17.24 6.11 16.08
C ASP A 177 -17.39 5.73 14.62
N GLU A 178 -16.39 6.05 13.81
CA GLU A 178 -16.45 5.79 12.39
C GLU A 178 -16.22 4.32 12.06
N PHE A 179 -15.78 3.55 13.05
CA PHE A 179 -15.65 2.10 12.92
C PHE A 179 -16.87 1.37 13.51
N HIS A 180 -17.85 2.15 13.95
CA HIS A 180 -19.07 1.64 14.58
C HIS A 180 -18.80 0.94 15.92
N ASN A 181 -17.69 1.28 16.55
CA ASN A 181 -17.44 0.87 17.93
C ASN A 181 -18.27 1.74 18.86
N PRO A 182 -18.76 1.17 19.97
CA PRO A 182 -19.65 1.98 20.81
C PRO A 182 -18.91 2.91 21.77
N TYR A 183 -17.94 3.67 21.25
CA TYR A 183 -17.28 4.71 22.02
C TYR A 183 -16.68 5.77 21.10
N ALA A 184 -16.70 7.02 21.56
CA ALA A 184 -15.98 8.08 20.87
C ALA A 184 -15.20 8.92 21.87
N TYR A 185 -13.88 8.86 21.82
CA TYR A 185 -13.05 9.52 22.83
C TYR A 185 -12.54 10.87 22.36
N ASN A 186 -12.47 11.81 23.31
CA ASN A 186 -11.98 13.15 23.04
C ASN A 186 -11.34 13.74 24.29
N LEU A 187 -10.49 14.75 24.09
CA LEU A 187 -9.75 15.34 25.18
C LEU A 187 -10.54 16.44 25.90
N TYR A 188 -10.41 16.47 27.22
CA TYR A 188 -11.06 17.45 28.06
C TYR A 188 -10.06 18.12 28.99
N ARG A 189 -10.22 19.41 29.20
CA ARG A 189 -9.47 20.13 30.23
C ARG A 189 -10.35 20.29 31.45
N LEU A 190 -9.72 20.20 32.63
CA LEU A 190 -10.45 20.15 33.89
C LEU A 190 -9.87 21.15 34.89
N ASP A 191 -10.74 22.00 35.42
CA ASP A 191 -10.35 22.95 36.46
C ASP A 191 -10.45 22.27 37.82
N THR A 192 -9.33 22.17 38.51
CA THR A 192 -9.27 21.47 39.78
C THR A 192 -9.92 22.29 40.90
N GLN A 193 -9.94 23.61 40.74
CA GLN A 193 -10.47 24.49 41.77
C GLN A 193 -11.93 24.90 41.54
N GLY A 194 -12.56 24.32 40.52
CA GLY A 194 -13.96 24.59 40.25
C GLY A 194 -14.22 25.77 39.34
N GLY A 195 -13.26 26.07 38.47
CA GLY A 195 -13.42 27.12 37.48
C GLY A 195 -12.62 28.37 37.77
N LYS A 196 -12.05 28.44 38.97
CA LYS A 196 -11.36 29.65 39.40
C LYS A 196 -9.89 29.70 38.99
N ILE A 197 -9.36 28.60 38.50
CA ILE A 197 -8.04 28.61 37.89
C ILE A 197 -8.15 29.34 36.55
N ILE A 198 -9.17 28.96 35.78
CA ILE A 198 -9.48 29.62 34.53
C ILE A 198 -9.83 31.09 34.82
N GLN A 199 -10.51 31.32 35.93
CA GLN A 199 -10.86 32.68 36.34
C GLN A 199 -9.61 33.48 36.68
N ARG A 200 -8.58 32.80 37.17
CA ARG A 200 -7.30 33.44 37.43
C ARG A 200 -6.59 33.78 36.13
N ILE A 201 -6.64 32.86 35.17
CA ILE A 201 -5.99 33.06 33.89
C ILE A 201 -6.77 34.01 32.98
N THR A 202 -8.07 33.81 32.91
CA THR A 202 -8.96 34.57 32.04
C THR A 202 -9.57 35.78 32.76
N GLY A 203 -10.24 35.53 33.87
CA GLY A 203 -11.09 36.51 34.50
C GLY A 203 -12.55 36.12 34.42
N HIS A 204 -12.80 34.93 33.88
CA HIS A 204 -14.11 34.30 33.97
C HIS A 204 -13.94 32.82 34.24
N VAL A 205 -14.88 32.24 34.99
CA VAL A 205 -14.81 30.83 35.32
C VAL A 205 -14.94 29.97 34.06
N LEU A 206 -14.44 28.74 34.13
CA LEU A 206 -14.45 27.84 32.98
C LEU A 206 -15.87 27.51 32.52
N SER A 207 -16.12 27.69 31.23
CA SER A 207 -17.41 27.33 30.65
C SER A 207 -17.35 25.93 30.10
N GLY A 208 -18.41 25.15 30.35
CA GLY A 208 -18.42 23.75 30.03
C GLY A 208 -19.39 23.05 30.97
N ILE A 209 -19.16 21.76 31.21
CA ILE A 209 -20.00 21.04 32.16
C ILE A 209 -19.45 21.19 33.59
N GLU A 210 -20.29 21.71 34.48
CA GLU A 210 -19.87 21.97 35.86
C GLU A 210 -20.23 20.83 36.81
N PHE A 211 -19.30 20.49 37.68
CA PHE A 211 -19.53 19.52 38.75
C PHE A 211 -19.34 20.21 40.09
N PRO A 212 -20.39 20.90 40.57
CA PRO A 212 -20.33 21.72 41.79
C PRO A 212 -20.12 20.88 43.04
N HIS A 213 -20.59 19.64 43.02
CA HIS A 213 -20.46 18.74 44.15
C HIS A 213 -19.01 18.27 44.31
N LEU A 214 -18.30 18.18 43.19
CA LEU A 214 -16.89 17.80 43.20
C LEU A 214 -15.99 19.02 43.14
N ASN A 215 -16.59 20.20 43.04
CA ASN A 215 -15.86 21.46 42.87
C ASN A 215 -14.93 21.40 41.68
N THR A 216 -15.44 20.93 40.54
CA THR A 216 -14.66 20.86 39.31
C THR A 216 -15.47 21.35 38.11
N THR A 217 -14.79 21.58 36.99
CA THR A 217 -15.45 21.98 35.76
C THR A 217 -14.68 21.40 34.57
N ILE A 218 -15.40 20.92 33.56
CA ILE A 218 -14.72 20.34 32.39
C ILE A 218 -15.12 21.04 31.09
N ASP A 219 -14.17 21.07 30.15
CA ASP A 219 -14.39 21.66 28.84
C ASP A 219 -13.77 20.77 27.75
N GLN A 220 -14.53 20.50 26.69
CA GLN A 220 -14.03 19.64 25.62
C GLN A 220 -13.14 20.42 24.65
N ILE A 221 -11.87 20.02 24.59
CA ILE A 221 -10.89 20.70 23.73
C ILE A 221 -10.65 20.06 22.37
N THR A 222 -11.17 18.85 22.15
CA THR A 222 -10.98 18.16 20.88
C THR A 222 -12.30 17.57 20.38
N TYR A 223 -12.71 17.99 19.19
CA TYR A 223 -14.01 17.61 18.64
C TYR A 223 -14.01 16.50 17.59
N ASN A 224 -12.86 15.85 17.38
CA ASN A 224 -12.75 14.74 16.43
C ASN A 224 -13.83 13.66 16.64
N LEU A 225 -14.39 13.18 15.54
CA LEU A 225 -15.47 12.19 15.57
C LEU A 225 -14.98 10.81 16.00
N SER A 226 -13.69 10.55 15.82
CA SER A 226 -13.09 9.31 16.29
C SER A 226 -12.34 9.58 17.59
N SER A 227 -11.67 8.56 18.10
CA SER A 227 -11.07 8.63 19.43
C SER A 227 -9.72 9.33 19.48
N ASN A 228 -9.61 10.30 20.38
CA ASN A 228 -8.32 10.90 20.73
C ASN A 228 -7.96 10.44 22.15
N PHE A 229 -6.79 9.83 22.30
CA PHE A 229 -6.47 9.16 23.57
C PHE A 229 -4.99 9.27 23.97
N ASP A 230 -4.72 8.94 25.23
CA ASP A 230 -3.38 8.93 25.80
C ASP A 230 -2.65 10.26 25.65
N PRO A 231 -3.11 11.30 26.37
CA PRO A 231 -2.44 12.60 26.33
C PRO A 231 -1.15 12.60 27.14
N TRP A 232 -0.20 13.44 26.75
CA TRP A 232 1.05 13.59 27.49
C TRP A 232 1.62 15.00 27.29
N LEU A 233 2.82 15.23 27.77
CA LEU A 233 3.39 16.57 27.77
C LEU A 233 4.54 16.74 26.78
N THR A 234 4.49 17.81 25.99
CA THR A 234 5.57 18.16 25.08
C THR A 234 6.59 19.03 25.80
N PRO A 235 7.83 19.09 25.30
CA PRO A 235 8.84 19.95 25.93
C PRO A 235 8.49 21.45 25.85
N ASP A 236 7.71 21.84 24.84
CA ASP A 236 7.36 23.24 24.66
C ASP A 236 6.04 23.62 25.34
N GLY A 237 5.47 22.68 26.09
CA GLY A 237 4.31 22.98 26.91
C GLY A 237 2.96 22.72 26.28
N ASN A 238 2.91 21.83 25.29
CA ASN A 238 1.65 21.46 24.67
C ASN A 238 1.27 20.02 25.01
N ILE A 239 0.15 19.57 24.47
CA ILE A 239 -0.36 18.23 24.76
C ILE A 239 -0.10 17.26 23.62
N LEU A 240 0.68 16.21 23.91
CA LEU A 240 0.96 15.15 22.95
C LEU A 240 0.01 13.98 23.15
N PHE A 241 -0.64 13.54 22.08
CA PHE A 241 -1.58 12.43 22.16
C PHE A 241 -1.74 11.69 20.84
N SER A 242 -2.58 10.65 20.88
CA SER A 242 -2.85 9.84 19.69
C SER A 242 -4.26 10.08 19.18
N SER A 243 -4.37 10.34 17.87
CA SER A 243 -5.66 10.62 17.26
C SER A 243 -5.99 9.61 16.17
N VAL A 244 -7.25 9.19 16.12
CA VAL A 244 -7.69 8.26 15.09
C VAL A 244 -8.28 9.02 13.92
N GLN A 245 -7.63 8.96 12.76
CA GLN A 245 -8.23 9.55 11.57
C GLN A 245 -8.82 8.43 10.72
N ALA A 246 -10.14 8.29 10.83
CA ALA A 246 -10.92 7.31 10.11
C ALA A 246 -11.74 7.88 8.94
N ASN A 247 -11.61 9.18 8.69
CA ASN A 247 -12.59 9.90 7.88
C ASN A 247 -12.82 9.28 6.51
N GLY A 248 -14.08 8.93 6.25
CA GLY A 248 -14.47 8.34 4.98
C GLY A 248 -13.68 7.13 4.53
N SER A 249 -13.27 7.15 3.27
CA SER A 249 -12.56 6.03 2.65
C SER A 249 -11.05 6.20 2.73
N ARG A 250 -10.58 7.20 3.47
CA ARG A 250 -9.17 7.56 3.48
C ARG A 250 -8.28 6.42 4.01
N ALA A 251 -7.01 6.47 3.61
CA ALA A 251 -6.02 5.48 4.01
C ALA A 251 -6.45 4.07 3.62
N GLY A 252 -6.88 3.91 2.37
CA GLY A 252 -7.29 2.62 1.87
C GLY A 252 -8.52 2.07 2.55
N GLY A 253 -9.40 2.96 3.01
CA GLY A 253 -10.63 2.56 3.66
C GLY A 253 -10.40 2.04 5.07
N GLU A 254 -9.16 2.15 5.54
CA GLU A 254 -8.78 1.68 6.86
C GLU A 254 -8.76 2.83 7.85
N GLY A 255 -7.88 3.80 7.61
CA GLY A 255 -7.69 4.90 8.52
C GLY A 255 -6.38 4.71 9.26
N ARG A 256 -5.90 5.76 9.94
CA ARG A 256 -4.62 5.66 10.62
C ARG A 256 -4.68 6.22 12.03
N VAL A 257 -3.84 5.68 12.92
CA VAL A 257 -3.70 6.24 14.26
C VAL A 257 -2.41 7.04 14.31
N MET A 258 -2.54 8.36 14.41
CA MET A 258 -1.40 9.25 14.32
C MET A 258 -0.99 9.85 15.66
N ILE A 259 0.30 10.08 15.81
CA ILE A 259 0.83 10.85 16.92
C ILE A 259 0.76 12.33 16.57
N CYS A 260 0.06 13.11 17.40
CA CYS A 260 -0.12 14.53 17.13
C CYS A 260 -0.12 15.36 18.41
N VAL A 261 0.03 16.68 18.27
CA VAL A 261 -0.04 17.57 19.42
C VAL A 261 -1.14 18.62 19.26
N ASP A 262 -1.54 19.20 20.38
CA ASP A 262 -2.51 20.29 20.38
C ASP A 262 -2.36 21.12 21.65
N ASN A 263 -2.84 22.36 21.62
CA ASN A 263 -2.84 23.19 22.81
C ASN A 263 -3.79 22.63 23.85
N TRP A 264 -3.60 23.00 25.13
CA TRP A 264 -4.42 22.45 26.20
C TRP A 264 -5.87 22.93 26.11
N ASP A 265 -6.10 24.00 25.35
CA ASP A 265 -7.47 24.44 25.06
C ASP A 265 -7.93 23.91 23.70
N GLY A 266 -7.03 23.22 23.00
CA GLY A 266 -7.35 22.63 21.72
C GLY A 266 -7.42 23.64 20.59
N ALA A 267 -6.66 24.73 20.71
CA ALA A 267 -6.72 25.81 19.74
C ALA A 267 -5.95 25.52 18.46
N TYR A 268 -4.91 24.69 18.56
CA TYR A 268 -4.02 24.47 17.41
C TYR A 268 -3.57 23.03 17.26
N PRO A 269 -4.46 22.13 16.81
CA PRO A 269 -4.08 20.75 16.54
C PRO A 269 -3.19 20.63 15.30
N ARG A 270 -2.11 19.87 15.40
CA ARG A 270 -1.23 19.63 14.26
C ARG A 270 -0.63 18.22 14.31
N PRO A 271 -0.39 17.62 13.14
CA PRO A 271 0.19 16.27 13.05
C PRO A 271 1.67 16.23 13.41
N ILE A 272 2.08 15.16 14.10
CA ILE A 272 3.50 14.94 14.37
C ILE A 272 4.01 13.83 13.46
N TYR A 273 3.49 12.62 13.62
CA TYR A 273 3.90 11.52 12.75
C TYR A 273 2.82 10.45 12.59
N GLY A 274 2.78 9.83 11.41
CA GLY A 274 1.97 8.64 11.19
C GLY A 274 0.71 8.76 10.35
N ASN A 275 0.23 9.98 10.11
CA ASN A 275 -1.02 10.16 9.36
C ASN A 275 -0.86 10.32 7.85
N CYS A 276 0.37 10.55 7.39
CA CYS A 276 0.58 10.95 6.01
C CYS A 276 1.18 9.84 5.15
N ASP A 277 0.83 9.84 3.87
CA ASP A 277 1.32 8.85 2.92
C ASP A 277 2.85 8.91 2.79
N GLY A 278 3.48 7.74 2.70
CA GLY A 278 4.91 7.67 2.56
C GLY A 278 5.60 7.48 3.89
N GLU A 279 4.84 7.57 4.97
CA GLU A 279 5.39 7.41 6.31
C GLU A 279 5.36 5.94 6.73
N ILE A 280 5.87 5.66 7.92
CA ILE A 280 6.14 4.28 8.34
C ILE A 280 5.12 3.78 9.36
N GLY A 281 4.80 2.49 9.25
CA GLY A 281 3.92 1.82 10.19
C GLY A 281 2.55 1.47 9.65
N GLY A 282 2.16 2.08 8.53
CA GLY A 282 0.92 1.73 7.88
C GLY A 282 -0.30 1.85 8.77
N THR A 283 -1.02 0.74 8.92
CA THR A 283 -2.23 0.70 9.72
C THR A 283 -1.97 0.34 11.18
N SER A 284 -0.71 0.23 11.56
CA SER A 284 -0.34 -0.11 12.94
C SER A 284 -0.89 0.89 13.93
N GLY A 285 -1.39 0.40 15.06
CA GLY A 285 -1.86 1.27 16.12
C GLY A 285 -0.71 1.95 16.83
N ARG A 286 -0.87 3.24 17.14
CA ARG A 286 0.17 3.97 17.85
C ARG A 286 -0.40 4.53 19.14
N SER A 287 0.12 4.06 20.28
CA SER A 287 -0.43 4.48 21.57
C SER A 287 0.61 4.64 22.65
N GLN A 288 0.23 5.30 23.74
CA GLN A 288 1.08 5.46 24.93
C GLN A 288 2.41 6.13 24.61
N ALA A 289 2.36 7.22 23.87
CA ALA A 289 3.57 7.91 23.45
C ALA A 289 4.14 8.80 24.55
N LYS A 290 5.46 8.75 24.73
CA LYS A 290 6.16 9.62 25.66
C LYS A 290 7.48 10.07 25.04
N ILE A 291 8.08 11.10 25.61
CA ILE A 291 9.30 11.68 25.02
C ILE A 291 10.51 11.54 25.93
N THR A 292 11.62 11.08 25.35
CA THR A 292 12.87 10.94 26.08
C THR A 292 13.50 12.30 26.34
N PHE A 293 14.14 12.44 27.49
CA PHE A 293 14.74 13.71 27.90
C PHE A 293 16.12 13.97 27.30
N GLY A 294 16.97 12.95 27.28
CA GLY A 294 18.33 13.10 26.81
C GLY A 294 18.50 13.35 25.32
N ASP A 295 18.02 12.44 24.49
CA ASP A 295 18.14 12.57 23.04
C ASP A 295 16.87 13.12 22.39
N ARG A 296 15.87 13.42 23.21
CA ARG A 296 14.61 14.00 22.74
C ARG A 296 13.94 13.17 21.66
N LYS A 297 13.51 11.96 22.02
CA LYS A 297 12.85 11.08 21.06
C LYS A 297 11.49 10.62 21.57
N ILE A 298 10.47 10.82 20.75
CA ILE A 298 9.13 10.32 21.04
C ILE A 298 9.15 8.80 20.94
N VAL A 299 8.76 8.15 22.03
CA VAL A 299 8.75 6.70 22.09
C VAL A 299 7.33 6.21 22.31
N TYR A 300 6.85 5.37 21.40
CA TYR A 300 5.47 4.92 21.45
C TYR A 300 5.33 3.43 21.23
N VAL A 301 4.21 2.90 21.70
CA VAL A 301 3.83 1.51 21.46
C VAL A 301 3.22 1.39 20.07
N GLU A 302 3.87 0.59 19.24
CA GLU A 302 3.35 0.30 17.91
C GLU A 302 2.77 -1.11 17.90
N SER A 303 1.45 -1.18 17.88
CA SER A 303 0.74 -2.44 17.84
C SER A 303 0.47 -2.84 16.40
N PRO A 304 0.55 -4.15 16.12
CA PRO A 304 0.26 -4.66 14.77
C PRO A 304 -1.20 -4.46 14.39
N TYR A 305 -2.08 -4.41 15.40
CA TYR A 305 -3.48 -4.12 15.18
C TYR A 305 -3.83 -2.74 15.72
N MET A 306 -4.68 -2.03 15.00
CA MET A 306 -4.98 -0.63 15.30
C MET A 306 -5.65 -0.44 16.66
N ASN A 307 -6.44 -1.43 17.06
CA ASN A 307 -7.16 -1.36 18.33
C ASN A 307 -6.41 -2.03 19.49
N TRP A 308 -5.18 -2.49 19.23
CA TRP A 308 -4.40 -3.15 20.26
C TRP A 308 -3.53 -2.17 21.07
N GLY A 309 -3.42 -2.44 22.36
CA GLY A 309 -2.64 -1.60 23.25
C GLY A 309 -1.29 -2.20 23.59
N VAL A 310 -1.07 -3.43 23.11
CA VAL A 310 0.23 -4.09 23.29
C VAL A 310 0.89 -4.31 21.93
N GLY A 311 2.20 -4.40 21.92
CA GLY A 311 2.95 -4.49 20.68
C GLY A 311 4.42 -4.19 20.86
N GLN A 312 5.05 -3.71 19.78
CA GLN A 312 6.46 -3.37 19.81
C GLN A 312 6.69 -1.93 20.27
N LEU A 313 7.95 -1.52 20.38
CA LEU A 313 8.25 -0.14 20.74
C LEU A 313 9.06 0.55 19.66
N ALA A 314 8.54 1.70 19.19
CA ALA A 314 9.20 2.47 18.14
C ALA A 314 9.45 3.91 18.57
N ALA A 315 10.33 4.60 17.86
CA ALA A 315 10.72 5.96 18.24
C ALA A 315 11.00 6.87 17.05
N VAL A 316 10.61 8.13 17.19
CA VAL A 316 10.93 9.17 16.20
C VAL A 316 11.36 10.46 16.89
N SER A 317 12.34 11.16 16.33
CA SER A 317 12.83 12.39 16.94
C SER A 317 11.73 13.44 17.12
N TRP A 318 11.66 14.02 18.32
CA TRP A 318 10.67 15.05 18.60
C TRP A 318 10.96 16.33 17.83
N ASP A 319 12.24 16.72 17.79
CA ASP A 319 12.64 17.92 17.07
C ASP A 319 12.39 17.76 15.57
N ALA A 320 12.65 16.57 15.06
CA ALA A 320 12.45 16.29 13.64
C ALA A 320 11.71 14.96 13.44
N PRO A 321 10.37 15.00 13.50
CA PRO A 321 9.54 13.82 13.35
C PRO A 321 9.35 13.43 11.89
N PHE A 322 10.35 12.76 11.32
CA PHE A 322 10.29 12.34 9.93
C PHE A 322 10.79 10.90 9.79
N ASN A 323 10.78 10.38 8.56
CA ASN A 323 11.16 8.99 8.32
C ASN A 323 12.64 8.74 8.65
N LYS A 324 13.48 9.73 8.40
CA LYS A 324 14.91 9.59 8.60
C LYS A 324 15.26 9.31 10.07
N THR A 325 14.43 9.80 10.97
CA THR A 325 14.67 9.62 12.41
C THR A 325 13.89 8.46 13.01
N TYR A 326 13.15 7.74 12.17
CA TYR A 326 12.35 6.61 12.65
C TYR A 326 13.24 5.46 13.09
N GLU A 327 12.93 4.90 14.26
CA GLU A 327 13.62 3.73 14.77
C GLU A 327 12.62 2.72 15.32
N LYS A 328 12.95 1.44 15.23
CA LYS A 328 12.21 0.43 15.95
C LYS A 328 13.02 0.06 17.17
N LEU A 329 12.60 0.54 18.34
CA LEU A 329 13.33 0.30 19.58
C LEU A 329 13.39 -1.19 19.88
N THR A 330 12.24 -1.78 20.21
CA THR A 330 12.18 -3.23 20.25
C THR A 330 11.15 -3.69 19.21
N GLY A 331 11.69 -4.27 18.14
CA GLY A 331 13.06 -4.74 18.20
C GLY A 331 13.28 -6.18 18.65
N LYS A 332 12.72 -7.08 17.84
CA LYS A 332 12.91 -8.53 17.88
C LYS A 332 12.30 -9.32 19.08
N ASP A 333 13.03 -10.29 19.62
CA ASP A 333 12.52 -11.41 20.40
C ASP A 333 12.19 -11.13 21.86
N GLY A 334 11.28 -11.94 22.40
CA GLY A 334 10.38 -12.73 21.59
C GLY A 334 8.97 -12.21 21.71
N GLY A 335 8.78 -11.34 22.70
CA GLY A 335 7.46 -11.03 23.22
C GLY A 335 6.88 -9.66 22.92
N LEU A 336 6.00 -9.22 23.82
CA LEU A 336 5.26 -7.98 23.64
C LEU A 336 5.67 -6.91 24.65
N TYR A 337 5.53 -5.65 24.24
CA TYR A 337 5.87 -4.51 25.08
C TYR A 337 4.68 -3.57 25.23
N ARG A 338 4.61 -2.87 26.36
CA ARG A 338 3.58 -1.87 26.57
C ARG A 338 3.97 -0.84 27.63
N SER A 339 3.34 0.32 27.55
CA SER A 339 3.50 1.40 28.54
C SER A 339 4.95 1.76 28.89
N PRO A 340 5.71 2.29 27.92
CA PRO A 340 7.08 2.72 28.24
C PRO A 340 7.10 4.04 29.01
N TYR A 341 8.04 4.19 29.93
CA TYR A 341 8.16 5.43 30.69
C TYR A 341 9.61 5.91 30.77
N PRO A 342 10.04 6.74 29.82
CA PRO A 342 11.39 7.30 29.83
C PRO A 342 11.66 8.18 31.05
N LEU A 343 12.76 7.92 31.75
CA LEU A 343 13.19 8.75 32.87
C LEU A 343 14.12 9.87 32.42
N PRO A 344 14.14 10.99 33.17
CA PRO A 344 15.04 12.10 32.87
C PRO A 344 16.53 11.73 32.90
N ASP A 345 16.86 10.64 33.57
CA ASP A 345 18.25 10.18 33.66
C ASP A 345 18.61 9.28 32.49
N ASP A 346 17.69 9.18 31.54
CA ASP A 346 17.84 8.47 30.27
C ASP A 346 17.54 6.97 30.39
N ARG A 347 17.25 6.51 31.60
CA ARG A 347 16.78 5.14 31.78
C ARG A 347 15.34 5.06 31.30
N MET A 348 14.77 3.85 31.30
CA MET A 348 13.38 3.68 30.89
C MET A 348 12.73 2.48 31.57
N LEU A 349 11.45 2.62 31.90
CA LEU A 349 10.68 1.53 32.47
C LEU A 349 9.64 1.03 31.47
N VAL A 350 9.70 -0.24 31.13
CA VAL A 350 8.77 -0.81 30.18
C VAL A 350 8.02 -2.00 30.79
N SER A 351 6.83 -2.27 30.26
CA SER A 351 6.09 -3.46 30.67
C SER A 351 6.27 -4.54 29.62
N TYR A 352 6.99 -5.59 29.98
CA TYR A 352 7.41 -6.59 29.02
C TYR A 352 6.86 -7.99 29.31
N ALA A 353 6.42 -8.66 28.26
CA ALA A 353 6.03 -10.06 28.35
C ALA A 353 6.88 -10.91 27.42
N GLU A 354 7.70 -11.78 28.00
CA GLU A 354 8.56 -12.65 27.19
C GLU A 354 7.69 -13.71 26.56
N ARG A 355 7.19 -14.63 27.38
CA ARG A 355 6.06 -15.44 26.94
C ARG A 355 4.84 -15.17 27.81
N GLY A 356 3.92 -14.38 27.26
CA GLY A 356 2.55 -14.30 27.73
C GLY A 356 2.20 -13.37 28.87
N ASP A 357 3.12 -13.06 29.78
CA ASP A 357 2.73 -12.27 30.94
C ASP A 357 3.66 -11.08 31.18
N PHE A 358 3.03 -9.91 31.29
CA PHE A 358 3.77 -8.66 31.40
C PHE A 358 4.27 -8.41 32.81
N GLY A 359 5.41 -7.71 32.90
CA GLY A 359 5.96 -7.29 34.17
C GLY A 359 6.73 -6.01 34.01
N ILE A 360 7.15 -5.41 35.13
CA ILE A 360 7.92 -4.18 35.07
C ILE A 360 9.40 -4.51 34.88
N TYR A 361 9.99 -3.95 33.84
CA TYR A 361 11.40 -4.20 33.53
C TYR A 361 12.12 -2.92 33.12
N TRP A 362 13.36 -2.79 33.58
CA TRP A 362 14.24 -1.74 33.06
C TRP A 362 14.53 -2.08 31.61
N PHE A 363 14.62 -1.06 30.76
CA PHE A 363 14.91 -1.30 29.35
C PHE A 363 16.40 -1.16 29.08
N ASN A 364 16.91 -2.01 28.19
CA ASN A 364 18.32 -1.95 27.80
C ASN A 364 18.45 -1.51 26.35
N PHE A 365 18.97 -0.30 26.15
CA PHE A 365 19.06 0.29 24.81
C PHE A 365 20.20 -0.32 23.99
N SER A 366 21.20 -0.86 24.68
CA SER A 366 22.33 -1.49 24.00
C SER A 366 21.92 -2.83 23.39
N LYS A 367 21.13 -3.60 24.13
CA LYS A 367 20.69 -4.92 23.69
C LYS A 367 19.34 -4.85 22.98
N CYS A 368 18.78 -3.65 22.89
CA CYS A 368 17.52 -3.40 22.19
C CYS A 368 16.38 -4.29 22.69
N ALA A 369 16.35 -4.56 23.99
CA ALA A 369 15.31 -5.36 24.59
C ALA A 369 15.15 -5.06 26.07
N ALA A 370 14.35 -5.85 26.77
CA ALA A 370 14.13 -5.67 28.19
C ALA A 370 15.38 -6.04 28.99
N GLY A 371 15.70 -5.23 29.98
CA GLY A 371 16.84 -5.46 30.84
C GLY A 371 16.46 -6.20 32.11
N ASP A 372 17.15 -5.88 33.21
CA ASP A 372 16.92 -6.51 34.50
C ASP A 372 15.47 -6.35 34.96
N LYS A 373 14.98 -7.33 35.71
CA LYS A 373 13.60 -7.33 36.17
C LYS A 373 13.39 -6.46 37.41
N VAL A 374 12.29 -5.72 37.41
CA VAL A 374 11.91 -4.94 38.59
C VAL A 374 10.97 -5.76 39.46
N TYR A 375 9.74 -5.94 38.99
CA TYR A 375 8.76 -6.75 39.71
C TYR A 375 7.84 -7.50 38.75
N ASP A 376 7.64 -8.79 38.99
CA ASP A 376 6.56 -9.51 38.32
C ASP A 376 5.85 -10.49 39.24
N ASP A 377 4.54 -10.32 39.34
CA ASP A 377 3.69 -11.35 39.89
C ASP A 377 3.24 -12.23 38.72
N PRO A 378 3.26 -13.56 38.90
CA PRO A 378 2.78 -14.48 37.88
C PRO A 378 1.25 -14.44 37.71
N ASN A 379 0.55 -14.11 38.79
CA ASN A 379 -0.92 -14.10 38.77
C ASN A 379 -1.49 -12.80 38.24
N TRP A 380 -0.63 -11.81 38.07
CA TRP A 380 -1.08 -10.51 37.58
C TRP A 380 -0.32 -10.08 36.33
N ASN A 381 -0.99 -9.30 35.49
CA ASN A 381 -0.33 -8.64 34.38
C ASN A 381 0.11 -7.24 34.83
N ASP A 382 1.42 -7.04 34.90
CA ASP A 382 1.99 -5.84 35.48
C ASP A 382 2.37 -4.85 34.39
N HIS A 383 1.67 -3.72 34.34
CA HIS A 383 1.94 -2.73 33.31
C HIS A 383 1.76 -1.31 33.83
N GLN A 384 1.93 -0.33 32.93
CA GLN A 384 1.82 1.09 33.25
C GLN A 384 2.71 1.52 34.43
N PRO A 385 4.04 1.37 34.27
CA PRO A 385 4.93 1.84 35.35
C PRO A 385 4.93 3.36 35.47
N ALA A 386 4.80 3.85 36.70
CA ALA A 386 4.81 5.29 36.96
C ALA A 386 5.74 5.59 38.14
N PRO A 387 7.03 5.79 37.85
CA PRO A 387 8.05 6.02 38.87
C PRO A 387 7.82 7.32 39.64
N VAL A 388 8.21 7.33 40.91
CA VAL A 388 8.04 8.50 41.75
C VAL A 388 9.27 9.40 41.72
N TYR A 389 9.11 10.60 41.20
CA TYR A 389 10.18 11.57 41.13
C TYR A 389 9.59 12.97 40.94
N VAL A 390 10.45 13.98 40.90
CA VAL A 390 10.00 15.35 40.75
C VAL A 390 9.90 15.74 39.27
N LYS A 391 8.70 16.12 38.85
CA LYS A 391 8.47 16.53 37.47
C LYS A 391 8.57 18.03 37.29
N TYR A 392 9.40 18.46 36.35
CA TYR A 392 9.53 19.88 36.02
C TYR A 392 8.33 20.32 35.20
N LYS A 393 7.70 21.42 35.60
CA LYS A 393 6.50 21.90 34.92
C LYS A 393 6.83 22.54 33.59
N PRO A 394 6.23 22.02 32.51
CA PRO A 394 6.36 22.66 31.19
C PRO A 394 5.63 23.98 31.15
N ARG A 395 6.05 24.88 30.27
CA ARG A 395 5.47 26.21 30.18
C ARG A 395 3.99 26.14 29.78
N TRP A 396 3.16 26.97 30.42
CA TRP A 396 1.74 27.00 30.09
C TRP A 396 1.44 28.12 29.10
N ILE A 397 0.66 27.78 28.07
CA ILE A 397 0.37 28.70 26.99
C ILE A 397 -0.91 29.47 27.25
N ASN A 398 -0.93 30.75 26.89
CA ASN A 398 -2.10 31.59 27.07
C ASN A 398 -3.31 31.05 26.32
N THR A 399 -4.47 31.08 26.98
CA THR A 399 -5.71 30.61 26.39
C THR A 399 -6.64 31.78 26.08
N PHE A 400 -7.12 31.83 24.84
CA PHE A 400 -8.05 32.88 24.42
C PHE A 400 -9.51 32.42 24.49
N THR A 401 -9.74 31.22 25.01
CA THR A 401 -11.09 30.74 25.24
C THR A 401 -11.32 30.39 26.70
N ALA A 402 -12.48 30.75 27.22
CA ALA A 402 -12.88 30.43 28.58
C ALA A 402 -13.66 29.11 28.60
N GLY A 403 -13.66 28.41 27.46
CA GLY A 403 -14.49 27.25 27.28
C GLY A 403 -15.73 27.52 26.45
N LYS A 404 -16.74 26.66 26.58
CA LYS A 404 -17.92 26.66 25.72
C LYS A 404 -18.57 28.03 25.57
N ASN A 405 -18.79 28.44 24.31
CA ASN A 405 -19.44 29.70 23.96
C ASN A 405 -18.66 30.95 24.35
N PHE A 406 -17.54 30.76 25.05
CA PHE A 406 -16.79 31.89 25.60
C PHE A 406 -15.49 32.16 24.86
N GLY A 407 -15.38 33.36 24.30
CA GLY A 407 -14.14 33.82 23.70
C GLY A 407 -13.46 34.83 24.61
N VAL A 408 -12.22 35.20 24.28
CA VAL A 408 -11.55 36.28 24.99
C VAL A 408 -10.90 37.23 23.97
N THR A 409 -11.30 38.48 24.01
CA THR A 409 -10.90 39.47 23.01
C THR A 409 -9.39 39.69 22.96
N VAL A 410 -8.88 40.04 21.79
CA VAL A 410 -7.45 40.26 21.61
C VAL A 410 -7.06 41.69 22.00
N VAL A 411 -8.06 42.53 22.26
CA VAL A 411 -7.80 43.93 22.59
C VAL A 411 -7.74 44.15 24.10
N THR A 412 -8.89 44.06 24.77
CA THR A 412 -8.96 44.28 26.20
C THR A 412 -8.68 43.02 27.01
N TYR A 413 -8.65 41.88 26.32
CA TYR A 413 -8.58 40.56 26.94
C TYR A 413 -9.63 40.42 28.04
N GLN A 414 -10.90 40.45 27.63
CA GLN A 414 -11.99 40.17 28.54
C GLN A 414 -12.84 39.04 27.95
N PRO A 415 -13.28 38.12 28.80
CA PRO A 415 -14.12 37.00 28.34
C PRO A 415 -15.53 37.45 27.95
N PHE A 416 -16.08 36.82 26.91
CA PHE A 416 -17.42 37.14 26.46
C PHE A 416 -18.15 35.88 25.97
N ASP A 417 -19.45 35.81 26.27
CA ASP A 417 -20.29 34.71 25.82
C ASP A 417 -20.91 35.06 24.47
N GLN A 418 -20.62 34.25 23.45
CA GLN A 418 -21.12 34.51 22.11
C GLN A 418 -22.61 34.22 21.98
N VAL A 419 -23.13 33.34 22.83
CA VAL A 419 -24.52 32.92 22.75
C VAL A 419 -25.42 33.65 23.73
N LYS A 420 -25.19 33.42 25.02
CA LYS A 420 -26.02 34.01 26.08
C LYS A 420 -26.06 35.53 26.05
N VAL A 421 -24.93 36.15 25.72
CA VAL A 421 -24.82 37.61 25.76
C VAL A 421 -24.96 38.25 24.38
N GLU A 422 -24.01 37.97 23.50
CA GLU A 422 -23.95 38.63 22.19
C GLU A 422 -25.14 38.28 21.30
N GLY A 423 -25.76 37.14 21.55
CA GLY A 423 -27.00 36.78 20.87
C GLY A 423 -26.87 35.85 19.69
N TYR A 424 -25.66 35.36 19.44
CA TYR A 424 -25.43 34.41 18.35
C TYR A 424 -26.07 33.07 18.66
N PRO A 425 -26.65 32.42 17.64
CA PRO A 425 -27.27 31.10 17.78
C PRO A 425 -26.28 30.03 18.25
N HIS A 426 -25.01 30.19 17.88
CA HIS A 426 -24.00 29.19 18.21
C HIS A 426 -22.61 29.81 18.23
N SER A 427 -21.66 29.13 18.85
CA SER A 427 -20.26 29.55 18.86
C SER A 427 -19.71 29.57 17.44
N TRP A 428 -18.99 30.63 17.09
CA TRP A 428 -18.47 30.76 15.74
C TRP A 428 -17.04 31.27 15.68
N GLY A 429 -16.17 30.52 14.99
CA GLY A 429 -14.80 30.93 14.75
C GLY A 429 -14.58 31.28 13.30
N THR A 430 -13.31 31.42 12.91
CA THR A 430 -12.95 31.68 11.52
C THR A 430 -11.74 30.86 11.09
N TRP A 431 -11.57 30.69 9.78
CA TRP A 431 -10.33 30.12 9.26
C TRP A 431 -9.97 30.69 7.90
N ILE A 432 -8.68 30.65 7.58
CA ILE A 432 -8.16 31.23 6.35
C ILE A 432 -7.05 30.38 5.73
N CYS A 433 -7.16 30.15 4.43
CA CYS A 433 -6.13 29.48 3.65
C CYS A 433 -5.56 30.46 2.62
N PHE A 434 -4.25 30.64 2.65
CA PHE A 434 -3.61 31.65 1.80
C PHE A 434 -3.54 31.21 0.34
N ASP A 435 -3.31 29.92 0.12
CA ASP A 435 -3.40 29.37 -1.22
C ASP A 435 -4.12 28.02 -1.20
N THR A 436 -5.27 27.94 -1.85
CA THR A 436 -6.01 26.67 -1.89
C THR A 436 -5.51 25.78 -3.02
N THR A 437 -4.76 26.36 -3.95
CA THR A 437 -4.23 25.62 -5.08
C THR A 437 -2.86 25.03 -4.77
N LEU A 438 -2.29 25.44 -3.64
CA LEU A 438 -0.96 25.00 -3.25
C LEU A 438 -1.03 23.69 -2.46
N SER A 439 -0.40 22.64 -2.99
CA SER A 439 -0.48 21.33 -2.38
C SER A 439 0.75 20.48 -2.66
N ASP A 440 1.00 19.50 -1.78
CA ASP A 440 2.10 18.56 -1.98
C ASP A 440 1.58 17.28 -2.64
N GLN A 441 0.27 17.23 -2.86
CA GLN A 441 -0.36 16.05 -3.43
C GLN A 441 -0.35 16.08 -4.95
N PRO A 442 -0.19 14.91 -5.57
CA PRO A 442 -0.17 14.79 -7.04
C PRO A 442 -1.57 14.64 -7.61
N VAL A 443 -1.67 14.53 -8.93
CA VAL A 443 -2.94 14.25 -9.58
C VAL A 443 -3.22 12.76 -9.52
N GLY A 444 -4.34 12.39 -8.91
CA GLY A 444 -4.68 10.98 -8.75
C GLY A 444 -6.15 10.73 -8.50
N PRO A 445 -6.56 9.45 -8.61
CA PRO A 445 -7.96 8.99 -8.47
C PRO A 445 -8.51 9.07 -7.05
N TYR A 446 -7.63 9.06 -6.06
CA TYR A 446 -8.05 9.07 -4.67
C TYR A 446 -8.53 10.45 -4.24
N PRO A 447 -9.58 10.50 -3.40
CA PRO A 447 -10.28 11.74 -3.02
C PRO A 447 -9.40 12.79 -2.34
N HIS A 448 -8.34 12.37 -1.67
CA HIS A 448 -7.45 13.31 -1.00
C HIS A 448 -6.43 13.90 -1.97
N GLN A 449 -6.46 13.42 -3.21
CA GLN A 449 -5.55 13.91 -4.23
C GLN A 449 -6.28 14.86 -5.18
N LYS A 450 -5.55 15.40 -6.15
CA LYS A 450 -6.15 16.31 -7.12
C LYS A 450 -6.73 15.53 -8.29
N ALA A 451 -7.98 15.80 -8.63
CA ALA A 451 -8.62 15.18 -9.78
C ALA A 451 -8.07 15.76 -11.08
N LYS A 452 -7.61 17.01 -10.99
CA LYS A 452 -7.03 17.69 -12.15
C LYS A 452 -6.11 18.81 -11.69
N ASN A 453 -5.24 19.27 -12.59
CA ASN A 453 -4.37 20.40 -12.30
C ASN A 453 -5.17 21.69 -12.14
N VAL A 454 -4.90 22.42 -11.07
CA VAL A 454 -5.59 23.69 -10.81
C VAL A 454 -4.61 24.79 -10.44
N SER A 455 -4.80 25.95 -11.05
CA SER A 455 -3.97 27.12 -10.77
C SER A 455 -4.80 28.22 -10.11
N HIS A 456 -4.18 29.36 -9.86
CA HIS A 456 -4.90 30.51 -9.32
C HIS A 456 -6.00 30.92 -10.28
N GLY A 457 -7.23 31.02 -9.76
CA GLY A 457 -8.37 31.39 -10.56
C GLY A 457 -9.20 30.19 -10.98
N ASP A 458 -8.59 29.01 -10.94
CA ASP A 458 -9.30 27.78 -11.30
C ASP A 458 -10.19 27.31 -10.17
N ILE A 459 -9.83 27.65 -8.94
CA ILE A 459 -10.66 27.32 -7.80
C ILE A 459 -11.58 28.50 -7.47
N LYS A 460 -12.87 28.32 -7.74
CA LYS A 460 -13.83 29.40 -7.58
C LYS A 460 -14.30 29.54 -6.13
N ALA A 461 -14.58 28.41 -5.48
CA ALA A 461 -15.11 28.43 -4.13
C ALA A 461 -14.74 27.18 -3.36
N VAL A 462 -15.24 27.08 -2.14
CA VAL A 462 -14.97 25.92 -1.28
C VAL A 462 -16.24 25.47 -0.57
N ARG A 463 -16.39 24.15 -0.45
CA ARG A 463 -17.52 23.56 0.26
C ARG A 463 -17.10 23.11 1.65
N ILE A 464 -17.79 23.61 2.66
CA ILE A 464 -17.50 23.27 4.05
C ILE A 464 -18.57 22.34 4.59
N ILE A 465 -18.11 21.17 5.05
CA ILE A 465 -18.97 20.06 5.44
C ILE A 465 -18.82 19.70 6.93
N GLN A 466 -19.94 19.62 7.63
CA GLN A 466 -19.93 19.20 9.02
C GLN A 466 -20.27 17.72 9.16
N GLY A 467 -19.46 16.99 9.92
CA GLY A 467 -19.72 15.59 10.19
C GLY A 467 -20.74 15.42 11.28
N TYR A 468 -21.57 14.39 11.15
CA TYR A 468 -22.58 14.10 12.16
C TYR A 468 -22.24 12.80 12.90
N GLN A 469 -22.17 12.88 14.23
CA GLN A 469 -21.91 11.71 15.05
C GLN A 469 -22.97 10.66 14.80
N CYS A 470 -22.58 9.39 14.84
CA CYS A 470 -23.52 8.31 14.56
C CYS A 470 -24.20 7.86 15.86
N VAL A 471 -25.49 8.18 15.97
CA VAL A 471 -26.25 7.85 17.17
C VAL A 471 -27.54 7.12 16.81
N GLU A 472 -27.63 5.87 17.23
CA GLU A 472 -28.78 5.05 16.90
C GLU A 472 -29.37 4.38 18.13
N PRO A 473 -30.27 5.09 18.84
CA PRO A 473 -30.93 4.58 20.05
C PRO A 473 -31.73 3.32 19.77
N ASP A 474 -32.48 3.32 18.67
CA ASP A 474 -33.26 2.15 18.27
C ASP A 474 -32.34 1.14 17.58
N SER A 475 -32.25 -0.06 18.16
CA SER A 475 -31.37 -1.10 17.64
C SER A 475 -32.01 -1.89 16.51
N THR A 476 -33.32 -1.76 16.36
CA THR A 476 -34.06 -2.46 15.31
C THR A 476 -33.95 -1.75 13.96
N ARG A 477 -33.75 -0.44 14.00
CA ARG A 477 -33.74 0.35 12.76
C ARG A 477 -32.34 0.62 12.20
N PHE A 478 -31.31 0.07 12.85
CA PHE A 478 -29.94 0.25 12.37
C PHE A 478 -29.19 -1.06 12.27
N ARG A 479 -28.48 -1.24 11.16
CA ARG A 479 -27.70 -2.46 10.91
C ARG A 479 -26.35 -2.14 10.29
N VAL A 480 -25.29 -2.68 10.89
CA VAL A 480 -23.94 -2.50 10.38
C VAL A 480 -23.60 -3.58 9.36
N GLY A 481 -23.09 -3.16 8.20
CA GLY A 481 -22.69 -4.09 7.17
C GLY A 481 -23.79 -4.34 6.15
N ALA A 482 -24.77 -3.46 6.12
CA ALA A 482 -25.87 -3.58 5.16
C ALA A 482 -25.39 -3.33 3.74
N GLY A 483 -24.32 -2.55 3.60
CA GLY A 483 -23.76 -2.21 2.31
C GLY A 483 -22.51 -2.98 1.95
N ALA A 484 -22.34 -4.15 2.57
CA ALA A 484 -21.14 -4.97 2.38
C ALA A 484 -20.89 -5.32 0.92
N HIS A 485 -21.95 -5.41 0.12
CA HIS A 485 -21.81 -5.71 -1.30
C HIS A 485 -21.46 -4.45 -2.09
N LEU A 486 -21.62 -3.29 -1.44
CA LEU A 486 -21.29 -2.02 -2.07
C LEU A 486 -19.86 -1.59 -1.74
N LEU A 487 -19.54 -0.35 -2.07
CA LEU A 487 -18.19 0.19 -1.91
C LEU A 487 -17.71 0.21 -0.47
N GLY A 488 -18.64 0.45 0.46
CA GLY A 488 -18.31 0.59 1.87
C GLY A 488 -17.66 -0.62 2.50
N GLY A 489 -18.08 -1.81 2.08
CA GLY A 489 -17.56 -3.04 2.65
C GLY A 489 -17.97 -3.23 4.09
N GLU A 490 -17.00 -3.46 4.96
CA GLU A 490 -17.26 -3.74 6.36
C GLU A 490 -17.65 -2.48 7.14
N ARG A 491 -17.23 -1.32 6.65
CA ARG A 491 -17.50 -0.06 7.32
C ARG A 491 -18.81 0.57 6.87
N SER A 492 -19.52 -0.14 5.99
CA SER A 492 -20.82 0.33 5.53
C SER A 492 -21.88 0.11 6.61
N SER A 493 -23.11 0.54 6.33
CA SER A 493 -24.19 0.45 7.31
C SER A 493 -25.54 0.70 6.65
N SER A 494 -26.59 0.74 7.46
CA SER A 494 -27.92 1.05 6.99
C SER A 494 -28.00 2.49 6.49
N ASN A 495 -27.15 3.35 7.05
CA ASN A 495 -27.13 4.77 6.69
C ASN A 495 -26.40 5.06 5.38
N SER A 496 -25.37 4.28 5.09
CA SER A 496 -24.56 4.53 3.90
C SER A 496 -23.95 3.26 3.32
N GLY A 497 -23.85 3.23 1.98
CA GLY A 497 -23.22 2.11 1.31
C GLY A 497 -21.73 2.36 1.13
N THR A 498 -21.26 3.44 1.74
CA THR A 498 -19.85 3.80 1.67
C THR A 498 -19.25 3.83 3.07
N ALA A 499 -17.95 4.15 3.16
CA ALA A 499 -17.29 4.25 4.45
C ALA A 499 -17.56 5.61 5.08
N PHE A 500 -18.16 6.50 4.30
CA PHE A 500 -18.53 7.83 4.78
C PHE A 500 -19.80 7.77 5.61
N GLN A 501 -19.72 8.28 6.83
CA GLN A 501 -20.90 8.36 7.69
C GLN A 501 -21.73 9.58 7.35
N GLN A 502 -22.72 9.88 8.19
CA GLN A 502 -23.66 10.96 7.93
C GLN A 502 -23.01 12.33 8.03
N ARG A 503 -23.27 13.17 7.03
CA ARG A 503 -22.67 14.50 6.96
C ARG A 503 -23.68 15.55 6.48
N GLY A 504 -23.32 16.81 6.62
CA GLY A 504 -24.16 17.90 6.15
C GLY A 504 -23.29 19.07 5.69
N ILE A 505 -23.89 19.99 4.96
CA ILE A 505 -23.16 21.12 4.42
C ILE A 505 -23.20 22.34 5.33
N ILE A 506 -22.06 22.70 5.90
CA ILE A 506 -21.96 23.94 6.65
C ILE A 506 -22.19 25.11 5.70
N GLY A 507 -21.53 25.07 4.55
CA GLY A 507 -21.80 26.07 3.53
C GLY A 507 -20.69 26.35 2.55
N TYR A 508 -20.96 27.20 1.57
CA TYR A 508 -19.98 27.53 0.54
C TYR A 508 -19.34 28.88 0.79
N GLN A 509 -18.06 29.00 0.43
CA GLN A 509 -17.37 30.29 0.54
C GLN A 509 -16.53 30.57 -0.70
N TYR A 510 -16.64 31.78 -1.25
CA TYR A 510 -15.92 32.11 -2.48
C TYR A 510 -14.41 32.16 -2.25
N VAL A 511 -13.65 31.95 -3.32
CA VAL A 511 -12.20 31.99 -3.27
C VAL A 511 -11.67 33.12 -4.17
N GLU A 512 -10.72 33.89 -3.64
CA GLU A 512 -10.13 35.00 -4.38
C GLU A 512 -9.30 34.50 -5.56
N SER A 513 -9.05 35.38 -6.52
CA SER A 513 -8.32 35.03 -7.74
C SER A 513 -6.88 34.56 -7.47
N ASP A 514 -6.37 34.88 -6.29
CA ASP A 514 -5.02 34.46 -5.91
C ASP A 514 -5.05 33.13 -5.17
N GLY A 515 -6.25 32.56 -5.06
CA GLY A 515 -6.42 31.25 -4.44
C GLY A 515 -6.71 31.30 -2.95
N SER A 516 -6.61 32.49 -2.37
CA SER A 516 -6.85 32.65 -0.93
C SER A 516 -8.33 32.64 -0.61
N THR A 517 -8.67 32.19 0.60
CA THR A 517 -10.05 32.23 1.06
C THR A 517 -10.10 32.33 2.58
N VAL A 518 -11.12 33.01 3.09
CA VAL A 518 -11.31 33.17 4.53
C VAL A 518 -12.79 33.12 4.84
N THR A 519 -13.16 32.50 5.95
CA THR A 519 -14.58 32.41 6.29
C THR A 519 -14.84 32.29 7.79
N SER A 520 -16.04 32.73 8.17
CA SER A 520 -16.55 32.54 9.53
C SER A 520 -17.54 31.40 9.53
N GLN A 521 -17.43 30.52 10.53
CA GLN A 521 -18.30 29.35 10.60
C GLN A 521 -18.47 28.87 12.03
N LEU A 522 -19.21 27.77 12.18
CA LEU A 522 -19.51 27.23 13.49
C LEU A 522 -18.26 26.77 14.24
N SER A 523 -18.34 26.80 15.56
CA SER A 523 -17.22 26.41 16.41
C SER A 523 -17.58 25.19 17.23
N ASP A 524 -16.57 24.48 17.71
CA ASP A 524 -16.74 23.30 18.54
C ASP A 524 -17.57 22.22 17.83
N VAL A 525 -17.40 22.13 16.52
CA VAL A 525 -18.02 21.06 15.74
C VAL A 525 -17.01 20.51 14.73
N PRO A 526 -17.04 19.18 14.51
CA PRO A 526 -16.15 18.55 13.53
C PRO A 526 -16.48 18.96 12.10
N TYR A 527 -15.47 19.34 11.32
CA TYR A 527 -15.70 19.77 9.95
C TYR A 527 -14.47 19.57 9.06
N TYR A 528 -14.70 19.61 7.76
CA TYR A 528 -13.62 19.61 6.79
C TYR A 528 -14.10 20.33 5.53
N MET A 529 -13.23 20.44 4.53
CA MET A 529 -13.53 21.25 3.37
C MET A 529 -13.12 20.61 2.04
N GLN A 530 -13.64 21.19 0.96
CA GLN A 530 -13.31 20.75 -0.40
C GLN A 530 -13.16 21.95 -1.32
N ILE A 531 -12.08 21.98 -2.09
CA ILE A 531 -11.88 23.05 -3.07
C ILE A 531 -12.68 22.76 -4.33
N LEU A 532 -13.32 23.79 -4.89
CA LEU A 532 -14.25 23.61 -5.99
C LEU A 532 -13.81 24.32 -7.27
N ASP A 533 -14.10 23.71 -8.41
CA ASP A 533 -13.82 24.31 -9.70
C ASP A 533 -15.00 25.15 -10.18
N ASP A 534 -14.95 25.60 -11.42
CA ASP A 534 -15.98 26.49 -11.95
C ASP A 534 -17.31 25.77 -12.18
N LYS A 535 -17.31 24.45 -12.05
CA LYS A 535 -18.55 23.68 -12.10
C LYS A 535 -19.06 23.36 -10.69
N GLY A 536 -18.31 23.78 -9.68
CA GLY A 536 -18.71 23.57 -8.30
C GLY A 536 -18.49 22.15 -7.79
N MET A 537 -17.54 21.45 -8.41
CA MET A 537 -17.22 20.09 -8.00
C MET A 537 -15.91 20.06 -7.23
N SER A 538 -15.80 19.12 -6.30
CA SER A 538 -14.59 19.03 -5.49
C SER A 538 -13.43 18.45 -6.29
N VAL A 539 -12.37 19.24 -6.43
CA VAL A 539 -11.15 18.79 -7.09
C VAL A 539 -10.31 17.98 -6.13
N GLN A 540 -10.28 18.42 -4.88
CA GLN A 540 -9.51 17.75 -3.84
C GLN A 540 -10.24 17.84 -2.50
N THR A 541 -10.22 16.74 -1.74
CA THR A 541 -10.93 16.67 -0.48
C THR A 541 -9.98 16.55 0.72
N ALA A 542 -10.25 17.31 1.76
CA ALA A 542 -9.46 17.21 2.98
C ALA A 542 -10.14 16.21 3.90
N LEU A 543 -9.52 15.05 4.10
CA LEU A 543 -10.13 14.03 4.93
C LEU A 543 -9.50 14.00 6.32
N THR A 544 -10.25 14.55 7.27
CA THR A 544 -9.84 14.73 8.65
C THR A 544 -10.97 15.50 9.32
N TRP A 545 -10.92 15.63 10.64
CA TRP A 545 -11.91 16.46 11.32
C TRP A 545 -11.26 17.67 11.97
N ALA A 546 -11.49 18.83 11.36
CA ALA A 546 -11.06 20.10 11.93
C ALA A 546 -12.07 20.59 12.95
N TYR A 547 -11.63 21.43 13.88
CA TYR A 547 -12.53 22.07 14.83
C TYR A 547 -11.98 23.41 15.27
N LEU A 548 -12.90 24.34 15.53
CA LEU A 548 -12.53 25.68 15.99
C LEU A 548 -13.12 25.95 17.37
N ARG A 549 -12.29 26.47 18.27
CA ARG A 549 -12.79 26.97 19.54
C ARG A 549 -13.44 28.33 19.27
N PRO A 550 -14.38 28.76 20.13
CA PRO A 550 -15.06 30.04 19.96
C PRO A 550 -14.09 31.23 19.79
N TYR A 551 -14.40 32.10 18.83
CA TYR A 551 -13.63 33.33 18.57
C TYR A 551 -12.24 33.05 17.98
N HIS A 552 -11.88 31.77 17.87
CA HIS A 552 -10.56 31.39 17.36
C HIS A 552 -10.47 31.36 15.84
N GLY A 553 -9.41 31.97 15.31
CA GLY A 553 -9.10 31.85 13.90
C GLY A 553 -8.09 30.74 13.67
N ARG A 554 -8.07 30.17 12.47
CA ARG A 554 -7.08 29.15 12.12
C ARG A 554 -6.49 29.38 10.74
N ILE A 555 -5.17 29.50 10.65
CA ILE A 555 -4.51 29.81 9.39
C ILE A 555 -3.80 28.59 8.80
N CYS A 556 -3.72 28.54 7.47
CA CYS A 556 -2.88 27.56 6.80
C CYS A 556 -2.35 28.11 5.47
N SER A 557 -1.10 27.78 5.15
CA SER A 557 -0.46 28.31 3.94
C SER A 557 -1.10 27.76 2.68
N GLY A 558 -1.46 26.49 2.71
CA GLY A 558 -1.87 25.78 1.52
C GLY A 558 -2.78 24.61 1.81
N CYS A 559 -3.03 23.80 0.79
CA CYS A 559 -3.87 22.63 0.94
C CYS A 559 -2.99 21.39 1.10
N HIS A 560 -2.90 20.90 2.33
CA HIS A 560 -1.93 19.87 2.72
C HIS A 560 -0.53 20.20 2.18
N TYR A 561 -0.11 21.45 2.29
CA TYR A 561 1.16 21.90 1.72
C TYR A 561 2.36 21.54 2.59
N GLY A 562 2.12 21.24 3.86
CA GLY A 562 3.21 20.98 4.79
C GLY A 562 3.39 22.08 5.82
N SER A 563 2.62 23.16 5.68
CA SER A 563 2.70 24.27 6.63
C SER A 563 2.35 23.84 8.05
N TYR A 564 1.38 22.93 8.18
CA TYR A 564 1.09 22.36 9.49
C TYR A 564 1.73 20.99 9.73
N ARG A 565 2.56 20.53 8.79
CA ARG A 565 3.22 19.23 9.01
C ARG A 565 4.75 19.28 8.98
N GLY A 566 5.34 19.31 7.79
CA GLY A 566 6.78 19.23 7.67
C GLY A 566 7.54 20.43 7.14
N ARG A 567 6.85 21.54 6.94
CA ARG A 567 7.46 22.68 6.25
C ARG A 567 7.17 23.99 6.94
N ALA A 568 8.02 24.99 6.67
CA ALA A 568 7.80 26.33 7.17
C ALA A 568 6.69 27.01 6.39
N PHE A 569 5.97 27.93 7.04
CA PHE A 569 4.94 28.72 6.38
C PHE A 569 5.52 29.46 5.17
N LYS A 570 4.82 29.39 4.04
CA LYS A 570 5.23 30.12 2.85
C LYS A 570 4.85 31.59 2.98
N ASN A 571 5.75 32.48 2.59
CA ASN A 571 5.44 33.90 2.69
C ASN A 571 4.53 34.29 1.55
N ILE A 572 3.32 34.71 1.90
CA ILE A 572 2.28 34.97 0.90
C ILE A 572 1.49 36.22 1.26
N HIS A 573 1.33 37.11 0.29
CA HIS A 573 0.50 38.29 0.48
C HIS A 573 -0.84 38.00 -0.18
N ALA A 574 -1.86 37.79 0.65
CA ALA A 574 -3.13 37.27 0.17
C ALA A 574 -4.28 38.26 0.31
N LYS A 575 -5.23 38.21 -0.62
CA LYS A 575 -6.37 39.11 -0.62
C LYS A 575 -7.28 38.85 0.58
N ALA A 576 -7.40 37.57 0.95
CA ALA A 576 -8.29 37.16 2.02
C ALA A 576 -7.89 37.79 3.36
N LEU A 577 -6.62 38.10 3.51
CA LEU A 577 -6.11 38.72 4.73
C LEU A 577 -6.83 40.02 5.03
N TYR A 578 -7.13 40.80 3.99
CA TYR A 578 -7.80 42.07 4.14
C TYR A 578 -9.31 41.90 4.30
N ASN A 579 -9.79 40.69 4.05
CA ASN A 579 -11.22 40.39 4.20
C ASN A 579 -11.52 39.77 5.56
N TRP A 580 -10.51 39.71 6.43
CA TRP A 580 -10.66 39.01 7.70
C TRP A 580 -11.27 39.89 8.79
N TRP A 581 -10.48 40.81 9.35
CA TRP A 581 -11.01 41.78 10.30
C TRP A 581 -10.54 43.21 9.97
N TYR A 582 -11.41 44.02 9.40
CA TYR A 582 -11.10 45.44 9.15
C TYR A 582 -11.80 46.46 10.04
N ASP A 583 -12.69 46.01 10.93
CA ASP A 583 -13.56 46.96 11.65
C ASP A 583 -13.30 46.99 13.15
N ASP A 584 -13.31 48.21 13.70
CA ASP A 584 -13.04 48.43 15.11
C ASP A 584 -14.12 47.81 16.00
N ARG A 585 -15.36 47.82 15.49
CA ARG A 585 -16.52 47.43 16.28
C ARG A 585 -16.82 45.93 16.19
N SER A 586 -15.96 45.20 15.47
CA SER A 586 -16.24 43.80 15.18
C SER A 586 -15.17 42.84 15.69
N HIS A 587 -15.59 41.63 16.04
CA HIS A 587 -14.67 40.53 16.33
C HIS A 587 -14.06 40.00 15.03
N TYR A 588 -14.93 39.71 14.08
CA TYR A 588 -14.52 39.26 12.75
C TYR A 588 -15.42 39.88 11.68
N ASP A 589 -14.81 40.43 10.64
CA ASP A 589 -15.56 40.98 9.52
C ASP A 589 -15.66 40.01 8.36
N SER A 590 -15.14 38.80 8.55
CA SER A 590 -15.15 37.80 7.47
C SER A 590 -16.56 37.29 7.21
N PRO A 591 -16.90 37.09 5.93
CA PRO A 591 -18.22 36.57 5.53
C PRO A 591 -18.48 35.16 6.04
N PHE A 592 -19.70 34.92 6.51
CA PHE A 592 -20.11 33.59 6.95
C PHE A 592 -20.35 32.69 5.75
N ALA A 593 -20.32 31.38 5.97
CA ALA A 593 -20.52 30.42 4.89
C ALA A 593 -21.93 30.51 4.30
N PHE A 594 -21.99 30.65 2.99
CA PHE A 594 -23.26 30.79 2.27
C PHE A 594 -23.95 29.43 2.12
N ARG A 595 -25.27 29.44 2.10
CA ARG A 595 -26.05 28.21 2.06
C ARG A 595 -26.07 27.55 0.68
N TYR A 596 -26.09 28.36 -0.37
CA TYR A 596 -26.16 27.81 -1.72
C TYR A 596 -25.13 28.40 -2.68
N LEU A 597 -25.13 27.87 -3.90
CA LEU A 597 -24.37 28.42 -5.01
C LEU A 597 -25.31 28.70 -6.17
N LYS A 598 -25.05 29.77 -6.92
CA LYS A 598 -25.84 30.07 -8.10
C LYS A 598 -24.96 30.02 -9.34
N PHE A 599 -25.54 29.52 -10.44
CA PHE A 599 -24.80 29.26 -11.66
C PHE A 599 -25.38 30.04 -12.85
N ASP A 600 -24.75 29.90 -14.01
CA ASP A 600 -25.27 30.49 -15.24
C ASP A 600 -26.13 29.49 -15.99
N ASN A 601 -26.46 29.82 -17.23
CA ASN A 601 -27.30 28.98 -18.09
C ASN A 601 -26.80 27.53 -18.19
N ASP A 602 -25.51 27.37 -18.48
CA ASP A 602 -24.94 26.06 -18.75
C ASP A 602 -24.50 25.33 -17.48
N GLY A 603 -24.53 26.02 -16.35
CA GLY A 603 -24.18 25.40 -15.08
C GLY A 603 -22.80 25.69 -14.54
N ASN A 604 -22.12 26.68 -15.12
CA ASN A 604 -20.84 27.13 -14.59
C ASN A 604 -21.04 28.06 -13.38
N TYR A 605 -20.04 28.10 -12.49
CA TYR A 605 -20.13 28.90 -11.27
C TYR A 605 -20.34 30.38 -11.55
N LYS A 606 -21.37 30.94 -10.93
CA LYS A 606 -21.63 32.37 -11.00
C LYS A 606 -21.25 33.02 -9.67
N GLY A 607 -21.93 32.63 -8.61
CA GLY A 607 -21.62 33.17 -7.29
C GLY A 607 -22.16 32.37 -6.12
N VAL A 608 -22.08 32.96 -4.93
CA VAL A 608 -22.61 32.34 -3.72
C VAL A 608 -23.98 32.93 -3.39
N LYS A 609 -24.88 32.12 -2.87
CA LYS A 609 -26.24 32.58 -2.58
C LYS A 609 -26.62 32.37 -1.12
N HIS A 610 -27.12 33.44 -0.50
CA HIS A 610 -27.57 33.41 0.88
C HIS A 610 -28.74 32.47 1.09
N GLY A 611 -28.87 31.96 2.31
CA GLY A 611 -29.99 31.12 2.69
C GLY A 611 -30.96 31.88 3.56
N GLU A 612 -31.95 31.18 4.10
CA GLU A 612 -32.97 31.81 4.93
C GLU A 612 -32.55 31.82 6.39
N ASP A 613 -31.35 31.34 6.67
CA ASP A 613 -30.88 31.18 8.04
C ASP A 613 -30.17 32.44 8.55
N VAL A 614 -30.16 33.49 7.74
CA VAL A 614 -29.51 34.74 8.11
C VAL A 614 -30.18 35.41 9.31
N VAL A 615 -29.39 35.71 10.33
CA VAL A 615 -29.88 36.40 11.52
C VAL A 615 -29.22 37.75 11.69
N GLY A 627 -24.24 43.39 17.08
CA GLY A 627 -23.48 44.23 16.17
C GLY A 627 -21.98 44.03 16.32
N THR A 628 -21.58 42.79 16.62
CA THR A 628 -20.17 42.46 16.79
C THR A 628 -19.56 41.91 15.51
N THR A 629 -20.33 41.93 14.42
CA THR A 629 -19.81 41.58 13.10
C THR A 629 -20.50 42.42 12.03
N SER A 630 -19.75 42.78 10.99
CA SER A 630 -20.28 43.66 9.94
C SER A 630 -20.95 42.89 8.82
N GLN A 631 -20.96 41.56 8.93
CA GLN A 631 -21.51 40.71 7.88
C GLN A 631 -22.74 39.96 8.35
N PRO A 632 -23.66 39.63 7.42
CA PRO A 632 -24.84 38.84 7.76
C PRO A 632 -24.47 37.52 8.41
N VAL A 633 -25.09 37.21 9.55
CA VAL A 633 -24.79 35.97 10.26
C VAL A 633 -25.64 34.83 9.72
N GLU A 634 -24.97 33.82 9.15
CA GLU A 634 -25.67 32.74 8.47
C GLU A 634 -25.06 31.39 8.79
N GLY A 635 -25.91 30.38 8.97
CA GLY A 635 -25.48 29.02 9.15
C GLY A 635 -25.07 28.67 10.57
N LEU A 636 -25.52 29.46 11.54
CA LEU A 636 -25.22 29.16 12.94
C LEU A 636 -26.36 28.41 13.62
N THR A 637 -27.45 28.17 12.91
CA THR A 637 -28.57 27.42 13.46
C THR A 637 -28.47 25.95 13.09
N LEU A 638 -28.28 25.10 14.10
CA LEU A 638 -28.06 23.68 13.88
C LEU A 638 -29.27 22.98 13.25
N ASP A 639 -30.46 23.35 13.69
CA ASP A 639 -31.69 22.72 13.20
C ASP A 639 -31.94 23.02 11.72
N LYS A 640 -31.40 24.14 11.24
CA LYS A 640 -31.64 24.57 9.86
C LYS A 640 -30.52 24.14 8.91
N GLN A 641 -29.52 23.43 9.42
CA GLN A 641 -28.38 23.04 8.60
C GLN A 641 -28.80 22.06 7.51
N ARG A 642 -28.47 22.39 6.26
CA ARG A 642 -28.89 21.61 5.12
C ARG A 642 -27.98 20.41 4.87
N THR A 643 -28.58 19.31 4.41
CA THR A 643 -27.82 18.16 3.92
C THR A 643 -28.51 17.62 2.67
N VAL A 644 -27.93 16.59 2.07
CA VAL A 644 -28.55 15.96 0.92
C VAL A 644 -28.86 14.50 1.21
N ASP A 645 -30.15 14.19 1.30
CA ASP A 645 -30.59 12.82 1.58
C ASP A 645 -31.08 12.15 0.31
N PHE A 646 -30.60 10.93 0.08
CA PHE A 646 -30.91 10.19 -1.15
C PHE A 646 -32.41 9.96 -1.32
N ARG A 647 -33.08 9.63 -0.21
CA ARG A 647 -34.50 9.31 -0.23
C ARG A 647 -35.36 10.56 -0.42
N ARG A 648 -35.00 11.64 0.27
CA ARG A 648 -35.78 12.87 0.24
C ARG A 648 -35.52 13.72 -1.00
N ASP A 649 -34.29 13.67 -1.49
CA ASP A 649 -33.84 14.59 -2.53
C ASP A 649 -33.59 13.93 -3.89
N ILE A 650 -32.69 12.96 -3.91
CA ILE A 650 -32.23 12.34 -5.15
C ILE A 650 -33.27 11.41 -5.77
N GLN A 651 -33.66 10.37 -5.03
CA GLN A 651 -34.62 9.37 -5.48
C GLN A 651 -35.87 9.93 -6.17
N PRO A 652 -36.46 11.03 -5.65
CA PRO A 652 -37.57 11.60 -6.43
C PRO A 652 -37.17 12.06 -7.83
N ILE A 653 -36.01 12.70 -7.95
CA ILE A 653 -35.50 13.14 -9.24
C ILE A 653 -35.29 11.95 -10.16
N LEU A 654 -34.71 10.88 -9.59
CA LEU A 654 -34.50 9.65 -10.36
C LEU A 654 -35.82 9.03 -10.82
N ASP A 655 -36.83 9.08 -9.97
CA ASP A 655 -38.14 8.52 -10.31
C ASP A 655 -38.78 9.32 -11.44
N ALA A 656 -38.69 10.64 -11.35
CA ALA A 656 -39.32 11.49 -12.34
C ALA A 656 -38.63 11.46 -13.70
N LYS A 657 -37.34 11.80 -13.73
CA LYS A 657 -36.64 11.97 -15.00
C LYS A 657 -35.73 10.82 -15.47
N CYS A 658 -35.64 9.75 -14.70
CA CYS A 658 -34.67 8.68 -14.98
C CYS A 658 -35.31 7.31 -15.11
N ALA A 659 -35.97 6.87 -14.04
CA ALA A 659 -36.53 5.52 -13.96
C ALA A 659 -37.45 5.16 -15.12
N MET A 660 -37.89 6.17 -15.88
CA MET A 660 -38.70 5.97 -17.07
C MET A 660 -38.14 4.88 -17.99
N CYS A 661 -37.04 5.19 -18.67
CA CYS A 661 -36.45 4.24 -19.61
C CYS A 661 -35.28 3.44 -19.04
N HIS A 662 -34.99 3.60 -17.76
CA HIS A 662 -33.97 2.77 -17.12
C HIS A 662 -34.60 1.67 -16.27
N ASP A 663 -34.49 0.44 -16.75
CA ASP A 663 -35.04 -0.73 -16.09
C ASP A 663 -34.01 -1.86 -16.11
N SER A 664 -34.42 -3.05 -15.70
CA SER A 664 -33.55 -4.22 -15.67
C SER A 664 -32.84 -4.47 -17.01
N ASN A 665 -33.51 -4.14 -18.11
CA ASN A 665 -32.92 -4.32 -19.44
C ASN A 665 -31.92 -3.23 -19.80
N ASN A 666 -32.06 -2.06 -19.20
CA ASN A 666 -31.18 -0.94 -19.48
C ASN A 666 -30.47 -0.45 -18.22
N PRO A 667 -29.33 -1.07 -17.89
CA PRO A 667 -28.54 -0.72 -16.70
C PRO A 667 -27.95 0.69 -16.79
N PRO A 668 -27.84 1.38 -15.65
CA PRO A 668 -28.24 0.91 -14.31
C PRO A 668 -29.75 0.92 -14.11
N ASN A 669 -30.24 0.10 -13.19
CA ASN A 669 -31.68 0.01 -12.96
C ASN A 669 -32.10 0.98 -11.87
N LEU A 670 -32.79 2.04 -12.26
CA LEU A 670 -33.19 3.09 -11.34
C LEU A 670 -34.65 2.97 -10.89
N GLY A 671 -35.35 1.95 -11.39
CA GLY A 671 -36.77 1.79 -11.09
C GLY A 671 -37.03 1.17 -9.74
N GLY A 672 -38.29 1.17 -9.32
CA GLY A 672 -38.69 0.54 -8.07
C GLY A 672 -39.01 1.53 -6.97
N GLY A 673 -38.67 2.79 -7.18
CA GLY A 673 -38.94 3.83 -6.21
C GLY A 673 -38.09 3.68 -4.95
N LEU A 674 -38.72 3.92 -3.79
CA LEU A 674 -38.02 3.84 -2.52
C LEU A 674 -38.15 2.47 -1.88
N GLU A 675 -38.78 1.54 -2.59
CA GLU A 675 -38.96 0.17 -2.09
C GLU A 675 -37.61 -0.50 -1.85
N LEU A 676 -37.43 -1.05 -0.66
CA LEU A 676 -36.17 -1.66 -0.27
C LEU A 676 -35.89 -2.94 -1.04
N VAL A 677 -34.60 -3.24 -1.22
CA VAL A 677 -34.17 -4.45 -1.90
C VAL A 677 -33.36 -5.33 -0.95
N SER A 678 -33.68 -6.62 -0.93
CA SER A 678 -33.01 -7.54 -0.03
C SER A 678 -31.74 -8.12 -0.65
N VAL A 679 -30.60 -7.85 -0.01
CA VAL A 679 -29.32 -8.38 -0.46
C VAL A 679 -28.64 -9.13 0.68
N ASP A 680 -28.37 -10.42 0.45
CA ASP A 680 -27.78 -11.30 1.46
C ASP A 680 -28.61 -11.33 2.73
N GLY A 681 -29.92 -11.19 2.59
CA GLY A 681 -30.83 -11.24 3.73
C GLY A 681 -30.91 -9.92 4.48
N ILE A 682 -30.49 -8.83 3.83
CA ILE A 682 -30.54 -7.52 4.46
C ILE A 682 -31.22 -6.50 3.55
N ALA A 683 -32.32 -5.92 4.04
CA ALA A 683 -33.03 -4.90 3.29
C ALA A 683 -32.66 -3.52 3.82
N ALA A 684 -31.94 -2.75 3.00
CA ALA A 684 -31.45 -1.44 3.43
C ALA A 684 -31.83 -0.35 2.44
N TYR A 685 -31.31 -0.43 1.23
CA TYR A 685 -31.48 0.62 0.25
C TYR A 685 -32.49 0.25 -0.83
N SER A 686 -32.73 1.18 -1.75
CA SER A 686 -33.61 0.94 -2.87
C SER A 686 -32.84 0.31 -4.02
N ARG A 687 -33.51 0.13 -5.17
CA ARG A 687 -32.86 -0.45 -6.33
C ARG A 687 -31.86 0.51 -6.93
N ALA A 688 -32.26 1.78 -7.06
CA ALA A 688 -31.41 2.81 -7.66
C ALA A 688 -30.11 2.99 -6.89
N TYR A 689 -30.21 2.98 -5.55
CA TYR A 689 -29.04 3.15 -4.71
C TYR A 689 -28.07 1.98 -4.88
N ASN A 690 -28.62 0.77 -4.82
CA ASN A 690 -27.80 -0.43 -5.00
C ASN A 690 -27.13 -0.46 -6.37
N SER A 691 -27.84 0.01 -7.38
CA SER A 691 -27.32 0.02 -8.74
C SER A 691 -26.19 1.04 -8.90
N LEU A 692 -26.42 2.25 -8.40
CA LEU A 692 -25.45 3.33 -8.56
C LEU A 692 -24.20 3.14 -7.68
N LEU A 693 -24.36 2.39 -6.59
CA LEU A 693 -23.25 2.16 -5.67
C LEU A 693 -22.50 0.86 -5.95
N GLU A 694 -22.89 0.18 -7.04
CA GLU A 694 -22.27 -1.10 -7.40
C GLU A 694 -20.79 -0.94 -7.76
N PRO A 695 -19.94 -1.80 -7.19
CA PRO A 695 -18.49 -1.80 -7.45
C PRO A 695 -18.15 -2.17 -8.89
N GLN A 696 -16.91 -1.88 -9.30
CA GLN A 696 -16.45 -2.19 -10.65
C GLN A 696 -15.19 -3.05 -10.59
N ARG A 697 -15.12 -4.06 -11.45
CA ARG A 697 -13.98 -4.96 -11.48
C ARG A 697 -12.71 -4.22 -11.88
N GLY A 698 -11.67 -4.36 -11.07
CA GLY A 698 -10.39 -3.74 -11.35
C GLY A 698 -10.27 -2.33 -10.82
N LYS A 699 -11.27 -1.91 -10.03
CA LYS A 699 -11.25 -0.58 -9.43
C LYS A 699 -11.31 -0.65 -7.91
N ASP A 700 -10.43 0.10 -7.27
CA ASP A 700 -10.42 0.21 -5.81
C ASP A 700 -11.75 0.81 -5.34
N PRO A 701 -12.50 0.06 -4.50
CA PRO A 701 -13.78 0.53 -3.95
C PRO A 701 -13.64 1.87 -3.21
N ASN A 702 -12.46 2.12 -2.65
CA ASN A 702 -12.18 3.37 -1.97
C ASN A 702 -12.13 4.54 -2.95
N ILE A 703 -11.77 4.25 -4.19
CA ILE A 703 -11.82 5.25 -5.25
C ILE A 703 -13.27 5.45 -5.69
N GLY A 704 -13.97 4.35 -5.92
CA GLY A 704 -15.36 4.40 -6.32
C GLY A 704 -15.88 3.12 -6.95
N GLY A 705 -17.12 3.17 -7.43
CA GLY A 705 -17.74 2.05 -8.10
C GLY A 705 -17.84 2.30 -9.59
N LYS A 706 -18.81 1.64 -10.23
CA LYS A 706 -19.06 1.86 -11.65
C LYS A 706 -19.47 3.31 -11.93
N TYR A 707 -20.61 3.71 -11.36
CA TYR A 707 -21.15 5.04 -11.62
C TYR A 707 -20.88 6.10 -10.55
N VAL A 708 -20.30 5.71 -9.43
CA VAL A 708 -20.16 6.64 -8.31
C VAL A 708 -18.81 6.55 -7.61
N ASN A 709 -18.13 7.68 -7.50
CA ASN A 709 -16.93 7.77 -6.69
C ASN A 709 -17.19 8.63 -5.46
N PRO A 710 -17.26 8.00 -4.28
CA PRO A 710 -17.53 8.73 -3.03
C PRO A 710 -16.53 9.86 -2.78
N SER A 711 -17.08 11.03 -2.47
CA SER A 711 -16.33 12.26 -2.23
C SER A 711 -15.49 12.71 -3.43
N ALA A 712 -15.81 12.20 -4.62
CA ALA A 712 -15.43 12.86 -5.85
C ALA A 712 -16.56 12.78 -6.86
N ALA A 713 -17.18 13.92 -7.16
CA ALA A 713 -18.24 13.93 -8.16
C ALA A 713 -17.61 14.00 -9.54
N ILE A 714 -16.50 14.72 -9.62
CA ILE A 714 -15.81 14.99 -10.88
C ILE A 714 -15.17 13.72 -11.44
N ASN A 715 -14.94 12.74 -10.58
CA ASN A 715 -14.41 11.45 -11.02
C ASN A 715 -15.49 10.41 -11.28
N SER A 716 -16.74 10.76 -11.01
CA SER A 716 -17.85 9.81 -11.12
C SER A 716 -18.36 9.69 -12.56
N LEU A 717 -18.55 8.45 -13.00
CA LEU A 717 -19.05 8.18 -14.35
C LEU A 717 -20.43 8.80 -14.58
N LEU A 718 -21.27 8.74 -13.55
CA LEU A 718 -22.61 9.31 -13.61
C LEU A 718 -22.56 10.80 -13.93
N VAL A 719 -21.72 11.53 -13.21
CA VAL A 719 -21.57 12.97 -13.43
C VAL A 719 -20.93 13.23 -14.80
N TRP A 720 -20.01 12.36 -15.20
CA TRP A 720 -19.38 12.43 -16.51
C TRP A 720 -20.43 12.38 -17.61
N ARG A 721 -21.43 11.51 -17.44
CA ARG A 721 -22.49 11.37 -18.43
C ARG A 721 -23.54 12.47 -18.33
N LEU A 722 -23.76 12.98 -17.12
CA LEU A 722 -24.75 14.05 -16.92
C LEU A 722 -24.27 15.37 -17.51
N TYR A 723 -22.95 15.58 -17.52
CA TYR A 723 -22.39 16.76 -18.16
C TYR A 723 -21.87 16.43 -19.57
N GLU A 724 -21.91 15.16 -19.93
CA GLU A 724 -21.45 14.67 -21.23
C GLU A 724 -20.09 15.26 -21.64
N ALA A 725 -19.10 15.14 -20.75
CA ALA A 725 -17.77 15.69 -21.01
C ALA A 725 -16.71 14.96 -20.19
N GLU A 726 -15.44 15.20 -20.52
CA GLU A 726 -14.37 14.62 -19.73
C GLU A 726 -14.04 15.62 -18.62
N LEU A 727 -14.42 15.28 -17.39
CA LEU A 727 -14.30 16.21 -16.29
C LEU A 727 -12.92 16.22 -15.67
N SER A 728 -12.33 15.04 -15.49
CA SER A 728 -11.07 14.94 -14.76
C SER A 728 -9.99 14.22 -15.57
N ALA A 729 -8.80 14.12 -14.96
CA ALA A 729 -7.68 13.44 -15.58
C ALA A 729 -7.70 11.95 -15.21
N ASN A 730 -8.71 11.57 -14.43
CA ASN A 730 -8.89 10.18 -14.03
C ASN A 730 -10.10 9.56 -14.72
N ALA A 731 -9.85 8.63 -15.64
CA ALA A 731 -10.93 7.96 -16.36
C ALA A 731 -11.54 6.89 -15.47
N PRO A 732 -12.87 6.92 -15.30
CA PRO A 732 -13.59 5.94 -14.49
C PRO A 732 -13.42 4.53 -15.03
N ARG A 733 -13.42 4.42 -16.36
CA ARG A 733 -13.14 3.14 -17.00
C ARG A 733 -12.53 3.36 -18.38
N GLU A 734 -12.26 2.25 -19.07
CA GLU A 734 -11.52 2.28 -20.32
C GLU A 734 -12.39 2.79 -21.46
N LYS A 735 -13.63 2.31 -21.50
CA LYS A 735 -14.60 2.80 -22.47
C LYS A 735 -15.73 3.51 -21.74
N ILE A 736 -15.77 4.84 -21.87
CA ILE A 736 -16.75 5.65 -21.18
C ILE A 736 -18.01 5.81 -22.02
N PHE A 737 -17.86 6.51 -23.14
CA PHE A 737 -18.98 6.76 -24.03
C PHE A 737 -19.05 5.71 -25.14
N PRO A 738 -20.21 5.06 -25.28
CA PRO A 738 -20.40 4.04 -26.32
C PRO A 738 -20.30 4.65 -27.71
N ILE A 739 -19.81 3.86 -28.68
CA ILE A 739 -19.64 4.35 -30.04
C ILE A 739 -20.97 4.48 -30.76
N GLU A 740 -21.81 3.46 -30.65
CA GLU A 740 -23.13 3.49 -31.29
C GLU A 740 -24.25 3.35 -30.27
N GLY A 741 -25.37 4.01 -30.54
CA GLY A 741 -26.51 3.98 -29.64
C GLY A 741 -26.40 5.01 -28.53
N ARG A 742 -25.48 5.95 -28.70
CA ARG A 742 -25.23 6.99 -27.71
C ARG A 742 -26.40 7.96 -27.60
N LEU A 743 -26.73 8.33 -26.37
CA LEU A 743 -27.80 9.31 -26.12
C LEU A 743 -27.33 10.36 -25.11
N LEU A 744 -27.37 11.63 -25.52
CA LEU A 744 -26.88 12.70 -24.66
C LEU A 744 -27.80 12.94 -23.47
N HIS A 745 -27.21 12.86 -22.27
CA HIS A 745 -27.98 12.99 -21.03
C HIS A 745 -27.95 14.39 -20.42
N ASN A 746 -27.22 15.31 -21.05
CA ASN A 746 -26.99 16.62 -20.44
C ASN A 746 -28.24 17.49 -20.38
N LYS A 747 -29.22 17.20 -21.22
CA LYS A 747 -30.44 18.00 -21.28
C LYS A 747 -31.57 17.43 -20.42
N PHE A 748 -31.32 16.29 -19.77
CA PHE A 748 -32.37 15.60 -19.02
C PHE A 748 -32.70 16.29 -17.70
N LEU A 749 -31.70 16.89 -17.07
CA LEU A 749 -31.89 17.51 -15.76
C LEU A 749 -31.66 19.02 -15.81
N THR A 750 -32.26 19.72 -14.86
CA THR A 750 -31.94 21.13 -14.66
C THR A 750 -30.65 21.23 -13.87
N GLN A 751 -30.18 22.46 -13.64
CA GLN A 751 -28.92 22.64 -12.92
C GLN A 751 -29.10 22.26 -11.45
N ASP A 752 -30.28 22.55 -10.91
CA ASP A 752 -30.57 22.25 -9.51
C ASP A 752 -30.47 20.76 -9.21
N GLU A 753 -31.14 19.95 -10.02
CA GLU A 753 -31.15 18.50 -9.83
C GLU A 753 -29.77 17.89 -10.02
N ARG A 754 -29.11 18.29 -11.11
CA ARG A 754 -27.80 17.79 -11.45
C ARG A 754 -26.79 18.11 -10.35
N TYR A 755 -26.77 19.36 -9.91
CA TYR A 755 -25.84 19.76 -8.86
C TYR A 755 -26.27 19.20 -7.52
N ALA A 756 -27.52 18.77 -7.41
CA ALA A 756 -27.98 18.08 -6.22
C ALA A 756 -27.34 16.70 -6.17
N ILE A 757 -27.26 16.07 -7.34
CA ILE A 757 -26.56 14.79 -7.45
C ILE A 757 -25.07 14.98 -7.16
N VAL A 758 -24.50 16.04 -7.71
CA VAL A 758 -23.10 16.38 -7.48
C VAL A 758 -22.81 16.54 -5.99
N GLU A 759 -23.65 17.32 -5.31
CA GLU A 759 -23.54 17.52 -3.87
C GLU A 759 -23.68 16.20 -3.12
N TRP A 760 -24.64 15.38 -3.54
CA TRP A 760 -24.84 14.07 -2.92
C TRP A 760 -23.58 13.21 -2.99
N ILE A 761 -22.95 13.16 -4.17
CA ILE A 761 -21.77 12.35 -4.36
C ILE A 761 -20.58 12.91 -3.59
N ASP A 762 -20.37 14.22 -3.65
CA ASP A 762 -19.26 14.86 -2.95
C ASP A 762 -19.38 14.71 -1.44
N LEU A 763 -20.61 14.58 -0.94
CA LEU A 763 -20.85 14.40 0.48
C LEU A 763 -20.53 12.98 0.94
N GLY A 764 -20.18 12.12 0.00
CA GLY A 764 -19.91 10.73 0.31
C GLY A 764 -20.98 9.76 -0.17
N ALA A 765 -22.00 10.29 -0.84
CA ALA A 765 -23.05 9.47 -1.46
C ALA A 765 -23.73 8.53 -0.49
N GLN A 766 -24.22 9.09 0.62
CA GLN A 766 -24.87 8.29 1.65
C GLN A 766 -26.30 7.92 1.27
N TRP A 767 -26.97 7.21 2.16
CA TRP A 767 -28.37 6.83 1.99
C TRP A 767 -29.22 7.61 3.00
N ASP A 768 -28.96 7.38 4.28
CA ASP A 768 -29.62 8.12 5.35
C ASP A 768 -28.67 9.19 5.90
N ASN A 769 -28.94 10.45 5.57
CA ASN A 769 -28.13 11.56 6.07
C ASN A 769 -28.77 12.25 7.28
N ILE A 770 -29.94 11.79 7.68
CA ILE A 770 -30.60 12.30 8.87
C ILE A 770 -30.32 11.38 10.04
N PRO A 771 -29.50 11.85 11.01
CA PRO A 771 -29.07 11.07 12.16
C PRO A 771 -30.24 10.52 12.99
N GLY A 772 -30.13 9.28 13.44
CA GLY A 772 -31.17 8.64 14.22
C GLY A 772 -32.31 8.13 13.37
N PRO A 773 -33.21 7.34 13.97
CA PRO A 773 -34.40 6.83 13.26
C PRO A 773 -35.32 7.95 12.79
N ASP A 774 -35.73 7.90 11.53
CA ASP A 774 -36.63 8.90 10.98
C ASP A 774 -37.79 8.25 10.22
N PHE A 775 -38.66 9.08 9.65
CA PHE A 775 -39.86 8.60 8.98
C PHE A 775 -39.56 8.05 7.58
N TYR A 776 -38.43 8.45 7.01
CA TYR A 776 -38.05 8.01 5.67
C TYR A 776 -37.65 6.53 5.66
N PRO A 777 -37.91 5.83 4.54
CA PRO A 777 -37.67 4.39 4.38
C PRO A 777 -36.26 3.96 4.76
N GLY A 778 -36.15 2.77 5.35
CA GLY A 778 -34.86 2.26 5.77
C GLY A 778 -34.95 0.88 6.42
N TYR A 779 -33.84 0.44 6.99
CA TYR A 779 -33.75 -0.88 7.62
C TYR A 779 -34.67 -1.00 8.82
N LEU A 780 -35.43 -2.10 8.86
CA LEU A 780 -36.29 -2.39 10.01
C LEU A 780 -36.43 -3.90 10.24
N VAL A 781 -36.41 -4.30 11.51
CA VAL A 781 -36.60 -5.69 11.90
C VAL A 781 -37.41 -5.79 13.19
N GLY B 1 32.36 50.36 33.05
CA GLY B 1 31.96 50.45 31.65
C GLY B 1 30.46 50.56 31.49
N TYR B 2 30.02 51.02 30.32
CA TYR B 2 28.60 51.25 30.06
C TYR B 2 27.95 50.13 29.26
N ILE B 3 26.71 49.81 29.61
CA ILE B 3 25.90 48.92 28.79
C ILE B 3 25.53 49.65 27.52
N GLN B 4 25.65 48.96 26.38
CA GLN B 4 25.48 49.58 25.06
C GLN B 4 24.16 50.33 24.93
N GLY B 5 24.26 51.57 24.46
CA GLY B 5 23.09 52.40 24.24
C GLY B 5 22.52 53.03 25.50
N THR B 6 23.17 52.78 26.63
CA THR B 6 22.70 53.29 27.91
C THR B 6 23.78 54.07 28.66
N HIS B 7 23.36 54.86 29.63
CA HIS B 7 24.29 55.57 30.51
C HIS B 7 24.53 54.78 31.80
N VAL B 8 23.93 53.60 31.89
CA VAL B 8 24.06 52.75 33.08
C VAL B 8 25.40 52.02 33.11
N LYS B 9 26.08 52.07 34.25
CA LYS B 9 27.39 51.45 34.40
C LYS B 9 27.33 49.96 34.72
N THR B 10 28.31 49.22 34.22
CA THR B 10 28.48 47.81 34.58
C THR B 10 29.97 47.49 34.71
N ASP B 11 30.28 46.54 35.61
CA ASP B 11 31.65 46.12 35.83
C ASP B 11 32.03 44.96 34.93
N LEU B 12 31.05 44.44 34.20
CA LEU B 12 31.24 43.24 33.37
C LEU B 12 31.73 43.58 31.97
N PRO B 13 32.71 42.81 31.48
CA PRO B 13 33.32 43.05 30.16
C PRO B 13 32.36 42.86 29.00
N GLY B 14 31.53 41.82 29.04
CA GLY B 14 30.51 41.62 28.03
C GLY B 14 31.05 41.37 26.64
N PRO B 15 31.86 40.30 26.45
CA PRO B 15 32.55 40.14 25.17
C PRO B 15 31.60 40.06 23.97
N PHE B 16 31.82 40.93 22.98
CA PHE B 16 31.04 40.92 21.75
C PHE B 16 31.70 40.16 20.59
N HIS B 17 32.97 39.81 20.74
CA HIS B 17 33.73 39.29 19.60
C HIS B 17 34.96 38.51 20.04
N ILE B 18 35.47 37.66 19.14
CA ILE B 18 36.71 36.93 19.40
C ILE B 18 37.44 36.60 18.09
N THR B 19 38.76 36.55 18.16
CA THR B 19 39.58 36.16 17.01
C THR B 19 40.85 35.49 17.51
N MET B 20 41.73 35.10 16.60
CA MET B 20 42.94 34.39 16.97
C MET B 20 44.11 34.76 16.07
N SER B 21 45.31 34.79 16.65
CA SER B 21 46.52 35.05 15.90
C SER B 21 46.75 33.95 14.86
N PRO B 22 47.35 34.30 13.71
CA PRO B 22 47.61 33.32 12.65
C PRO B 22 48.52 32.18 13.12
N ASP B 23 49.30 32.43 14.17
CA ASP B 23 50.13 31.38 14.76
C ASP B 23 49.36 30.64 15.85
N GLY B 24 48.16 31.12 16.13
CA GLY B 24 47.25 30.43 17.03
C GLY B 24 47.63 30.41 18.50
N SER B 25 48.57 31.27 18.88
CA SER B 25 49.04 31.30 20.27
C SER B 25 48.25 32.26 21.14
N THR B 26 47.42 33.11 20.53
CA THR B 26 46.75 34.16 21.28
C THR B 26 45.32 34.44 20.82
N LEU B 27 44.42 34.61 21.80
CA LEU B 27 43.04 34.98 21.54
C LEU B 27 42.79 36.43 21.95
N PHE B 28 42.18 37.20 21.05
CA PHE B 28 41.89 38.60 21.31
C PHE B 28 40.38 38.82 21.42
N ILE B 29 39.92 39.15 22.63
CA ILE B 29 38.49 39.29 22.87
C ILE B 29 38.07 40.75 22.99
N SER B 30 37.13 41.17 22.16
CA SER B 30 36.63 42.54 22.22
C SER B 30 35.53 42.66 23.26
N ASN B 31 35.77 43.47 24.29
CA ASN B 31 34.78 43.66 25.34
C ASN B 31 33.93 44.90 25.07
N GLN B 32 32.65 44.68 24.81
CA GLN B 32 31.74 45.76 24.46
C GLN B 32 31.48 46.67 25.65
N SER B 33 31.20 46.07 26.80
CA SER B 33 30.86 46.82 28.00
C SER B 33 32.10 47.17 28.82
N GLY B 34 33.24 46.61 28.42
CA GLY B 34 34.48 46.86 29.14
C GLY B 34 35.36 47.91 28.47
N HIS B 35 35.02 48.26 27.23
CA HIS B 35 35.76 49.24 26.45
C HIS B 35 37.24 48.90 26.36
N SER B 36 37.53 47.60 26.23
CA SER B 36 38.90 47.11 26.17
C SER B 36 38.97 45.78 25.43
N VAL B 37 40.18 45.25 25.33
CA VAL B 37 40.39 43.96 24.66
C VAL B 37 41.20 43.02 25.56
N THR B 38 40.62 41.85 25.83
CA THR B 38 41.27 40.85 26.68
C THR B 38 42.20 39.95 25.87
N PHE B 39 43.42 39.78 26.35
CA PHE B 39 44.37 38.86 25.73
C PHE B 39 44.38 37.53 26.47
N VAL B 40 44.27 36.43 25.72
CA VAL B 40 44.29 35.11 26.34
C VAL B 40 45.29 34.18 25.66
N ASP B 41 46.21 33.63 26.44
CA ASP B 41 47.14 32.64 25.90
C ASP B 41 46.36 31.36 25.61
N ALA B 42 46.45 30.88 24.38
CA ALA B 42 45.68 29.71 23.96
C ALA B 42 46.14 28.45 24.66
N ARG B 43 47.42 28.38 24.97
CA ARG B 43 48.03 27.19 25.55
C ARG B 43 47.63 27.00 27.03
N THR B 44 47.81 28.05 27.82
CA THR B 44 47.50 28.01 29.25
C THR B 44 46.05 28.41 29.54
N GLN B 45 45.38 28.96 28.52
CA GLN B 45 43.98 29.38 28.57
C GLN B 45 43.65 30.45 29.62
N LYS B 46 44.64 31.21 30.09
CA LYS B 46 44.40 32.22 31.12
C LYS B 46 44.76 33.61 30.58
N VAL B 47 44.22 34.65 31.23
CA VAL B 47 44.35 36.03 30.73
C VAL B 47 45.74 36.63 30.95
N THR B 48 46.39 37.06 29.87
CA THR B 48 47.72 37.64 29.95
C THR B 48 47.72 39.17 30.01
N GLY B 49 46.54 39.76 29.91
CA GLY B 49 46.41 41.20 30.03
C GLY B 49 45.11 41.76 29.46
N GLU B 50 44.86 43.03 29.74
CA GLU B 50 43.70 43.73 29.18
C GLU B 50 44.13 45.09 28.64
N VAL B 51 43.98 45.28 27.33
CA VAL B 51 44.42 46.51 26.69
C VAL B 51 43.28 47.49 26.51
N ALA B 52 43.44 48.69 27.04
CA ALA B 52 42.42 49.72 26.94
C ALA B 52 42.33 50.27 25.52
N VAL B 53 41.13 50.31 24.98
CA VAL B 53 40.90 50.89 23.66
C VAL B 53 39.82 51.95 23.79
N ARG B 54 39.40 52.49 22.66
CA ARG B 54 38.34 53.45 22.69
C ARG B 54 37.05 52.73 23.03
N VAL B 55 35.99 53.50 23.07
CA VAL B 55 34.81 53.11 23.81
C VAL B 55 33.97 52.14 22.94
N GLN B 56 33.37 51.12 23.57
CA GLN B 56 32.63 50.00 22.93
C GLN B 56 33.23 49.36 21.66
N PRO B 57 34.38 48.66 21.78
CA PRO B 57 34.82 47.86 20.63
C PRO B 57 33.87 46.70 20.31
N GLU B 58 33.40 46.59 19.07
CA GLU B 58 32.67 45.39 18.65
C GLU B 58 33.43 44.37 17.80
N ALA B 59 34.68 44.68 17.43
CA ALA B 59 35.42 43.81 16.51
C ALA B 59 36.93 43.99 16.57
N SER B 60 37.67 43.01 16.07
CA SER B 60 39.13 43.10 15.98
C SER B 60 39.70 42.24 14.85
N ALA B 61 40.88 42.61 14.36
CA ALA B 61 41.57 41.84 13.32
C ALA B 61 43.08 41.86 13.54
N VAL B 62 43.72 40.72 13.28
CA VAL B 62 45.15 40.58 13.51
C VAL B 62 45.95 40.60 12.20
N THR B 63 47.08 41.28 12.22
CA THR B 63 47.99 41.29 11.07
C THR B 63 48.60 39.91 10.87
N PRO B 64 48.92 39.55 9.61
CA PRO B 64 49.51 38.24 9.27
C PRO B 64 50.75 37.88 10.10
N ASP B 65 51.56 38.87 10.46
CA ASP B 65 52.72 38.62 11.32
C ASP B 65 52.31 38.48 12.78
N GLY B 66 51.23 39.16 13.15
CA GLY B 66 50.70 39.08 14.51
C GLY B 66 51.35 40.06 15.47
N ALA B 67 51.92 41.13 14.92
CA ALA B 67 52.55 42.16 15.75
C ALA B 67 51.58 43.29 16.11
N PHE B 68 50.41 43.29 15.48
CA PHE B 68 49.44 44.36 15.68
C PHE B 68 48.00 43.86 15.74
N LEU B 69 47.16 44.60 16.46
CA LEU B 69 45.74 44.29 16.52
C LEU B 69 44.91 45.54 16.18
N TYR B 70 44.10 45.42 15.12
CA TYR B 70 43.22 46.50 14.71
C TYR B 70 41.81 46.27 15.27
N VAL B 71 41.40 47.13 16.18
CA VAL B 71 40.14 46.98 16.89
C VAL B 71 39.09 47.99 16.42
N CYS B 72 37.86 47.55 16.25
CA CYS B 72 36.79 48.44 15.83
C CYS B 72 36.01 49.02 17.00
N ASN B 73 36.15 50.32 17.22
CA ASN B 73 35.39 51.00 18.26
C ASN B 73 34.13 51.61 17.65
N ALA B 74 32.98 51.06 18.01
CA ALA B 74 31.71 51.37 17.37
C ALA B 74 31.18 52.77 17.68
N GLU B 75 31.07 53.10 18.97
CA GLU B 75 30.53 54.39 19.39
C GLU B 75 31.53 55.52 19.24
N SER B 76 32.81 55.19 19.33
CA SER B 76 33.85 56.19 19.15
C SER B 76 33.96 56.52 17.67
N ASP B 77 33.26 55.73 16.86
CA ASP B 77 33.27 55.87 15.41
C ASP B 77 34.70 55.75 14.89
N SER B 78 35.48 54.86 15.52
CA SER B 78 36.91 54.80 15.22
C SER B 78 37.47 53.39 15.17
N VAL B 79 38.77 53.32 14.95
CA VAL B 79 39.54 52.08 14.91
C VAL B 79 40.85 52.27 15.68
N SER B 80 41.08 51.44 16.69
CA SER B 80 42.29 51.52 17.48
C SER B 80 43.38 50.59 16.97
N VAL B 81 44.59 51.12 16.81
CA VAL B 81 45.74 50.31 16.47
C VAL B 81 46.53 49.99 17.73
N VAL B 82 46.62 48.70 18.04
CA VAL B 82 47.22 48.22 19.28
C VAL B 82 48.48 47.39 19.03
N ASP B 83 49.53 47.65 19.80
CA ASP B 83 50.72 46.83 19.78
C ASP B 83 50.49 45.59 20.64
N ILE B 84 50.62 44.41 20.05
CA ILE B 84 50.31 43.17 20.74
C ILE B 84 51.37 42.81 21.77
N GLN B 85 52.63 43.00 21.42
CA GLN B 85 53.74 42.71 22.32
C GLN B 85 53.79 43.71 23.48
N ARG B 86 53.56 44.98 23.16
CA ARG B 86 53.62 46.04 24.16
C ARG B 86 52.34 46.14 25.00
N LYS B 87 51.28 45.51 24.52
CA LYS B 87 49.96 45.54 25.18
C LYS B 87 49.48 46.98 25.37
N GLN B 88 49.64 47.79 24.33
CA GLN B 88 49.30 49.21 24.39
C GLN B 88 48.76 49.68 23.05
N GLU B 89 47.75 50.56 23.09
CA GLU B 89 47.21 51.10 21.85
C GLU B 89 48.13 52.21 21.34
N ILE B 90 48.70 52.01 20.16
CA ILE B 90 49.64 52.98 19.60
C ILE B 90 48.98 54.04 18.72
N LYS B 91 47.74 53.83 18.31
CA LYS B 91 47.08 54.86 17.50
C LYS B 91 45.56 54.77 17.51
N GLU B 92 44.91 55.86 17.10
CA GLU B 92 43.48 55.85 16.80
C GLU B 92 43.21 56.51 15.45
N ILE B 93 42.71 55.73 14.51
CA ILE B 93 42.29 56.25 13.22
C ILE B 93 40.77 56.38 13.26
N LYS B 94 40.20 57.39 12.64
CA LYS B 94 38.75 57.54 12.74
C LYS B 94 38.05 57.37 11.39
N VAL B 95 36.93 56.65 11.43
CA VAL B 95 36.26 56.15 10.24
C VAL B 95 34.80 56.56 10.22
N GLY B 96 34.04 56.04 9.27
CA GLY B 96 32.62 56.33 9.16
C GLY B 96 31.84 55.71 10.32
N ASP B 97 30.52 55.81 10.27
CA ASP B 97 29.71 55.47 11.44
C ASP B 97 29.67 53.98 11.75
N TRP B 98 29.94 53.67 13.02
CA TRP B 98 29.75 52.33 13.58
C TRP B 98 30.50 51.23 12.85
N PRO B 99 31.83 51.21 12.93
CA PRO B 99 32.43 50.01 12.36
C PRO B 99 32.00 48.78 13.13
N SER B 100 31.43 47.79 12.44
CA SER B 100 31.09 46.52 13.07
C SER B 100 32.12 45.43 12.78
N GLY B 101 33.10 45.74 11.94
CA GLY B 101 34.09 44.75 11.57
C GLY B 101 35.25 45.29 10.77
N ILE B 102 36.37 44.56 10.83
CA ILE B 102 37.58 44.94 10.13
C ILE B 102 38.36 43.68 9.74
N LYS B 103 38.99 43.71 8.56
CA LYS B 103 39.77 42.56 8.10
C LYS B 103 41.08 43.00 7.44
N ILE B 104 42.15 42.27 7.71
CA ILE B 104 43.45 42.60 7.14
C ILE B 104 43.70 41.83 5.84
N SER B 105 44.25 42.53 4.85
CA SER B 105 44.58 41.93 3.55
C SER B 105 45.62 40.84 3.72
N PRO B 106 45.65 39.86 2.78
CA PRO B 106 46.62 38.77 2.81
C PRO B 106 48.07 39.24 2.91
N ASP B 107 48.41 40.30 2.19
CA ASP B 107 49.76 40.85 2.23
C ASP B 107 49.98 41.66 3.50
N GLY B 108 48.89 41.95 4.21
CA GLY B 108 48.97 42.70 5.46
C GLY B 108 49.19 44.18 5.25
N LYS B 109 49.10 44.62 4.00
CA LYS B 109 49.36 46.01 3.67
C LYS B 109 48.13 46.90 3.83
N THR B 110 46.96 46.29 3.99
CA THR B 110 45.71 47.03 3.98
C THR B 110 44.67 46.43 4.93
N ALA B 111 43.89 47.31 5.57
CA ALA B 111 42.81 46.89 6.46
C ALA B 111 41.49 47.49 5.99
N TYR B 112 40.47 46.65 5.87
CA TYR B 112 39.16 47.09 5.40
C TYR B 112 38.15 47.10 6.54
N VAL B 113 37.49 48.24 6.70
CA VAL B 113 36.59 48.47 7.82
C VAL B 113 35.16 48.71 7.35
N ALA B 114 34.23 47.85 7.79
CA ALA B 114 32.84 47.98 7.38
C ALA B 114 32.08 48.92 8.30
N CYS B 115 31.53 50.00 7.74
CA CYS B 115 30.79 50.97 8.54
C CYS B 115 29.30 50.66 8.54
N SER B 116 28.79 50.26 9.71
CA SER B 116 27.47 49.63 9.82
C SER B 116 26.32 50.59 10.14
N GLY B 117 26.60 51.89 10.19
CA GLY B 117 25.58 52.89 10.46
C GLY B 117 24.37 52.73 9.55
N CYS B 118 23.18 52.86 10.13
CA CYS B 118 21.93 52.58 9.41
C CYS B 118 21.78 53.39 8.12
N MET B 119 22.12 54.67 8.16
CA MET B 119 22.08 55.50 6.96
C MET B 119 23.45 55.59 6.31
N TRP B 120 24.42 54.88 6.88
CA TRP B 120 25.79 54.95 6.39
C TRP B 120 26.18 53.75 5.52
N ASN B 121 26.57 54.00 4.28
CA ASN B 121 27.19 52.95 3.48
C ASN B 121 28.64 53.27 3.18
N ALA B 122 29.55 52.57 3.85
CA ALA B 122 30.97 52.75 3.58
C ALA B 122 31.82 51.53 3.95
N ILE B 123 32.86 51.31 3.17
CA ILE B 123 33.97 50.47 3.58
C ILE B 123 35.24 51.31 3.53
N ASP B 124 35.82 51.59 4.70
CA ASP B 124 36.99 52.45 4.77
C ASP B 124 38.27 51.64 4.73
N VAL B 125 39.17 52.02 3.82
CA VAL B 125 40.43 51.32 3.68
C VAL B 125 41.52 52.04 4.45
N ILE B 126 42.43 51.27 5.03
CA ILE B 126 43.49 51.80 5.88
C ILE B 126 44.83 51.19 5.55
N ASP B 127 45.79 52.03 5.18
CA ASP B 127 47.15 51.56 4.92
C ASP B 127 47.83 51.25 6.25
N THR B 128 48.50 50.12 6.34
CA THR B 128 49.13 49.70 7.60
C THR B 128 50.43 50.47 7.86
N GLY B 129 51.10 50.90 6.79
CA GLY B 129 52.32 51.67 6.91
C GLY B 129 52.04 53.09 7.37
N ARG B 130 51.09 53.74 6.71
CA ARG B 130 50.65 55.08 7.10
C ARG B 130 49.87 55.03 8.41
N MET B 131 49.27 53.87 8.67
CA MET B 131 48.39 53.68 9.82
C MET B 131 47.27 54.72 9.78
N GLU B 132 46.69 54.91 8.59
CA GLU B 132 45.65 55.92 8.40
C GLU B 132 44.70 55.55 7.26
N LYS B 133 43.45 55.99 7.39
CA LYS B 133 42.41 55.86 6.38
C LYS B 133 42.83 56.45 5.03
N VAL B 134 42.73 55.66 3.96
CA VAL B 134 43.09 56.17 2.64
C VAL B 134 41.87 56.72 1.91
N ARG B 135 40.95 55.84 1.55
CA ARG B 135 39.74 56.23 0.85
C ARG B 135 38.53 55.48 1.39
N SER B 136 37.38 55.68 0.75
CA SER B 136 36.17 54.98 1.17
C SER B 136 35.48 54.34 -0.03
N ILE B 137 35.07 53.09 0.14
CA ILE B 137 34.37 52.36 -0.91
C ILE B 137 32.88 52.32 -0.61
N TYR B 138 32.10 53.00 -1.45
CA TYR B 138 30.65 53.09 -1.25
C TYR B 138 29.94 51.84 -1.75
N THR B 139 29.16 51.22 -0.86
CA THR B 139 28.45 49.99 -1.21
C THR B 139 27.16 50.28 -1.96
N SER B 140 26.45 49.22 -2.34
CA SER B 140 25.23 49.36 -3.13
C SER B 140 24.06 49.80 -2.26
N ASP B 141 24.12 49.49 -0.97
CA ASP B 141 23.08 49.90 -0.04
C ASP B 141 23.63 50.12 1.36
N TYR B 142 22.73 50.51 2.28
CA TYR B 142 23.14 50.98 3.61
C TYR B 142 23.50 49.87 4.58
N GLY B 143 24.35 50.21 5.55
CA GLY B 143 24.66 49.36 6.68
C GLY B 143 25.40 48.05 6.46
N PRO B 144 26.59 48.09 5.83
CA PRO B 144 27.35 46.84 5.78
C PRO B 144 27.72 46.36 7.18
N ARG B 145 27.40 45.11 7.50
CA ARG B 145 27.69 44.56 8.82
C ARG B 145 29.13 44.08 8.98
N MET B 146 29.63 43.35 7.97
CA MET B 146 30.94 42.73 8.04
C MET B 146 31.50 42.55 6.64
N VAL B 147 32.83 42.52 6.50
CA VAL B 147 33.41 42.16 5.22
C VAL B 147 34.20 40.87 5.33
N GLU B 148 34.68 40.38 4.20
CA GLU B 148 35.59 39.23 4.15
C GLU B 148 36.47 39.32 2.91
N ILE B 149 37.72 38.90 3.04
CA ILE B 149 38.63 38.93 1.90
C ILE B 149 38.91 37.51 1.39
N SER B 150 38.93 37.36 0.07
CA SER B 150 39.22 36.08 -0.56
C SER B 150 40.64 35.61 -0.25
N PRO B 151 40.86 34.29 -0.31
CA PRO B 151 42.23 33.77 -0.25
C PRO B 151 43.04 34.29 -1.43
N ASP B 152 42.33 34.60 -2.52
CA ASP B 152 42.92 35.24 -3.69
C ASP B 152 43.44 36.62 -3.29
N GLY B 153 42.67 37.32 -2.47
CA GLY B 153 43.03 38.64 -2.01
C GLY B 153 42.63 39.73 -3.00
N LYS B 154 42.08 39.32 -4.13
CA LYS B 154 41.67 40.25 -5.17
C LYS B 154 40.18 40.62 -5.10
N THR B 155 39.44 40.01 -4.18
CA THR B 155 38.00 40.28 -4.06
C THR B 155 37.55 40.42 -2.60
N LEU B 156 36.59 41.32 -2.38
CA LEU B 156 36.12 41.66 -1.05
C LEU B 156 34.59 41.68 -1.01
N VAL B 157 33.98 40.81 -0.22
CA VAL B 157 32.52 40.83 -0.08
C VAL B 157 32.07 41.60 1.15
N ALA B 158 30.95 42.29 1.03
CA ALA B 158 30.35 42.98 2.17
C ALA B 158 28.88 42.62 2.29
N ILE B 159 28.50 42.04 3.42
CA ILE B 159 27.09 41.78 3.68
C ILE B 159 26.40 43.09 4.04
N LEU B 160 25.35 43.42 3.30
CA LEU B 160 24.62 44.65 3.56
C LEU B 160 23.37 44.35 4.36
N ASP B 161 23.36 44.77 5.61
CA ASP B 161 22.19 44.59 6.44
C ASP B 161 21.46 45.93 6.45
N THR B 162 20.32 45.96 5.78
CA THR B 162 19.66 47.23 5.48
C THR B 162 18.32 47.31 6.18
N VAL B 163 18.19 48.28 7.08
CA VAL B 163 16.96 48.47 7.83
C VAL B 163 15.79 48.79 6.90
N GLY B 164 14.63 48.22 7.22
CA GLY B 164 13.43 48.45 6.43
C GLY B 164 13.46 47.80 5.07
N SER B 165 14.21 46.71 4.94
CA SER B 165 14.31 45.99 3.68
C SER B 165 14.15 44.48 3.87
N ILE B 166 13.28 43.88 3.07
CA ILE B 166 13.07 42.45 3.07
C ILE B 166 14.17 41.72 2.27
N ASN B 167 14.55 42.32 1.14
CA ASN B 167 15.60 41.75 0.31
C ASN B 167 16.94 42.38 0.67
N ARG B 168 17.83 41.59 1.25
CA ARG B 168 19.11 42.12 1.71
C ARG B 168 20.27 41.46 0.98
N SER B 169 21.21 42.26 0.50
CA SER B 169 22.18 41.78 -0.47
C SER B 169 23.61 41.71 0.03
N VAL B 170 24.48 41.26 -0.87
CA VAL B 170 25.91 41.17 -0.63
C VAL B 170 26.64 41.81 -1.79
N ASP B 171 27.60 42.69 -1.49
CA ASP B 171 28.36 43.39 -2.51
C ASP B 171 29.70 42.72 -2.78
N PHE B 172 30.05 42.62 -4.06
CA PHE B 172 31.35 42.12 -4.48
C PHE B 172 32.23 43.27 -4.94
N ILE B 173 33.42 43.37 -4.35
CA ILE B 173 34.36 44.45 -4.65
C ILE B 173 35.63 43.90 -5.26
N ASP B 174 36.14 44.58 -6.28
CA ASP B 174 37.45 44.22 -6.83
C ASP B 174 38.49 45.09 -6.13
N ILE B 175 39.34 44.45 -5.33
CA ILE B 175 40.28 45.16 -4.47
C ILE B 175 41.23 46.05 -5.24
N ALA B 176 41.76 45.55 -6.35
CA ALA B 176 42.64 46.34 -7.20
C ALA B 176 41.89 47.53 -7.81
N SER B 177 40.63 47.29 -8.21
CA SER B 177 39.81 48.34 -8.79
C SER B 177 39.22 49.26 -7.72
N GLY B 178 38.74 48.67 -6.63
CA GLY B 178 38.24 49.42 -5.51
C GLY B 178 36.79 49.86 -5.56
N ARG B 179 35.98 49.20 -6.38
CA ARG B 179 34.54 49.49 -6.40
C ARG B 179 33.70 48.25 -6.73
N VAL B 180 32.39 48.43 -6.83
CA VAL B 180 31.47 47.30 -6.92
C VAL B 180 31.39 46.71 -8.32
N VAL B 181 31.75 45.44 -8.44
CA VAL B 181 31.54 44.70 -9.68
C VAL B 181 30.11 44.15 -9.78
N GLU B 182 29.59 43.60 -8.68
CA GLU B 182 28.29 42.94 -8.70
C GLU B 182 27.60 43.00 -7.33
N ASN B 183 26.27 42.98 -7.35
CA ASN B 183 25.48 42.92 -6.12
C ASN B 183 24.49 41.76 -6.16
N ARG B 184 24.59 40.84 -5.20
CA ARG B 184 23.71 39.67 -5.20
C ARG B 184 22.74 39.69 -4.02
N VAL B 185 21.44 39.67 -4.34
CA VAL B 185 20.40 39.83 -3.35
C VAL B 185 19.93 38.51 -2.72
N ILE B 186 19.99 38.45 -1.40
CA ILE B 186 19.31 37.37 -0.67
C ILE B 186 17.87 37.79 -0.41
N HIS B 187 16.94 37.00 -0.94
CA HIS B 187 15.52 37.33 -0.85
C HIS B 187 14.91 36.89 0.47
N GLU B 188 14.01 37.72 1.00
CA GLU B 188 13.32 37.46 2.26
C GLU B 188 14.30 37.21 3.40
N SER B 189 15.29 38.07 3.51
CA SER B 189 16.30 37.92 4.55
C SER B 189 16.34 39.13 5.47
N SER B 190 16.85 38.92 6.68
CA SER B 190 17.06 40.01 7.63
C SER B 190 18.15 39.62 8.61
N ASN B 191 18.73 40.62 9.26
CA ASN B 191 19.72 40.40 10.31
C ASN B 191 20.92 39.55 9.88
N LEU B 192 21.63 39.97 8.83
CA LEU B 192 22.80 39.21 8.42
C LEU B 192 23.93 39.58 9.36
N ARG B 193 24.40 38.63 10.15
CA ARG B 193 25.45 38.92 11.12
C ARG B 193 26.90 38.60 10.70
N ASP B 194 27.08 37.86 9.61
CA ASP B 194 28.43 37.45 9.23
C ASP B 194 28.54 37.01 7.78
N VAL B 195 29.76 37.02 7.26
CA VAL B 195 30.06 36.39 5.98
C VAL B 195 31.45 35.73 6.02
N VAL B 196 31.54 34.49 5.56
CA VAL B 196 32.83 33.81 5.52
C VAL B 196 33.11 33.18 4.17
N TYR B 197 34.39 32.90 3.91
CA TYR B 197 34.82 32.28 2.66
C TYR B 197 35.23 30.83 2.86
N THR B 198 35.00 30.02 1.82
CA THR B 198 35.56 28.68 1.78
C THR B 198 37.02 28.78 1.36
N PRO B 199 37.88 27.87 1.88
CA PRO B 199 39.32 27.89 1.62
C PRO B 199 39.69 27.93 0.13
N ASP B 200 38.85 27.36 -0.72
CA ASP B 200 39.09 27.38 -2.16
C ASP B 200 38.49 28.63 -2.79
N GLY B 201 37.71 29.37 -2.02
CA GLY B 201 37.15 30.64 -2.46
C GLY B 201 36.04 30.51 -3.49
N LYS B 202 35.47 29.33 -3.61
CA LYS B 202 34.39 29.09 -4.57
C LYS B 202 33.00 29.34 -3.99
N TYR B 203 32.95 29.55 -2.67
CA TYR B 203 31.66 29.76 -2.00
C TYR B 203 31.79 30.75 -0.84
N ILE B 204 30.67 31.36 -0.46
CA ILE B 204 30.60 32.19 0.73
C ILE B 204 29.40 31.80 1.57
N ALA B 205 29.55 31.87 2.88
CA ALA B 205 28.45 31.54 3.79
C ALA B 205 27.98 32.79 4.54
N VAL B 206 26.68 32.94 4.66
CA VAL B 206 26.08 34.08 5.35
C VAL B 206 24.95 33.65 6.29
N THR B 207 25.10 33.93 7.58
CA THR B 207 24.04 33.64 8.54
C THR B 207 23.00 34.75 8.59
N HIS B 208 21.73 34.38 8.61
CA HIS B 208 20.65 35.35 8.65
C HIS B 208 19.32 34.73 9.07
N GLN B 209 18.27 35.54 9.06
CA GLN B 209 16.92 35.08 9.36
C GLN B 209 15.98 35.32 8.19
N THR B 210 14.99 34.45 8.06
CA THR B 210 13.94 34.64 7.08
C THR B 210 12.63 34.92 7.80
N PRO B 211 12.19 36.19 7.76
CA PRO B 211 10.87 36.56 8.29
C PRO B 211 9.76 36.23 7.30
N LYS B 212 8.55 35.97 7.77
CA LYS B 212 7.42 36.11 6.86
C LYS B 212 6.69 37.37 7.32
N ASN B 213 6.88 38.44 6.57
CA ASN B 213 6.29 39.73 6.91
C ASN B 213 4.84 39.88 6.44
N TRP B 214 4.51 39.20 5.35
CA TRP B 214 3.23 39.37 4.68
C TRP B 214 2.15 38.49 5.30
N LEU B 215 2.50 37.79 6.37
CA LEU B 215 1.56 36.87 6.99
C LEU B 215 1.15 37.37 8.37
N PRO B 216 -0.07 37.04 8.80
CA PRO B 216 -0.56 37.38 10.13
C PRO B 216 0.33 36.81 11.21
N VAL B 217 0.43 37.48 12.35
CA VAL B 217 1.18 36.90 13.45
C VAL B 217 0.18 36.15 14.32
N CYS B 218 0.29 34.83 14.31
CA CYS B 218 -0.73 33.97 14.91
C CYS B 218 -0.12 32.93 15.85
N GLU B 219 0.66 32.02 15.30
N GLU B 219 0.67 32.02 15.31
CA GLU B 219 1.31 30.99 16.11
CA GLU B 219 1.31 31.02 16.15
C GLU B 219 2.83 31.09 16.02
C GLU B 219 2.83 31.07 16.00
N ALA B 220 3.52 30.27 16.81
CA ALA B 220 4.98 30.17 16.73
C ALA B 220 5.43 28.94 15.94
N GLU B 221 4.48 28.11 15.53
CA GLU B 221 4.79 26.81 14.95
C GLU B 221 5.23 26.90 13.50
N ASN B 222 6.06 25.94 13.09
CA ASN B 222 6.53 25.84 11.71
C ASN B 222 7.11 27.13 11.18
N GLY B 223 7.78 27.89 12.05
CA GLY B 223 8.41 29.14 11.67
C GLY B 223 7.50 30.11 10.95
N GLN B 224 6.30 30.31 11.51
CA GLN B 224 5.31 31.17 10.88
C GLN B 224 5.79 32.62 10.83
N VAL B 225 6.56 33.02 11.82
CA VAL B 225 7.06 34.39 11.90
C VAL B 225 8.51 34.45 11.42
N PHE B 226 9.40 33.78 12.15
CA PHE B 226 10.81 33.74 11.80
C PHE B 226 11.33 32.31 11.63
N THR B 227 12.12 32.10 10.57
CA THR B 227 12.94 30.90 10.46
C THR B 227 14.39 31.35 10.45
N ASN B 228 15.31 30.46 10.80
CA ASN B 228 16.71 30.83 10.85
C ASN B 228 17.52 30.07 9.80
N ASN B 229 18.30 30.82 9.01
CA ASN B 229 18.91 30.23 7.83
C ASN B 229 20.37 30.60 7.60
N VAL B 230 21.09 29.69 6.96
CA VAL B 230 22.43 29.96 6.46
C VAL B 230 22.40 29.87 4.93
N THR B 231 23.00 30.85 4.27
CA THR B 231 22.96 30.90 2.82
C THR B 231 24.35 30.74 2.20
N ILE B 232 24.46 29.79 1.27
CA ILE B 232 25.70 29.56 0.55
C ILE B 232 25.60 30.15 -0.86
N ILE B 233 26.51 31.07 -1.18
CA ILE B 233 26.53 31.68 -2.49
C ILE B 233 27.79 31.27 -3.27
N GLU B 234 27.59 30.78 -4.49
CA GLU B 234 28.71 30.43 -5.34
C GLU B 234 29.34 31.68 -5.91
N THR B 235 30.64 31.85 -5.67
CA THR B 235 31.35 33.06 -6.09
C THR B 235 31.48 33.14 -7.60
N LYS B 236 31.17 32.03 -8.27
CA LYS B 236 31.13 31.97 -9.73
C LYS B 236 30.16 33.01 -10.29
N ALA B 237 30.49 33.57 -11.45
CA ALA B 237 29.60 34.52 -12.11
C ALA B 237 28.29 33.82 -12.49
N GLY B 238 27.17 34.39 -12.07
CA GLY B 238 25.88 33.76 -12.27
C GLY B 238 25.69 32.55 -11.37
N GLY B 239 26.47 32.51 -10.29
CA GLY B 239 26.44 31.39 -9.36
C GLY B 239 25.13 31.29 -8.58
N LYS B 240 24.90 30.12 -8.00
CA LYS B 240 23.68 29.87 -7.25
C LYS B 240 23.66 30.61 -5.92
N VAL B 241 22.48 31.03 -5.49
CA VAL B 241 22.29 31.52 -4.13
C VAL B 241 21.37 30.54 -3.40
N ALA B 242 21.94 29.81 -2.44
CA ALA B 242 21.21 28.73 -1.80
C ALA B 242 20.88 29.05 -0.35
N ARG B 243 19.59 29.27 -0.08
CA ARG B 243 19.13 29.52 1.27
C ARG B 243 18.76 28.21 1.95
N LEU B 244 19.47 27.88 3.02
CA LEU B 244 19.26 26.60 3.70
C LEU B 244 18.83 26.80 5.14
N PRO B 245 17.93 25.93 5.64
CA PRO B 245 17.42 26.02 7.01
C PRO B 245 18.44 25.63 8.06
N LEU B 246 18.44 26.34 9.19
CA LEU B 246 19.21 25.92 10.36
C LEU B 246 18.34 25.19 11.39
N ASP B 247 17.05 25.06 11.10
CA ASP B 247 16.08 24.67 12.13
C ASP B 247 15.52 23.26 11.98
N ASP B 248 15.21 22.64 13.11
CA ASP B 248 14.35 21.46 13.14
C ASP B 248 12.90 21.93 13.11
N LEU B 249 11.95 20.99 13.14
CA LEU B 249 10.55 21.36 13.20
C LEU B 249 10.23 22.01 14.55
N ASN B 250 10.54 21.32 15.64
CA ASN B 250 10.29 21.81 16.98
C ASN B 250 11.51 22.46 17.65
N ASN B 251 12.63 22.52 16.92
CA ASN B 251 13.84 23.11 17.46
C ASN B 251 14.48 24.10 16.49
N TYR B 252 14.63 25.34 16.93
CA TYR B 252 15.16 26.40 16.09
C TYR B 252 16.46 26.97 16.67
N ASP B 253 17.31 27.53 15.82
CA ASP B 253 18.49 28.22 16.33
C ASP B 253 18.24 29.72 16.28
N GLY B 254 18.03 30.33 17.45
CA GLY B 254 17.68 31.73 17.50
C GLY B 254 18.84 32.65 17.14
N ASN B 255 18.61 33.52 16.16
CA ASN B 255 19.57 34.56 15.81
C ASN B 255 21.00 34.08 15.62
N PRO B 256 21.29 33.38 14.51
CA PRO B 256 22.66 32.98 14.23
C PRO B 256 23.56 34.19 13.97
N TYR B 257 24.73 34.23 14.58
CA TYR B 257 25.58 35.41 14.50
C TYR B 257 26.95 35.16 13.87
N GLY B 258 27.84 34.53 14.63
CA GLY B 258 29.22 34.38 14.22
C GLY B 258 29.46 33.11 13.41
N MET B 259 30.50 33.16 12.57
CA MET B 259 30.85 31.98 11.77
C MET B 259 32.35 31.75 11.72
N ALA B 260 32.73 30.48 11.80
CA ALA B 260 34.12 30.07 11.68
C ALA B 260 34.22 28.95 10.65
N MET B 261 35.10 29.16 9.65
CA MET B 261 35.27 28.21 8.57
C MET B 261 36.50 27.33 8.81
N ASP B 262 36.30 26.02 8.70
CA ASP B 262 37.40 25.06 8.84
C ASP B 262 38.48 25.35 7.80
N PRO B 263 39.75 25.32 8.23
CA PRO B 263 40.90 25.63 7.36
C PRO B 263 40.91 24.82 6.05
N LYS B 264 40.50 23.56 6.12
CA LYS B 264 40.37 22.74 4.92
C LYS B 264 38.93 22.74 4.38
N GLY B 265 38.06 23.49 5.05
CA GLY B 265 36.70 23.67 4.58
C GLY B 265 35.78 22.47 4.79
N LYS B 266 36.11 21.64 5.77
CA LYS B 266 35.30 20.45 6.05
C LYS B 266 34.06 20.77 6.87
N TYR B 267 34.18 21.67 7.83
CA TYR B 267 33.08 22.00 8.72
C TYR B 267 32.77 23.50 8.76
N LEU B 268 31.53 23.83 9.08
CA LEU B 268 31.14 25.22 9.32
C LEU B 268 30.66 25.38 10.76
N TYR B 269 31.14 26.43 11.43
CA TYR B 269 30.77 26.66 12.82
C TYR B 269 29.94 27.92 12.95
N ILE B 270 28.76 27.79 13.55
CA ILE B 270 27.83 28.93 13.66
C ILE B 270 27.45 29.23 15.09
N GLY B 271 27.85 30.42 15.57
CA GLY B 271 27.40 30.90 16.86
C GLY B 271 25.92 31.21 16.86
N VAL B 272 25.18 30.58 17.76
CA VAL B 272 23.75 30.84 17.90
C VAL B 272 23.51 31.54 19.22
N ARG B 273 23.16 32.83 19.10
CA ARG B 273 23.11 33.76 20.21
C ARG B 273 21.85 33.61 21.06
N GLY B 274 20.73 33.40 20.37
CA GLY B 274 19.46 33.27 21.05
C GLY B 274 19.32 31.97 21.81
N MET B 275 19.75 30.88 21.19
CA MET B 275 19.66 29.56 21.81
C MET B 275 20.95 29.17 22.54
N HIS B 276 21.92 30.09 22.55
CA HIS B 276 23.14 29.91 23.33
C HIS B 276 23.88 28.62 22.99
N ARG B 277 24.16 28.39 21.72
CA ARG B 277 24.82 27.14 21.34
C ARG B 277 25.60 27.26 20.03
N VAL B 278 26.54 26.36 19.81
CA VAL B 278 27.31 26.38 18.58
C VAL B 278 26.86 25.27 17.64
N THR B 279 26.33 25.65 16.48
CA THR B 279 25.87 24.69 15.49
C THR B 279 26.99 24.35 14.51
N ILE B 280 27.40 23.09 14.51
CA ILE B 280 28.44 22.61 13.62
C ILE B 280 27.85 21.80 12.47
N LEU B 281 28.18 22.21 11.25
CA LEU B 281 27.63 21.59 10.04
C LEU B 281 28.73 20.97 9.17
N ASP B 282 28.35 19.96 8.40
CA ASP B 282 29.27 19.31 7.47
C ASP B 282 29.21 20.01 6.12
N MET B 283 30.31 20.64 5.74
CA MET B 283 30.33 21.51 4.57
C MET B 283 30.39 20.76 3.25
N ASP B 284 30.88 19.52 3.28
CA ASP B 284 30.93 18.72 2.07
C ASP B 284 29.54 18.19 1.72
N LYS B 285 28.72 17.98 2.74
CA LYS B 285 27.34 17.58 2.53
C LYS B 285 26.50 18.77 2.09
N VAL B 286 26.79 19.94 2.65
CA VAL B 286 26.10 21.17 2.27
C VAL B 286 26.41 21.55 0.83
N LEU B 287 27.70 21.67 0.51
CA LEU B 287 28.14 22.01 -0.83
C LEU B 287 27.76 20.91 -1.81
N GLY B 288 27.78 19.67 -1.33
CA GLY B 288 27.32 18.55 -2.14
C GLY B 288 25.86 18.74 -2.51
N LEU B 289 25.07 19.22 -1.55
CA LEU B 289 23.66 19.50 -1.78
C LEU B 289 23.48 20.66 -2.74
N VAL B 290 24.35 21.65 -2.64
CA VAL B 290 24.28 22.83 -3.51
C VAL B 290 24.58 22.47 -4.96
N ARG B 291 25.64 21.69 -5.17
CA ARG B 291 26.06 21.34 -6.53
C ARG B 291 25.07 20.40 -7.22
N SER B 292 24.44 19.53 -6.45
CA SER B 292 23.57 18.50 -7.01
C SER B 292 22.10 18.95 -7.11
N SER B 293 21.81 20.18 -6.71
CA SER B 293 20.45 20.69 -6.75
C SER B 293 20.34 21.93 -7.63
N THR B 294 19.20 22.08 -8.30
CA THR B 294 18.93 23.27 -9.08
C THR B 294 18.54 24.41 -8.16
N GLN B 295 18.28 25.59 -8.72
CA GLN B 295 17.90 26.73 -7.92
C GLN B 295 16.50 26.54 -7.35
N GLU B 296 15.61 26.01 -8.19
CA GLU B 296 14.23 25.74 -7.79
C GLU B 296 14.17 24.78 -6.62
N GLU B 297 14.88 23.66 -6.75
CA GLU B 297 14.90 22.62 -5.72
C GLU B 297 15.44 23.14 -4.40
N LEU B 298 16.46 23.99 -4.47
CA LEU B 298 17.03 24.59 -3.27
C LEU B 298 16.04 25.56 -2.63
N ASP B 299 15.39 26.37 -3.45
CA ASP B 299 14.38 27.31 -2.99
C ASP B 299 13.23 26.59 -2.30
N TYR B 300 12.89 25.40 -2.79
CA TYR B 300 11.88 24.59 -2.14
C TYR B 300 12.42 23.97 -0.85
N LEU B 301 13.70 23.61 -0.86
CA LEU B 301 14.32 22.94 0.27
C LEU B 301 14.60 23.89 1.43
N ARG B 302 14.53 25.19 1.16
CA ARG B 302 14.75 26.19 2.21
C ARG B 302 13.72 26.04 3.33
N ASP B 303 12.51 25.65 2.98
CA ASP B 303 11.42 25.50 3.94
C ASP B 303 11.29 24.07 4.47
N ASP B 304 12.20 23.20 4.07
CA ASP B 304 12.21 21.84 4.59
C ASP B 304 12.76 21.87 6.01
N LEU B 305 11.97 21.40 6.97
CA LEU B 305 12.34 21.47 8.37
C LEU B 305 13.00 20.18 8.87
N GLY B 306 13.11 19.19 7.98
CA GLY B 306 13.83 17.97 8.31
C GLY B 306 15.18 17.89 7.60
N LEU B 307 15.48 18.88 6.78
CA LEU B 307 16.67 18.85 5.92
C LEU B 307 17.98 18.94 6.71
N VAL B 308 18.00 19.77 7.74
CA VAL B 308 19.20 20.03 8.54
C VAL B 308 19.90 18.74 8.98
N ARG B 309 19.11 17.77 9.43
CA ARG B 309 19.64 16.53 9.98
C ARG B 309 20.55 15.80 9.00
N ASP B 310 20.40 16.11 7.71
CA ASP B 310 21.31 15.55 6.72
C ASP B 310 22.73 16.09 6.91
N TYR B 311 22.87 17.41 6.90
CA TYR B 311 24.20 18.02 7.00
C TYR B 311 24.61 18.49 8.41
N LEU B 312 23.76 18.26 9.41
CA LEU B 312 24.07 18.78 10.74
C LEU B 312 24.99 17.83 11.51
N VAL B 313 26.20 18.29 11.80
CA VAL B 313 27.14 17.51 12.61
C VAL B 313 26.76 17.49 14.07
N ALA B 314 26.61 18.67 14.67
CA ALA B 314 26.34 18.78 16.10
C ALA B 314 25.73 20.11 16.52
N ARG B 315 25.13 20.13 17.71
CA ARG B 315 24.82 21.39 18.37
C ARG B 315 25.39 21.34 19.79
N VAL B 316 26.37 22.20 20.05
CA VAL B 316 27.15 22.15 21.28
C VAL B 316 26.74 23.23 22.29
N PRO B 317 26.45 22.81 23.53
CA PRO B 317 26.10 23.73 24.62
C PRO B 317 27.18 24.79 24.86
N THR B 318 26.74 26.03 25.06
CA THR B 318 27.67 27.16 25.23
C THR B 318 27.18 28.05 26.37
N GLY B 319 27.92 29.11 26.65
CA GLY B 319 27.47 30.11 27.61
C GLY B 319 26.39 30.96 26.99
N LEU B 320 25.93 31.96 27.73
CA LEU B 320 24.83 32.80 27.26
C LEU B 320 25.31 33.88 26.29
N GLY B 321 24.61 34.02 25.18
CA GLY B 321 24.95 34.99 24.15
C GLY B 321 26.26 34.79 23.40
N PRO B 322 26.44 33.62 22.77
CA PRO B 322 27.68 33.41 22.00
C PRO B 322 27.63 34.14 20.66
N SER B 323 27.94 35.44 20.70
CA SER B 323 27.80 36.29 19.52
C SER B 323 28.89 36.08 18.46
N SER B 324 30.00 35.45 18.85
CA SER B 324 31.12 35.26 17.93
C SER B 324 31.87 33.96 18.17
N VAL B 325 32.45 33.41 17.11
CA VAL B 325 33.24 32.19 17.19
C VAL B 325 34.51 32.29 16.35
N CYS B 326 35.53 31.53 16.72
CA CYS B 326 36.77 31.48 15.94
C CYS B 326 37.44 30.12 16.04
N LEU B 327 38.35 29.85 15.11
CA LEU B 327 39.04 28.57 15.06
C LEU B 327 40.55 28.69 15.18
N SER B 328 41.18 27.63 15.70
CA SER B 328 42.63 27.51 15.69
C SER B 328 43.07 27.15 14.28
N PRO B 329 44.31 27.51 13.91
CA PRO B 329 44.80 27.26 12.54
C PRO B 329 44.78 25.78 12.15
N ASP B 330 44.85 24.88 13.13
CA ASP B 330 44.78 23.45 12.85
C ASP B 330 43.32 22.98 12.78
N GLY B 331 42.41 23.86 13.20
CA GLY B 331 40.98 23.58 13.13
C GLY B 331 40.49 22.56 14.14
N LYS B 332 41.32 22.24 15.12
CA LYS B 332 40.98 21.23 16.10
C LYS B 332 40.24 21.80 17.31
N PHE B 333 40.18 23.12 17.39
CA PHE B 333 39.52 23.79 18.52
C PHE B 333 38.69 25.00 18.08
N CYS B 334 37.50 25.13 18.65
CA CYS B 334 36.61 26.23 18.34
C CYS B 334 36.24 27.02 19.59
N TYR B 335 36.53 28.31 19.59
CA TYR B 335 36.24 29.16 20.73
C TYR B 335 35.01 30.03 20.49
N ALA B 336 34.14 30.10 21.49
CA ALA B 336 32.90 30.89 21.38
C ALA B 336 32.80 31.94 22.48
N ALA B 337 32.66 33.21 22.09
CA ALA B 337 32.62 34.32 23.04
C ALA B 337 31.20 34.57 23.55
N ASN B 338 31.02 34.43 24.86
CA ASN B 338 29.73 34.60 25.51
C ASN B 338 29.63 35.91 26.30
N TYR B 339 28.73 36.77 25.82
CA TYR B 339 28.52 38.12 26.34
C TYR B 339 27.97 38.16 27.77
N PHE B 340 26.85 37.49 27.98
CA PHE B 340 26.17 37.57 29.27
C PHE B 340 26.91 36.78 30.35
N SER B 341 27.44 35.62 29.97
CA SER B 341 28.20 34.80 30.90
C SER B 341 29.61 35.35 31.08
N ASN B 342 29.97 36.33 30.25
CA ASN B 342 31.27 36.98 30.31
C ASN B 342 32.42 36.00 30.20
N ASN B 343 32.34 35.06 29.27
CA ASN B 343 33.39 34.04 29.19
C ASN B 343 33.60 33.49 27.79
N VAL B 344 34.45 32.47 27.68
CA VAL B 344 34.72 31.85 26.40
C VAL B 344 34.63 30.34 26.50
N THR B 345 33.82 29.73 25.65
CA THR B 345 33.66 28.28 25.64
C THR B 345 34.64 27.64 24.65
N VAL B 346 35.40 26.66 25.13
CA VAL B 346 36.37 25.95 24.32
C VAL B 346 35.81 24.60 23.87
N ILE B 347 35.79 24.39 22.56
CA ILE B 347 35.21 23.18 21.98
C ILE B 347 36.22 22.36 21.22
N ARG B 348 36.26 21.05 21.49
CA ARG B 348 37.07 20.13 20.72
C ARG B 348 36.27 19.68 19.51
N THR B 349 36.78 19.96 18.32
CA THR B 349 36.04 19.69 17.08
C THR B 349 36.18 18.24 16.63
N ALA B 350 35.54 17.92 15.52
CA ALA B 350 35.58 16.56 14.97
C ALA B 350 36.93 16.26 14.33
N VAL B 351 37.66 17.32 13.98
CA VAL B 351 38.98 17.18 13.36
C VAL B 351 39.97 16.50 14.32
N ASP B 352 40.66 15.48 13.82
CA ASP B 352 41.63 14.75 14.62
C ASP B 352 42.90 14.49 13.84
N GLY C 1 36.41 12.71 15.87
CA GLY C 1 35.51 12.29 16.92
C GLY C 1 34.26 13.16 16.99
N GLN C 2 33.57 13.10 18.12
CA GLN C 2 32.37 13.90 18.33
C GLN C 2 32.69 15.19 19.08
N PRO C 3 32.22 16.33 18.55
CA PRO C 3 32.44 17.65 19.15
C PRO C 3 31.92 17.73 20.59
N ARG C 4 32.72 18.32 21.47
CA ARG C 4 32.36 18.41 22.88
C ARG C 4 33.05 19.60 23.55
N VAL C 5 32.54 20.00 24.71
CA VAL C 5 33.13 21.09 25.48
C VAL C 5 34.13 20.55 26.50
N ILE C 6 35.40 20.84 26.30
CA ILE C 6 36.44 20.42 27.23
C ILE C 6 36.57 21.36 28.42
N SER C 7 36.50 22.67 28.16
CA SER C 7 36.73 23.66 29.21
C SER C 7 36.08 25.00 28.89
N THR C 8 35.94 25.85 29.91
CA THR C 8 35.43 27.20 29.73
C THR C 8 36.36 28.22 30.37
N ILE C 9 36.82 29.17 29.58
CA ILE C 9 37.69 30.23 30.08
C ILE C 9 36.87 31.41 30.57
N GLN C 10 36.97 31.72 31.86
CA GLN C 10 36.24 32.85 32.42
C GLN C 10 37.11 34.10 32.40
N THR C 11 36.81 35.02 31.49
CA THR C 11 37.58 36.25 31.37
C THR C 11 37.15 37.30 32.39
N GLY C 12 35.85 37.50 32.52
CA GLY C 12 35.30 38.48 33.44
C GLY C 12 34.64 37.82 34.64
N ALA C 13 33.81 38.57 35.34
CA ALA C 13 33.09 38.05 36.50
C ALA C 13 31.90 37.21 36.07
N THR C 14 31.51 36.26 36.92
CA THR C 14 30.39 35.39 36.63
C THR C 14 29.06 36.15 36.72
N TRP C 15 28.17 35.89 35.76
CA TRP C 15 26.87 36.53 35.74
C TRP C 15 25.77 35.55 35.36
N GLU C 16 24.72 35.51 36.17
CA GLU C 16 23.57 34.65 35.88
C GLU C 16 22.29 35.49 35.77
N PRO C 17 21.37 35.09 34.89
CA PRO C 17 20.12 35.82 34.67
C PRO C 17 19.07 35.53 35.74
N LEU C 18 17.91 36.18 35.61
CA LEU C 18 16.82 36.00 36.56
C LEU C 18 16.16 34.64 36.36
N GLY C 19 15.62 34.09 37.44
CA GLY C 19 14.97 32.79 37.38
C GLY C 19 13.60 32.84 36.74
N ARG C 20 12.95 31.68 36.66
CA ARG C 20 11.62 31.57 36.07
C ARG C 20 10.54 32.16 36.97
N GLU C 21 10.55 31.74 38.23
CA GLU C 21 9.56 32.16 39.23
C GLU C 21 8.13 31.90 38.76
N GLU C 22 7.25 32.87 38.99
CA GLU C 22 5.84 32.73 38.64
C GLU C 22 5.42 33.71 37.55
N PRO C 23 5.04 33.18 36.38
CA PRO C 23 4.57 33.97 35.23
C PRO C 23 3.32 34.77 35.55
N LEU C 24 3.22 35.97 34.98
CA LEU C 24 2.05 36.82 35.17
C LEU C 24 0.89 36.34 34.33
N THR C 25 -0.33 36.55 34.83
CA THR C 25 -1.52 36.37 34.01
C THR C 25 -1.70 37.63 33.16
N VAL C 26 -2.39 37.49 32.04
CA VAL C 26 -2.67 38.64 31.17
C VAL C 26 -3.41 39.76 31.93
N PRO C 27 -4.40 39.42 32.78
CA PRO C 27 -4.98 40.50 33.58
C PRO C 27 -3.95 41.18 34.50
N GLU C 28 -3.02 40.40 35.04
CA GLU C 28 -1.95 40.96 35.88
C GLU C 28 -1.05 41.89 35.06
N VAL C 29 -0.87 41.57 33.79
CA VAL C 29 -0.10 42.43 32.88
C VAL C 29 -0.86 43.73 32.65
N HIS C 30 -2.16 43.61 32.39
CA HIS C 30 -3.02 44.78 32.22
C HIS C 30 -3.17 45.55 33.53
N PHE C 31 -2.93 44.85 34.65
CA PHE C 31 -3.06 45.45 35.97
C PHE C 31 -1.98 46.49 36.22
N ARG C 32 -0.92 46.46 35.45
CA ARG C 32 0.12 47.48 35.59
C ARG C 32 -0.19 48.60 34.60
N VAL C 33 -0.70 49.71 35.13
CA VAL C 33 -1.07 50.85 34.30
C VAL C 33 0.11 51.79 34.07
N LYS C 34 0.89 52.01 35.11
CA LYS C 34 2.00 52.95 35.07
C LYS C 34 3.32 52.28 35.41
N HIS C 35 4.42 52.91 35.03
CA HIS C 35 5.75 52.37 35.25
C HIS C 35 6.07 52.18 36.73
N SER C 36 6.92 51.21 37.03
CA SER C 36 7.47 51.05 38.36
C SER C 36 8.72 51.93 38.48
N PRO C 37 9.11 52.28 39.71
CA PRO C 37 10.32 53.10 39.90
C PRO C 37 11.56 52.48 39.24
N PHE C 38 12.29 53.28 38.48
CA PHE C 38 13.43 52.80 37.71
C PHE C 38 14.51 52.19 38.60
N LYS C 39 15.01 51.04 38.19
CA LYS C 39 16.11 50.38 38.87
C LYS C 39 17.22 50.05 37.90
N SER C 40 18.38 50.66 38.10
CA SER C 40 19.49 50.52 37.16
C SER C 40 20.27 49.23 37.40
N GLU C 41 19.90 48.48 38.43
CA GLU C 41 20.55 47.21 38.70
C GLU C 41 19.89 46.06 37.93
N LEU C 42 18.70 46.32 37.40
CA LEU C 42 17.95 45.31 36.67
C LEU C 42 18.11 45.41 35.15
N VAL C 43 18.88 46.40 34.69
CA VAL C 43 18.95 46.71 33.27
C VAL C 43 19.61 45.60 32.45
N ARG C 44 20.63 44.94 33.00
CA ARG C 44 21.34 43.91 32.27
C ARG C 44 20.50 42.65 32.12
N TYR C 45 19.77 42.31 33.19
CA TYR C 45 18.83 41.19 33.15
C TYR C 45 17.78 41.45 32.06
N GLY C 46 17.33 42.70 31.98
CA GLY C 46 16.39 43.10 30.96
C GLY C 46 16.98 42.98 29.57
N GLN C 47 18.27 43.28 29.43
CA GLN C 47 18.95 43.13 28.16
C GLN C 47 18.99 41.66 27.76
N PHE C 48 19.20 40.80 28.74
CA PHE C 48 19.22 39.36 28.48
C PHE C 48 17.85 38.88 28.02
N GLN C 49 16.81 39.25 28.77
CA GLN C 49 15.44 38.90 28.42
C GLN C 49 15.07 39.46 27.04
N PHE C 50 15.71 40.55 26.67
CA PHE C 50 15.51 41.18 25.38
C PHE C 50 16.14 40.37 24.26
N ASN C 51 17.35 39.89 24.49
CA ASN C 51 18.09 39.17 23.45
C ASN C 51 17.92 37.64 23.48
N ASP C 52 17.27 37.13 24.51
CA ASP C 52 17.13 35.68 24.66
C ASP C 52 16.02 35.10 23.79
N ALA C 53 16.35 34.08 22.99
CA ALA C 53 15.35 33.36 22.23
C ALA C 53 14.92 32.05 22.89
N ALA C 54 15.57 31.70 24.00
CA ALA C 54 15.32 30.41 24.63
C ALA C 54 14.03 30.40 25.43
N TRP C 55 13.60 31.57 25.88
CA TRP C 55 12.39 31.69 26.67
C TRP C 55 11.15 31.45 25.80
N SER C 56 11.31 31.62 24.49
CA SER C 56 10.19 31.47 23.56
C SER C 56 9.81 30.01 23.42
N LEU C 57 8.76 29.75 22.63
CA LEU C 57 8.21 28.41 22.53
C LEU C 57 9.22 27.38 22.05
N GLN C 58 9.53 27.42 20.76
CA GLN C 58 10.53 26.51 20.19
C GLN C 58 11.89 27.17 19.95
N GLY C 59 12.01 28.44 20.32
CA GLY C 59 13.25 29.17 20.16
C GLY C 59 13.43 29.83 18.81
N SER C 60 12.31 30.18 18.18
CA SER C 60 12.32 30.76 16.84
C SER C 60 13.05 32.10 16.77
N TYR C 61 12.66 33.03 17.63
CA TYR C 61 13.24 34.38 17.61
C TYR C 61 13.13 35.07 18.97
N SER C 62 13.63 36.30 19.04
CA SER C 62 13.59 37.09 20.26
C SER C 62 13.13 38.51 19.96
N CYS C 63 13.13 39.38 20.97
CA CYS C 63 12.82 40.79 20.77
C CYS C 63 13.84 41.42 19.85
N ALA C 64 15.06 40.90 19.89
CA ALA C 64 16.17 41.44 19.11
C ALA C 64 16.04 41.15 17.62
N SER C 65 15.07 40.33 17.24
CA SER C 65 14.86 40.00 15.84
C SER C 65 14.08 41.11 15.13
N CYS C 66 13.46 41.97 15.92
CA CYS C 66 12.66 43.09 15.41
C CYS C 66 13.35 44.42 15.72
N HIS C 67 13.60 44.66 17.01
CA HIS C 67 14.14 45.93 17.51
C HIS C 67 15.67 45.99 17.47
N TYR C 68 16.26 45.03 16.75
CA TYR C 68 17.70 44.74 16.68
C TYR C 68 18.27 44.39 18.06
N GLU C 69 19.58 44.44 18.22
CA GLU C 69 20.26 44.35 19.51
C GLU C 69 20.84 45.70 19.90
N ARG C 70 20.73 46.66 18.98
CA ARG C 70 21.18 48.02 19.25
C ARG C 70 20.14 48.71 20.09
N GLY C 71 18.97 48.07 20.18
CA GLY C 71 17.82 48.69 20.76
C GLY C 71 17.37 49.80 19.83
N GLN C 72 17.32 49.51 18.52
CA GLN C 72 16.78 50.48 17.59
C GLN C 72 15.59 49.93 16.82
N THR C 73 15.86 49.16 15.77
CA THR C 73 14.84 48.52 14.94
C THR C 73 15.48 47.80 13.75
N THR C 74 14.75 46.83 13.19
CA THR C 74 15.15 46.22 11.92
C THR C 74 14.43 46.86 10.74
N GLY C 75 13.44 47.70 11.04
CA GLY C 75 12.63 48.31 10.00
C GLY C 75 11.63 47.34 9.40
N LEU C 76 11.49 46.17 10.01
CA LEU C 76 10.57 45.14 9.53
C LEU C 76 9.12 45.53 9.81
N ILE C 77 8.26 45.33 8.82
CA ILE C 77 6.85 45.66 8.95
C ILE C 77 6.01 44.40 9.16
N TRP C 78 5.19 44.41 10.21
CA TRP C 78 4.44 43.22 10.60
C TRP C 78 2.94 43.46 10.65
N ASP C 79 2.16 42.38 10.66
CA ASP C 79 0.73 42.49 10.90
C ASP C 79 0.36 41.83 12.23
N LEU C 80 0.12 42.66 13.24
CA LEU C 80 -0.27 42.20 14.58
C LEU C 80 -1.78 41.98 14.68
N GLY C 81 -2.18 41.09 15.59
CA GLY C 81 -3.56 40.65 15.67
C GLY C 81 -4.52 41.43 16.55
N ASP C 82 -4.00 42.31 17.40
CA ASP C 82 -4.87 43.08 18.28
C ASP C 82 -5.46 44.33 17.61
N GLU C 83 -4.80 44.80 16.55
CA GLU C 83 -5.24 46.01 15.86
C GLU C 83 -6.04 45.73 14.60
N GLY C 84 -6.27 44.45 14.30
CA GLY C 84 -6.97 44.07 13.10
C GLY C 84 -6.06 43.62 11.97
N TRP C 85 -6.56 42.69 11.16
CA TRP C 85 -5.79 42.13 10.06
C TRP C 85 -5.85 43.02 8.83
N GLY C 86 -4.74 43.13 8.12
CA GLY C 86 -4.65 44.03 6.98
C GLY C 86 -4.15 45.40 7.42
N SER C 87 -4.00 45.56 8.73
CA SER C 87 -3.47 46.80 9.30
C SER C 87 -2.01 46.60 9.67
N TRP C 88 -1.11 47.25 8.94
CA TRP C 88 0.32 47.03 9.08
C TRP C 88 1.00 48.02 10.03
N LYS C 89 2.00 47.55 10.77
CA LYS C 89 2.74 48.40 11.68
C LYS C 89 4.26 48.31 11.53
N ASN C 90 4.87 49.43 11.17
CA ASN C 90 6.31 49.59 11.17
C ASN C 90 6.87 49.33 12.57
N THR C 91 7.93 48.52 12.65
CA THR C 91 8.53 48.19 13.94
C THR C 91 9.10 49.44 14.61
N LYS C 92 8.70 49.64 15.86
CA LYS C 92 9.03 50.86 16.59
C LYS C 92 10.52 51.02 16.91
N TYR C 93 11.00 52.25 16.77
CA TYR C 93 12.36 52.60 17.17
C TYR C 93 12.36 52.83 18.68
N ILE C 94 13.10 52.01 19.41
CA ILE C 94 12.99 52.02 20.87
C ILE C 94 14.05 52.82 21.63
N ARG C 95 14.94 53.52 20.93
CA ARG C 95 15.86 54.43 21.59
C ARG C 95 15.08 55.63 22.13
N GLY C 96 15.34 55.98 23.39
CA GLY C 96 14.67 57.10 24.02
C GLY C 96 13.16 56.93 24.09
N GLY C 97 12.73 55.77 24.55
CA GLY C 97 11.31 55.45 24.58
C GLY C 97 10.55 56.07 25.74
N ARG C 98 11.21 56.20 26.88
CA ARG C 98 10.56 56.66 28.11
C ARG C 98 10.19 58.14 28.04
N TYR C 99 10.85 58.88 27.16
CA TYR C 99 10.69 60.33 27.09
C TYR C 99 9.38 60.77 26.44
N LEU C 100 8.74 59.87 25.71
CA LEU C 100 7.51 60.22 24.99
C LEU C 100 6.40 59.19 25.07
N PRO C 101 5.68 59.15 26.22
CA PRO C 101 4.41 58.42 26.32
C PRO C 101 3.27 59.23 25.71
N PRO C 102 2.17 58.56 25.30
CA PRO C 102 1.94 57.12 25.37
C PRO C 102 2.69 56.36 24.27
N PHE C 103 2.57 55.04 24.30
CA PHE C 103 3.43 54.19 23.47
C PHE C 103 2.71 53.59 22.27
N ARG C 104 3.43 52.71 21.57
CA ARG C 104 3.03 52.20 20.26
C ARG C 104 2.85 53.33 19.24
N HIS C 105 1.82 53.20 18.41
CA HIS C 105 1.59 54.15 17.32
C HIS C 105 0.23 54.82 17.43
N GLU C 106 -0.82 54.02 17.35
CA GLU C 106 -2.18 54.52 17.46
C GLU C 106 -2.39 55.27 18.77
N GLY C 107 -2.95 56.47 18.68
CA GLY C 107 -3.11 57.34 19.83
C GLY C 107 -4.38 57.11 20.62
N PHE C 108 -4.79 58.14 21.36
CA PHE C 108 -5.96 58.06 22.23
C PHE C 108 -7.26 57.88 21.44
N THR C 109 -7.29 58.41 20.22
CA THR C 109 -8.48 58.32 19.39
C THR C 109 -8.79 56.87 19.07
N GLY C 110 -10.01 56.45 19.38
CA GLY C 110 -10.44 55.08 19.13
C GLY C 110 -9.89 54.06 20.11
N HIS C 111 -9.18 54.52 21.13
CA HIS C 111 -8.57 53.61 22.09
C HIS C 111 -8.84 53.98 23.55
N PRO C 112 -10.04 53.66 24.05
CA PRO C 112 -10.36 53.82 25.48
C PRO C 112 -9.61 52.81 26.34
N ASP C 113 -9.11 51.75 25.72
CA ASP C 113 -8.42 50.68 26.42
C ASP C 113 -7.04 51.11 26.94
N GLU C 114 -6.39 51.97 26.17
CA GLU C 114 -5.03 52.43 26.46
C GLU C 114 -4.06 51.26 26.61
N ILE C 115 -4.29 50.22 25.81
CA ILE C 115 -3.43 49.05 25.81
C ILE C 115 -2.77 48.87 24.44
N VAL C 116 -3.58 48.60 23.43
CA VAL C 116 -3.09 48.47 22.07
C VAL C 116 -2.66 49.83 21.52
N GLY C 117 -3.60 50.78 21.51
CA GLY C 117 -3.28 52.16 21.18
C GLY C 117 -3.15 52.97 22.45
N ALA C 118 -2.46 54.11 22.35
CA ALA C 118 -2.25 55.01 23.49
C ALA C 118 -1.81 54.26 24.74
N THR C 119 -0.83 53.38 24.59
CA THR C 119 -0.41 52.50 25.67
C THR C 119 0.13 53.29 26.85
N SER C 120 -0.42 53.04 28.03
CA SER C 120 -0.10 53.80 29.22
C SER C 120 1.28 53.48 29.78
N SER C 121 1.70 52.23 29.65
CA SER C 121 3.00 51.80 30.17
C SER C 121 3.73 50.89 29.19
N LEU C 122 5.05 50.86 29.32
CA LEU C 122 5.87 49.95 28.53
C LEU C 122 5.60 48.50 28.93
N ASP C 123 5.14 48.32 30.17
CA ASP C 123 4.80 47.01 30.68
C ASP C 123 3.71 46.36 29.85
N ARG C 124 2.75 47.17 29.40
CA ARG C 124 1.63 46.68 28.62
C ARG C 124 2.04 46.39 27.17
N VAL C 125 3.24 46.80 26.80
CA VAL C 125 3.75 46.51 25.47
C VAL C 125 4.46 45.16 25.45
N CYS C 126 5.56 45.07 26.19
CA CYS C 126 6.36 43.86 26.24
C CYS C 126 5.67 42.72 26.98
N GLY C 127 4.96 43.07 28.05
CA GLY C 127 4.31 42.07 28.89
C GLY C 127 3.29 41.23 28.13
N ARG C 128 2.64 41.84 27.14
CA ARG C 128 1.65 41.15 26.33
C ARG C 128 2.28 40.30 25.24
N ASP C 129 3.47 40.70 24.79
CA ASP C 129 4.15 40.04 23.68
C ASP C 129 4.29 38.51 23.80
N PRO C 130 4.54 37.98 25.03
CA PRO C 130 4.55 36.52 25.13
C PRO C 130 3.27 35.84 24.63
N GLY C 131 2.10 36.37 24.97
CA GLY C 131 0.87 35.75 24.54
C GLY C 131 0.30 36.26 23.23
N PHE C 132 0.59 37.50 22.87
CA PHE C 132 0.04 38.08 21.64
C PHE C 132 1.02 38.09 20.46
N VAL C 133 2.28 37.72 20.69
CA VAL C 133 3.27 37.67 19.61
C VAL C 133 4.07 36.37 19.60
N PHE C 134 4.90 36.20 20.63
CA PHE C 134 5.78 35.04 20.73
C PHE C 134 5.00 33.73 20.92
N ARG C 135 3.78 33.85 21.45
CA ARG C 135 2.94 32.70 21.76
C ARG C 135 3.68 31.72 22.67
N SER C 136 4.28 32.27 23.72
CA SER C 136 5.01 31.46 24.70
C SER C 136 4.57 31.82 26.12
N GLU C 137 5.26 31.25 27.10
CA GLU C 137 4.95 31.51 28.50
C GLU C 137 5.16 32.97 28.89
N ASN C 138 4.25 33.50 29.71
CA ASN C 138 4.32 34.89 30.13
C ASN C 138 5.49 35.18 31.06
N PHE C 139 5.87 36.45 31.13
CA PHE C 139 6.99 36.89 31.96
C PHE C 139 6.62 36.94 33.44
N SER C 140 7.59 36.67 34.30
CA SER C 140 7.44 36.90 35.73
C SER C 140 7.50 38.41 35.98
N PRO C 141 6.94 38.87 37.12
CA PRO C 141 6.98 40.31 37.43
C PRO C 141 8.39 40.88 37.38
N MET C 142 9.35 40.16 37.96
CA MET C 142 10.72 40.61 38.05
C MET C 142 11.37 40.77 36.67
N ARG C 143 11.22 39.75 35.83
CA ARG C 143 11.81 39.77 34.50
C ARG C 143 11.18 40.85 33.63
N LEU C 144 9.87 41.04 33.78
CA LEU C 144 9.18 42.10 33.03
C LEU C 144 9.69 43.46 33.46
N GLU C 145 9.77 43.69 34.77
CA GLU C 145 10.25 44.95 35.31
C GLU C 145 11.68 45.23 34.84
N ALA C 146 12.50 44.18 34.83
CA ALA C 146 13.89 44.31 34.37
C ALA C 146 13.93 44.69 32.90
N LEU C 147 13.07 44.07 32.11
CA LEU C 147 12.98 44.35 30.68
C LEU C 147 12.62 45.81 30.43
N ILE C 148 11.58 46.28 31.13
CA ILE C 148 11.17 47.67 31.03
C ILE C 148 12.27 48.62 31.48
N CYS C 149 13.02 48.20 32.50
CA CYS C 149 14.18 48.95 32.96
C CYS C 149 15.22 49.08 31.85
N TYR C 150 15.41 48.00 31.09
CA TYR C 150 16.34 48.03 29.96
C TYR C 150 15.84 48.97 28.87
N ILE C 151 14.53 48.95 28.62
CA ILE C 151 13.95 49.79 27.59
C ILE C 151 14.05 51.28 27.92
N ARG C 152 13.76 51.61 29.18
CA ARG C 152 13.78 52.99 29.63
C ARG C 152 15.20 53.55 29.67
N ALA C 153 16.19 52.65 29.76
CA ALA C 153 17.58 53.06 29.86
C ALA C 153 18.19 53.36 28.49
N LEU C 154 17.42 53.14 27.43
CA LEU C 154 17.92 53.37 26.08
C LEU C 154 17.90 54.85 25.71
N GLU C 155 19.04 55.35 25.25
CA GLU C 155 19.19 56.76 24.92
C GLU C 155 19.49 56.93 23.43
N PHE C 156 19.19 58.12 22.91
CA PHE C 156 19.42 58.41 21.49
C PHE C 156 20.91 58.34 21.11
N THR C 157 21.17 57.95 19.88
CA THR C 157 22.54 57.82 19.39
C THR C 157 23.13 59.16 18.97
N GLY C 158 22.31 60.01 18.37
CA GLY C 158 22.77 61.27 17.83
C GLY C 158 23.09 61.13 16.35
N SER C 159 22.97 62.23 15.61
CA SER C 159 23.16 62.19 14.17
C SER C 159 24.63 62.32 13.75
N PRO C 160 25.12 61.36 12.96
CA PRO C 160 26.46 61.31 12.38
C PRO C 160 26.71 62.36 11.30
N PHE C 161 25.64 62.98 10.81
CA PHE C 161 25.69 63.81 9.61
C PHE C 161 26.06 65.27 9.87
N ARG C 162 26.46 65.58 11.10
CA ARG C 162 26.83 66.94 11.44
C ARG C 162 28.33 67.02 11.73
N ASN C 163 28.90 68.22 11.56
CA ASN C 163 30.35 68.41 11.60
C ASN C 163 31.01 67.91 12.88
N ALA C 164 32.25 67.46 12.76
CA ALA C 164 33.04 67.04 13.91
C ALA C 164 33.20 68.20 14.88
N ASP C 165 33.08 69.43 14.36
CA ASP C 165 33.11 70.64 15.17
C ASP C 165 31.91 70.69 16.11
N GLY C 166 30.90 69.87 15.81
CA GLY C 166 29.70 69.81 16.61
C GLY C 166 28.57 70.63 16.00
N SER C 167 28.95 71.58 15.15
CA SER C 167 27.98 72.47 14.52
C SER C 167 27.22 71.77 13.40
N LEU C 168 26.30 72.50 12.78
CA LEU C 168 25.54 71.97 11.64
C LEU C 168 26.23 72.36 10.34
N THR C 169 25.69 71.89 9.22
CA THR C 169 26.22 72.28 7.92
C THR C 169 25.33 73.36 7.33
N GLU C 170 25.73 73.90 6.18
CA GLU C 170 25.00 75.00 5.57
C GLU C 170 23.70 74.50 4.95
N ALA C 171 23.70 73.24 4.53
CA ALA C 171 22.50 72.61 3.99
C ALA C 171 21.49 72.31 5.10
N GLN C 172 22.00 71.84 6.23
CA GLN C 172 21.16 71.52 7.38
C GLN C 172 20.54 72.78 7.99
N LYS C 173 21.34 73.85 8.07
CA LYS C 173 20.83 75.12 8.56
C LYS C 173 19.91 75.75 7.53
N ARG C 174 20.17 75.48 6.25
CA ARG C 174 19.29 75.95 5.18
C ARG C 174 17.92 75.29 5.33
N GLY C 175 17.92 74.02 5.73
CA GLY C 175 16.69 73.29 5.92
C GLY C 175 16.01 73.58 7.24
N GLN C 176 16.78 74.08 8.20
CA GLN C 176 16.29 74.31 9.55
C GLN C 176 15.14 75.32 9.59
N LYS C 177 15.25 76.40 8.83
CA LYS C 177 14.24 77.44 8.85
C LYS C 177 13.11 77.14 7.86
N ILE C 178 13.32 76.17 6.99
CA ILE C 178 12.22 75.62 6.21
C ILE C 178 11.37 74.78 7.16
N PHE C 179 12.05 74.04 8.01
CA PHE C 179 11.41 73.24 9.05
C PHE C 179 10.62 74.13 10.00
N GLU C 180 11.23 75.24 10.41
CA GLU C 180 10.64 76.10 11.43
C GLU C 180 9.81 77.23 10.85
N ASP C 181 9.68 77.25 9.53
CA ASP C 181 8.83 78.22 8.85
C ASP C 181 7.39 78.08 9.36
N PRO C 182 6.82 79.18 9.84
CA PRO C 182 5.48 79.17 10.45
C PRO C 182 4.37 78.66 9.54
N LYS C 183 4.54 78.82 8.23
CA LYS C 183 3.53 78.34 7.27
C LYS C 183 3.70 76.85 6.98
N VAL C 184 4.96 76.40 6.92
CA VAL C 184 5.22 74.96 6.83
C VAL C 184 4.73 74.31 8.11
N GLY C 185 5.16 74.86 9.24
CA GLY C 185 4.61 74.50 10.54
C GLY C 185 4.96 73.12 11.06
N CYS C 186 6.24 72.75 10.97
CA CYS C 186 6.69 71.48 11.52
C CYS C 186 6.82 71.59 13.04
N LEU C 187 7.16 72.78 13.51
CA LEU C 187 7.36 73.03 14.95
C LEU C 187 6.10 72.78 15.76
N GLU C 188 4.95 72.84 15.12
CA GLU C 188 3.68 72.69 15.81
C GLU C 188 3.57 71.33 16.50
N CYS C 189 3.68 70.26 15.73
CA CYS C 189 3.63 68.92 16.30
C CYS C 189 5.02 68.36 16.62
N HIS C 190 6.07 69.04 16.17
CA HIS C 190 7.43 68.60 16.42
C HIS C 190 8.30 69.71 17.01
N PRO C 191 7.96 70.17 18.22
CA PRO C 191 8.74 71.26 18.86
C PRO C 191 10.11 70.78 19.33
N GLY C 192 11.15 71.55 19.04
CA GLY C 192 12.48 71.19 19.49
C GLY C 192 13.59 72.03 18.88
N ASP C 193 14.78 71.94 19.48
CA ASP C 193 15.94 72.65 18.99
C ASP C 193 17.08 71.67 18.74
N PRO C 194 17.83 71.86 17.65
CA PRO C 194 18.87 70.92 17.22
C PRO C 194 19.96 70.64 18.27
N MET C 195 20.48 71.68 18.90
CA MET C 195 21.60 71.51 19.83
C MET C 195 21.12 71.40 21.28
N ASP C 196 19.80 71.39 21.47
CA ASP C 196 19.23 71.15 22.78
C ASP C 196 19.10 69.64 23.01
N PRO C 197 19.89 69.10 23.95
CA PRO C 197 19.94 67.65 24.20
C PRO C 197 18.61 67.06 24.63
N ARG C 198 17.77 67.88 25.25
CA ARG C 198 16.52 67.41 25.82
C ARG C 198 15.34 67.58 24.86
N ALA C 199 15.63 68.03 23.65
CA ALA C 199 14.58 68.25 22.65
C ALA C 199 14.07 66.93 22.09
N LEU C 200 12.76 66.69 22.26
CA LEU C 200 12.16 65.43 21.83
C LEU C 200 11.51 65.52 20.45
N PHE C 201 11.44 66.73 19.90
CA PHE C 201 10.83 66.98 18.60
C PHE C 201 9.47 66.30 18.40
N SER C 202 8.67 66.27 19.47
CA SER C 202 7.32 65.70 19.41
C SER C 202 6.43 66.33 20.47
N ASP C 203 5.13 66.44 20.16
CA ASP C 203 4.19 67.02 21.12
C ASP C 203 3.58 65.94 22.01
N ALA C 204 3.90 64.69 21.72
CA ALA C 204 3.35 63.53 22.44
C ALA C 204 1.82 63.53 22.44
N GLN C 205 1.24 63.94 21.33
CA GLN C 205 -0.21 64.00 21.21
C GLN C 205 -0.71 63.13 20.06
N THR C 206 -2.03 63.13 19.85
CA THR C 206 -2.64 62.37 18.78
C THR C 206 -3.21 63.29 17.70
N HIS C 207 -2.67 63.18 16.49
CA HIS C 207 -3.06 64.05 15.40
C HIS C 207 -3.54 63.28 14.17
N ASP C 208 -4.29 63.95 13.30
CA ASP C 208 -4.62 63.39 12.00
C ASP C 208 -3.76 64.07 10.94
N VAL C 209 -2.77 63.33 10.45
CA VAL C 209 -1.88 63.83 9.40
C VAL C 209 -2.28 63.33 8.01
N GLY C 210 -3.39 62.59 7.95
CA GLY C 210 -3.87 62.07 6.68
C GLY C 210 -3.15 60.81 6.26
N THR C 211 -2.51 60.15 7.22
CA THR C 211 -1.78 58.91 6.94
C THR C 211 -2.64 57.68 7.23
N GLY C 212 -3.88 57.89 7.64
CA GLY C 212 -4.78 56.79 7.92
C GLY C 212 -5.10 56.00 6.67
N ARG C 213 -4.84 54.70 6.71
CA ARG C 213 -5.08 53.84 5.55
C ARG C 213 -6.51 53.33 5.56
N VAL C 214 -7.25 53.61 4.48
CA VAL C 214 -8.65 53.21 4.40
C VAL C 214 -8.93 52.31 3.21
N GLY C 215 -10.19 51.90 3.08
CA GLY C 215 -10.62 51.04 1.99
C GLY C 215 -11.05 51.83 0.77
N VAL C 216 -11.43 51.11 -0.28
CA VAL C 216 -11.86 51.74 -1.53
C VAL C 216 -13.19 52.44 -1.35
N ASN C 217 -14.00 51.95 -0.42
CA ASN C 217 -15.29 52.55 -0.12
C ASN C 217 -15.20 53.52 1.07
N GLY C 218 -13.98 53.76 1.54
CA GLY C 218 -13.76 54.64 2.67
C GLY C 218 -13.43 53.91 3.95
N PHE C 219 -13.48 54.63 5.07
CA PHE C 219 -13.14 54.06 6.38
C PHE C 219 -13.99 52.84 6.71
N ARG C 220 -13.37 51.86 7.34
CA ARG C 220 -14.02 50.60 7.72
C ARG C 220 -14.56 49.81 6.53
N SER C 221 -13.94 49.98 5.37
CA SER C 221 -14.31 49.22 4.19
C SER C 221 -13.27 48.16 3.82
N THR C 222 -13.57 47.40 2.77
CA THR C 222 -12.62 46.44 2.21
C THR C 222 -12.85 46.33 0.70
N PRO C 223 -11.78 46.11 -0.08
CA PRO C 223 -10.37 46.03 0.32
C PRO C 223 -9.71 47.41 0.39
N GLY C 224 -8.41 47.43 0.70
CA GLY C 224 -7.69 48.68 0.82
C GLY C 224 -7.44 49.33 -0.52
N LYS C 225 -7.08 50.61 -0.49
CA LYS C 225 -6.72 51.34 -1.69
C LYS C 225 -5.25 51.70 -1.63
N VAL C 226 -4.62 51.91 -2.78
CA VAL C 226 -3.21 52.24 -2.79
C VAL C 226 -3.02 53.68 -2.34
N PHE C 227 -2.27 53.86 -1.25
CA PHE C 227 -2.03 55.19 -0.72
C PHE C 227 -0.75 55.79 -1.29
N ASN C 228 0.03 54.96 -1.99
CA ASN C 228 1.26 55.43 -2.60
C ASN C 228 1.02 55.80 -4.05
N ILE C 229 1.07 57.09 -4.35
CA ILE C 229 0.76 57.59 -5.68
C ILE C 229 1.86 57.24 -6.68
N SER C 230 3.09 57.56 -6.29
CA SER C 230 4.26 57.26 -7.11
C SER C 230 4.32 55.78 -7.45
N ALA C 231 4.05 54.95 -6.44
CA ALA C 231 4.00 53.50 -6.63
C ALA C 231 2.79 53.09 -7.46
N LEU C 232 1.72 53.88 -7.37
CA LEU C 232 0.50 53.57 -8.11
C LEU C 232 0.70 53.72 -9.60
N GLU C 233 1.28 54.83 -10.03
CA GLU C 233 1.53 55.02 -11.46
C GLU C 233 2.76 54.22 -11.89
N ALA C 234 3.64 53.92 -10.92
CA ALA C 234 4.77 53.04 -11.19
C ALA C 234 4.29 51.67 -11.66
N GLY C 235 3.05 51.34 -11.30
CA GLY C 235 2.45 50.08 -11.71
C GLY C 235 2.81 48.95 -10.77
N GLU C 236 3.10 49.29 -9.52
CA GLU C 236 3.49 48.30 -8.53
C GLU C 236 2.30 47.43 -8.12
N ASP C 237 2.56 46.13 -7.95
CA ASP C 237 1.52 45.19 -7.55
C ASP C 237 1.15 45.38 -6.08
N PRO C 238 -0.12 45.74 -5.83
CA PRO C 238 -0.63 45.98 -4.47
C PRO C 238 -0.38 44.80 -3.53
N TYR C 239 -0.65 43.60 -4.03
CA TYR C 239 -0.47 42.38 -3.25
C TYR C 239 0.89 41.74 -3.48
N GLY C 240 1.76 42.42 -4.21
CA GLY C 240 3.10 41.93 -4.47
C GLY C 240 3.87 41.53 -3.23
N VAL C 241 4.57 40.40 -3.31
CA VAL C 241 5.25 39.83 -2.16
C VAL C 241 6.70 40.29 -2.02
N GLU C 242 7.23 40.94 -3.06
CA GLU C 242 8.64 41.31 -3.08
C GLU C 242 8.90 42.74 -2.64
N SER C 243 7.83 43.48 -2.35
CA SER C 243 7.96 44.87 -1.92
C SER C 243 8.47 44.95 -0.49
N ASN C 244 9.41 45.87 -0.23
CA ASN C 244 9.90 46.10 1.12
C ASN C 244 8.79 46.61 2.02
N THR C 245 7.90 47.43 1.46
CA THR C 245 6.83 48.07 2.21
C THR C 245 5.49 47.88 1.51
N PRO C 246 4.41 47.74 2.31
CA PRO C 246 3.06 47.66 1.74
C PRO C 246 2.60 49.00 1.16
N ILE C 247 2.01 48.97 -0.03
CA ILE C 247 1.44 50.18 -0.61
C ILE C 247 -0.07 50.23 -0.37
N ILE C 248 -0.59 49.24 0.35
CA ILE C 248 -2.00 49.20 0.73
C ILE C 248 -2.16 48.88 2.21
N GLY C 249 -3.37 49.09 2.73
CA GLY C 249 -3.67 48.74 4.11
C GLY C 249 -5.04 49.18 4.56
N LEU C 250 -5.50 48.59 5.66
CA LEU C 250 -6.77 48.98 6.28
C LEU C 250 -6.57 49.28 7.75
N ASP C 251 -6.72 50.54 8.13
CA ASP C 251 -6.49 50.97 9.50
C ASP C 251 -7.80 51.06 10.29
N LEU C 252 -7.74 50.74 11.57
CA LEU C 252 -8.91 50.86 12.44
C LEU C 252 -9.05 52.27 13.01
N VAL C 253 -8.01 53.08 12.88
CA VAL C 253 -8.03 54.45 13.36
C VAL C 253 -7.40 55.40 12.34
N LYS C 254 -7.86 56.64 12.32
CA LYS C 254 -7.33 57.65 11.40
C LYS C 254 -6.22 58.49 12.00
N GLU C 255 -6.01 58.37 13.31
CA GLU C 255 -5.08 59.24 14.02
C GLU C 255 -4.02 58.46 14.78
N PHE C 256 -2.85 59.06 14.97
CA PHE C 256 -1.73 58.35 15.57
C PHE C 256 -0.91 59.24 16.52
N ASP C 257 -0.20 58.61 17.44
CA ASP C 257 0.70 59.29 18.36
C ASP C 257 2.00 59.69 17.63
N THR C 258 2.37 60.96 17.75
CA THR C 258 3.53 61.50 17.04
C THR C 258 4.86 60.99 17.61
N PRO C 259 5.68 60.38 16.76
CA PRO C 259 7.02 59.90 17.13
C PRO C 259 8.05 61.02 17.21
N THR C 260 9.14 60.78 17.94
CA THR C 260 10.26 61.71 17.97
C THR C 260 10.92 61.79 16.60
N LEU C 261 11.55 62.93 16.31
CA LEU C 261 12.34 63.07 15.09
C LEU C 261 13.81 62.79 15.38
N ARG C 262 14.11 62.53 16.65
CA ARG C 262 15.48 62.20 17.05
C ARG C 262 15.87 60.84 16.50
N ASP C 263 17.08 60.74 15.97
CA ASP C 263 17.57 59.52 15.33
C ASP C 263 16.64 59.05 14.22
N ILE C 264 15.98 59.98 13.55
CA ILE C 264 15.07 59.63 12.48
C ILE C 264 15.86 59.12 11.28
N TYR C 265 17.16 59.38 11.26
CA TYR C 265 18.04 58.85 10.23
C TYR C 265 18.11 57.33 10.33
N ALA C 266 17.94 56.82 11.55
CA ALA C 266 18.13 55.40 11.83
C ALA C 266 16.83 54.58 11.79
N SER C 267 15.70 55.25 11.59
CA SER C 267 14.46 54.52 11.32
C SER C 267 14.37 54.27 9.82
N GLY C 268 14.38 53.01 9.43
CA GLY C 268 14.10 52.70 8.05
C GLY C 268 12.59 52.70 7.92
N THR C 269 12.06 53.16 6.80
CA THR C 269 10.63 53.02 6.54
C THR C 269 9.76 53.72 7.59
N TYR C 270 9.57 55.02 7.42
CA TYR C 270 8.86 55.88 8.37
C TYR C 270 7.32 55.76 8.40
N PHE C 271 6.73 56.70 9.14
CA PHE C 271 5.34 56.70 9.62
C PHE C 271 4.95 55.47 10.45
N HIS C 272 3.65 55.13 10.45
CA HIS C 272 3.17 54.02 11.29
C HIS C 272 3.20 52.65 10.60
N ASP C 273 2.76 52.61 9.35
CA ASP C 273 2.62 51.36 8.63
C ASP C 273 3.85 51.10 7.76
N GLY C 274 4.77 52.05 7.77
CA GLY C 274 5.92 51.99 6.90
C GLY C 274 5.58 52.43 5.49
N GLY C 275 4.68 53.39 5.38
CA GLY C 275 4.28 53.90 4.08
C GLY C 275 5.37 54.68 3.39
N ALA C 276 6.11 55.46 4.18
CA ALA C 276 7.17 56.31 3.62
C ALA C 276 8.49 55.56 3.59
N ARG C 277 9.00 55.32 2.38
CA ARG C 277 10.23 54.56 2.20
C ARG C 277 11.48 55.41 2.45
N THR C 278 11.39 56.70 2.15
CA THR C 278 12.47 57.63 2.45
C THR C 278 11.93 58.83 3.22
N LEU C 279 12.83 59.60 3.82
CA LEU C 279 12.45 60.82 4.53
C LEU C 279 11.67 61.75 3.61
N MET C 280 12.11 61.82 2.37
CA MET C 280 11.47 62.66 1.35
C MET C 280 9.98 62.34 1.20
N ASP C 281 9.62 61.09 1.42
CA ASP C 281 8.24 60.65 1.25
C ASP C 281 7.33 61.09 2.40
N THR C 282 7.93 61.57 3.48
CA THR C 282 7.16 62.11 4.61
C THR C 282 6.83 63.58 4.37
N ILE C 283 7.22 64.06 3.20
CA ILE C 283 7.20 65.48 2.86
C ILE C 283 6.42 65.72 1.57
N ASN C 284 6.86 65.06 0.50
CA ASN C 284 6.42 65.32 -0.88
C ASN C 284 4.92 65.10 -1.13
N ASN C 285 4.19 64.65 -0.12
CA ASN C 285 2.74 64.41 -0.19
C ASN C 285 2.41 63.28 -1.16
N THR C 286 3.17 62.20 -1.06
CA THR C 286 2.94 61.00 -1.84
C THR C 286 2.11 60.00 -1.03
N VAL C 287 2.64 59.57 0.11
CA VAL C 287 2.01 58.55 0.93
C VAL C 287 1.03 59.12 1.96
N ASN C 288 0.81 60.43 1.92
CA ASN C 288 -0.18 61.06 2.79
C ASN C 288 -1.03 62.07 2.05
N ASP C 289 -2.14 62.49 2.67
CA ASP C 289 -3.06 63.44 2.05
C ASP C 289 -2.38 64.80 1.86
N LYS C 290 -2.90 65.59 0.93
CA LYS C 290 -2.26 66.85 0.55
C LYS C 290 -2.24 67.84 1.71
N ASP C 291 -1.02 68.27 2.07
CA ASP C 291 -0.79 69.28 3.10
C ASP C 291 -1.41 68.91 4.45
N MET C 292 -1.69 67.62 4.65
CA MET C 292 -2.18 67.16 5.94
C MET C 292 -1.05 66.88 6.92
N HIS C 293 0.15 66.68 6.37
CA HIS C 293 1.36 66.63 7.17
C HIS C 293 2.22 67.82 6.74
N GLY C 294 2.24 68.86 7.57
CA GLY C 294 2.89 70.11 7.19
C GLY C 294 2.17 70.74 6.00
N ARG C 295 2.61 71.92 5.56
CA ARG C 295 2.24 72.34 4.21
C ARG C 295 3.49 72.43 3.36
N THR C 296 3.72 71.42 2.53
CA THR C 296 4.89 71.36 1.67
C THR C 296 4.63 71.68 0.19
N SER C 297 3.37 71.89 -0.16
CA SER C 297 2.97 71.98 -1.57
C SER C 297 3.65 73.12 -2.34
N HIS C 298 3.91 74.21 -1.65
CA HIS C 298 4.51 75.39 -2.27
C HIS C 298 6.02 75.25 -2.44
N LEU C 299 6.61 74.35 -1.65
CA LEU C 299 8.06 74.13 -1.71
C LEU C 299 8.47 73.38 -2.97
N LYS C 300 9.71 73.61 -3.40
CA LYS C 300 10.24 72.90 -4.57
C LYS C 300 11.46 72.07 -4.12
N GLN C 301 12.02 71.30 -5.05
CA GLN C 301 12.97 70.24 -4.76
C GLN C 301 14.14 70.61 -3.84
N GLN C 302 14.76 71.75 -4.08
CA GLN C 302 15.96 72.14 -3.32
C GLN C 302 15.63 72.33 -1.84
N GLU C 303 14.53 73.04 -1.57
CA GLU C 303 14.06 73.26 -0.21
C GLU C 303 13.73 71.94 0.48
N LEU C 304 13.10 71.04 -0.27
CA LEU C 304 12.71 69.74 0.24
C LEU C 304 13.94 68.91 0.62
N GLN C 305 14.94 68.92 -0.25
CA GLN C 305 16.19 68.20 0.00
C GLN C 305 16.90 68.77 1.21
N ASP C 306 16.91 70.09 1.34
CA ASP C 306 17.49 70.73 2.51
C ASP C 306 16.75 70.30 3.79
N LEU C 307 15.43 70.22 3.69
CA LEU C 307 14.61 69.79 4.82
C LEU C 307 14.95 68.36 5.22
N VAL C 308 15.14 67.51 4.22
CA VAL C 308 15.56 66.13 4.46
C VAL C 308 16.91 66.09 5.15
N GLU C 309 17.84 66.92 4.68
CA GLU C 309 19.18 66.99 5.26
C GLU C 309 19.13 67.45 6.71
N TYR C 310 18.19 68.34 7.02
CA TYR C 310 18.01 68.81 8.39
C TYR C 310 17.40 67.70 9.25
N LEU C 311 16.49 66.93 8.67
CA LEU C 311 15.92 65.77 9.36
C LEU C 311 17.00 64.77 9.71
N LYS C 312 17.93 64.56 8.77
CA LYS C 312 19.06 63.65 8.98
C LYS C 312 19.94 64.13 10.12
N ALA C 313 19.88 65.42 10.42
CA ALA C 313 20.72 66.03 11.45
C ALA C 313 20.14 65.88 12.85
N LEU C 314 18.92 65.35 12.93
CA LEU C 314 18.25 65.19 14.22
C LEU C 314 18.56 63.83 14.84
N GLU D 1 -20.18 -39.27 4.95
CA GLU D 1 -21.05 -38.48 4.09
C GLU D 1 -20.33 -38.05 2.81
N PRO D 2 -21.10 -37.86 1.73
CA PRO D 2 -20.54 -37.30 0.49
C PRO D 2 -20.24 -35.80 0.60
N VAL D 3 -19.12 -35.37 0.03
CA VAL D 3 -18.73 -33.96 0.08
C VAL D 3 -18.55 -33.38 -1.32
N MET D 4 -17.48 -33.78 -1.99
CA MET D 4 -17.18 -33.26 -3.32
C MET D 4 -18.15 -33.84 -4.36
N THR D 5 -18.31 -35.15 -4.35
CA THR D 5 -19.20 -35.83 -5.28
C THR D 5 -20.30 -36.58 -4.54
N GLY D 6 -21.16 -37.24 -5.30
CA GLY D 6 -22.20 -38.08 -4.72
C GLY D 6 -21.69 -39.50 -4.57
N GLY D 7 -22.33 -40.26 -3.68
CA GLY D 7 -21.94 -41.63 -3.45
C GLY D 7 -22.90 -42.65 -4.05
N PRO D 8 -22.56 -43.94 -3.93
CA PRO D 8 -23.41 -45.03 -4.43
C PRO D 8 -24.71 -45.14 -3.65
N VAL D 9 -24.64 -44.82 -2.36
CA VAL D 9 -25.82 -44.81 -1.50
C VAL D 9 -25.93 -43.45 -0.81
N GLN D 10 -27.15 -42.94 -0.66
CA GLN D 10 -27.36 -41.68 0.04
C GLN D 10 -26.86 -41.78 1.48
N GLY D 11 -25.99 -40.85 1.86
CA GLY D 11 -25.39 -40.85 3.19
C GLY D 11 -23.94 -41.30 3.21
N LYS D 12 -23.44 -41.72 2.05
CA LYS D 12 -22.11 -42.33 1.93
C LYS D 12 -21.42 -41.83 0.65
N ALA D 13 -20.12 -41.54 0.77
CA ALA D 13 -19.33 -40.91 -0.31
C ALA D 13 -18.57 -41.89 -1.20
N LEU D 14 -18.44 -41.54 -2.47
CA LEU D 14 -17.64 -42.33 -3.42
C LEU D 14 -16.17 -42.36 -3.02
N TRP D 15 -15.44 -43.37 -3.48
CA TRP D 15 -14.05 -43.55 -3.10
C TRP D 15 -13.10 -42.55 -3.75
N THR D 16 -13.61 -41.78 -4.70
CA THR D 16 -12.81 -40.75 -5.35
C THR D 16 -12.86 -39.44 -4.57
N ASP D 17 -13.78 -39.37 -3.61
CA ASP D 17 -13.94 -38.18 -2.78
C ASP D 17 -13.12 -38.32 -1.50
N TYR D 18 -12.08 -37.52 -1.39
CA TYR D 18 -11.16 -37.58 -0.25
C TYR D 18 -11.81 -37.10 1.04
N SER D 19 -12.34 -35.89 1.00
CA SER D 19 -12.94 -35.28 2.18
C SER D 19 -14.21 -36.01 2.58
N GLY D 20 -14.82 -36.69 1.61
CA GLY D 20 -16.04 -37.45 1.86
C GLY D 20 -15.77 -38.74 2.60
N MET D 21 -14.67 -39.41 2.26
CA MET D 21 -14.35 -40.67 2.92
C MET D 21 -13.46 -40.52 4.14
N SER D 22 -12.83 -39.37 4.31
CA SER D 22 -12.09 -39.09 5.53
C SER D 22 -13.10 -38.98 6.66
N LYS D 23 -14.32 -38.61 6.30
CA LYS D 23 -15.46 -38.61 7.20
C LYS D 23 -15.64 -39.96 7.87
N GLU D 24 -15.77 -40.99 7.04
CA GLU D 24 -16.14 -42.34 7.50
C GLU D 24 -14.96 -43.12 8.05
N VAL D 25 -13.81 -42.99 7.40
CA VAL D 25 -12.64 -43.79 7.75
C VAL D 25 -11.95 -43.30 9.03
N GLN D 26 -12.35 -42.12 9.51
CA GLN D 26 -11.72 -41.51 10.68
C GLN D 26 -11.77 -42.40 11.91
N GLY D 27 -12.98 -42.60 12.44
CA GLY D 27 -13.15 -43.36 13.66
C GLY D 27 -13.08 -42.46 14.88
N PRO D 28 -13.54 -42.96 16.04
CA PRO D 28 -13.53 -42.19 17.29
C PRO D 28 -12.12 -41.80 17.71
N VAL D 29 -11.97 -40.64 18.33
CA VAL D 29 -10.67 -40.21 18.81
C VAL D 29 -10.64 -40.17 20.34
N SER D 30 -9.99 -41.17 20.93
CA SER D 30 -9.73 -41.16 22.36
C SER D 30 -8.46 -40.40 22.71
N GLN D 31 -7.44 -40.48 21.86
CA GLN D 31 -6.12 -39.96 22.19
C GLN D 31 -5.66 -38.83 21.27
N ILE D 32 -4.74 -38.01 21.78
CA ILE D 32 -4.10 -36.95 20.98
C ILE D 32 -2.60 -36.86 21.27
N LEU D 33 -1.83 -36.46 20.27
CA LEU D 33 -0.41 -36.19 20.44
C LEU D 33 -0.15 -34.69 20.33
N PHE D 34 0.68 -34.13 21.20
CA PHE D 34 1.03 -32.72 21.06
C PHE D 34 2.39 -32.37 21.63
N THR D 35 2.89 -31.21 21.23
CA THR D 35 4.21 -30.73 21.64
C THR D 35 4.13 -29.78 22.82
N GLN D 36 4.97 -30.03 23.83
CA GLN D 36 5.12 -29.14 24.96
C GLN D 36 6.49 -28.48 24.92
N SER D 37 6.50 -27.15 24.93
CA SER D 37 7.75 -26.39 24.89
C SER D 37 7.89 -25.54 26.15
N PRO D 38 9.14 -25.31 26.60
CA PRO D 38 9.34 -24.40 27.74
C PRO D 38 8.91 -22.99 27.36
N ARG D 39 8.50 -22.17 28.32
CA ARG D 39 8.12 -20.81 27.96
C ARG D 39 9.35 -19.94 28.12
N THR D 40 9.96 -19.62 26.99
CA THR D 40 11.20 -18.85 26.93
C THR D 40 11.33 -18.34 25.50
N ALA D 41 12.18 -17.34 25.30
CA ALA D 41 12.51 -16.90 23.94
C ALA D 41 13.15 -18.05 23.17
N LYS D 42 14.05 -18.77 23.83
CA LYS D 42 14.77 -19.87 23.20
C LYS D 42 14.07 -21.20 23.40
N GLY D 43 13.07 -21.23 24.29
CA GLY D 43 12.29 -22.43 24.53
C GLY D 43 11.18 -22.57 23.52
N ASP D 44 10.67 -21.43 23.06
CA ASP D 44 9.61 -21.39 22.06
C ASP D 44 9.87 -20.26 21.07
N PRO D 45 10.90 -20.43 20.21
CA PRO D 45 11.30 -19.37 19.28
C PRO D 45 10.40 -19.27 18.06
N TYR D 46 9.13 -18.93 18.25
CA TYR D 46 8.21 -18.82 17.12
C TYR D 46 8.48 -17.58 16.29
N GLN D 47 9.31 -16.68 16.80
CA GLN D 47 9.65 -15.46 16.08
C GLN D 47 10.66 -15.72 14.97
N ASN D 48 11.32 -16.88 15.02
CA ASN D 48 12.28 -17.27 14.00
C ASN D 48 11.69 -18.20 12.92
N TYR D 49 10.38 -18.44 13.01
CA TYR D 49 9.62 -19.27 12.08
C TYR D 49 9.78 -18.91 10.60
N PRO D 50 10.03 -19.89 9.71
CA PRO D 50 10.06 -21.36 9.76
C PRO D 50 11.21 -21.98 10.54
N HIS D 51 12.24 -21.22 10.87
CA HIS D 51 13.39 -21.85 11.49
C HIS D 51 13.06 -21.89 12.97
N TYR D 52 12.71 -23.09 13.42
CA TYR D 52 12.10 -23.28 14.72
C TYR D 52 12.69 -24.52 15.37
N ILE D 53 13.41 -24.32 16.46
CA ILE D 53 13.99 -25.43 17.20
C ILE D 53 13.73 -25.19 18.68
N PRO D 54 12.53 -25.55 19.14
CA PRO D 54 12.13 -25.29 20.52
C PRO D 54 12.93 -26.15 21.49
N GLU D 55 14.17 -25.74 21.75
CA GLU D 55 15.08 -26.47 22.61
C GLU D 55 14.48 -26.79 23.96
N GLY D 56 14.54 -28.06 24.34
CA GLY D 56 14.00 -28.52 25.61
C GLY D 56 12.52 -28.87 25.55
N SER D 57 12.04 -29.18 24.35
CA SER D 57 10.63 -29.52 24.16
C SER D 57 10.41 -31.01 24.00
N ARG D 58 9.27 -31.48 24.49
CA ARG D 58 8.95 -32.91 24.42
C ARG D 58 7.63 -33.15 23.69
N ILE D 59 7.54 -34.27 22.98
CA ILE D 59 6.30 -34.68 22.34
C ILE D 59 5.59 -35.69 23.24
N VAL D 60 4.30 -35.44 23.50
CA VAL D 60 3.59 -36.22 24.51
C VAL D 60 2.24 -36.75 24.02
N LEU D 61 1.79 -37.84 24.64
CA LEU D 61 0.53 -38.49 24.30
C LEU D 61 -0.48 -38.41 25.45
N PHE D 62 -1.63 -37.81 25.17
CA PHE D 62 -2.66 -37.57 26.18
C PHE D 62 -3.98 -38.17 25.72
N ASP D 63 -4.59 -38.98 26.59
CA ASP D 63 -5.82 -39.66 26.22
C ASP D 63 -6.97 -38.90 26.94
N LEU D 64 -8.12 -38.75 26.29
CA LEU D 64 -9.13 -37.72 26.64
C LEU D 64 -10.12 -38.22 27.71
N ASN D 65 -9.79 -39.37 28.26
CA ASN D 65 -10.63 -40.20 29.11
C ASN D 65 -10.29 -40.16 30.61
N THR D 66 -9.19 -40.86 30.86
CA THR D 66 -8.57 -41.12 32.13
C THR D 66 -7.81 -39.82 32.35
N LYS D 67 -7.43 -39.23 31.20
CA LYS D 67 -6.64 -38.01 31.10
C LYS D 67 -5.23 -38.22 31.63
N GLU D 68 -4.64 -39.37 31.28
CA GLU D 68 -3.23 -39.61 31.53
C GLU D 68 -2.40 -38.87 30.47
N LEU D 69 -1.13 -38.64 30.78
CA LEU D 69 -0.18 -38.09 29.82
C LEU D 69 1.14 -38.85 29.89
N LYS D 70 1.67 -39.24 28.74
CA LYS D 70 2.93 -39.99 28.69
C LYS D 70 3.94 -39.33 27.75
N VAL D 71 5.20 -39.26 28.20
CA VAL D 71 6.27 -38.67 27.41
C VAL D 71 7.01 -39.72 26.61
N LEU D 72 6.85 -39.69 25.29
CA LEU D 72 7.47 -40.66 24.39
C LEU D 72 8.92 -40.31 24.05
N THR D 73 9.22 -39.01 24.04
CA THR D 73 10.44 -38.49 23.46
C THR D 73 11.60 -38.32 24.44
N ASN D 74 11.45 -38.87 25.65
CA ASN D 74 12.42 -38.66 26.73
C ASN D 74 13.89 -38.91 26.35
N ASP D 75 14.10 -39.71 25.30
CA ASP D 75 15.45 -39.93 24.78
C ASP D 75 15.96 -38.75 23.99
N PHE D 76 15.08 -37.81 23.67
CA PHE D 76 15.45 -36.64 22.87
C PHE D 76 15.58 -35.38 23.71
N ALA D 77 16.65 -34.62 23.45
CA ALA D 77 16.82 -33.33 24.09
C ALA D 77 15.77 -32.35 23.57
N THR D 78 15.49 -32.44 22.26
CA THR D 78 14.46 -31.60 21.66
C THR D 78 13.53 -32.43 20.79
N ALA D 79 12.22 -32.22 20.91
CA ALA D 79 11.26 -32.94 20.08
C ALA D 79 10.05 -32.09 19.72
N PHE D 80 9.65 -32.13 18.45
CA PHE D 80 8.50 -31.34 18.00
C PHE D 80 8.00 -31.77 16.62
N ASP D 81 6.98 -31.08 16.13
CA ASP D 81 6.34 -31.34 14.84
C ASP D 81 5.81 -32.77 14.69
N PRO D 82 4.81 -33.16 15.50
CA PRO D 82 4.24 -34.50 15.36
C PRO D 82 3.38 -34.63 14.10
N CYS D 83 3.51 -35.74 13.39
CA CYS D 83 2.60 -36.06 12.30
C CYS D 83 2.25 -37.55 12.33
N THR D 84 0.97 -37.85 12.46
CA THR D 84 0.52 -39.23 12.60
C THR D 84 0.48 -39.97 11.27
N TYR D 85 0.69 -41.29 11.32
CA TYR D 85 0.61 -42.14 10.14
C TYR D 85 -0.84 -42.37 9.76
N TRP D 86 -1.06 -43.19 8.73
CA TRP D 86 -2.42 -43.42 8.22
C TRP D 86 -3.27 -44.23 9.20
N ASP D 87 -2.68 -45.28 9.77
CA ASP D 87 -3.41 -46.15 10.70
C ASP D 87 -3.52 -45.52 12.08
N GLY D 88 -2.57 -44.64 12.40
CA GLY D 88 -2.59 -43.92 13.66
C GLY D 88 -1.86 -44.61 14.78
N LYS D 89 -1.14 -45.69 14.45
CA LYS D 89 -0.38 -46.42 15.45
C LYS D 89 1.08 -46.01 15.48
N LYS D 90 1.46 -45.09 14.59
CA LYS D 90 2.81 -44.54 14.58
C LYS D 90 2.82 -43.12 14.05
N PHE D 91 3.91 -42.40 14.31
CA PHE D 91 4.04 -41.02 13.85
C PHE D 91 5.48 -40.64 13.57
N ALA D 92 5.66 -39.56 12.81
CA ALA D 92 6.96 -39.01 12.51
C ALA D 92 7.09 -37.61 13.08
N PHE D 93 8.32 -37.17 13.32
CA PHE D 93 8.56 -35.89 13.96
C PHE D 93 9.97 -35.37 13.69
N ALA D 94 10.27 -34.20 14.24
CA ALA D 94 11.61 -33.64 14.17
C ALA D 94 12.21 -33.59 15.56
N GLY D 95 13.49 -33.93 15.67
CA GLY D 95 14.13 -33.94 16.97
C GLY D 95 15.64 -33.83 17.03
N VAL D 96 16.12 -33.38 18.17
CA VAL D 96 17.53 -33.38 18.52
C VAL D 96 17.76 -34.41 19.61
N HIS D 97 18.48 -35.48 19.26
CA HIS D 97 18.76 -36.58 20.17
C HIS D 97 19.74 -36.16 21.26
N LYS D 98 19.64 -36.79 22.43
CA LYS D 98 20.53 -36.48 23.53
C LYS D 98 21.96 -36.91 23.24
N LYS D 99 22.12 -37.77 22.24
CA LYS D 99 23.43 -38.24 21.84
C LYS D 99 24.01 -37.36 20.74
N GLY D 100 23.24 -36.35 20.33
CA GLY D 100 23.67 -35.44 19.28
C GLY D 100 23.13 -35.83 17.91
N GLY D 101 23.77 -35.32 16.86
CA GLY D 101 23.36 -35.62 15.51
C GLY D 101 22.63 -34.47 14.84
N GLY D 102 22.26 -33.47 15.64
CA GLY D 102 21.56 -32.31 15.13
C GLY D 102 20.06 -32.51 15.12
N CYS D 103 19.34 -31.58 14.49
CA CYS D 103 17.89 -31.69 14.41
C CYS D 103 17.50 -32.41 13.13
N GLN D 104 16.93 -33.60 13.28
CA GLN D 104 16.68 -34.46 12.15
C GLN D 104 15.24 -34.99 12.14
N ILE D 105 14.93 -35.81 11.13
CA ILE D 105 13.62 -36.44 11.03
C ILE D 105 13.66 -37.83 11.65
N TRP D 106 12.70 -38.11 12.52
CA TRP D 106 12.61 -39.40 13.18
C TRP D 106 11.19 -39.94 13.08
N GLU D 107 11.01 -41.22 13.37
CA GLU D 107 9.66 -41.78 13.47
C GLU D 107 9.63 -42.91 14.49
N MET D 108 8.51 -42.99 15.21
CA MET D 108 8.32 -44.04 16.21
C MET D 108 6.84 -44.36 16.32
N ASN D 109 6.52 -45.52 16.90
CA ASN D 109 5.13 -45.90 17.02
C ASN D 109 4.45 -45.20 18.20
N ILE D 110 3.15 -45.41 18.37
CA ILE D 110 2.37 -44.64 19.32
C ILE D 110 2.65 -45.06 20.76
N ASP D 111 3.15 -46.28 20.95
CA ASP D 111 3.43 -46.79 22.29
C ASP D 111 4.76 -46.29 22.82
N GLY D 112 5.58 -45.75 21.92
CA GLY D 112 6.88 -45.23 22.31
C GLY D 112 8.03 -46.10 21.83
N SER D 113 7.71 -47.27 21.27
CA SER D 113 8.73 -48.17 20.76
C SER D 113 9.02 -47.93 19.29
N GLY D 114 9.97 -48.68 18.73
CA GLY D 114 10.28 -48.62 17.32
C GLY D 114 10.83 -47.29 16.85
N LEU D 115 11.90 -46.82 17.49
CA LEU D 115 12.52 -45.55 17.14
C LEU D 115 13.48 -45.73 15.96
N ARG D 116 13.29 -44.92 14.92
CA ARG D 116 14.12 -44.99 13.72
C ARG D 116 14.52 -43.60 13.24
N GLN D 117 15.76 -43.47 12.75
CA GLN D 117 16.28 -42.19 12.29
C GLN D 117 16.21 -42.05 10.77
N MET D 118 15.40 -41.10 10.30
CA MET D 118 15.17 -40.89 8.88
C MET D 118 16.25 -40.08 8.16
N THR D 119 16.71 -39.00 8.79
CA THR D 119 17.62 -38.07 8.12
C THR D 119 18.95 -37.88 8.83
N ASP D 120 20.05 -38.07 8.11
CA ASP D 120 21.38 -37.76 8.60
C ASP D 120 21.86 -36.40 8.09
N LEU D 121 20.96 -35.66 7.44
CA LEU D 121 21.31 -34.45 6.69
C LEU D 121 22.13 -33.44 7.49
N LYS D 122 23.04 -32.76 6.80
CA LYS D 122 23.82 -31.70 7.43
C LYS D 122 23.05 -30.41 7.27
N GLY D 123 22.48 -29.95 8.38
CA GLY D 123 21.52 -28.87 8.34
C GLY D 123 20.44 -29.07 9.39
N THR D 124 19.33 -28.36 9.23
CA THR D 124 18.19 -28.52 10.11
C THR D 124 17.01 -29.13 9.36
N CYS D 125 16.28 -30.02 10.02
CA CYS D 125 15.11 -30.67 9.42
C CYS D 125 13.89 -30.56 10.34
N ARG D 126 12.73 -30.33 9.74
CA ARG D 126 11.47 -30.29 10.49
C ARG D 126 10.26 -30.49 9.58
N SER D 127 9.08 -30.48 10.18
CA SER D 127 7.80 -30.62 9.47
C SER D 127 7.70 -31.87 8.59
N PRO D 128 7.93 -33.07 9.15
CA PRO D 128 7.73 -34.24 8.30
C PRO D 128 6.25 -34.57 8.12
N ILE D 129 5.87 -35.04 6.93
CA ILE D 129 4.53 -35.54 6.68
C ILE D 129 4.60 -36.80 5.83
N TYR D 130 3.58 -37.65 5.97
CA TYR D 130 3.53 -38.88 5.19
C TYR D 130 2.72 -38.68 3.92
N TYR D 131 3.40 -38.75 2.77
CA TYR D 131 2.73 -38.79 1.49
C TYR D 131 3.00 -40.14 0.85
N ALA D 132 1.99 -41.00 0.82
CA ALA D 132 2.21 -42.37 0.37
C ALA D 132 1.98 -42.52 -1.12
N ALA D 133 3.05 -42.83 -1.84
CA ALA D 133 3.00 -42.99 -3.29
C ALA D 133 3.25 -44.44 -3.66
N GLY D 134 2.28 -45.04 -4.35
CA GLY D 134 2.38 -46.44 -4.73
C GLY D 134 1.98 -47.35 -3.58
N SER D 135 1.57 -46.74 -2.46
CA SER D 135 1.12 -47.50 -1.31
C SER D 135 -0.26 -47.02 -0.87
N ILE D 136 -1.27 -47.86 -1.08
CA ILE D 136 -2.63 -47.55 -0.70
C ILE D 136 -3.08 -48.59 0.32
N GLU D 137 -3.23 -49.81 -0.20
CA GLU D 137 -3.45 -51.00 0.60
C GLU D 137 -2.19 -51.33 1.36
N GLU D 138 -2.34 -51.84 2.58
CA GLU D 138 -1.17 -52.27 3.35
C GLU D 138 -0.56 -53.50 2.70
N GLY D 139 0.76 -53.49 2.52
CA GLY D 139 1.42 -54.67 1.99
C GLY D 139 2.72 -54.47 1.23
N GLU D 140 2.97 -55.43 0.35
CA GLU D 140 4.18 -55.50 -0.45
C GLU D 140 3.82 -55.19 -1.91
N GLY D 141 4.78 -54.67 -2.68
CA GLY D 141 4.50 -54.33 -4.06
C GLY D 141 5.68 -54.56 -4.97
N ARG D 142 5.41 -54.69 -6.27
CA ARG D 142 6.41 -55.20 -7.20
C ARG D 142 7.24 -54.12 -7.89
N ILE D 143 8.51 -54.45 -8.11
CA ILE D 143 9.44 -53.59 -8.85
C ILE D 143 9.68 -54.16 -10.24
N ILE D 144 9.21 -53.44 -11.26
CA ILE D 144 9.32 -53.91 -12.63
C ILE D 144 10.12 -52.93 -13.47
N TRP D 145 11.02 -53.44 -14.31
CA TRP D 145 11.67 -52.54 -15.27
C TRP D 145 12.09 -53.23 -16.57
N ARG D 146 12.72 -52.45 -17.44
CA ARG D 146 13.02 -52.90 -18.80
C ARG D 146 14.51 -52.90 -19.10
N ASP D 147 14.95 -53.93 -19.83
CA ASP D 147 16.35 -54.06 -20.22
C ASP D 147 16.68 -53.22 -21.45
N GLU D 151 14.57 -54.15 -28.99
CA GLU D 151 14.85 -55.30 -28.14
C GLU D 151 14.79 -54.94 -26.66
N GLY D 152 13.81 -55.51 -25.97
CA GLY D 152 13.69 -55.35 -24.53
C GLY D 152 12.34 -55.82 -24.06
N ASP D 153 12.21 -56.06 -22.76
CA ASP D 153 10.94 -56.52 -22.20
C ASP D 153 10.75 -55.94 -20.80
N TRP D 154 9.60 -56.22 -20.19
CA TRP D 154 9.28 -55.70 -18.87
C TRP D 154 9.23 -56.83 -17.85
N LYS D 155 10.20 -56.82 -16.94
CA LYS D 155 10.35 -57.93 -16.01
C LYS D 155 10.24 -57.49 -14.55
N GLU D 156 9.70 -58.40 -13.73
CA GLU D 156 9.60 -58.21 -12.29
C GLU D 156 10.89 -58.64 -11.62
N HIS D 157 11.57 -57.69 -10.98
CA HIS D 157 12.82 -57.97 -10.30
C HIS D 157 12.68 -58.20 -8.80
N GLY D 158 11.44 -58.32 -8.33
CA GLY D 158 11.17 -58.51 -6.91
C GLY D 158 10.49 -57.32 -6.25
N MET D 159 10.30 -57.41 -4.94
CA MET D 159 9.35 -56.54 -4.28
C MET D 159 9.95 -55.54 -3.29
N VAL D 160 9.07 -54.73 -2.72
CA VAL D 160 9.43 -53.78 -1.67
C VAL D 160 8.22 -53.57 -0.75
N GLU D 161 8.49 -53.42 0.54
CA GLU D 161 7.47 -53.04 1.50
C GLU D 161 6.92 -51.67 1.10
N LYS D 162 5.61 -51.56 0.96
CA LYS D 162 5.06 -50.25 0.58
C LYS D 162 4.50 -49.53 1.80
N THR D 163 5.23 -48.50 2.22
CA THR D 163 4.86 -47.70 3.37
C THR D 163 4.44 -46.33 2.91
N GLY D 164 5.39 -45.61 2.30
CA GLY D 164 5.11 -44.31 1.73
C GLY D 164 6.36 -43.47 1.57
N MET D 165 6.15 -42.17 1.35
CA MET D 165 7.23 -41.21 1.25
C MET D 165 7.09 -40.18 2.37
N ILE D 166 8.18 -39.51 2.72
CA ILE D 166 8.11 -38.47 3.73
C ILE D 166 8.51 -37.12 3.16
N ILE D 167 7.56 -36.19 3.12
CA ILE D 167 7.82 -34.84 2.66
C ILE D 167 8.12 -33.94 3.85
N PHE D 168 9.31 -33.35 3.88
CA PHE D 168 9.67 -32.49 5.01
C PHE D 168 10.36 -31.20 4.57
N SER D 169 10.45 -30.25 5.49
CA SER D 169 11.19 -29.02 5.21
C SER D 169 12.58 -29.11 5.83
N GLY D 170 13.58 -28.67 5.08
CA GLY D 170 14.95 -28.74 5.57
C GLY D 170 15.83 -27.67 4.98
N SER D 171 16.89 -27.33 5.70
CA SER D 171 17.80 -26.27 5.29
C SER D 171 19.24 -26.66 5.54
N PRO D 172 20.15 -26.25 4.64
CA PRO D 172 21.59 -26.47 4.85
C PRO D 172 22.14 -25.51 5.90
N GLU D 173 23.45 -25.59 6.14
CA GLU D 173 24.09 -24.69 7.09
C GLU D 173 25.16 -23.84 6.39
N GLY D 174 25.41 -22.66 6.95
CA GLY D 174 26.31 -21.71 6.31
C GLY D 174 25.62 -21.07 5.13
N VAL D 175 24.31 -20.88 5.26
CA VAL D 175 23.48 -20.35 4.19
C VAL D 175 22.65 -19.16 4.66
N MET D 176 22.47 -18.17 3.78
CA MET D 176 21.63 -17.02 4.09
C MET D 176 20.49 -16.87 3.09
N ASP D 177 19.30 -16.54 3.58
CA ASP D 177 18.17 -16.27 2.71
C ASP D 177 18.23 -14.84 2.18
N GLU D 178 17.15 -14.40 1.56
CA GLU D 178 17.11 -13.06 0.98
C GLU D 178 16.96 -11.97 2.04
N PHE D 179 16.60 -12.38 3.25
CA PHE D 179 16.53 -11.47 4.38
C PHE D 179 17.81 -11.50 5.21
N HIS D 180 18.79 -12.26 4.71
CA HIS D 180 20.08 -12.47 5.37
C HIS D 180 19.94 -13.18 6.72
N ASN D 181 18.87 -13.94 6.89
CA ASN D 181 18.74 -14.84 8.03
C ASN D 181 19.64 -16.05 7.82
N PRO D 182 20.19 -16.62 8.90
CA PRO D 182 21.15 -17.71 8.64
C PRO D 182 20.45 -19.05 8.42
N TYR D 183 19.44 -19.06 7.58
CA TYR D 183 18.81 -20.29 7.12
C TYR D 183 18.10 -20.07 5.78
N ALA D 184 18.10 -21.09 4.92
CA ALA D 184 17.18 -21.10 3.80
C ALA D 184 16.52 -22.46 3.68
N TYR D 185 15.23 -22.53 3.99
CA TYR D 185 14.48 -23.79 3.96
C TYR D 185 13.94 -24.14 2.59
N ASN D 186 13.77 -25.45 2.37
CA ASN D 186 13.15 -25.96 1.15
C ASN D 186 12.45 -27.28 1.43
N LEU D 187 11.81 -27.84 0.41
CA LEU D 187 11.07 -29.09 0.59
C LEU D 187 11.85 -30.29 0.03
N TYR D 188 11.82 -31.38 0.77
CA TYR D 188 12.47 -32.62 0.38
C TYR D 188 11.48 -33.78 0.40
N ARG D 189 11.58 -34.65 -0.61
CA ARG D 189 10.87 -35.92 -0.60
C ARG D 189 11.84 -37.01 -0.17
N LEU D 190 11.34 -37.95 0.64
CA LEU D 190 12.19 -38.95 1.25
C LEU D 190 11.65 -40.36 1.02
N ASP D 191 12.46 -41.20 0.39
CA ASP D 191 12.15 -42.62 0.27
C ASP D 191 12.61 -43.34 1.53
N THR D 192 11.66 -43.99 2.19
CA THR D 192 11.88 -44.65 3.47
C THR D 192 12.48 -46.04 3.33
N GLN D 193 12.38 -46.62 2.13
CA GLN D 193 12.84 -47.99 1.92
C GLN D 193 14.25 -48.06 1.33
N GLY D 194 14.89 -46.91 1.19
CA GLY D 194 16.24 -46.86 0.67
C GLY D 194 16.28 -46.56 -0.82
N GLY D 195 15.16 -46.07 -1.34
CA GLY D 195 15.09 -45.66 -2.73
C GLY D 195 14.33 -46.63 -3.62
N LYS D 196 13.85 -47.73 -3.04
CA LYS D 196 13.22 -48.78 -3.82
C LYS D 196 11.71 -48.61 -3.95
N ILE D 197 11.16 -47.60 -3.26
CA ILE D 197 9.78 -47.20 -3.50
C ILE D 197 9.76 -46.37 -4.77
N ILE D 198 10.76 -45.50 -4.91
CA ILE D 198 10.98 -44.76 -6.15
C ILE D 198 11.30 -45.73 -7.27
N GLN D 199 12.06 -46.77 -6.95
CA GLN D 199 12.40 -47.81 -7.92
C GLN D 199 11.16 -48.62 -8.28
N ARG D 200 10.22 -48.70 -7.36
CA ARG D 200 8.95 -49.35 -7.64
C ARG D 200 8.14 -48.50 -8.62
N ILE D 201 8.03 -47.21 -8.33
CA ILE D 201 7.28 -46.30 -9.19
C ILE D 201 7.99 -45.97 -10.51
N THR D 202 9.22 -45.48 -10.42
CA THR D 202 9.96 -45.07 -11.61
C THR D 202 10.66 -46.21 -12.35
N GLY D 203 11.21 -47.16 -11.59
CA GLY D 203 12.03 -48.20 -12.16
C GLY D 203 13.51 -47.98 -11.87
N HIS D 204 13.79 -47.00 -11.03
CA HIS D 204 15.17 -46.72 -10.60
C HIS D 204 15.16 -46.10 -9.21
N VAL D 205 16.20 -46.37 -8.43
CA VAL D 205 16.30 -45.83 -7.08
C VAL D 205 16.40 -44.30 -7.10
N LEU D 206 15.93 -43.67 -6.03
CA LEU D 206 15.90 -42.21 -5.95
C LEU D 206 17.30 -41.61 -6.00
N SER D 207 17.48 -40.64 -6.90
CA SER D 207 18.74 -39.92 -6.99
C SER D 207 18.67 -38.64 -6.17
N GLY D 208 19.74 -38.35 -5.46
CA GLY D 208 19.75 -37.27 -4.48
C GLY D 208 20.79 -37.61 -3.44
N ILE D 209 20.62 -37.11 -2.22
CA ILE D 209 21.53 -37.47 -1.15
C ILE D 209 21.07 -38.79 -0.52
N GLU D 210 22.00 -39.74 -0.43
CA GLU D 210 21.68 -41.07 0.10
C GLU D 210 22.11 -41.24 1.55
N PHE D 211 21.25 -41.89 2.33
CA PHE D 211 21.55 -42.22 3.71
C PHE D 211 21.51 -43.73 3.89
N PRO D 212 22.62 -44.40 3.55
CA PRO D 212 22.73 -45.86 3.54
C PRO D 212 22.54 -46.50 4.92
N HIS D 213 23.14 -45.91 5.94
CA HIS D 213 23.09 -46.48 7.29
C HIS D 213 21.69 -46.35 7.88
N LEU D 214 20.92 -45.37 7.40
CA LEU D 214 19.55 -45.19 7.84
C LEU D 214 18.56 -45.84 6.87
N ASN D 215 19.10 -46.37 5.78
CA ASN D 215 18.29 -46.97 4.72
C ASN D 215 17.23 -46.01 4.19
N THR D 216 17.62 -44.77 3.96
CA THR D 216 16.70 -43.76 3.43
C THR D 216 17.36 -42.96 2.33
N THR D 217 16.55 -42.24 1.54
CA THR D 217 17.11 -41.38 0.49
C THR D 217 16.33 -40.08 0.36
N ILE D 218 17.02 -38.97 0.15
CA ILE D 218 16.34 -37.67 0.04
C ILE D 218 16.59 -36.97 -1.29
N ASP D 219 15.56 -36.29 -1.77
CA ASP D 219 15.61 -35.50 -3.00
C ASP D 219 14.99 -34.12 -2.77
N GLN D 220 15.57 -33.09 -3.38
CA GLN D 220 15.10 -31.73 -3.19
C GLN D 220 14.12 -31.31 -4.27
N ILE D 221 12.86 -31.12 -3.89
CA ILE D 221 11.81 -30.78 -4.84
C ILE D 221 11.52 -29.29 -5.00
N THR D 222 12.06 -28.46 -4.12
CA THR D 222 11.81 -27.01 -4.17
C THR D 222 13.11 -26.23 -4.03
N TYR D 223 13.44 -25.44 -5.04
CA TYR D 223 14.71 -24.72 -5.10
C TYR D 223 14.69 -23.25 -4.70
N ASN D 224 13.54 -22.78 -4.20
CA ASN D 224 13.37 -21.37 -3.80
C ASN D 224 14.50 -20.85 -2.90
N LEU D 225 14.97 -19.64 -3.20
CA LEU D 225 16.08 -19.03 -2.46
C LEU D 225 15.69 -18.62 -1.05
N SER D 226 14.39 -18.52 -0.81
CA SER D 226 13.90 -18.26 0.53
C SER D 226 13.18 -19.49 1.05
N SER D 227 12.65 -19.40 2.27
CA SER D 227 12.16 -20.57 2.97
C SER D 227 10.80 -21.08 2.50
N ASN D 228 10.76 -22.35 2.12
CA ASN D 228 9.51 -23.07 1.92
C ASN D 228 9.29 -24.01 3.09
N PHE D 229 8.09 -23.97 3.67
CA PHE D 229 7.86 -24.68 4.92
C PHE D 229 6.41 -25.11 5.14
N ASP D 230 6.19 -25.82 6.24
CA ASP D 230 4.88 -26.33 6.63
C ASP D 230 4.13 -27.04 5.50
N PRO D 231 4.66 -28.17 5.01
CA PRO D 231 3.98 -28.93 3.97
C PRO D 231 2.79 -29.72 4.50
N TRP D 232 1.76 -29.87 3.67
CA TRP D 232 0.58 -30.63 4.06
C TRP D 232 -0.04 -31.25 2.82
N LEU D 233 -1.23 -31.84 2.98
CA LEU D 233 -1.87 -32.57 1.90
C LEU D 233 -3.10 -31.85 1.34
N THR D 234 -3.18 -31.79 0.02
CA THR D 234 -4.36 -31.28 -0.67
C THR D 234 -5.33 -32.42 -0.94
N PRO D 235 -6.64 -32.12 -1.01
CA PRO D 235 -7.65 -33.14 -1.28
C PRO D 235 -7.44 -33.88 -2.60
N ASP D 236 -6.77 -33.24 -3.55
CA ASP D 236 -6.51 -33.86 -4.85
C ASP D 236 -5.15 -34.56 -4.88
N GLY D 237 -4.47 -34.61 -3.74
CA GLY D 237 -3.23 -35.36 -3.63
C GLY D 237 -1.95 -34.62 -3.96
N ASN D 238 -1.94 -33.31 -3.73
CA ASN D 238 -0.71 -32.52 -3.89
C ASN D 238 -0.21 -31.99 -2.55
N ILE D 239 0.90 -31.26 -2.60
CA ILE D 239 1.53 -30.75 -1.39
C ILE D 239 1.23 -29.28 -1.15
N LEU D 240 0.48 -29.00 -0.08
CA LEU D 240 0.14 -27.63 0.30
C LEU D 240 1.17 -27.10 1.30
N PHE D 241 1.72 -25.92 1.03
CA PHE D 241 2.71 -25.35 1.92
C PHE D 241 2.82 -23.83 1.82
N SER D 242 3.69 -23.26 2.64
CA SER D 242 3.94 -21.82 2.65
C SER D 242 5.25 -21.50 1.94
N SER D 243 5.24 -20.42 1.16
CA SER D 243 6.42 -20.01 0.41
C SER D 243 6.70 -18.52 0.60
N VAL D 244 7.96 -18.19 0.90
CA VAL D 244 8.36 -16.82 1.07
C VAL D 244 8.91 -16.25 -0.23
N GLN D 245 8.20 -15.30 -0.82
CA GLN D 245 8.74 -14.62 -2.00
C GLN D 245 9.28 -13.26 -1.58
N ALA D 246 10.60 -13.20 -1.43
CA ALA D 246 11.31 -11.98 -1.09
C ALA D 246 12.07 -11.34 -2.24
N ASN D 247 11.99 -11.94 -3.43
CA ASN D 247 12.95 -11.64 -4.49
C ASN D 247 13.04 -10.16 -4.85
N GLY D 248 14.26 -9.62 -4.76
CA GLY D 248 14.51 -8.23 -5.04
C GLY D 248 13.67 -7.24 -4.24
N SER D 249 13.15 -6.23 -4.93
CA SER D 249 12.35 -5.18 -4.32
C SER D 249 10.86 -5.51 -4.31
N ARG D 250 10.53 -6.74 -4.69
CA ARG D 250 9.15 -7.19 -4.84
C ARG D 250 8.25 -6.91 -3.63
N ALA D 251 7.03 -6.49 -3.91
CA ALA D 251 6.01 -6.23 -2.89
C ALA D 251 6.48 -5.21 -1.87
N GLY D 252 6.71 -3.98 -2.32
CA GLY D 252 7.13 -2.90 -1.44
C GLY D 252 8.49 -3.13 -0.82
N GLY D 253 9.22 -4.10 -1.34
CA GLY D 253 10.55 -4.41 -0.84
C GLY D 253 10.55 -5.40 0.31
N GLU D 254 9.39 -5.61 0.92
CA GLU D 254 9.29 -6.51 2.07
C GLU D 254 8.85 -7.92 1.68
N GLY D 255 8.52 -8.12 0.40
CA GLY D 255 8.09 -9.42 -0.07
C GLY D 255 6.78 -9.89 0.55
N ARG D 256 6.40 -11.13 0.28
CA ARG D 256 5.18 -11.69 0.86
C ARG D 256 5.28 -13.19 1.09
N VAL D 257 4.56 -13.68 2.11
CA VAL D 257 4.48 -15.11 2.38
C VAL D 257 3.15 -15.68 1.90
N MET D 258 3.21 -16.51 0.87
CA MET D 258 2.01 -17.01 0.21
C MET D 258 1.71 -18.47 0.53
N ILE D 259 0.44 -18.82 0.55
CA ILE D 259 0.03 -20.21 0.60
C ILE D 259 -0.06 -20.74 -0.83
N CYS D 260 0.64 -21.84 -1.10
CA CYS D 260 0.67 -22.41 -2.44
C CYS D 260 0.71 -23.94 -2.42
N VAL D 261 0.67 -24.54 -3.61
CA VAL D 261 0.75 -26.00 -3.74
C VAL D 261 1.77 -26.41 -4.78
N ASP D 262 2.28 -27.63 -4.65
CA ASP D 262 3.21 -28.18 -5.63
C ASP D 262 3.11 -29.71 -5.63
N ASN D 263 3.44 -30.33 -6.76
CA ASN D 263 3.50 -31.78 -6.82
C ASN D 263 4.61 -32.30 -5.94
N TRP D 264 4.48 -33.54 -5.46
CA TRP D 264 5.41 -34.08 -4.48
C TRP D 264 6.82 -34.28 -5.05
N ASP D 265 6.93 -34.23 -6.38
CA ASP D 265 8.25 -34.22 -7.02
C ASP D 265 8.68 -32.81 -7.38
N GLY D 266 7.81 -31.84 -7.09
CA GLY D 266 8.11 -30.44 -7.37
C GLY D 266 8.05 -30.12 -8.85
N ALA D 267 7.15 -30.78 -9.56
CA ALA D 267 7.03 -30.60 -11.01
C ALA D 267 6.24 -29.35 -11.38
N TYR D 268 5.22 -29.03 -10.60
CA TYR D 268 4.29 -27.96 -10.97
C TYR D 268 3.84 -27.11 -9.78
N PRO D 269 4.74 -26.25 -9.28
CA PRO D 269 4.35 -25.30 -8.22
C PRO D 269 3.42 -24.21 -8.74
N ARG D 270 2.37 -23.91 -7.99
CA ARG D 270 1.45 -22.84 -8.37
C ARG D 270 0.91 -22.15 -7.11
N PRO D 271 0.64 -20.84 -7.21
CA PRO D 271 0.14 -20.08 -6.06
C PRO D 271 -1.31 -20.41 -5.73
N ILE D 272 -1.68 -20.26 -4.46
CA ILE D 272 -3.06 -20.41 -4.03
C ILE D 272 -3.61 -19.07 -3.55
N TYR D 273 -3.03 -18.53 -2.48
CA TYR D 273 -3.48 -17.23 -1.98
C TYR D 273 -2.38 -16.44 -1.27
N GLY D 274 -2.41 -15.12 -1.43
CA GLY D 274 -1.56 -14.23 -0.65
C GLY D 274 -0.39 -13.57 -1.34
N ASN D 275 -0.07 -14.00 -2.56
CA ASN D 275 1.12 -13.48 -3.25
C ASN D 275 0.86 -12.35 -4.24
N CYS D 276 -0.41 -12.01 -4.49
CA CYS D 276 -0.72 -11.08 -5.57
C CYS D 276 -1.38 -9.80 -5.06
N ASP D 277 -1.25 -8.74 -5.85
CA ASP D 277 -1.81 -7.44 -5.50
C ASP D 277 -3.34 -7.52 -5.40
N GLY D 278 -3.89 -6.82 -4.40
CA GLY D 278 -5.33 -6.80 -4.20
C GLY D 278 -5.77 -7.81 -3.17
N GLU D 279 -4.93 -8.81 -2.92
CA GLU D 279 -5.28 -9.86 -1.97
C GLU D 279 -5.05 -9.42 -0.52
N ILE D 280 -5.82 -10.02 0.39
CA ILE D 280 -5.86 -9.60 1.78
C ILE D 280 -4.72 -10.17 2.63
N GLY D 281 -4.29 -9.39 3.62
CA GLY D 281 -3.28 -9.81 4.58
C GLY D 281 -1.92 -9.16 4.45
N GLY D 282 -1.62 -8.58 3.28
CA GLY D 282 -0.41 -7.81 3.12
C GLY D 282 0.88 -8.55 3.45
N THR D 283 1.65 -8.00 4.39
CA THR D 283 2.92 -8.57 4.78
C THR D 283 2.80 -9.58 5.91
N SER D 284 1.57 -9.86 6.34
CA SER D 284 1.33 -10.84 7.41
C SER D 284 1.87 -12.21 7.01
N GLY D 285 2.42 -12.92 7.98
CA GLY D 285 2.93 -14.26 7.74
C GLY D 285 1.81 -15.27 7.64
N ARG D 286 1.93 -16.23 6.75
CA ARG D 286 0.92 -17.28 6.63
C ARG D 286 1.56 -18.65 6.83
N SER D 287 1.22 -19.31 7.92
CA SER D 287 1.87 -20.58 8.25
C SER D 287 0.92 -21.63 8.82
N GLN D 288 1.40 -22.87 8.87
CA GLN D 288 0.67 -23.98 9.48
C GLN D 288 -0.69 -24.18 8.84
N ALA D 289 -0.73 -24.12 7.51
CA ALA D 289 -1.98 -24.17 6.75
C ALA D 289 -2.49 -25.61 6.62
N LYS D 290 -3.76 -25.79 6.97
CA LYS D 290 -4.44 -27.07 6.81
C LYS D 290 -5.82 -26.86 6.20
N ILE D 291 -6.44 -27.94 5.73
CA ILE D 291 -7.72 -27.84 5.03
C ILE D 291 -8.84 -28.61 5.74
N THR D 292 -9.98 -27.96 5.93
CA THR D 292 -11.13 -28.58 6.56
C THR D 292 -11.81 -29.55 5.59
N PHE D 293 -12.37 -30.62 6.13
CA PHE D 293 -13.02 -31.65 5.32
C PHE D 293 -14.46 -31.31 4.92
N GLY D 294 -15.23 -30.79 5.86
CA GLY D 294 -16.64 -30.54 5.63
C GLY D 294 -16.97 -29.46 4.62
N ASP D 295 -16.51 -28.24 4.89
CA ASP D 295 -16.78 -27.11 3.99
C ASP D 295 -15.61 -26.82 3.04
N ARG D 296 -14.56 -27.62 3.14
CA ARG D 296 -13.37 -27.48 2.30
C ARG D 296 -12.76 -26.08 2.36
N LYS D 297 -12.30 -25.70 3.55
CA LYS D 297 -11.68 -24.41 3.74
C LYS D 297 -10.22 -24.56 4.14
N ILE D 298 -9.34 -23.78 3.52
CA ILE D 298 -7.96 -23.71 3.96
C ILE D 298 -7.89 -22.81 5.19
N VAL D 299 -7.47 -23.39 6.31
CA VAL D 299 -7.36 -22.65 7.56
C VAL D 299 -5.89 -22.50 7.94
N TYR D 300 -5.46 -21.27 8.11
CA TYR D 300 -4.05 -21.01 8.38
C TYR D 300 -3.83 -19.96 9.45
N VAL D 301 -2.62 -19.98 10.01
CA VAL D 301 -2.22 -19.00 11.00
C VAL D 301 -1.71 -17.74 10.30
N GLU D 302 -2.38 -16.63 10.57
CA GLU D 302 -2.00 -15.34 10.03
C GLU D 302 -1.31 -14.54 11.14
N SER D 303 0.00 -14.40 11.01
CA SER D 303 0.82 -13.73 12.01
C SER D 303 0.99 -12.26 11.64
N PRO D 304 0.83 -11.38 12.64
CA PRO D 304 1.03 -9.93 12.51
C PRO D 304 2.38 -9.60 11.88
N TYR D 305 3.40 -10.35 12.26
CA TYR D 305 4.74 -10.18 11.70
C TYR D 305 5.06 -11.34 10.76
N MET D 306 5.81 -11.04 9.72
CA MET D 306 6.09 -12.00 8.64
C MET D 306 6.76 -13.28 9.13
N ASN D 307 7.65 -13.13 10.11
CA ASN D 307 8.48 -14.23 10.59
C ASN D 307 7.90 -14.92 11.83
N TRP D 308 6.76 -14.43 12.32
CA TRP D 308 6.13 -15.02 13.50
C TRP D 308 5.33 -16.28 13.19
N GLY D 309 5.35 -17.23 14.13
CA GLY D 309 4.63 -18.48 13.96
C GLY D 309 3.34 -18.54 14.74
N VAL D 310 3.04 -17.46 15.46
CA VAL D 310 1.78 -17.35 16.19
C VAL D 310 1.03 -16.13 15.68
N GLY D 311 -0.29 -16.11 15.88
CA GLY D 311 -1.12 -15.05 15.36
C GLY D 311 -2.60 -15.39 15.40
N GLN D 312 -3.37 -14.78 14.52
CA GLN D 312 -4.80 -15.07 14.45
C GLN D 312 -5.08 -16.20 13.45
N LEU D 313 -6.35 -16.55 13.30
CA LEU D 313 -6.74 -17.62 12.39
C LEU D 313 -7.52 -17.09 11.19
N ALA D 314 -7.00 -17.35 9.99
CA ALA D 314 -7.65 -16.91 8.77
C ALA D 314 -8.05 -18.11 7.91
N ALA D 315 -9.03 -17.91 7.04
CA ALA D 315 -9.53 -19.00 6.20
C ALA D 315 -9.93 -18.54 4.81
N VAL D 316 -9.58 -19.36 3.82
CA VAL D 316 -10.03 -19.15 2.43
C VAL D 316 -10.38 -20.48 1.79
N SER D 317 -11.55 -20.54 1.14
CA SER D 317 -12.03 -21.80 0.56
C SER D 317 -11.03 -22.40 -0.42
N TRP D 318 -10.79 -23.70 -0.29
CA TRP D 318 -9.84 -24.39 -1.15
C TRP D 318 -10.33 -24.47 -2.59
N ASP D 319 -11.64 -24.64 -2.76
CA ASP D 319 -12.23 -24.76 -4.09
C ASP D 319 -12.07 -23.46 -4.87
N ALA D 320 -12.33 -22.33 -4.21
CA ALA D 320 -12.18 -21.02 -4.82
C ALA D 320 -11.43 -20.06 -3.90
N PRO D 321 -10.08 -20.14 -3.92
CA PRO D 321 -9.24 -19.30 -3.06
C PRO D 321 -9.13 -17.86 -3.56
N PHE D 322 -10.13 -17.05 -3.24
CA PHE D 322 -10.13 -15.64 -3.62
C PHE D 322 -10.58 -14.76 -2.46
N ASN D 323 -10.60 -13.45 -2.68
CA ASN D 323 -10.94 -12.51 -1.63
C ASN D 323 -12.39 -12.64 -1.15
N LYS D 324 -13.27 -13.09 -2.05
CA LYS D 324 -14.68 -13.21 -1.73
C LYS D 324 -14.94 -14.30 -0.68
N THR D 325 -14.06 -15.29 -0.63
CA THR D 325 -14.22 -16.39 0.32
C THR D 325 -13.38 -16.20 1.59
N TYR D 326 -12.63 -15.10 1.65
CA TYR D 326 -11.78 -14.81 2.80
C TYR D 326 -12.62 -14.49 4.03
N GLU D 327 -12.13 -14.90 5.20
CA GLU D 327 -12.82 -14.60 6.46
C GLU D 327 -11.86 -14.60 7.65
N LYS D 328 -12.27 -13.92 8.72
CA LYS D 328 -11.47 -13.85 9.95
C LYS D 328 -12.10 -14.73 11.02
N LEU D 329 -11.40 -15.78 11.40
CA LEU D 329 -11.94 -16.76 12.36
C LEU D 329 -11.79 -16.33 13.82
N THR D 330 -10.83 -15.45 14.10
CA THR D 330 -10.50 -15.10 15.48
C THR D 330 -10.17 -13.62 15.67
N GLY D 331 -9.67 -13.28 16.85
CA GLY D 331 -9.15 -11.96 17.12
C GLY D 331 -9.93 -11.04 18.05
N LYS D 332 -11.14 -11.44 18.46
CA LYS D 332 -11.94 -10.57 19.32
C LYS D 332 -11.69 -10.79 20.81
N ASP D 333 -10.97 -11.85 21.15
CA ASP D 333 -10.61 -12.08 22.55
C ASP D 333 -9.21 -11.54 22.84
N GLY D 334 -8.55 -11.05 21.81
CA GLY D 334 -7.21 -10.51 21.94
C GLY D 334 -6.16 -11.57 22.22
N GLY D 335 -6.53 -12.83 22.09
CA GLY D 335 -5.62 -13.93 22.35
C GLY D 335 -4.81 -14.33 21.13
N LEU D 336 -3.81 -15.19 21.34
CA LEU D 336 -2.97 -15.67 20.25
C LEU D 336 -3.25 -17.14 19.93
N TYR D 337 -3.38 -17.42 18.63
CA TYR D 337 -3.66 -18.77 18.16
C TYR D 337 -2.49 -19.34 17.36
N ARG D 338 -2.34 -20.66 17.40
CA ARG D 338 -1.33 -21.35 16.62
C ARG D 338 -1.72 -22.81 16.43
N SER D 339 -1.16 -23.43 15.38
CA SER D 339 -1.32 -24.85 15.09
C SER D 339 -2.77 -25.33 15.10
N PRO D 340 -3.59 -24.88 14.13
CA PRO D 340 -4.95 -25.39 14.03
C PRO D 340 -4.98 -26.79 13.42
N TYR D 341 -5.90 -27.64 13.89
CA TYR D 341 -6.00 -28.99 13.36
C TYR D 341 -7.45 -29.42 13.08
N PRO D 342 -7.92 -29.17 11.85
CA PRO D 342 -9.29 -29.54 11.45
C PRO D 342 -9.54 -31.04 11.52
N LEU D 343 -10.77 -31.42 11.86
CA LEU D 343 -11.15 -32.83 11.94
C LEU D 343 -12.25 -33.16 10.93
N PRO D 344 -12.28 -34.42 10.47
CA PRO D 344 -13.35 -34.93 9.59
C PRO D 344 -14.73 -34.84 10.23
N ASP D 345 -14.78 -34.63 11.55
CA ASP D 345 -16.03 -34.49 12.28
C ASP D 345 -16.52 -33.05 12.23
N ASP D 346 -15.80 -32.23 11.47
CA ASP D 346 -16.03 -30.79 11.38
C ASP D 346 -15.73 -30.12 12.72
N ARG D 347 -14.85 -30.74 13.50
CA ARG D 347 -14.32 -30.11 14.70
C ARG D 347 -12.89 -29.64 14.42
N MET D 348 -12.28 -28.96 15.38
CA MET D 348 -10.90 -28.52 15.22
C MET D 348 -10.19 -28.40 16.56
N LEU D 349 -8.91 -28.75 16.59
CA LEU D 349 -8.10 -28.58 17.77
C LEU D 349 -7.10 -27.44 17.56
N VAL D 350 -7.15 -26.45 18.43
CA VAL D 350 -6.29 -25.28 18.29
C VAL D 350 -5.40 -25.09 19.51
N SER D 351 -4.21 -24.53 19.30
CA SER D 351 -3.38 -24.12 20.41
C SER D 351 -3.63 -22.64 20.67
N TYR D 352 -4.06 -22.34 21.89
CA TYR D 352 -4.55 -21.01 22.21
C TYR D 352 -3.95 -20.47 23.49
N ALA D 353 -3.49 -19.23 23.44
CA ALA D 353 -3.12 -18.52 24.65
C ALA D 353 -3.95 -17.25 24.77
N GLU D 354 -4.91 -17.26 25.70
CA GLU D 354 -5.74 -16.10 25.95
C GLU D 354 -4.89 -14.93 26.40
N ARG D 355 -4.40 -15.04 27.62
CA ARG D 355 -3.51 -14.06 28.21
C ARG D 355 -2.05 -14.48 28.10
N GLY D 356 -1.78 -15.49 27.27
CA GLY D 356 -0.41 -15.86 26.97
C GLY D 356 0.14 -17.20 27.42
N ASP D 357 -0.62 -17.98 28.17
CA ASP D 357 -0.22 -19.36 28.42
C ASP D 357 -0.88 -20.27 27.38
N PHE D 358 -0.07 -20.83 26.49
CA PHE D 358 -0.57 -21.65 25.39
C PHE D 358 -1.04 -23.02 25.85
N GLY D 359 -2.21 -23.43 25.38
CA GLY D 359 -2.77 -24.72 25.74
C GLY D 359 -3.60 -25.31 24.60
N ILE D 360 -4.04 -26.55 24.75
CA ILE D 360 -4.84 -27.20 23.72
C ILE D 360 -6.34 -27.01 24.00
N TYR D 361 -7.05 -26.52 22.99
CA TYR D 361 -8.47 -26.22 23.16
C TYR D 361 -9.29 -26.68 21.95
N TRP D 362 -10.53 -27.11 22.21
CA TRP D 362 -11.48 -27.36 21.13
C TRP D 362 -11.97 -26.04 20.59
N PHE D 363 -11.98 -25.89 19.27
CA PHE D 363 -12.39 -24.63 18.65
C PHE D 363 -13.90 -24.53 18.53
N ASN D 364 -14.43 -23.32 18.71
CA ASN D 364 -15.85 -23.06 18.56
C ASN D 364 -16.09 -22.11 17.40
N PHE D 365 -16.74 -22.61 16.35
CA PHE D 365 -16.99 -21.82 15.15
C PHE D 365 -18.12 -20.83 15.33
N SER D 366 -19.00 -21.10 16.27
CA SER D 366 -20.14 -20.22 16.53
C SER D 366 -19.71 -18.98 17.31
N LYS D 367 -18.70 -19.13 18.16
CA LYS D 367 -18.20 -18.03 18.96
C LYS D 367 -17.01 -17.33 18.30
N CYS D 368 -16.56 -17.88 17.17
CA CYS D 368 -15.38 -17.38 16.46
C CYS D 368 -14.17 -17.25 17.38
N ALA D 369 -14.04 -18.20 18.31
CA ALA D 369 -12.95 -18.18 19.28
C ALA D 369 -12.73 -19.57 19.87
N ALA D 370 -11.84 -19.65 20.85
CA ALA D 370 -11.51 -20.93 21.48
C ALA D 370 -12.61 -21.39 22.42
N GLY D 371 -12.88 -22.69 22.41
CA GLY D 371 -13.89 -23.29 23.26
C GLY D 371 -13.30 -23.98 24.48
N ASP D 372 -13.93 -25.08 24.89
CA ASP D 372 -13.54 -25.83 26.09
C ASP D 372 -12.09 -26.30 26.05
N LYS D 373 -11.48 -26.34 27.23
CA LYS D 373 -10.08 -26.72 27.38
C LYS D 373 -9.87 -28.23 27.28
N VAL D 374 -8.82 -28.63 26.56
CA VAL D 374 -8.43 -30.04 26.52
C VAL D 374 -7.37 -30.31 27.58
N TYR D 375 -6.16 -29.83 27.34
CA TYR D 375 -5.09 -29.91 28.34
C TYR D 375 -4.26 -28.63 28.34
N ASP D 376 -4.19 -27.97 29.50
CA ASP D 376 -3.34 -26.80 29.64
C ASP D 376 -2.46 -26.89 30.88
N ASP D 377 -1.15 -26.99 30.65
CA ASP D 377 -0.18 -26.98 31.73
C ASP D 377 0.36 -25.57 31.87
N PRO D 378 0.31 -25.00 33.09
CA PRO D 378 0.85 -23.66 33.32
C PRO D 378 2.37 -23.59 33.10
N ASN D 379 3.05 -24.72 33.15
CA ASN D 379 4.50 -24.75 33.01
C ASN D 379 4.98 -25.03 31.59
N TRP D 380 4.03 -25.17 30.66
CA TRP D 380 4.39 -25.49 29.28
C TRP D 380 3.54 -24.75 28.24
N ASN D 381 4.18 -24.34 27.15
CA ASN D 381 3.42 -23.95 25.98
C ASN D 381 2.97 -25.22 25.27
N ASP D 382 1.66 -25.41 25.19
CA ASP D 382 1.10 -26.62 24.66
C ASP D 382 0.55 -26.36 23.26
N HIS D 383 1.23 -26.89 22.25
CA HIS D 383 0.85 -26.60 20.86
C HIS D 383 1.04 -27.79 19.94
N GLN D 384 0.78 -27.57 18.66
CA GLN D 384 0.82 -28.62 17.64
C GLN D 384 0.00 -29.87 18.00
N PRO D 385 -1.30 -29.69 18.25
CA PRO D 385 -2.12 -30.87 18.56
C PRO D 385 -2.26 -31.78 17.34
N ALA D 386 -2.05 -33.08 17.54
CA ALA D 386 -2.17 -34.05 16.46
C ALA D 386 -2.94 -35.28 16.94
N PRO D 387 -4.28 -35.23 16.87
CA PRO D 387 -5.14 -36.31 17.36
C PRO D 387 -4.91 -37.60 16.59
N VAL D 388 -5.04 -38.74 17.27
CA VAL D 388 -4.86 -40.03 16.61
C VAL D 388 -6.19 -40.51 16.02
N TYR D 389 -6.11 -40.99 14.79
CA TYR D 389 -7.26 -41.53 14.08
C TYR D 389 -6.80 -42.05 12.73
N VAL D 390 -7.65 -42.84 12.07
CA VAL D 390 -7.28 -43.38 10.78
C VAL D 390 -7.49 -42.33 9.70
N LYS D 391 -6.41 -41.97 9.04
CA LYS D 391 -6.45 -40.95 7.99
C LYS D 391 -6.66 -41.58 6.64
N TYR D 392 -7.59 -41.05 5.87
CA TYR D 392 -7.71 -41.53 4.50
C TYR D 392 -6.55 -40.98 3.68
N LYS D 393 -6.22 -41.70 2.61
CA LYS D 393 -5.03 -41.41 1.83
C LYS D 393 -5.33 -40.66 0.53
N PRO D 394 -4.65 -39.52 0.32
CA PRO D 394 -4.78 -38.76 -0.93
C PRO D 394 -4.19 -39.49 -2.12
N ARG D 395 -4.58 -39.08 -3.32
CA ARG D 395 -4.10 -39.69 -4.56
C ARG D 395 -2.62 -39.41 -4.76
N TRP D 396 -1.91 -40.36 -5.37
CA TRP D 396 -0.50 -40.16 -5.65
C TRP D 396 -0.27 -39.93 -7.15
N ILE D 397 0.37 -38.80 -7.46
CA ILE D 397 0.56 -38.38 -8.85
C ILE D 397 1.84 -38.96 -9.44
N ASN D 398 1.79 -39.30 -10.72
CA ASN D 398 2.94 -39.90 -11.41
C ASN D 398 4.12 -38.94 -11.53
N THR D 399 5.29 -39.42 -11.13
CA THR D 399 6.51 -38.62 -11.20
C THR D 399 7.35 -38.99 -12.43
N PHE D 400 7.72 -37.97 -13.20
CA PHE D 400 8.55 -38.20 -14.38
C PHE D 400 10.02 -37.95 -14.08
N THR D 401 10.35 -37.72 -12.82
CA THR D 401 11.75 -37.58 -12.42
C THR D 401 12.12 -38.59 -11.33
N ALA D 402 13.31 -39.15 -11.45
CA ALA D 402 13.86 -40.06 -10.45
C ALA D 402 14.69 -39.28 -9.43
N GLY D 403 14.59 -37.96 -9.50
CA GLY D 403 15.40 -37.07 -8.68
C GLY D 403 16.62 -36.52 -9.39
N LYS D 404 17.64 -36.15 -8.63
CA LYS D 404 18.77 -35.37 -9.13
C LYS D 404 19.42 -35.97 -10.38
N ASN D 405 19.53 -35.14 -11.42
CA ASN D 405 20.12 -35.52 -12.71
C ASN D 405 19.32 -36.57 -13.46
N PHE D 406 18.27 -37.08 -12.83
CA PHE D 406 17.50 -38.20 -13.38
C PHE D 406 16.14 -37.81 -13.92
N GLY D 407 15.95 -38.00 -15.22
CA GLY D 407 14.64 -37.82 -15.84
C GLY D 407 14.01 -39.17 -16.13
N VAL D 408 12.77 -39.17 -16.59
CA VAL D 408 12.12 -40.40 -17.06
C VAL D 408 11.42 -40.14 -18.38
N THR D 409 11.76 -40.94 -19.39
CA THR D 409 11.24 -40.74 -20.75
C THR D 409 9.72 -40.77 -20.80
N VAL D 410 9.16 -39.98 -21.71
CA VAL D 410 7.71 -39.90 -21.87
C VAL D 410 7.23 -40.98 -22.83
N VAL D 411 8.17 -41.60 -23.53
CA VAL D 411 7.84 -42.62 -24.53
C VAL D 411 7.78 -44.02 -23.92
N THR D 412 8.93 -44.53 -23.48
CA THR D 412 9.03 -45.87 -22.91
C THR D 412 8.98 -45.87 -21.38
N TYR D 413 8.95 -44.69 -20.79
CA TYR D 413 9.03 -44.51 -19.34
C TYR D 413 10.24 -45.22 -18.77
N GLN D 414 11.43 -44.82 -19.21
CA GLN D 414 12.68 -45.39 -18.72
C GLN D 414 13.55 -44.33 -18.07
N PRO D 415 13.80 -44.47 -16.76
CA PRO D 415 14.69 -43.55 -16.02
C PRO D 415 16.07 -43.41 -16.66
N PHE D 416 16.59 -42.20 -16.67
CA PHE D 416 17.89 -41.93 -17.27
C PHE D 416 18.64 -40.81 -16.55
N ASP D 417 19.96 -40.96 -16.45
CA ASP D 417 20.81 -39.96 -15.84
C ASP D 417 21.40 -39.06 -16.93
N GLN D 418 21.07 -37.78 -16.88
CA GLN D 418 21.50 -36.84 -17.92
C GLN D 418 22.98 -36.51 -17.85
N VAL D 419 23.55 -36.60 -16.65
CA VAL D 419 24.94 -36.19 -16.45
C VAL D 419 25.94 -37.35 -16.56
N LYS D 420 25.86 -38.28 -15.62
CA LYS D 420 26.82 -39.38 -15.55
C LYS D 420 26.79 -40.26 -16.78
N VAL D 421 25.59 -40.47 -17.33
CA VAL D 421 25.42 -41.36 -18.48
C VAL D 421 25.49 -40.61 -19.80
N GLU D 422 24.52 -39.75 -20.06
CA GLU D 422 24.39 -39.08 -21.36
C GLU D 422 25.51 -38.06 -21.62
N GLY D 423 26.18 -37.63 -20.55
CA GLY D 423 27.34 -36.78 -20.69
C GLY D 423 27.07 -35.28 -20.67
N TYR D 424 25.93 -34.88 -20.14
CA TYR D 424 25.61 -33.47 -20.01
C TYR D 424 26.28 -32.86 -18.78
N PRO D 425 26.77 -31.61 -18.91
CA PRO D 425 27.42 -30.90 -17.80
C PRO D 425 26.50 -30.72 -16.60
N HIS D 426 25.20 -30.55 -16.86
CA HIS D 426 24.22 -30.36 -15.80
C HIS D 426 22.85 -30.85 -16.27
N SER D 427 22.01 -31.23 -15.32
CA SER D 427 20.63 -31.62 -15.63
C SER D 427 19.89 -30.44 -16.22
N TRP D 428 19.03 -30.69 -17.21
CA TRP D 428 18.32 -29.60 -17.87
C TRP D 428 16.85 -29.89 -18.12
N GLY D 429 16.11 -28.84 -18.49
CA GLY D 429 14.67 -28.92 -18.69
C GLY D 429 14.19 -27.82 -19.62
N THR D 430 12.89 -27.66 -19.76
CA THR D 430 12.35 -26.66 -20.68
C THR D 430 11.20 -25.82 -20.13
N TRP D 431 10.96 -24.68 -20.76
CA TRP D 431 9.75 -23.92 -20.46
C TRP D 431 9.27 -23.13 -21.68
N ILE D 432 7.96 -22.90 -21.74
CA ILE D 432 7.35 -22.21 -22.86
C ILE D 432 6.20 -21.30 -22.43
N CYS D 433 6.22 -20.06 -22.95
CA CYS D 433 5.12 -19.12 -22.77
C CYS D 433 4.43 -18.89 -24.11
N PHE D 434 3.12 -19.06 -24.13
CA PHE D 434 2.35 -18.95 -25.36
C PHE D 434 2.26 -17.50 -25.85
N ASP D 435 2.02 -16.58 -24.93
CA ASP D 435 2.06 -15.16 -25.26
C ASP D 435 2.79 -14.37 -24.17
N THR D 436 3.90 -13.73 -24.55
CA THR D 436 4.70 -12.99 -23.58
C THR D 436 4.18 -11.57 -23.37
N THR D 437 3.29 -11.13 -24.25
CA THR D 437 2.72 -9.78 -24.14
C THR D 437 1.39 -9.80 -23.39
N LEU D 438 0.97 -10.99 -22.99
CA LEU D 438 -0.32 -11.16 -22.32
C LEU D 438 -0.16 -11.03 -20.81
N SER D 439 -0.83 -10.05 -20.21
CA SER D 439 -0.71 -9.82 -18.77
C SER D 439 -1.95 -9.17 -18.17
N ASP D 440 -2.12 -9.35 -16.86
CA ASP D 440 -3.17 -8.67 -16.13
C ASP D 440 -2.60 -7.41 -15.46
N GLN D 441 -1.30 -7.21 -15.62
CA GLN D 441 -0.61 -6.06 -15.02
C GLN D 441 -0.68 -4.84 -15.93
N PRO D 442 -0.85 -3.65 -15.32
CA PRO D 442 -0.93 -2.39 -16.06
C PRO D 442 0.46 -1.83 -16.37
N VAL D 443 0.48 -0.63 -16.95
CA VAL D 443 1.74 0.07 -17.18
C VAL D 443 2.07 0.93 -15.96
N GLY D 444 3.21 0.67 -15.33
CA GLY D 444 3.59 1.38 -14.13
C GLY D 444 5.09 1.43 -13.89
N PRO D 445 5.52 2.21 -12.90
CA PRO D 445 6.92 2.40 -12.54
C PRO D 445 7.56 1.17 -11.90
N TYR D 446 6.75 0.36 -11.22
CA TYR D 446 7.27 -0.81 -10.51
C TYR D 446 7.71 -1.91 -11.49
N PRO D 447 8.83 -2.59 -11.17
CA PRO D 447 9.48 -3.54 -12.08
C PRO D 447 8.63 -4.76 -12.44
N HIS D 448 7.64 -5.10 -11.61
CA HIS D 448 6.79 -6.25 -11.89
C HIS D 448 5.64 -5.85 -12.80
N GLN D 449 5.63 -4.59 -13.22
CA GLN D 449 4.61 -4.09 -14.13
C GLN D 449 5.22 -3.77 -15.49
N LYS D 450 4.40 -3.31 -16.42
CA LYS D 450 4.89 -2.96 -17.75
C LYS D 450 5.44 -1.55 -17.77
N ALA D 451 6.56 -1.36 -18.46
CA ALA D 451 7.18 -0.05 -18.58
C ALA D 451 6.56 0.71 -19.75
N LYS D 452 5.76 0.00 -20.54
CA LYS D 452 5.11 0.55 -21.72
C LYS D 452 4.20 -0.49 -22.35
N ASN D 453 3.31 -0.06 -23.22
CA ASN D 453 2.42 -0.99 -23.93
C ASN D 453 3.21 -1.81 -24.94
N VAL D 454 2.97 -3.11 -24.93
CA VAL D 454 3.64 -4.02 -25.85
C VAL D 454 2.65 -4.93 -26.56
N SER D 455 2.79 -5.03 -27.88
CA SER D 455 1.95 -5.91 -28.68
C SER D 455 2.82 -7.03 -29.27
N HIS D 456 2.20 -7.89 -30.07
CA HIS D 456 2.95 -8.95 -30.73
C HIS D 456 3.99 -8.35 -31.67
N GLY D 457 5.24 -8.77 -31.50
CA GLY D 457 6.34 -8.26 -32.30
C GLY D 457 7.16 -7.24 -31.54
N ASP D 458 6.57 -6.65 -30.51
CA ASP D 458 7.27 -5.67 -29.69
C ASP D 458 8.28 -6.33 -28.77
N ILE D 459 7.99 -7.55 -28.36
CA ILE D 459 8.93 -8.30 -27.53
C ILE D 459 9.80 -9.18 -28.42
N LYS D 460 11.07 -8.80 -28.55
CA LYS D 460 12.00 -9.49 -29.43
C LYS D 460 12.60 -10.75 -28.81
N ALA D 461 13.01 -10.64 -27.56
CA ALA D 461 13.70 -11.72 -26.88
C ALA D 461 13.40 -11.72 -25.39
N VAL D 462 14.05 -12.61 -24.66
CA VAL D 462 13.84 -12.74 -23.23
C VAL D 462 15.16 -13.02 -22.50
N ARG D 463 15.28 -12.45 -21.31
CA ARG D 463 16.45 -12.69 -20.47
C ARG D 463 16.12 -13.65 -19.34
N ILE D 464 16.97 -14.66 -19.18
CA ILE D 464 16.82 -15.66 -18.13
C ILE D 464 17.96 -15.53 -17.13
N ILE D 465 17.58 -15.29 -15.88
CA ILE D 465 18.51 -14.97 -14.79
C ILE D 465 18.46 -16.03 -13.69
N GLN D 466 19.64 -16.46 -13.22
CA GLN D 466 19.70 -17.43 -12.13
C GLN D 466 20.13 -16.79 -10.82
N GLY D 467 19.31 -16.96 -9.79
CA GLY D 467 19.62 -16.44 -8.48
C GLY D 467 20.75 -17.20 -7.79
N TYR D 468 21.75 -16.47 -7.33
CA TYR D 468 22.85 -17.06 -6.59
C TYR D 468 22.59 -16.94 -5.09
N GLN D 469 22.64 -18.07 -4.39
CA GLN D 469 22.47 -18.07 -2.94
C GLN D 469 23.60 -17.28 -2.29
N CYS D 470 23.29 -16.62 -1.17
CA CYS D 470 24.27 -15.79 -0.49
C CYS D 470 25.00 -16.61 0.57
N VAL D 471 26.29 -16.85 0.33
CA VAL D 471 27.11 -17.61 1.27
C VAL D 471 28.38 -16.86 1.61
N GLU D 472 28.50 -16.46 2.87
CA GLU D 472 29.64 -15.67 3.33
C GLU D 472 30.21 -16.25 4.62
N PRO D 473 31.10 -17.26 4.49
CA PRO D 473 31.70 -17.94 5.63
C PRO D 473 32.61 -17.05 6.45
N ASP D 474 33.31 -16.13 5.78
CA ASP D 474 34.19 -15.19 6.46
C ASP D 474 33.43 -13.91 6.80
N SER D 475 33.26 -13.65 8.11
CA SER D 475 32.46 -12.52 8.56
C SER D 475 33.18 -11.19 8.39
N THR D 476 34.47 -11.24 8.11
CA THR D 476 35.26 -10.03 7.89
C THR D 476 35.10 -9.49 6.48
N ARG D 477 34.66 -10.34 5.57
CA ARG D 477 34.48 -9.96 4.18
C ARG D 477 33.03 -9.60 3.83
N PHE D 478 32.14 -9.70 4.82
CA PHE D 478 30.72 -9.45 4.56
C PHE D 478 30.04 -8.65 5.66
N ARG D 479 29.25 -7.67 5.26
CA ARG D 479 28.51 -6.83 6.20
C ARG D 479 27.10 -6.56 5.70
N VAL D 480 26.13 -6.64 6.61
CA VAL D 480 24.72 -6.40 6.27
C VAL D 480 24.33 -4.95 6.56
N GLY D 481 23.69 -4.30 5.59
CA GLY D 481 23.21 -2.95 5.77
C GLY D 481 24.24 -1.89 5.42
N ALA D 482 25.18 -2.26 4.55
CA ALA D 482 26.22 -1.32 4.11
C ALA D 482 25.65 -0.30 3.14
N GLY D 483 24.55 -0.66 2.47
CA GLY D 483 23.89 0.22 1.53
C GLY D 483 22.63 0.86 2.07
N ALA D 484 22.52 0.94 3.39
CA ALA D 484 21.31 1.49 4.03
C ALA D 484 20.99 2.91 3.55
N HIS D 485 22.01 3.66 3.18
CA HIS D 485 21.84 5.01 2.66
C HIS D 485 21.37 4.98 1.20
N LEU D 486 21.49 3.81 0.58
CA LEU D 486 21.08 3.62 -0.81
C LEU D 486 19.68 3.01 -0.90
N LEU D 487 19.28 2.64 -2.11
CA LEU D 487 17.94 2.13 -2.39
C LEU D 487 17.56 0.87 -1.60
N GLY D 488 18.56 0.04 -1.31
CA GLY D 488 18.32 -1.23 -0.65
C GLY D 488 17.74 -1.14 0.74
N GLY D 489 18.22 -0.18 1.52
CA GLY D 489 17.78 -0.03 2.89
C GLY D 489 18.45 -1.07 3.78
N GLU D 490 17.70 -1.57 4.76
CA GLU D 490 18.24 -2.54 5.69
C GLU D 490 18.42 -3.91 5.04
N ARG D 491 17.82 -4.08 3.86
CA ARG D 491 17.94 -5.34 3.13
C ARG D 491 19.15 -5.35 2.21
N SER D 492 19.93 -4.27 2.25
CA SER D 492 21.15 -4.21 1.46
C SER D 492 22.29 -4.91 2.19
N SER D 493 23.46 -4.97 1.55
CA SER D 493 24.61 -5.63 2.14
C SER D 493 25.89 -5.20 1.43
N SER D 494 27.01 -5.83 1.79
CA SER D 494 28.28 -5.56 1.16
C SER D 494 28.27 -5.95 -0.32
N ASN D 495 27.34 -6.81 -0.68
CA ASN D 495 27.24 -7.30 -2.05
C ASN D 495 26.53 -6.32 -2.99
N SER D 496 25.46 -5.68 -2.51
CA SER D 496 24.70 -4.77 -3.34
C SER D 496 24.07 -3.63 -2.56
N GLY D 497 23.89 -2.49 -3.23
CA GLY D 497 23.24 -1.35 -2.63
C GLY D 497 21.73 -1.43 -2.75
N THR D 498 21.25 -2.50 -3.39
CA THR D 498 19.82 -2.70 -3.55
C THR D 498 19.35 -3.91 -2.76
N ALA D 499 18.05 -4.20 -2.81
CA ALA D 499 17.49 -5.35 -2.13
C ALA D 499 17.74 -6.63 -2.92
N PHE D 500 18.22 -6.46 -4.15
CA PHE D 500 18.54 -7.59 -5.01
C PHE D 500 19.85 -8.25 -4.60
N GLN D 501 19.81 -9.55 -4.32
CA GLN D 501 21.03 -10.28 -3.98
C GLN D 501 21.76 -10.73 -5.24
N GLN D 502 22.87 -11.44 -5.05
CA GLN D 502 23.73 -11.85 -6.16
C GLN D 502 23.01 -12.77 -7.13
N ARG D 503 23.19 -12.50 -8.43
CA ARG D 503 22.57 -13.30 -9.47
C ARG D 503 23.33 -13.16 -10.79
N GLY D 504 23.03 -14.05 -11.73
CA GLY D 504 23.73 -14.06 -13.00
C GLY D 504 22.83 -14.46 -14.15
N ILE D 505 23.34 -14.36 -15.37
CA ILE D 505 22.53 -14.61 -16.56
C ILE D 505 22.58 -16.07 -17.01
N ILE D 506 21.45 -16.75 -16.92
CA ILE D 506 21.32 -18.08 -17.51
C ILE D 506 21.49 -17.96 -19.01
N GLY D 507 20.80 -16.98 -19.59
CA GLY D 507 20.96 -16.73 -21.02
C GLY D 507 19.75 -16.10 -21.68
N TYR D 508 19.88 -15.81 -22.97
CA TYR D 508 18.80 -15.14 -23.69
C TYR D 508 18.14 -16.05 -24.71
N GLN D 509 16.85 -15.83 -24.96
CA GLN D 509 16.12 -16.63 -25.95
C GLN D 509 15.19 -15.77 -26.80
N TYR D 510 15.17 -15.98 -28.10
CA TYR D 510 14.34 -15.15 -28.98
C TYR D 510 12.85 -15.41 -28.76
N VAL D 511 12.02 -14.45 -29.18
CA VAL D 511 10.57 -14.57 -29.07
C VAL D 511 9.92 -14.53 -30.44
N GLU D 512 8.97 -15.43 -30.68
CA GLU D 512 8.26 -15.48 -31.96
C GLU D 512 7.39 -14.24 -32.15
N SER D 513 7.04 -13.97 -33.40
CA SER D 513 6.29 -12.77 -33.74
C SER D 513 4.91 -12.72 -33.07
N ASP D 514 4.40 -13.87 -32.66
CA ASP D 514 3.09 -13.91 -32.00
C ASP D 514 3.22 -13.78 -30.48
N GLY D 515 4.46 -13.61 -30.02
CA GLY D 515 4.71 -13.41 -28.60
C GLY D 515 5.00 -14.71 -27.86
N SER D 516 5.16 -15.79 -28.62
CA SER D 516 5.42 -17.10 -28.04
C SER D 516 6.91 -17.39 -27.96
N THR D 517 7.34 -18.02 -26.88
CA THR D 517 8.74 -18.40 -26.72
C THR D 517 8.89 -19.72 -26.00
N VAL D 518 9.95 -20.46 -26.31
CA VAL D 518 10.23 -21.73 -25.66
C VAL D 518 11.74 -21.94 -25.61
N THR D 519 12.23 -22.52 -24.51
CA THR D 519 13.66 -22.75 -24.39
C THR D 519 14.04 -23.89 -23.45
N SER D 520 15.24 -24.41 -23.67
CA SER D 520 15.86 -25.38 -22.79
C SER D 520 16.91 -24.70 -21.94
N GLN D 521 17.02 -25.11 -20.68
CA GLN D 521 17.94 -24.45 -19.75
C GLN D 521 18.25 -25.33 -18.56
N LEU D 522 19.01 -24.80 -17.62
CA LEU D 522 19.40 -25.51 -16.41
C LEU D 522 18.18 -25.91 -15.58
N SER D 523 18.33 -27.00 -14.83
CA SER D 523 17.26 -27.48 -13.96
C SER D 523 17.78 -27.63 -12.54
N ASP D 524 16.87 -27.79 -11.59
CA ASP D 524 17.20 -27.86 -10.17
C ASP D 524 17.93 -26.61 -9.68
N VAL D 525 17.66 -25.49 -10.33
CA VAL D 525 18.23 -24.20 -9.92
C VAL D 525 17.19 -23.09 -9.97
N PRO D 526 17.24 -22.15 -9.03
CA PRO D 526 16.29 -21.03 -9.00
C PRO D 526 16.52 -20.05 -10.15
N TYR D 527 15.44 -19.64 -10.81
CA TYR D 527 15.56 -18.71 -11.92
C TYR D 527 14.27 -17.93 -12.14
N TYR D 528 14.37 -16.79 -12.81
CA TYR D 528 13.22 -16.03 -13.25
C TYR D 528 13.53 -15.42 -14.61
N MET D 529 12.62 -14.60 -15.12
CA MET D 529 12.75 -14.16 -16.50
C MET D 529 12.25 -12.73 -16.76
N GLN D 530 12.72 -12.14 -17.86
CA GLN D 530 12.36 -10.78 -18.25
C GLN D 530 12.07 -10.67 -19.74
N ILE D 531 10.91 -10.14 -20.10
CA ILE D 531 10.59 -9.88 -21.50
C ILE D 531 11.31 -8.62 -21.97
N LEU D 532 11.85 -8.67 -23.19
CA LEU D 532 12.72 -7.59 -23.69
C LEU D 532 12.18 -6.92 -24.95
N ASP D 533 12.47 -5.63 -25.10
CA ASP D 533 12.08 -4.89 -26.30
C ASP D 533 13.17 -4.96 -27.36
N ASP D 534 13.01 -4.17 -28.42
CA ASP D 534 13.95 -4.21 -29.54
C ASP D 534 15.31 -3.60 -29.20
N LYS D 535 15.40 -2.92 -28.06
CA LYS D 535 16.68 -2.40 -27.60
C LYS D 535 17.33 -3.33 -26.56
N GLY D 536 16.63 -4.40 -26.22
CA GLY D 536 17.16 -5.41 -25.32
C GLY D 536 17.02 -5.07 -23.85
N MET D 537 16.02 -4.26 -23.52
CA MET D 537 15.77 -3.85 -22.15
C MET D 537 14.49 -4.48 -21.61
N SER D 538 14.45 -4.73 -20.31
CA SER D 538 13.30 -5.40 -19.71
C SER D 538 12.10 -4.47 -19.58
N VAL D 539 11.00 -4.85 -20.23
CA VAL D 539 9.75 -4.13 -20.10
C VAL D 539 9.03 -4.56 -18.83
N GLN D 540 9.06 -5.86 -18.56
CA GLN D 540 8.42 -6.41 -17.37
C GLN D 540 9.26 -7.54 -16.79
N THR D 541 9.42 -7.53 -15.47
CA THR D 541 10.21 -8.55 -14.79
C THR D 541 9.32 -9.46 -13.96
N ALA D 542 9.59 -10.76 -14.01
CA ALA D 542 8.86 -11.70 -13.18
C ALA D 542 9.62 -11.90 -11.88
N LEU D 543 9.06 -11.41 -10.78
CA LEU D 543 9.76 -11.50 -9.51
C LEU D 543 9.20 -12.64 -8.69
N THR D 544 9.99 -13.70 -8.62
CA THR D 544 9.64 -14.97 -7.99
C THR D 544 10.79 -15.93 -8.27
N TRP D 545 10.72 -17.12 -7.68
CA TRP D 545 11.75 -18.13 -7.97
C TRP D 545 11.13 -19.38 -8.55
N ALA D 546 11.45 -19.65 -9.81
CA ALA D 546 10.94 -20.80 -10.53
C ALA D 546 12.03 -21.85 -10.65
N TYR D 547 11.63 -23.12 -10.68
CA TYR D 547 12.57 -24.21 -10.78
C TYR D 547 12.01 -25.35 -11.63
N LEU D 548 12.88 -25.98 -12.42
CA LEU D 548 12.49 -27.11 -13.23
C LEU D 548 13.17 -28.39 -12.76
N ARG D 549 12.42 -29.48 -12.70
CA ARG D 549 13.03 -30.77 -12.42
C ARG D 549 13.68 -31.28 -13.70
N PRO D 550 14.66 -32.19 -13.58
CA PRO D 550 15.34 -32.74 -14.76
C PRO D 550 14.37 -33.32 -15.80
N TYR D 551 14.59 -32.98 -17.07
CA TYR D 551 13.80 -33.46 -18.20
C TYR D 551 12.37 -32.88 -18.21
N HIS D 552 11.96 -32.28 -17.11
CA HIS D 552 10.64 -31.67 -17.01
C HIS D 552 10.55 -30.41 -17.87
N GLY D 553 9.33 -29.98 -18.13
CA GLY D 553 9.11 -28.75 -18.86
C GLY D 553 7.81 -28.11 -18.40
N ARG D 554 7.70 -26.79 -18.53
CA ARG D 554 6.51 -26.12 -18.02
C ARG D 554 5.93 -25.08 -18.97
N ILE D 555 4.60 -25.05 -19.06
CA ILE D 555 3.90 -24.13 -19.95
C ILE D 555 3.18 -23.03 -19.18
N CYS D 556 3.05 -21.88 -19.81
CA CYS D 556 2.21 -20.81 -19.27
C CYS D 556 1.53 -20.03 -20.39
N SER D 557 0.26 -19.69 -20.18
CA SER D 557 -0.53 -19.01 -21.21
C SER D 557 0.02 -17.64 -21.54
N GLY D 558 0.50 -16.95 -20.51
CA GLY D 558 0.87 -15.55 -20.64
C GLY D 558 1.87 -15.11 -19.60
N CYS D 559 2.09 -13.80 -19.51
CA CYS D 559 2.99 -13.25 -18.53
C CYS D 559 2.18 -12.72 -17.35
N HIS D 560 2.20 -13.47 -16.26
CA HIS D 560 1.30 -13.26 -15.12
C HIS D 560 -0.13 -12.99 -15.57
N TYR D 561 -0.61 -13.78 -16.53
CA TYR D 561 -1.97 -13.62 -17.05
C TYR D 561 -3.00 -14.18 -16.09
N GLY D 562 -2.57 -15.06 -15.20
CA GLY D 562 -3.48 -15.67 -14.24
C GLY D 562 -3.80 -17.11 -14.58
N SER D 563 -3.15 -17.64 -15.61
CA SER D 563 -3.34 -19.02 -16.02
C SER D 563 -2.90 -19.97 -14.92
N TYR D 564 -1.87 -19.57 -14.17
CA TYR D 564 -1.46 -20.37 -13.02
C TYR D 564 -2.04 -19.86 -11.69
N ARG D 565 -2.88 -18.83 -11.74
CA ARG D 565 -3.48 -18.34 -10.50
C ARG D 565 -5.01 -18.43 -10.46
N GLY D 566 -5.69 -17.48 -11.09
CA GLY D 566 -7.14 -17.43 -11.00
C GLY D 566 -7.95 -17.69 -12.26
N ARG D 567 -7.27 -18.03 -13.35
CA ARG D 567 -7.94 -18.08 -14.64
C ARG D 567 -7.65 -19.35 -15.41
N ALA D 568 -8.64 -19.77 -16.20
CA ALA D 568 -8.47 -20.93 -17.07
C ALA D 568 -7.53 -20.59 -18.22
N PHE D 569 -6.80 -21.61 -18.68
CA PHE D 569 -5.88 -21.43 -19.82
C PHE D 569 -6.63 -20.90 -21.03
N LYS D 570 -6.14 -19.80 -21.60
CA LYS D 570 -6.71 -19.30 -22.84
C LYS D 570 -6.26 -20.19 -23.98
N ASN D 571 -7.16 -20.44 -24.93
CA ASN D 571 -6.82 -21.31 -26.05
C ASN D 571 -5.97 -20.55 -27.05
N ILE D 572 -4.74 -21.01 -27.23
CA ILE D 572 -3.75 -20.29 -28.04
C ILE D 572 -2.94 -21.24 -28.91
N HIS D 573 -2.89 -20.96 -30.21
CA HIS D 573 -2.08 -21.75 -31.12
C HIS D 573 -0.79 -20.98 -31.39
N ALA D 574 0.31 -21.48 -30.85
CA ALA D 574 1.57 -20.74 -30.85
C ALA D 574 2.64 -21.36 -31.73
N LYS D 575 3.52 -20.52 -32.26
CA LYS D 575 4.62 -20.98 -33.10
C LYS D 575 5.64 -21.78 -32.29
N ALA D 576 5.88 -21.32 -31.06
CA ALA D 576 6.85 -21.96 -30.18
C ALA D 576 6.55 -23.43 -29.95
N LEU D 577 5.27 -23.79 -30.02
CA LEU D 577 4.83 -25.17 -29.85
C LEU D 577 5.50 -26.11 -30.85
N TYR D 578 5.81 -25.58 -32.04
CA TYR D 578 6.42 -26.39 -33.08
C TYR D 578 7.94 -26.35 -33.01
N ASN D 579 8.47 -25.50 -32.14
CA ASN D 579 9.91 -25.43 -31.93
C ASN D 579 10.35 -26.23 -30.70
N TRP D 580 9.41 -26.91 -30.07
CA TRP D 580 9.67 -27.57 -28.79
C TRP D 580 10.30 -28.94 -28.95
N TRP D 581 9.49 -29.94 -29.32
CA TRP D 581 10.02 -31.27 -29.64
C TRP D 581 9.42 -31.79 -30.94
N TYR D 582 10.20 -31.77 -32.02
CA TYR D 582 9.76 -32.38 -33.28
C TYR D 582 10.44 -33.71 -33.65
N ASP D 583 11.40 -34.17 -32.85
CA ASP D 583 12.22 -35.32 -33.25
C ASP D 583 12.11 -36.51 -32.30
N ASP D 584 11.92 -37.70 -32.87
CA ASP D 584 11.69 -38.91 -32.08
C ASP D 584 12.95 -39.41 -31.37
N ARG D 585 14.12 -39.03 -31.88
CA ARG D 585 15.38 -39.46 -31.30
C ARG D 585 15.89 -38.46 -30.26
N SER D 586 15.09 -37.43 -29.99
CA SER D 586 15.50 -36.38 -29.05
C SER D 586 14.53 -36.22 -27.88
N HIS D 587 15.07 -35.82 -26.73
CA HIS D 587 14.25 -35.47 -25.58
C HIS D 587 13.53 -34.16 -25.81
N TYR D 588 14.30 -33.13 -26.17
CA TYR D 588 13.75 -31.82 -26.52
C TYR D 588 14.54 -31.20 -27.68
N ASP D 589 13.79 -30.69 -28.66
CA ASP D 589 14.40 -30.03 -29.81
C ASP D 589 14.45 -28.51 -29.64
N SER D 590 14.00 -28.03 -28.47
CA SER D 590 14.01 -26.61 -28.19
C SER D 590 15.43 -26.10 -27.94
N PRO D 591 15.75 -24.91 -28.48
CA PRO D 591 17.08 -24.31 -28.35
C PRO D 591 17.44 -23.94 -26.91
N PHE D 592 18.72 -24.10 -26.57
CA PHE D 592 19.21 -23.71 -25.25
C PHE D 592 19.43 -22.20 -25.18
N ALA D 593 19.39 -21.66 -23.97
CA ALA D 593 19.56 -20.22 -23.76
C ALA D 593 20.90 -19.72 -24.30
N PHE D 594 20.85 -18.69 -25.14
CA PHE D 594 22.04 -18.12 -25.74
C PHE D 594 22.75 -17.17 -24.78
N ARG D 595 24.07 -17.10 -24.88
CA ARG D 595 24.87 -16.30 -23.96
C ARG D 595 24.83 -14.81 -24.28
N TYR D 596 24.92 -14.46 -25.56
CA TYR D 596 25.00 -13.05 -25.94
C TYR D 596 23.89 -12.57 -26.85
N LEU D 597 23.96 -11.29 -27.19
CA LEU D 597 23.08 -10.70 -28.19
C LEU D 597 23.88 -10.06 -29.31
N LYS D 598 23.28 -9.96 -30.48
CA LYS D 598 23.84 -9.14 -31.54
C LYS D 598 22.85 -8.04 -31.91
N PHE D 599 23.40 -6.84 -32.09
CA PHE D 599 22.62 -5.66 -32.43
C PHE D 599 23.03 -5.12 -33.80
N ASP D 600 22.15 -4.37 -34.44
CA ASP D 600 22.52 -3.71 -35.69
C ASP D 600 23.25 -2.40 -35.41
N ASN D 601 23.47 -1.60 -36.44
CA ASN D 601 24.22 -0.35 -36.31
C ASN D 601 23.49 0.69 -35.49
N ASP D 602 22.16 0.60 -35.43
CA ASP D 602 21.36 1.57 -34.69
C ASP D 602 21.17 1.19 -33.23
N GLY D 603 21.55 -0.03 -32.88
CA GLY D 603 21.40 -0.51 -31.52
C GLY D 603 20.15 -1.35 -31.33
N ASN D 604 19.41 -1.58 -32.42
CA ASN D 604 18.25 -2.46 -32.40
C ASN D 604 18.67 -3.90 -32.21
N TYR D 605 17.74 -4.76 -31.81
CA TYR D 605 18.05 -6.16 -31.61
C TYR D 605 18.13 -6.86 -32.96
N LYS D 606 19.33 -7.37 -33.29
CA LYS D 606 19.50 -8.18 -34.49
C LYS D 606 19.17 -9.64 -34.22
N GLY D 607 19.64 -10.15 -33.08
CA GLY D 607 19.41 -11.55 -32.75
C GLY D 607 20.16 -12.07 -31.54
N VAL D 608 20.17 -13.40 -31.39
CA VAL D 608 20.83 -14.05 -30.27
C VAL D 608 22.16 -14.66 -30.71
N LYS D 609 23.14 -14.67 -29.80
CA LYS D 609 24.48 -15.12 -30.14
C LYS D 609 25.00 -16.20 -29.19
N HIS D 610 25.62 -17.24 -29.76
CA HIS D 610 26.21 -18.33 -28.98
C HIS D 610 27.44 -17.87 -28.18
N GLY D 611 27.68 -18.51 -27.03
CA GLY D 611 28.87 -18.24 -26.24
C GLY D 611 29.92 -19.32 -26.46
N GLU D 612 30.96 -19.36 -25.63
CA GLU D 612 31.99 -20.38 -25.75
C GLU D 612 31.68 -21.65 -24.92
N ASP D 613 30.56 -21.65 -24.20
CA ASP D 613 30.20 -22.88 -23.54
C ASP D 613 29.28 -23.64 -24.48
N VAL D 614 29.84 -24.66 -25.11
CA VAL D 614 29.12 -25.52 -26.03
C VAL D 614 29.67 -26.94 -25.89
N VAL D 615 28.79 -27.91 -25.74
CA VAL D 615 29.22 -29.30 -25.59
C VAL D 615 28.51 -30.19 -26.61
N GLY D 624 29.72 -39.10 -24.68
CA GLY D 624 29.23 -37.83 -24.17
C GLY D 624 29.85 -36.65 -24.90
N PRO D 625 29.00 -35.70 -25.34
CA PRO D 625 27.54 -35.73 -25.20
C PRO D 625 26.87 -36.63 -26.22
N SER D 626 25.65 -37.06 -25.92
CA SER D 626 24.91 -37.95 -26.81
C SER D 626 24.15 -37.19 -27.89
N GLY D 627 23.33 -37.91 -28.64
CA GLY D 627 22.55 -37.34 -29.72
C GLY D 627 21.09 -37.11 -29.34
N THR D 628 20.84 -36.95 -28.04
CA THR D 628 19.47 -36.90 -27.54
C THR D 628 18.84 -35.52 -27.65
N THR D 629 19.56 -34.58 -28.27
CA THR D 629 18.95 -33.30 -28.63
C THR D 629 19.50 -32.78 -29.96
N SER D 630 18.67 -32.06 -30.70
CA SER D 630 19.04 -31.56 -32.02
C SER D 630 19.90 -30.30 -31.93
N GLN D 631 19.65 -29.49 -30.92
CA GLN D 631 20.30 -28.19 -30.78
C GLN D 631 21.62 -28.27 -30.02
N PRO D 632 22.56 -27.36 -30.32
CA PRO D 632 23.82 -27.25 -29.58
C PRO D 632 23.58 -27.05 -28.08
N VAL D 633 24.45 -27.64 -27.26
CA VAL D 633 24.28 -27.58 -25.82
C VAL D 633 25.02 -26.40 -25.22
N GLU D 634 24.28 -25.43 -24.68
CA GLU D 634 24.89 -24.21 -24.18
C GLU D 634 24.37 -23.79 -22.82
N GLY D 635 25.29 -23.38 -21.94
CA GLY D 635 24.92 -22.81 -20.66
C GLY D 635 24.62 -23.82 -19.58
N LEU D 636 25.17 -25.02 -19.72
CA LEU D 636 24.99 -26.05 -18.70
C LEU D 636 26.17 -26.11 -17.73
N THR D 637 27.18 -25.28 -17.97
CA THR D 637 28.35 -25.25 -17.09
C THR D 637 28.21 -24.16 -16.02
N LEU D 638 28.05 -24.56 -14.77
CA LEU D 638 27.87 -23.62 -13.67
C LEU D 638 29.13 -22.79 -13.43
N ASP D 639 30.28 -23.37 -13.75
CA ASP D 639 31.56 -22.71 -13.56
C ASP D 639 31.66 -21.44 -14.40
N LYS D 640 31.26 -21.54 -15.66
CA LYS D 640 31.46 -20.46 -16.63
C LYS D 640 30.25 -19.55 -16.84
N GLN D 641 29.18 -19.78 -16.09
CA GLN D 641 27.97 -18.96 -16.21
C GLN D 641 28.30 -17.49 -15.98
N ARG D 642 27.86 -16.64 -16.90
CA ARG D 642 28.26 -15.23 -16.92
C ARG D 642 27.36 -14.34 -16.08
N THR D 643 27.98 -13.39 -15.38
CA THR D 643 27.26 -12.36 -14.65
C THR D 643 27.94 -11.01 -14.86
N VAL D 644 27.27 -9.94 -14.47
CA VAL D 644 27.85 -8.60 -14.58
C VAL D 644 28.23 -8.06 -13.21
N ASP D 645 29.53 -7.90 -12.99
CA ASP D 645 30.04 -7.38 -11.73
C ASP D 645 30.50 -5.94 -11.89
N PHE D 646 30.04 -5.06 -11.00
CA PHE D 646 30.30 -3.63 -11.11
C PHE D 646 31.79 -3.30 -11.08
N ARG D 647 32.53 -4.00 -10.24
CA ARG D 647 33.95 -3.75 -10.08
C ARG D 647 34.75 -4.21 -11.30
N ARG D 648 34.43 -5.40 -11.79
CA ARG D 648 35.16 -6.00 -12.91
C ARG D 648 34.74 -5.44 -14.26
N ASP D 649 33.46 -5.10 -14.41
CA ASP D 649 32.91 -4.74 -15.70
C ASP D 649 32.60 -3.24 -15.85
N ILE D 650 31.67 -2.75 -15.04
CA ILE D 650 31.17 -1.39 -15.18
C ILE D 650 32.17 -0.30 -14.79
N GLN D 651 32.80 -0.46 -13.62
CA GLN D 651 33.72 0.54 -13.10
C GLN D 651 34.86 0.93 -14.04
N PRO D 652 35.51 -0.05 -14.71
CA PRO D 652 36.55 0.37 -15.66
C PRO D 652 36.00 1.22 -16.80
N ILE D 653 34.80 0.88 -17.27
CA ILE D 653 34.13 1.66 -18.31
C ILE D 653 33.89 3.08 -17.83
N LEU D 654 33.46 3.19 -16.57
CA LEU D 654 33.22 4.50 -15.97
C LEU D 654 34.52 5.32 -15.85
N ASP D 655 35.60 4.65 -15.49
CA ASP D 655 36.88 5.32 -15.37
C ASP D 655 37.36 5.82 -16.72
N ALA D 656 37.20 4.99 -17.74
CA ALA D 656 37.69 5.31 -19.08
C ALA D 656 36.87 6.40 -19.78
N LYS D 657 35.56 6.20 -19.87
CA LYS D 657 34.72 7.06 -20.70
C LYS D 657 33.96 8.18 -19.96
N CYS D 658 34.08 8.24 -18.64
CA CYS D 658 33.20 9.10 -17.86
C CYS D 658 33.92 10.03 -16.89
N ALA D 659 34.67 9.45 -15.95
CA ALA D 659 35.20 10.17 -14.79
C ALA D 659 35.97 11.45 -15.12
N MET D 660 36.44 11.58 -16.35
CA MET D 660 37.14 12.78 -16.80
C MET D 660 36.32 14.05 -16.59
N CYS D 661 35.07 14.05 -17.05
CA CYS D 661 34.21 15.22 -16.91
C CYS D 661 33.37 15.19 -15.64
N HIS D 662 33.37 14.06 -14.93
CA HIS D 662 32.54 13.93 -13.75
C HIS D 662 33.37 13.84 -12.48
N ASP D 663 33.31 14.91 -11.70
CA ASP D 663 33.97 15.00 -10.41
C ASP D 663 32.98 15.56 -9.40
N SER D 664 33.44 15.88 -8.21
CA SER D 664 32.59 16.43 -7.16
C SER D 664 31.80 17.65 -7.63
N ASN D 665 32.35 18.39 -8.58
CA ASN D 665 31.72 19.62 -9.09
C ASN D 665 30.71 19.37 -10.20
N ASN D 666 30.69 18.16 -10.75
CA ASN D 666 29.73 17.82 -11.80
C ASN D 666 29.05 16.48 -11.55
N PRO D 667 27.93 16.50 -10.80
CA PRO D 667 27.18 15.29 -10.45
C PRO D 667 26.63 14.57 -11.68
N PRO D 668 26.59 13.22 -11.63
CA PRO D 668 27.06 12.40 -10.52
C PRO D 668 28.59 12.29 -10.49
N ASN D 669 29.15 11.98 -9.34
CA ASN D 669 30.61 11.90 -9.23
C ASN D 669 31.08 10.48 -9.49
N LEU D 670 31.70 10.29 -10.65
CA LEU D 670 32.13 8.97 -11.09
C LEU D 670 33.63 8.74 -10.86
N GLY D 671 34.32 9.75 -10.34
CA GLY D 671 35.75 9.65 -10.12
C GLY D 671 36.10 8.89 -8.86
N GLY D 672 37.39 8.73 -8.61
CA GLY D 672 37.85 8.06 -7.40
C GLY D 672 38.24 6.61 -7.62
N GLY D 673 37.86 6.06 -8.76
CA GLY D 673 38.19 4.68 -9.08
C GLY D 673 37.47 3.68 -8.20
N LEU D 674 38.17 2.60 -7.84
CA LEU D 674 37.59 1.53 -7.03
C LEU D 674 37.80 1.75 -5.54
N GLU D 675 38.38 2.89 -5.18
CA GLU D 675 38.64 3.21 -3.77
C GLU D 675 37.32 3.27 -2.99
N LEU D 676 37.28 2.56 -1.87
CA LEU D 676 36.07 2.47 -1.06
C LEU D 676 35.76 3.77 -0.34
N VAL D 677 34.47 4.09 -0.26
CA VAL D 677 34.01 5.31 0.41
C VAL D 677 33.29 4.97 1.71
N SER D 678 33.79 5.51 2.82
CA SER D 678 33.19 5.26 4.12
C SER D 678 31.90 6.04 4.30
N VAL D 679 30.81 5.34 4.58
CA VAL D 679 29.52 5.97 4.83
C VAL D 679 28.94 5.46 6.15
N ASP D 680 28.75 6.38 7.10
CA ASP D 680 28.25 6.05 8.43
C ASP D 680 29.09 4.98 9.12
N GLY D 681 30.41 5.05 8.93
CA GLY D 681 31.33 4.13 9.56
C GLY D 681 31.45 2.80 8.86
N ILE D 682 30.99 2.73 7.61
CA ILE D 682 31.07 1.51 6.82
C ILE D 682 31.56 1.78 5.41
N ALA D 683 32.68 1.18 5.04
CA ALA D 683 33.23 1.33 3.70
C ALA D 683 32.96 0.07 2.88
N ALA D 684 32.10 0.20 1.87
CA ALA D 684 31.67 -0.94 1.07
C ALA D 684 32.00 -0.74 -0.41
N TYR D 685 31.40 0.28 -1.01
CA TYR D 685 31.52 0.49 -2.45
C TYR D 685 32.35 1.72 -2.78
N SER D 686 32.50 1.98 -4.08
CA SER D 686 33.29 3.12 -4.53
C SER D 686 32.43 4.37 -4.66
N ARG D 687 33.04 5.45 -5.14
CA ARG D 687 32.33 6.72 -5.30
C ARG D 687 31.24 6.62 -6.37
N ALA D 688 31.60 6.02 -7.50
CA ALA D 688 30.68 5.92 -8.63
C ALA D 688 29.43 5.11 -8.28
N TYR D 689 29.61 4.01 -7.57
CA TYR D 689 28.49 3.17 -7.17
C TYR D 689 27.57 3.92 -6.20
N ASN D 690 28.17 4.57 -5.20
CA ASN D 690 27.41 5.35 -4.24
C ASN D 690 26.63 6.48 -4.91
N SER D 691 27.25 7.09 -5.93
CA SER D 691 26.62 8.17 -6.67
C SER D 691 25.42 7.67 -7.47
N LEU D 692 25.64 6.60 -8.23
CA LEU D 692 24.62 6.10 -9.15
C LEU D 692 23.42 5.49 -8.42
N LEU D 693 23.66 4.94 -7.23
CA LEU D 693 22.59 4.28 -6.47
C LEU D 693 21.91 5.22 -5.49
N GLU D 694 22.29 6.50 -5.52
CA GLU D 694 21.71 7.51 -4.63
C GLU D 694 20.21 7.67 -4.84
N PRO D 695 19.44 7.68 -3.73
CA PRO D 695 17.99 7.85 -3.76
C PRO D 695 17.57 9.23 -4.25
N GLN D 696 16.30 9.36 -4.65
CA GLN D 696 15.76 10.64 -5.09
C GLN D 696 14.54 11.03 -4.26
N ARG D 697 14.47 12.30 -3.87
CA ARG D 697 13.36 12.80 -3.06
C ARG D 697 12.02 12.64 -3.78
N GLY D 698 11.05 12.07 -3.08
CA GLY D 698 9.71 11.92 -3.62
C GLY D 698 9.55 10.69 -4.51
N LYS D 699 10.58 9.87 -4.57
CA LYS D 699 10.52 8.63 -5.35
C LYS D 699 10.74 7.41 -4.48
N ASP D 700 9.88 6.40 -4.65
CA ASP D 700 10.03 5.13 -3.96
C ASP D 700 11.36 4.47 -4.34
N PRO D 701 12.22 4.23 -3.35
CA PRO D 701 13.50 3.56 -3.59
C PRO D 701 13.31 2.13 -4.10
N ASN D 702 12.13 1.55 -3.85
CA ASN D 702 11.78 0.25 -4.40
C ASN D 702 11.64 0.32 -5.91
N ILE D 703 11.29 1.51 -6.41
CA ILE D 703 11.24 1.75 -7.84
C ILE D 703 12.64 2.05 -8.36
N GLY D 704 13.22 3.15 -7.88
CA GLY D 704 14.57 3.51 -8.26
C GLY D 704 15.12 4.72 -7.50
N GLY D 705 16.33 5.11 -7.86
CA GLY D 705 16.96 6.31 -7.31
C GLY D 705 16.99 7.43 -8.33
N LYS D 706 17.95 8.33 -8.18
CA LYS D 706 18.12 9.42 -9.14
C LYS D 706 18.46 8.88 -10.53
N TYR D 707 19.58 8.17 -10.64
CA TYR D 707 20.05 7.68 -11.92
C TYR D 707 19.76 6.20 -12.21
N VAL D 708 19.23 5.46 -11.24
CA VAL D 708 19.14 4.01 -11.40
C VAL D 708 17.84 3.42 -10.85
N ASN D 709 17.17 2.62 -11.69
CA ASN D 709 16.02 1.84 -11.26
C ASN D 709 16.35 0.35 -11.30
N PRO D 710 16.51 -0.28 -10.13
CA PRO D 710 16.86 -1.70 -10.06
C PRO D 710 15.86 -2.60 -10.79
N SER D 711 16.40 -3.47 -11.64
CA SER D 711 15.64 -4.39 -12.49
C SER D 711 14.70 -3.68 -13.47
N ALA D 712 14.94 -2.40 -13.70
CA ALA D 712 14.43 -1.74 -14.89
C ALA D 712 15.47 -0.79 -15.47
N ALA D 713 16.02 -1.13 -16.63
CA ALA D 713 16.98 -0.25 -17.27
C ALA D 713 16.24 0.83 -18.03
N ILE D 714 15.11 0.43 -18.62
CA ILE D 714 14.30 1.30 -19.44
C ILE D 714 13.70 2.46 -18.63
N ASN D 715 13.61 2.28 -17.32
CA ASN D 715 13.09 3.33 -16.44
C ASN D 715 14.18 4.17 -15.79
N SER D 716 15.44 3.83 -16.06
CA SER D 716 16.56 4.50 -15.42
C SER D 716 17.01 5.75 -16.16
N LEU D 717 17.15 6.85 -15.41
CA LEU D 717 17.55 8.14 -15.98
C LEU D 717 18.90 8.03 -16.68
N LEU D 718 19.80 7.25 -16.10
CA LEU D 718 21.13 7.03 -16.67
C LEU D 718 21.02 6.44 -18.07
N VAL D 719 20.15 5.44 -18.23
CA VAL D 719 19.94 4.80 -19.51
C VAL D 719 19.21 5.75 -20.46
N TRP D 720 18.31 6.55 -19.91
CA TRP D 720 17.61 7.57 -20.68
C TRP D 720 18.60 8.54 -21.33
N ARG D 721 19.63 8.90 -20.58
CA ARG D 721 20.63 9.83 -21.07
C ARG D 721 21.64 9.16 -22.00
N LEU D 722 21.95 7.90 -21.72
CA LEU D 722 22.91 7.16 -22.53
C LEU D 722 22.35 6.87 -23.91
N TYR D 723 21.03 6.72 -24.01
CA TYR D 723 20.39 6.56 -25.31
C TYR D 723 19.81 7.88 -25.84
N GLU D 724 19.89 8.92 -25.01
CA GLU D 724 19.36 10.26 -25.34
C GLU D 724 17.94 10.22 -25.90
N ALA D 725 17.04 9.52 -25.21
CA ALA D 725 15.64 9.43 -25.61
C ALA D 725 14.76 9.08 -24.43
N GLU D 726 13.45 9.24 -24.57
CA GLU D 726 12.54 8.78 -23.52
C GLU D 726 12.11 7.36 -23.84
N LEU D 727 12.61 6.42 -23.04
CA LEU D 727 12.48 5.00 -23.32
C LEU D 727 11.15 4.40 -22.89
N SER D 728 10.65 4.82 -21.73
CA SER D 728 9.43 4.24 -21.18
C SER D 728 8.35 5.26 -20.90
N ALA D 729 7.22 4.80 -20.39
CA ALA D 729 6.09 5.68 -20.07
C ALA D 729 6.19 6.15 -18.62
N ASN D 730 7.25 5.75 -17.94
CA ASN D 730 7.51 6.21 -16.58
C ASN D 730 8.71 7.13 -16.53
N ALA D 731 8.47 8.41 -16.30
CA ALA D 731 9.54 9.40 -16.25
C ALA D 731 10.21 9.42 -14.89
N PRO D 732 11.54 9.32 -14.87
CA PRO D 732 12.30 9.29 -13.62
C PRO D 732 12.12 10.57 -12.80
N ARG D 733 12.01 11.72 -13.47
CA ARG D 733 11.76 12.98 -12.79
C ARG D 733 11.14 14.01 -13.73
N GLU D 734 10.84 15.19 -13.20
CA GLU D 734 10.13 16.22 -13.97
C GLU D 734 11.01 16.86 -15.05
N LYS D 735 12.19 17.34 -14.66
CA LYS D 735 13.11 17.85 -15.67
C LYS D 735 14.22 16.83 -15.88
N ILE D 736 14.38 16.40 -17.12
CA ILE D 736 15.30 15.33 -17.45
C ILE D 736 16.42 15.85 -18.35
N PHE D 737 16.03 16.29 -19.54
CA PHE D 737 16.99 16.86 -20.49
C PHE D 737 17.07 18.37 -20.36
N PRO D 738 18.23 18.88 -19.91
CA PRO D 738 18.46 20.32 -19.75
C PRO D 738 18.30 21.07 -21.07
N ILE D 739 17.66 22.23 -21.01
CA ILE D 739 17.48 23.05 -22.21
C ILE D 739 18.69 23.94 -22.44
N GLU D 740 19.55 24.05 -21.43
CA GLU D 740 20.76 24.88 -21.54
C GLU D 740 22.01 24.11 -21.16
N GLY D 741 23.02 24.19 -22.02
CA GLY D 741 24.30 23.55 -21.76
C GLY D 741 24.22 22.03 -21.77
N ARG D 742 23.26 21.51 -22.53
CA ARG D 742 23.09 20.06 -22.65
C ARG D 742 24.24 19.46 -23.44
N LEU D 743 24.55 18.20 -23.16
CA LEU D 743 25.58 17.48 -23.89
C LEU D 743 25.12 16.07 -24.22
N LEU D 744 25.18 15.70 -25.49
CA LEU D 744 24.72 14.39 -25.92
C LEU D 744 25.66 13.29 -25.43
N HIS D 745 25.11 12.36 -24.65
CA HIS D 745 25.90 11.29 -24.06
C HIS D 745 25.83 9.97 -24.83
N ASN D 746 25.06 9.95 -25.92
CA ASN D 746 24.80 8.70 -26.62
C ASN D 746 26.02 8.15 -27.39
N LYS D 747 26.93 9.04 -27.76
CA LYS D 747 28.10 8.64 -28.54
C LYS D 747 29.35 8.39 -27.69
N PHE D 748 29.21 8.49 -26.37
CA PHE D 748 30.34 8.29 -25.47
C PHE D 748 30.74 6.82 -25.32
N LEU D 749 29.76 5.93 -25.45
CA LEU D 749 30.00 4.50 -25.25
C LEU D 749 29.78 3.69 -26.52
N THR D 750 30.43 2.53 -26.59
CA THR D 750 30.12 1.57 -27.63
C THR D 750 28.85 0.82 -27.23
N GLN D 751 28.37 -0.06 -28.09
CA GLN D 751 27.15 -0.80 -27.81
C GLN D 751 27.37 -1.80 -26.68
N ASP D 752 28.55 -2.42 -26.67
CA ASP D 752 28.88 -3.43 -25.67
C ASP D 752 28.92 -2.85 -24.26
N GLU D 753 29.53 -1.67 -24.13
CA GLU D 753 29.65 -1.00 -22.83
C GLU D 753 28.29 -0.53 -22.32
N ARG D 754 27.55 0.16 -23.18
CA ARG D 754 26.24 0.67 -22.84
C ARG D 754 25.29 -0.46 -22.46
N TYR D 755 25.29 -1.52 -23.24
CA TYR D 755 24.42 -2.65 -22.96
C TYR D 755 24.93 -3.45 -21.76
N ALA D 756 26.21 -3.28 -21.45
CA ALA D 756 26.76 -3.88 -20.23
C ALA D 756 26.16 -3.17 -19.03
N ILE D 757 26.05 -1.84 -19.12
CA ILE D 757 25.40 -1.06 -18.08
C ILE D 757 23.91 -1.43 -17.98
N VAL D 758 23.27 -1.57 -19.13
CA VAL D 758 21.86 -1.99 -19.18
C VAL D 758 21.65 -3.33 -18.49
N GLU D 759 22.51 -4.30 -18.80
CA GLU D 759 22.46 -5.61 -18.18
C GLU D 759 22.69 -5.52 -16.69
N TRP D 760 23.65 -4.69 -16.29
CA TRP D 760 23.95 -4.50 -14.87
C TRP D 760 22.72 -3.98 -14.11
N ILE D 761 22.05 -2.99 -14.69
CA ILE D 761 20.88 -2.41 -14.04
C ILE D 761 19.72 -3.40 -14.01
N ASP D 762 19.51 -4.12 -15.11
CA ASP D 762 18.43 -5.10 -15.20
C ASP D 762 18.65 -6.29 -14.26
N LEU D 763 19.90 -6.51 -13.87
CA LEU D 763 20.24 -7.59 -12.95
C LEU D 763 20.00 -7.19 -11.51
N GLY D 764 19.60 -5.95 -11.28
CA GLY D 764 19.38 -5.43 -9.95
C GLY D 764 20.46 -4.47 -9.49
N ALA D 765 21.40 -4.17 -10.39
CA ALA D 765 22.45 -3.19 -10.15
C ALA D 765 23.25 -3.48 -8.89
N GLN D 766 23.76 -4.70 -8.79
CA GLN D 766 24.56 -5.09 -7.63
C GLN D 766 25.96 -4.49 -7.68
N TRP D 767 26.75 -4.79 -6.65
CA TRP D 767 28.14 -4.38 -6.58
C TRP D 767 29.03 -5.61 -6.69
N ASP D 768 28.88 -6.51 -5.72
CA ASP D 768 29.61 -7.76 -5.71
C ASP D 768 28.70 -8.88 -6.18
N ASN D 769 28.90 -9.34 -7.40
CA ASN D 769 28.06 -10.40 -7.97
C ASN D 769 28.70 -11.78 -7.90
N ILE D 770 29.91 -11.85 -7.34
CA ILE D 770 30.61 -13.12 -7.20
C ILE D 770 30.47 -13.63 -5.77
N PRO D 771 29.68 -14.70 -5.58
CA PRO D 771 29.37 -15.27 -4.26
C PRO D 771 30.63 -15.59 -3.46
N GLY D 772 30.62 -15.24 -2.18
CA GLY D 772 31.75 -15.48 -1.30
C GLY D 772 32.84 -14.44 -1.47
N PRO D 773 33.86 -14.49 -0.61
CA PRO D 773 34.99 -13.55 -0.67
C PRO D 773 35.85 -13.74 -1.91
N ASP D 774 36.19 -12.65 -2.59
CA ASP D 774 37.04 -12.71 -3.78
C ASP D 774 38.14 -11.65 -3.74
N PHE D 775 38.90 -11.56 -4.82
CA PHE D 775 40.07 -10.69 -4.87
C PHE D 775 39.70 -9.25 -5.24
N TYR D 776 38.46 -9.04 -5.66
CA TYR D 776 38.00 -7.71 -6.03
C TYR D 776 37.65 -6.87 -4.80
N PRO D 777 37.90 -5.55 -4.87
CA PRO D 777 37.72 -4.61 -3.75
C PRO D 777 36.35 -4.68 -3.07
N GLY D 778 36.35 -4.68 -1.75
CA GLY D 778 35.11 -4.75 -0.99
C GLY D 778 35.32 -4.60 0.51
N TYR D 779 34.25 -4.81 1.26
CA TYR D 779 34.26 -4.65 2.72
C TYR D 779 35.28 -5.57 3.40
N LEU D 780 36.16 -4.99 4.21
CA LEU D 780 37.14 -5.76 4.95
C LEU D 780 37.41 -5.20 6.35
N VAL D 781 37.43 -6.08 7.34
CA VAL D 781 37.78 -5.69 8.71
C VAL D 781 38.69 -6.74 9.33
N GLY E 1 -33.38 -54.91 -21.04
CA GLY E 1 -32.85 -54.04 -22.09
C GLY E 1 -31.34 -54.01 -22.12
N TYR E 2 -30.72 -53.47 -23.18
CA TYR E 2 -29.29 -53.68 -23.19
C TYR E 2 -28.41 -52.42 -23.34
N ILE E 3 -27.28 -52.50 -22.61
CA ILE E 3 -26.23 -51.49 -22.44
C ILE E 3 -25.75 -50.99 -23.77
N GLN E 4 -25.49 -49.70 -23.86
CA GLN E 4 -25.29 -49.08 -25.17
C GLN E 4 -23.96 -49.41 -25.87
N GLY E 5 -24.06 -49.75 -27.15
CA GLY E 5 -22.92 -49.81 -28.03
C GLY E 5 -22.15 -51.11 -28.13
N THR E 6 -22.53 -52.09 -27.33
CA THR E 6 -21.81 -53.37 -27.28
C THR E 6 -22.79 -54.51 -27.51
N HIS E 7 -22.36 -55.77 -27.38
CA HIS E 7 -23.29 -56.92 -27.28
C HIS E 7 -23.58 -57.54 -25.87
N VAL E 8 -23.00 -57.03 -24.77
CA VAL E 8 -22.93 -57.74 -23.47
C VAL E 8 -23.90 -57.31 -22.30
N LYS E 9 -24.89 -58.15 -21.92
CA LYS E 9 -26.18 -57.60 -21.42
C LYS E 9 -26.53 -57.81 -19.91
N THR E 10 -27.20 -56.82 -19.30
CA THR E 10 -27.61 -56.87 -17.89
C THR E 10 -29.12 -56.88 -17.69
N ASP E 11 -29.54 -56.97 -16.42
CA ASP E 11 -30.95 -56.88 -16.03
C ASP E 11 -31.33 -55.47 -15.58
N LEU E 12 -30.37 -54.56 -15.67
CA LEU E 12 -30.49 -53.24 -15.06
C LEU E 12 -31.09 -52.20 -16.00
N PRO E 13 -32.07 -51.43 -15.50
CA PRO E 13 -32.81 -50.43 -16.29
C PRO E 13 -31.91 -49.35 -16.91
N GLY E 14 -31.00 -48.79 -16.11
CA GLY E 14 -30.07 -47.80 -16.62
C GLY E 14 -30.70 -46.52 -17.11
N PRO E 15 -31.46 -45.81 -16.24
CA PRO E 15 -32.26 -44.67 -16.72
C PRO E 15 -31.44 -43.57 -17.39
N PHE E 16 -31.84 -43.21 -18.62
CA PHE E 16 -31.21 -42.10 -19.34
C PHE E 16 -31.98 -40.78 -19.29
N HIS E 17 -33.19 -40.78 -18.73
CA HIS E 17 -34.04 -39.60 -18.79
C HIS E 17 -35.13 -39.58 -17.73
N ILE E 18 -35.70 -38.39 -17.48
CA ILE E 18 -36.86 -38.28 -16.61
C ILE E 18 -37.75 -37.08 -17.01
N THR E 19 -39.06 -37.23 -16.87
CA THR E 19 -40.01 -36.16 -17.13
C THR E 19 -41.26 -36.34 -16.26
N MET E 20 -42.00 -35.26 -16.04
CA MET E 20 -43.21 -35.32 -15.21
C MET E 20 -44.43 -34.83 -15.98
N SER E 21 -45.60 -35.36 -15.62
CA SER E 21 -46.87 -34.89 -16.18
C SER E 21 -47.11 -33.44 -15.75
N PRO E 22 -47.69 -32.63 -16.64
CA PRO E 22 -47.97 -31.21 -16.40
C PRO E 22 -48.80 -30.95 -15.14
N ASP E 23 -49.60 -31.93 -14.74
CA ASP E 23 -50.45 -31.78 -13.56
C ASP E 23 -49.70 -32.11 -12.27
N GLY E 24 -48.44 -32.51 -12.42
CA GLY E 24 -47.57 -32.77 -11.28
C GLY E 24 -47.96 -34.02 -10.51
N SER E 25 -48.20 -35.10 -11.24
CA SER E 25 -48.52 -36.36 -10.62
C SER E 25 -47.50 -37.43 -11.00
N THR E 26 -47.50 -37.83 -12.27
CA THR E 26 -46.75 -39.00 -12.70
C THR E 26 -45.37 -38.69 -13.28
N LEU E 27 -44.34 -39.30 -12.70
CA LEU E 27 -42.97 -39.27 -13.24
C LEU E 27 -42.74 -40.45 -14.18
N PHE E 28 -42.03 -40.17 -15.27
CA PHE E 28 -41.74 -41.17 -16.30
C PHE E 28 -40.24 -41.30 -16.51
N ILE E 29 -39.72 -42.51 -16.33
CA ILE E 29 -38.29 -42.75 -16.40
C ILE E 29 -37.91 -43.63 -17.58
N SER E 30 -37.17 -43.06 -18.54
CA SER E 30 -36.71 -43.80 -19.70
C SER E 30 -35.56 -44.72 -19.31
N ASN E 31 -35.72 -46.01 -19.55
CA ASN E 31 -34.67 -46.98 -19.26
C ASN E 31 -34.02 -47.46 -20.54
N GLN E 32 -32.78 -47.03 -20.75
CA GLN E 32 -32.05 -47.26 -22.00
C GLN E 32 -31.50 -48.68 -22.06
N SER E 33 -30.96 -49.12 -20.94
CA SER E 33 -30.53 -50.51 -20.78
C SER E 33 -31.65 -51.33 -20.15
N GLY E 34 -32.84 -50.73 -20.01
CA GLY E 34 -34.04 -51.47 -19.73
C GLY E 34 -34.94 -51.72 -20.94
N HIS E 35 -34.69 -50.96 -22.01
CA HIS E 35 -35.63 -50.85 -23.14
C HIS E 35 -37.02 -50.60 -22.62
N SER E 36 -37.14 -49.73 -21.63
CA SER E 36 -38.43 -49.56 -20.96
C SER E 36 -38.79 -48.14 -20.60
N VAL E 37 -39.97 -47.98 -20.02
CA VAL E 37 -40.29 -46.76 -19.31
C VAL E 37 -40.95 -47.16 -17.98
N THR E 38 -40.52 -46.49 -16.91
CA THR E 38 -40.98 -46.74 -15.56
C THR E 38 -41.91 -45.63 -15.08
N PHE E 39 -43.09 -46.02 -14.60
CA PHE E 39 -44.07 -45.08 -14.06
C PHE E 39 -44.08 -44.96 -12.54
N VAL E 40 -44.12 -43.72 -12.07
CA VAL E 40 -44.20 -43.43 -10.64
C VAL E 40 -45.21 -42.26 -10.55
N ASP E 41 -45.88 -42.03 -9.41
CA ASP E 41 -46.59 -40.75 -9.26
C ASP E 41 -45.83 -39.77 -8.33
N ALA E 42 -46.46 -38.64 -7.95
CA ALA E 42 -45.82 -37.63 -7.06
C ALA E 42 -45.80 -37.84 -5.51
N ARG E 43 -46.93 -38.20 -4.89
CA ARG E 43 -47.02 -38.28 -3.41
C ARG E 43 -46.54 -39.57 -2.73
N THR E 44 -46.91 -40.69 -3.32
CA THR E 44 -46.77 -42.01 -2.74
C THR E 44 -45.35 -42.62 -2.48
N GLN E 45 -44.35 -42.29 -3.30
CA GLN E 45 -43.97 -43.35 -4.23
C GLN E 45 -42.94 -44.46 -4.23
N LYS E 46 -43.31 -45.24 -5.24
CA LYS E 46 -42.80 -46.52 -5.68
C LYS E 46 -43.38 -46.68 -7.10
N VAL E 47 -42.84 -47.59 -7.89
CA VAL E 47 -43.37 -47.87 -9.23
C VAL E 47 -44.87 -48.26 -9.29
N THR E 48 -45.64 -47.56 -10.14
CA THR E 48 -47.02 -47.95 -10.44
C THR E 48 -47.10 -48.95 -11.60
N GLY E 49 -45.98 -49.09 -12.33
CA GLY E 49 -45.91 -50.02 -13.44
C GLY E 49 -44.80 -49.76 -14.44
N GLU E 50 -44.62 -50.69 -15.38
CA GLU E 50 -43.52 -50.59 -16.35
C GLU E 50 -43.87 -51.09 -17.74
N VAL E 51 -43.44 -50.36 -18.77
CA VAL E 51 -43.55 -50.88 -20.14
C VAL E 51 -42.40 -51.08 -21.08
N ALA E 52 -42.55 -52.15 -21.89
CA ALA E 52 -41.58 -52.43 -22.91
C ALA E 52 -41.85 -51.43 -24.01
N VAL E 53 -40.82 -50.63 -24.25
CA VAL E 53 -40.78 -49.79 -25.40
C VAL E 53 -39.69 -50.46 -26.14
N ARG E 54 -39.30 -49.82 -27.20
CA ARG E 54 -38.41 -50.46 -28.12
C ARG E 54 -36.97 -50.35 -27.49
N VAL E 55 -35.94 -50.83 -28.19
CA VAL E 55 -34.54 -50.83 -27.75
C VAL E 55 -34.07 -49.41 -27.32
N GLN E 56 -33.31 -49.26 -26.22
CA GLN E 56 -32.79 -47.94 -25.78
C GLN E 56 -33.60 -46.64 -25.86
N PRO E 57 -34.70 -46.52 -25.11
CA PRO E 57 -35.26 -45.16 -25.04
C PRO E 57 -34.30 -44.18 -24.34
N GLU E 58 -33.96 -43.07 -24.98
CA GLU E 58 -33.25 -42.00 -24.28
C GLU E 58 -34.08 -40.79 -23.85
N ALA E 59 -35.35 -40.76 -24.23
CA ALA E 59 -36.13 -39.56 -23.99
C ALA E 59 -37.63 -39.79 -24.05
N SER E 60 -38.38 -38.83 -23.53
CA SER E 60 -39.83 -38.80 -23.67
C SER E 60 -40.44 -37.56 -23.03
N ALA E 61 -41.68 -37.25 -23.40
CA ALA E 61 -42.42 -36.16 -22.79
C ALA E 61 -43.92 -36.43 -22.84
N VAL E 62 -44.69 -35.52 -22.24
CA VAL E 62 -46.10 -35.74 -21.97
C VAL E 62 -46.99 -34.69 -22.65
N THR E 63 -48.13 -35.12 -23.16
CA THR E 63 -49.13 -34.18 -23.68
C THR E 63 -49.73 -33.35 -22.56
N PRO E 64 -50.13 -32.10 -22.87
CA PRO E 64 -50.66 -31.14 -21.89
C PRO E 64 -51.85 -31.66 -21.07
N ASP E 65 -52.71 -32.46 -21.70
CA ASP E 65 -53.89 -33.01 -21.04
C ASP E 65 -53.53 -34.18 -20.13
N GLY E 66 -52.29 -34.60 -20.18
CA GLY E 66 -51.89 -35.79 -19.47
C GLY E 66 -52.42 -36.91 -20.32
N ALA E 67 -52.29 -36.77 -21.64
CA ALA E 67 -52.73 -37.88 -22.47
C ALA E 67 -51.58 -38.72 -22.97
N PHE E 68 -50.89 -38.29 -24.01
CA PHE E 68 -49.96 -39.18 -24.69
C PHE E 68 -48.52 -38.79 -24.41
N LEU E 69 -47.74 -39.83 -24.14
CA LEU E 69 -46.32 -39.70 -23.90
C LEU E 69 -45.61 -40.22 -25.14
N TYR E 70 -44.60 -39.49 -25.58
CA TYR E 70 -43.86 -39.92 -26.76
C TYR E 70 -42.44 -40.32 -26.38
N VAL E 71 -42.20 -41.62 -26.39
CA VAL E 71 -40.86 -42.13 -26.19
C VAL E 71 -40.08 -41.83 -27.46
N CYS E 72 -38.95 -41.15 -27.30
CA CYS E 72 -37.97 -41.11 -28.36
C CYS E 72 -37.00 -42.30 -28.20
N ASN E 73 -36.96 -43.18 -29.20
CA ASN E 73 -35.96 -44.24 -29.19
C ASN E 73 -34.93 -44.22 -30.34
N ALA E 74 -33.75 -44.64 -29.95
CA ALA E 74 -32.53 -44.24 -30.60
C ALA E 74 -32.12 -45.16 -31.75
N GLU E 75 -31.83 -46.41 -31.50
CA GLU E 75 -31.23 -47.22 -32.60
C GLU E 75 -32.15 -47.99 -33.57
N SER E 76 -33.44 -48.13 -33.27
CA SER E 76 -34.43 -48.51 -34.28
C SER E 76 -34.85 -47.21 -34.96
N ASP E 77 -34.29 -46.08 -34.50
CA ASP E 77 -34.48 -44.80 -35.16
C ASP E 77 -35.97 -44.45 -35.23
N SER E 78 -36.67 -44.44 -34.10
CA SER E 78 -38.11 -44.22 -34.17
C SER E 78 -38.72 -43.58 -32.91
N VAL E 79 -40.06 -43.55 -32.85
CA VAL E 79 -40.76 -42.94 -31.72
C VAL E 79 -41.90 -43.83 -31.20
N SER E 80 -41.85 -44.23 -29.93
CA SER E 80 -42.93 -45.04 -29.37
C SER E 80 -44.04 -44.21 -28.75
N VAL E 81 -45.22 -44.28 -29.35
CA VAL E 81 -46.40 -43.61 -28.83
C VAL E 81 -47.10 -44.48 -27.80
N VAL E 82 -47.16 -43.92 -26.58
CA VAL E 82 -47.62 -44.52 -25.32
C VAL E 82 -48.58 -43.50 -24.61
N ASP E 83 -49.42 -43.87 -23.61
CA ASP E 83 -50.26 -42.88 -22.82
C ASP E 83 -51.03 -43.34 -21.54
N ILE E 84 -51.76 -42.41 -20.87
CA ILE E 84 -52.93 -42.61 -19.93
C ILE E 84 -52.82 -43.86 -19.00
N GLN E 85 -53.98 -44.58 -18.78
CA GLN E 85 -54.33 -46.06 -18.84
C GLN E 85 -53.44 -47.25 -18.27
N ARG E 86 -53.50 -48.46 -18.85
CA ARG E 86 -52.30 -49.19 -19.28
C ARG E 86 -51.02 -49.54 -18.45
N LYS E 87 -49.96 -48.99 -19.01
CA LYS E 87 -48.59 -49.40 -19.16
C LYS E 87 -48.54 -50.72 -20.01
N GLN E 88 -48.77 -50.46 -21.32
CA GLN E 88 -48.77 -51.23 -22.62
C GLN E 88 -48.06 -50.28 -23.69
N GLU E 89 -48.11 -50.55 -25.01
CA GLU E 89 -47.71 -49.53 -26.05
C GLU E 89 -48.55 -49.39 -27.37
N ILE E 90 -49.12 -48.22 -27.71
CA ILE E 90 -49.97 -48.16 -28.93
C ILE E 90 -49.24 -48.25 -30.28
N LYS E 91 -48.06 -47.66 -30.47
CA LYS E 91 -47.60 -47.58 -31.87
C LYS E 91 -46.16 -47.07 -31.98
N GLU E 92 -45.52 -47.34 -33.11
CA GLU E 92 -44.13 -46.95 -33.39
C GLU E 92 -44.06 -46.14 -34.69
N ILE E 93 -43.45 -44.96 -34.61
CA ILE E 93 -43.30 -44.08 -35.78
C ILE E 93 -41.86 -44.03 -36.25
N LYS E 94 -41.59 -44.56 -37.43
CA LYS E 94 -40.22 -44.59 -37.95
C LYS E 94 -39.71 -43.19 -38.30
N VAL E 95 -38.57 -42.82 -37.73
CA VAL E 95 -37.97 -41.51 -37.96
C VAL E 95 -36.49 -41.63 -38.37
N GLY E 96 -35.81 -40.50 -38.48
CA GLY E 96 -34.40 -40.49 -38.85
C GLY E 96 -33.49 -41.09 -37.79
N ASP E 97 -32.19 -41.14 -38.09
CA ASP E 97 -31.23 -41.82 -37.22
C ASP E 97 -31.02 -41.13 -35.88
N TRP E 98 -30.85 -41.96 -34.87
CA TRP E 98 -30.61 -41.58 -33.48
C TRP E 98 -31.33 -40.34 -33.02
N PRO E 99 -32.66 -40.38 -32.93
CA PRO E 99 -33.19 -39.26 -32.16
C PRO E 99 -32.79 -39.37 -30.67
N SER E 100 -32.22 -38.33 -30.07
CA SER E 100 -31.77 -38.38 -28.67
C SER E 100 -32.75 -37.74 -27.70
N GLY E 101 -33.81 -37.18 -28.27
CA GLY E 101 -34.83 -36.57 -27.45
C GLY E 101 -35.78 -35.71 -28.22
N ILE E 102 -36.93 -35.40 -27.59
CA ILE E 102 -37.75 -34.27 -28.03
C ILE E 102 -38.97 -33.68 -27.35
N LYS E 103 -39.55 -32.70 -28.07
CA LYS E 103 -40.54 -31.81 -27.44
C LYS E 103 -41.57 -31.26 -28.44
N ILE E 104 -42.76 -30.93 -27.94
CA ILE E 104 -43.87 -30.88 -28.87
C ILE E 104 -44.88 -29.82 -28.36
N SER E 105 -45.59 -29.20 -29.29
CA SER E 105 -46.22 -27.87 -29.17
C SER E 105 -47.16 -27.60 -27.98
N PRO E 106 -47.23 -26.33 -27.54
CA PRO E 106 -48.10 -25.87 -26.45
C PRO E 106 -49.57 -26.19 -26.70
N ASP E 107 -49.99 -26.17 -27.97
CA ASP E 107 -51.36 -26.53 -28.30
C ASP E 107 -51.53 -28.05 -28.28
N GLY E 108 -50.41 -28.76 -28.37
CA GLY E 108 -50.41 -30.22 -28.29
C GLY E 108 -50.71 -30.91 -29.61
N LYS E 109 -50.73 -30.14 -30.70
CA LYS E 109 -51.09 -30.68 -32.01
C LYS E 109 -49.93 -31.24 -32.85
N THR E 110 -48.69 -30.94 -32.46
CA THR E 110 -47.53 -31.25 -33.32
C THR E 110 -46.26 -31.64 -32.56
N ALA E 111 -45.54 -32.62 -33.10
CA ALA E 111 -44.43 -33.23 -32.41
C ALA E 111 -43.09 -32.94 -33.05
N TYR E 112 -42.19 -32.24 -32.37
CA TYR E 112 -40.89 -32.03 -33.01
C TYR E 112 -39.89 -33.03 -32.46
N VAL E 113 -39.14 -33.67 -33.38
CA VAL E 113 -38.20 -34.81 -33.14
C VAL E 113 -36.73 -34.57 -33.50
N ALA E 114 -35.81 -34.65 -32.52
CA ALA E 114 -34.44 -34.23 -32.82
C ALA E 114 -33.55 -35.40 -33.18
N CYS E 115 -33.06 -35.44 -34.43
CA CYS E 115 -32.24 -36.55 -34.87
C CYS E 115 -30.75 -36.27 -34.65
N SER E 116 -30.12 -37.07 -33.80
CA SER E 116 -28.76 -36.80 -33.32
C SER E 116 -27.66 -37.46 -34.14
N GLY E 117 -28.02 -38.09 -35.24
CA GLY E 117 -27.05 -38.77 -36.08
C GLY E 117 -25.87 -37.90 -36.46
N CYS E 118 -24.67 -38.46 -36.37
CA CYS E 118 -23.43 -37.71 -36.61
C CYS E 118 -23.39 -37.11 -38.00
N MET E 119 -23.79 -37.88 -39.00
CA MET E 119 -23.93 -37.35 -40.36
C MET E 119 -25.38 -36.97 -40.67
N TRP E 120 -26.25 -37.10 -39.68
CA TRP E 120 -27.68 -36.86 -39.88
C TRP E 120 -28.14 -35.53 -39.29
N ASN E 121 -28.63 -34.64 -40.13
CA ASN E 121 -29.25 -33.42 -39.64
C ASN E 121 -30.75 -33.42 -39.95
N ALA E 122 -31.57 -33.63 -38.92
CA ALA E 122 -33.01 -33.58 -39.10
C ALA E 122 -33.76 -33.23 -37.83
N ILE E 123 -34.87 -32.50 -38.01
CA ILE E 123 -35.92 -32.42 -37.00
C ILE E 123 -37.22 -32.88 -37.64
N ASP E 124 -37.73 -34.03 -37.21
CA ASP E 124 -38.91 -34.64 -37.83
C ASP E 124 -40.20 -34.23 -37.13
N VAL E 125 -41.14 -33.68 -37.88
CA VAL E 125 -42.41 -33.28 -37.28
C VAL E 125 -43.45 -34.39 -37.40
N ILE E 126 -44.30 -34.53 -36.38
CA ILE E 126 -45.26 -35.62 -36.28
C ILE E 126 -46.63 -35.12 -35.83
N ASP E 127 -47.68 -35.36 -36.61
CA ASP E 127 -49.00 -34.93 -36.15
C ASP E 127 -49.42 -35.81 -34.97
N THR E 128 -49.91 -35.19 -33.89
CA THR E 128 -50.28 -35.96 -32.69
C THR E 128 -51.62 -36.68 -32.85
N GLY E 129 -52.55 -36.01 -33.52
CA GLY E 129 -53.86 -36.60 -33.76
C GLY E 129 -53.77 -37.72 -34.77
N ARG E 130 -52.98 -37.50 -35.82
CA ARG E 130 -52.78 -38.50 -36.85
C ARG E 130 -51.79 -39.56 -36.37
N MET E 131 -50.82 -39.13 -35.57
CA MET E 131 -49.78 -39.96 -34.93
C MET E 131 -48.70 -40.60 -35.84
N GLU E 132 -48.31 -39.93 -36.94
CA GLU E 132 -47.09 -40.32 -37.69
C GLU E 132 -46.34 -39.10 -38.24
N LYS E 133 -45.10 -39.31 -38.66
CA LYS E 133 -44.23 -38.24 -39.16
C LYS E 133 -44.77 -37.58 -40.44
N VAL E 134 -44.64 -36.26 -40.51
CA VAL E 134 -45.17 -35.49 -41.63
C VAL E 134 -44.06 -34.97 -42.55
N ARG E 135 -43.24 -34.06 -42.05
CA ARG E 135 -42.09 -33.56 -42.80
C ARG E 135 -40.86 -33.50 -41.91
N SER E 136 -39.74 -33.07 -42.47
CA SER E 136 -38.49 -32.99 -41.73
C SER E 136 -37.80 -31.64 -41.93
N ILE E 137 -37.34 -31.04 -40.83
CA ILE E 137 -36.64 -29.77 -40.90
C ILE E 137 -35.13 -29.97 -40.89
N TYR E 138 -34.49 -29.61 -42.00
CA TYR E 138 -33.05 -29.76 -42.12
C TYR E 138 -32.32 -28.63 -41.40
N THR E 139 -31.46 -28.99 -40.45
CA THR E 139 -30.75 -28.00 -39.65
C THR E 139 -29.53 -27.45 -40.39
N SER E 140 -28.82 -26.53 -39.75
CA SER E 140 -27.68 -25.86 -40.36
C SER E 140 -26.49 -26.81 -40.52
N ASP E 141 -26.24 -27.60 -39.49
CA ASP E 141 -25.16 -28.58 -39.53
C ASP E 141 -25.61 -29.89 -38.87
N TYR E 142 -24.68 -30.82 -38.72
CA TYR E 142 -25.02 -32.19 -38.33
C TYR E 142 -25.31 -32.38 -36.85
N GLY E 143 -26.17 -33.36 -36.56
CA GLY E 143 -26.40 -33.85 -35.21
C GLY E 143 -27.04 -32.96 -34.17
N PRO E 144 -28.23 -32.40 -34.45
CA PRO E 144 -28.90 -31.73 -33.34
C PRO E 144 -29.25 -32.72 -32.23
N ARG E 145 -28.86 -32.46 -30.99
CA ARG E 145 -29.18 -33.41 -29.93
C ARG E 145 -30.50 -33.13 -29.20
N MET E 146 -31.03 -31.92 -29.32
CA MET E 146 -32.19 -31.53 -28.52
C MET E 146 -32.98 -30.36 -29.09
N VAL E 147 -34.23 -30.25 -28.69
CA VAL E 147 -35.08 -29.09 -28.97
C VAL E 147 -35.91 -28.73 -27.71
N GLU E 148 -35.81 -27.49 -27.24
CA GLU E 148 -36.68 -27.01 -26.16
C GLU E 148 -37.20 -25.59 -26.47
N ILE E 149 -38.53 -25.41 -26.62
CA ILE E 149 -39.08 -24.26 -27.39
C ILE E 149 -40.13 -23.37 -26.65
N SER E 150 -40.29 -22.14 -27.15
CA SER E 150 -40.92 -20.98 -26.52
C SER E 150 -42.33 -21.05 -25.94
N PRO E 151 -42.56 -20.31 -24.84
CA PRO E 151 -43.84 -20.10 -24.17
C PRO E 151 -44.94 -19.70 -25.15
N ASP E 152 -44.62 -18.83 -26.12
CA ASP E 152 -45.58 -18.49 -27.16
C ASP E 152 -45.71 -19.63 -28.16
N GLY E 153 -44.58 -20.21 -28.54
CA GLY E 153 -44.56 -21.42 -29.34
C GLY E 153 -44.44 -21.23 -30.85
N LYS E 154 -44.00 -20.05 -31.29
CA LYS E 154 -43.82 -19.84 -32.72
C LYS E 154 -42.39 -20.00 -33.26
N THR E 155 -41.38 -20.22 -32.41
CA THR E 155 -39.99 -20.30 -32.90
C THR E 155 -39.12 -21.44 -32.32
N LEU E 156 -38.70 -22.39 -33.16
CA LEU E 156 -38.04 -23.62 -32.72
C LEU E 156 -36.50 -23.52 -32.67
N VAL E 157 -35.88 -23.64 -31.49
CA VAL E 157 -34.43 -23.82 -31.45
C VAL E 157 -33.97 -25.26 -31.21
N ALA E 158 -32.83 -25.60 -31.80
CA ALA E 158 -32.22 -26.91 -31.61
C ALA E 158 -30.72 -26.77 -31.44
N ILE E 159 -30.15 -27.45 -30.45
CA ILE E 159 -28.71 -27.39 -30.27
C ILE E 159 -28.02 -28.36 -31.22
N LEU E 160 -27.10 -27.82 -32.00
CA LEU E 160 -26.33 -28.62 -32.95
C LEU E 160 -24.96 -28.93 -32.37
N ASP E 161 -24.77 -30.20 -32.01
CA ASP E 161 -23.50 -30.70 -31.52
C ASP E 161 -22.89 -31.43 -32.72
N THR E 162 -21.83 -30.86 -33.27
CA THR E 162 -21.28 -31.36 -34.51
C THR E 162 -19.92 -32.01 -34.28
N VAL E 163 -19.79 -33.24 -34.76
CA VAL E 163 -18.55 -33.99 -34.61
C VAL E 163 -17.45 -33.41 -35.49
N GLY E 164 -16.31 -33.08 -34.88
CA GLY E 164 -15.16 -32.59 -35.61
C GLY E 164 -15.06 -31.08 -35.68
N SER E 165 -15.84 -30.38 -34.85
CA SER E 165 -15.82 -28.93 -34.83
C SER E 165 -15.78 -28.38 -33.42
N ILE E 166 -14.89 -27.42 -33.19
CA ILE E 166 -14.79 -26.75 -31.90
C ILE E 166 -15.83 -25.64 -31.78
N ASN E 167 -16.38 -25.22 -32.92
CA ASN E 167 -17.46 -24.24 -32.92
C ASN E 167 -18.78 -24.94 -33.14
N ARG E 168 -19.61 -24.99 -32.10
CA ARG E 168 -20.83 -25.79 -32.18
C ARG E 168 -22.05 -24.91 -31.93
N SER E 169 -23.16 -25.25 -32.58
CA SER E 169 -24.15 -24.22 -32.87
C SER E 169 -25.51 -24.34 -32.19
N VAL E 170 -26.34 -23.34 -32.47
CA VAL E 170 -27.73 -23.30 -32.03
C VAL E 170 -28.59 -22.78 -33.18
N ASP E 171 -29.62 -23.54 -33.54
CA ASP E 171 -30.47 -23.21 -34.68
C ASP E 171 -31.79 -22.61 -34.26
N PHE E 172 -32.16 -21.51 -34.91
CA PHE E 172 -33.44 -20.83 -34.73
C PHE E 172 -34.30 -20.98 -35.99
N ILE E 173 -35.45 -21.61 -35.77
CA ILE E 173 -36.41 -22.07 -36.77
C ILE E 173 -37.70 -21.30 -36.54
N ASP E 174 -38.54 -21.18 -37.56
CA ASP E 174 -39.86 -20.60 -37.39
C ASP E 174 -40.92 -21.69 -37.52
N ILE E 175 -41.58 -22.02 -36.40
CA ILE E 175 -42.59 -23.08 -36.37
C ILE E 175 -43.66 -22.89 -37.45
N ALA E 176 -44.03 -21.64 -37.70
CA ALA E 176 -45.00 -21.32 -38.73
C ALA E 176 -44.52 -21.74 -40.12
N SER E 177 -43.35 -21.25 -40.52
CA SER E 177 -42.82 -21.53 -41.85
C SER E 177 -41.87 -22.74 -41.89
N GLY E 178 -41.55 -23.29 -40.72
CA GLY E 178 -40.71 -24.47 -40.62
C GLY E 178 -39.36 -24.42 -41.33
N ARG E 179 -38.66 -23.30 -41.21
CA ARG E 179 -37.34 -23.15 -41.79
C ARG E 179 -36.42 -22.44 -40.82
N VAL E 180 -35.10 -22.52 -41.04
CA VAL E 180 -34.17 -21.94 -40.09
C VAL E 180 -34.11 -20.43 -40.31
N VAL E 181 -34.44 -19.67 -39.26
CA VAL E 181 -34.33 -18.22 -39.33
C VAL E 181 -32.87 -17.79 -39.16
N GLU E 182 -32.20 -18.30 -38.14
CA GLU E 182 -30.80 -17.94 -37.94
C GLU E 182 -30.01 -19.00 -37.17
N ASN E 183 -28.71 -19.09 -37.41
CA ASN E 183 -27.86 -20.01 -36.66
C ASN E 183 -26.74 -19.28 -35.90
N ARG E 184 -26.77 -19.38 -34.57
CA ARG E 184 -25.75 -18.73 -33.74
C ARG E 184 -24.69 -19.71 -33.24
N VAL E 185 -23.43 -19.34 -33.41
CA VAL E 185 -22.31 -20.23 -33.10
C VAL E 185 -21.72 -20.02 -31.71
N ILE E 186 -21.67 -21.08 -30.91
CA ILE E 186 -20.93 -21.06 -29.66
C ILE E 186 -19.48 -21.45 -29.97
N HIS E 187 -18.56 -20.55 -29.67
CA HIS E 187 -17.14 -20.71 -30.00
C HIS E 187 -16.40 -21.53 -28.95
N GLU E 188 -15.48 -22.38 -29.42
CA GLU E 188 -14.67 -23.24 -28.57
C GLU E 188 -15.55 -24.07 -27.64
N SER E 189 -16.55 -24.74 -28.20
CA SER E 189 -17.47 -25.54 -27.41
C SER E 189 -17.59 -26.96 -27.95
N SER E 190 -18.01 -27.87 -27.08
CA SER E 190 -18.23 -29.27 -27.45
C SER E 190 -19.20 -29.95 -26.49
N ASN E 191 -19.74 -31.08 -26.92
CA ASN E 191 -20.60 -31.91 -26.08
C ASN E 191 -21.82 -31.19 -25.52
N LEU E 192 -22.64 -30.63 -26.40
CA LEU E 192 -23.82 -29.91 -25.93
C LEU E 192 -24.85 -30.96 -25.54
N ARG E 193 -25.18 -31.05 -24.25
CA ARG E 193 -26.21 -32.01 -23.85
C ARG E 193 -27.63 -31.48 -23.67
N ASP E 194 -27.80 -30.17 -23.57
CA ASP E 194 -29.15 -29.63 -23.38
C ASP E 194 -29.30 -28.14 -23.71
N VAL E 195 -30.55 -27.76 -23.96
CA VAL E 195 -30.96 -26.36 -24.11
C VAL E 195 -32.32 -26.21 -23.45
N VAL E 196 -32.51 -25.15 -22.67
CA VAL E 196 -33.79 -24.89 -22.03
C VAL E 196 -34.16 -23.41 -22.08
N TYR E 197 -35.40 -23.14 -22.44
CA TYR E 197 -35.92 -21.77 -22.46
C TYR E 197 -36.24 -21.20 -21.07
N THR E 198 -36.29 -19.87 -21.01
CA THR E 198 -36.81 -19.17 -19.85
C THR E 198 -38.32 -18.95 -19.98
N PRO E 199 -39.03 -18.86 -18.83
CA PRO E 199 -40.48 -18.62 -18.82
C PRO E 199 -40.91 -17.39 -19.62
N ASP E 200 -40.12 -16.32 -19.59
CA ASP E 200 -40.45 -15.12 -20.36
C ASP E 200 -40.05 -15.28 -21.82
N GLY E 201 -39.13 -16.20 -22.09
CA GLY E 201 -38.78 -16.58 -23.44
C GLY E 201 -37.74 -15.72 -24.14
N LYS E 202 -37.10 -14.80 -23.41
CA LYS E 202 -36.06 -13.97 -24.02
C LYS E 202 -34.65 -14.52 -23.81
N TYR E 203 -34.54 -15.66 -23.15
CA TYR E 203 -33.23 -16.29 -22.93
C TYR E 203 -33.27 -17.79 -23.09
N ILE E 204 -32.14 -18.39 -23.48
CA ILE E 204 -32.03 -19.84 -23.57
C ILE E 204 -30.71 -20.29 -22.92
N ALA E 205 -30.74 -21.41 -22.20
CA ALA E 205 -29.56 -21.89 -21.49
C ALA E 205 -29.09 -23.23 -22.08
N VAL E 206 -27.80 -23.31 -22.41
CA VAL E 206 -27.26 -24.50 -23.06
C VAL E 206 -26.07 -25.07 -22.30
N THR E 207 -26.13 -26.35 -21.93
CA THR E 207 -24.98 -26.96 -21.26
C THR E 207 -23.95 -27.48 -22.26
N HIS E 208 -22.68 -27.25 -21.95
CA HIS E 208 -21.60 -27.77 -22.79
C HIS E 208 -20.25 -27.72 -22.11
N GLN E 209 -19.22 -28.15 -22.82
CA GLN E 209 -17.85 -28.06 -22.34
C GLN E 209 -17.02 -27.16 -23.24
N THR E 210 -16.00 -26.53 -22.67
CA THR E 210 -15.06 -25.76 -23.46
C THR E 210 -13.70 -26.44 -23.44
N PRO E 211 -13.34 -27.10 -24.55
CA PRO E 211 -12.02 -27.68 -24.76
C PRO E 211 -10.99 -26.62 -25.15
N LYS E 212 -9.74 -26.77 -24.72
CA LYS E 212 -8.68 -26.04 -25.39
C LYS E 212 -7.93 -27.06 -26.24
N ASN E 213 -8.16 -27.02 -27.54
CA ASN E 213 -7.58 -27.99 -28.45
C ASN E 213 -6.16 -27.68 -28.86
N TRP E 214 -5.88 -26.39 -29.07
CA TRP E 214 -4.58 -25.97 -29.60
C TRP E 214 -3.50 -26.03 -28.53
N LEU E 215 -3.89 -26.20 -27.29
CA LEU E 215 -2.94 -26.33 -26.20
C LEU E 215 -2.48 -27.76 -26.04
N PRO E 216 -1.15 -27.96 -25.96
CA PRO E 216 -0.60 -29.28 -25.66
C PRO E 216 -1.09 -29.77 -24.32
N VAL E 217 -1.25 -31.07 -24.14
CA VAL E 217 -1.78 -31.56 -22.88
C VAL E 217 -0.62 -31.86 -21.94
N CYS E 218 -0.53 -31.05 -20.90
CA CYS E 218 0.57 -31.12 -19.95
C CYS E 218 0.04 -31.43 -18.56
N GLU E 219 -0.81 -30.54 -18.04
N GLU E 219 -0.81 -30.55 -18.04
CA GLU E 219 -1.37 -30.70 -16.71
CA GLU E 219 -1.37 -30.77 -16.71
C GLU E 219 -2.90 -30.82 -16.72
C GLU E 219 -2.89 -30.80 -16.70
N ALA E 220 -3.46 -31.09 -15.54
CA ALA E 220 -4.91 -31.06 -15.35
C ALA E 220 -5.38 -29.72 -14.81
N GLU E 221 -4.44 -28.87 -14.43
CA GLU E 221 -4.74 -27.68 -13.63
C GLU E 221 -5.32 -26.51 -14.43
N ASN E 222 -6.13 -25.71 -13.75
CA ASN E 222 -6.72 -24.50 -14.29
C ASN E 222 -7.45 -24.72 -15.61
N GLY E 223 -8.08 -25.89 -15.75
CA GLY E 223 -8.83 -26.22 -16.95
C GLY E 223 -8.02 -26.09 -18.23
N GLN E 224 -6.76 -26.51 -18.16
CA GLN E 224 -5.86 -26.40 -19.31
C GLN E 224 -6.36 -27.21 -20.49
N VAL E 225 -7.09 -28.28 -20.20
CA VAL E 225 -7.64 -29.15 -21.24
C VAL E 225 -9.13 -28.87 -21.42
N PHE E 226 -9.90 -29.15 -20.37
CA PHE E 226 -11.34 -28.94 -20.39
C PHE E 226 -11.83 -28.02 -19.28
N THR E 227 -12.80 -27.18 -19.63
CA THR E 227 -13.59 -26.47 -18.63
C THR E 227 -15.05 -26.82 -18.91
N ASN E 228 -15.92 -26.57 -17.95
CA ASN E 228 -17.33 -26.91 -18.13
C ASN E 228 -18.21 -25.68 -17.99
N ASN E 229 -19.03 -25.44 -19.02
CA ASN E 229 -19.73 -24.17 -19.11
C ASN E 229 -21.21 -24.26 -19.43
N VAL E 230 -21.97 -23.32 -18.86
CA VAL E 230 -23.36 -23.10 -19.25
C VAL E 230 -23.40 -21.81 -20.07
N THR E 231 -24.25 -21.76 -21.09
CA THR E 231 -24.30 -20.61 -21.97
C THR E 231 -25.69 -19.99 -22.04
N ILE E 232 -25.79 -18.72 -21.66
CA ILE E 232 -27.03 -17.98 -21.76
C ILE E 232 -27.05 -17.15 -23.04
N ILE E 233 -28.03 -17.42 -23.90
CA ILE E 233 -28.16 -16.71 -25.16
C ILE E 233 -29.46 -15.90 -25.21
N GLU E 234 -29.35 -14.64 -25.58
CA GLU E 234 -30.52 -13.78 -25.71
C GLU E 234 -31.25 -14.10 -27.02
N THR E 235 -32.52 -14.44 -26.90
CA THR E 235 -33.30 -14.86 -28.07
C THR E 235 -33.63 -13.68 -28.99
N LYS E 236 -33.46 -12.47 -28.48
CA LYS E 236 -33.72 -11.27 -29.26
C LYS E 236 -32.71 -11.13 -30.39
N ALA E 237 -33.08 -10.37 -31.42
CA ALA E 237 -32.22 -10.19 -32.60
C ALA E 237 -30.89 -9.56 -32.23
N GLY E 238 -29.80 -10.16 -32.70
CA GLY E 238 -28.46 -9.67 -32.44
C GLY E 238 -28.08 -9.75 -30.96
N GLY E 239 -28.72 -10.68 -30.24
CA GLY E 239 -28.49 -10.83 -28.82
C GLY E 239 -27.10 -11.30 -28.47
N LYS E 240 -26.74 -11.20 -27.19
CA LYS E 240 -25.43 -11.62 -26.71
C LYS E 240 -25.37 -13.14 -26.57
N VAL E 241 -24.16 -13.68 -26.70
CA VAL E 241 -23.91 -15.07 -26.33
C VAL E 241 -22.98 -15.10 -25.13
N ALA E 242 -23.52 -15.49 -23.98
CA ALA E 242 -22.76 -15.42 -22.74
C ALA E 242 -22.31 -16.80 -22.29
N ARG E 243 -21.01 -17.04 -22.36
CA ARG E 243 -20.43 -18.30 -21.92
C ARG E 243 -19.92 -18.16 -20.50
N LEU E 244 -20.54 -18.90 -19.58
CA LEU E 244 -20.19 -18.78 -18.17
C LEU E 244 -19.68 -20.11 -17.61
N PRO E 245 -18.69 -20.03 -16.71
CA PRO E 245 -18.08 -21.22 -16.11
C PRO E 245 -18.98 -21.87 -15.06
N LEU E 246 -18.95 -23.19 -14.99
CA LEU E 246 -19.59 -23.93 -13.90
C LEU E 246 -18.57 -24.32 -12.82
N ASP E 247 -17.31 -23.98 -13.07
CA ASP E 247 -16.19 -24.57 -12.33
C ASP E 247 -15.59 -23.65 -11.28
N ASP E 248 -15.18 -24.25 -10.15
CA ASP E 248 -14.32 -23.57 -9.20
C ASP E 248 -12.88 -23.76 -9.66
N LEU E 249 -11.93 -23.19 -8.93
CA LEU E 249 -10.53 -23.37 -9.28
C LEU E 249 -10.09 -24.82 -9.13
N ASN E 250 -10.27 -25.36 -7.94
CA ASN E 250 -9.92 -26.75 -7.67
C ASN E 250 -11.10 -27.73 -7.75
N ASN E 251 -12.29 -27.22 -8.06
CA ASN E 251 -13.48 -28.05 -8.14
C ASN E 251 -14.23 -27.84 -9.45
N TYR E 252 -14.40 -28.91 -10.21
CA TYR E 252 -15.00 -28.84 -11.53
C TYR E 252 -16.28 -29.66 -11.58
N ASP E 253 -17.20 -29.30 -12.46
CA ASP E 253 -18.37 -30.13 -12.69
C ASP E 253 -18.17 -30.90 -13.99
N GLY E 254 -17.91 -32.20 -13.88
CA GLY E 254 -17.60 -33.01 -15.04
C GLY E 254 -18.78 -33.27 -15.94
N ASN E 255 -18.63 -32.97 -17.23
CA ASN E 255 -19.63 -33.30 -18.25
C ASN E 255 -21.06 -32.93 -17.88
N PRO E 256 -21.38 -31.62 -17.92
CA PRO E 256 -22.75 -31.18 -17.66
C PRO E 256 -23.75 -31.79 -18.64
N TYR E 257 -25.00 -31.94 -18.21
CA TYR E 257 -26.01 -32.68 -18.95
C TYR E 257 -27.38 -32.02 -18.77
N GLY E 258 -28.44 -32.72 -19.18
CA GLY E 258 -29.77 -32.16 -19.28
C GLY E 258 -30.23 -31.36 -18.07
N MET E 259 -30.94 -30.27 -18.34
CA MET E 259 -31.23 -29.26 -17.33
C MET E 259 -32.73 -29.03 -17.14
N ALA E 260 -33.07 -28.40 -16.02
CA ALA E 260 -34.45 -28.05 -15.73
C ALA E 260 -34.56 -26.57 -15.32
N MET E 261 -35.58 -25.90 -15.84
CA MET E 261 -35.80 -24.49 -15.58
C MET E 261 -36.97 -24.28 -14.62
N ASP E 262 -36.77 -23.41 -13.63
CA ASP E 262 -37.83 -23.07 -12.69
C ASP E 262 -38.98 -22.37 -13.41
N PRO E 263 -40.22 -22.74 -13.09
CA PRO E 263 -41.42 -22.17 -13.74
C PRO E 263 -41.51 -20.67 -13.59
N LYS E 264 -41.00 -20.13 -12.48
CA LYS E 264 -40.97 -18.69 -12.27
C LYS E 264 -39.62 -18.12 -12.72
N GLY E 265 -38.76 -19.00 -13.21
CA GLY E 265 -37.45 -18.60 -13.72
C GLY E 265 -36.48 -18.18 -12.65
N LYS E 266 -36.71 -18.65 -11.42
CA LYS E 266 -35.90 -18.26 -10.28
C LYS E 266 -34.57 -18.98 -10.23
N TYR E 267 -34.58 -20.29 -10.51
CA TYR E 267 -33.37 -21.09 -10.41
C TYR E 267 -33.12 -21.92 -11.65
N LEU E 268 -31.89 -22.41 -11.78
CA LEU E 268 -31.53 -23.27 -12.90
C LEU E 268 -30.89 -24.56 -12.37
N TYR E 269 -31.46 -25.69 -12.74
CA TYR E 269 -31.01 -26.96 -12.19
C TYR E 269 -30.24 -27.78 -13.24
N ILE E 270 -28.95 -27.95 -13.03
CA ILE E 270 -28.10 -28.61 -14.01
C ILE E 270 -27.55 -29.95 -13.51
N GLY E 271 -27.96 -31.03 -14.17
CA GLY E 271 -27.42 -32.34 -13.88
C GLY E 271 -25.97 -32.46 -14.28
N VAL E 272 -25.11 -32.84 -13.33
CA VAL E 272 -23.70 -33.07 -13.60
C VAL E 272 -23.39 -34.55 -13.47
N ARG E 273 -23.11 -35.16 -14.62
CA ARG E 273 -22.98 -36.61 -14.73
C ARG E 273 -21.65 -37.13 -14.22
N GLY E 274 -20.56 -36.45 -14.58
CA GLY E 274 -19.23 -36.87 -14.21
C GLY E 274 -18.98 -36.81 -12.71
N MET E 275 -19.44 -35.75 -12.07
CA MET E 275 -19.24 -35.58 -10.65
C MET E 275 -20.43 -36.08 -9.84
N HIS E 276 -21.44 -36.58 -10.55
CA HIS E 276 -22.63 -37.18 -9.94
C HIS E 276 -23.33 -36.23 -8.96
N ARG E 277 -23.65 -35.03 -9.42
CA ARG E 277 -24.27 -34.04 -8.52
C ARG E 277 -25.15 -33.06 -9.28
N VAL E 278 -26.02 -32.36 -8.57
CA VAL E 278 -26.90 -31.37 -9.20
C VAL E 278 -26.47 -29.95 -8.84
N THR E 279 -26.03 -29.20 -9.84
CA THR E 279 -25.61 -27.81 -9.63
C THR E 279 -26.79 -26.86 -9.79
N ILE E 280 -27.07 -26.09 -8.73
CA ILE E 280 -28.17 -25.14 -8.76
C ILE E 280 -27.66 -23.71 -8.88
N LEU E 281 -28.14 -23.01 -9.91
CA LEU E 281 -27.70 -21.64 -10.17
C LEU E 281 -28.82 -20.64 -9.95
N ASP E 282 -28.44 -19.41 -9.58
CA ASP E 282 -29.40 -18.34 -9.40
C ASP E 282 -29.53 -17.56 -10.69
N MET E 283 -30.68 -17.66 -11.33
CA MET E 283 -30.89 -17.05 -12.63
C MET E 283 -31.01 -15.53 -12.54
N ASP E 284 -31.41 -15.04 -11.37
CA ASP E 284 -31.48 -13.61 -11.15
C ASP E 284 -30.08 -13.01 -11.22
N LYS E 285 -29.13 -13.67 -10.56
CA LYS E 285 -27.74 -13.24 -10.56
C LYS E 285 -27.08 -13.45 -11.92
N VAL E 286 -27.40 -14.57 -12.56
CA VAL E 286 -26.82 -14.90 -13.86
C VAL E 286 -27.25 -13.90 -14.92
N LEU E 287 -28.56 -13.71 -15.05
CA LEU E 287 -29.11 -12.79 -16.04
C LEU E 287 -28.73 -11.35 -15.69
N GLY E 288 -28.70 -11.07 -14.39
CA GLY E 288 -28.24 -9.78 -13.91
C GLY E 288 -26.82 -9.49 -14.37
N LEU E 289 -25.99 -10.52 -14.34
CA LEU E 289 -24.61 -10.41 -14.82
C LEU E 289 -24.56 -10.26 -16.34
N VAL E 290 -25.45 -10.97 -17.03
CA VAL E 290 -25.48 -10.94 -18.49
C VAL E 290 -25.86 -9.55 -19.01
N ARG E 291 -26.88 -8.95 -18.42
CA ARG E 291 -27.36 -7.65 -18.88
C ARG E 291 -26.45 -6.50 -18.46
N SER E 292 -25.70 -6.69 -17.37
CA SER E 292 -24.84 -5.64 -16.85
C SER E 292 -23.43 -5.69 -17.42
N SER E 293 -23.18 -6.64 -18.33
CA SER E 293 -21.85 -6.79 -18.90
C SER E 293 -21.89 -6.81 -20.43
N THR E 294 -20.87 -6.22 -21.04
CA THR E 294 -20.75 -6.22 -22.49
C THR E 294 -20.33 -7.60 -22.99
N GLN E 295 -20.20 -7.76 -24.30
CA GLN E 295 -19.87 -9.05 -24.88
C GLN E 295 -18.44 -9.46 -24.55
N GLU E 296 -17.50 -8.53 -24.69
CA GLU E 296 -16.09 -8.85 -24.46
C GLU E 296 -15.80 -9.03 -22.97
N GLU E 297 -16.57 -8.35 -22.12
CA GLU E 297 -16.42 -8.51 -20.68
C GLU E 297 -16.87 -9.92 -20.27
N LEU E 298 -17.90 -10.41 -20.95
CA LEU E 298 -18.37 -11.78 -20.73
C LEU E 298 -17.34 -12.76 -21.27
N ASP E 299 -16.77 -12.44 -22.42
CA ASP E 299 -15.72 -13.25 -23.03
C ASP E 299 -14.51 -13.39 -22.12
N TYR E 300 -14.23 -12.33 -21.36
CA TYR E 300 -13.14 -12.37 -20.39
C TYR E 300 -13.56 -13.14 -19.14
N LEU E 301 -14.80 -12.93 -18.70
CA LEU E 301 -15.32 -13.56 -17.50
C LEU E 301 -15.56 -15.05 -17.68
N ARG E 302 -15.48 -15.52 -18.92
CA ARG E 302 -15.68 -16.94 -19.21
C ARG E 302 -14.59 -17.79 -18.53
N ASP E 303 -13.38 -17.25 -18.48
CA ASP E 303 -12.24 -17.97 -17.91
C ASP E 303 -12.01 -17.67 -16.44
N ASP E 304 -12.88 -16.88 -15.83
CA ASP E 304 -12.75 -16.57 -14.41
C ASP E 304 -13.27 -17.74 -13.59
N LEU E 305 -12.40 -18.32 -12.77
CA LEU E 305 -12.73 -19.55 -12.05
C LEU E 305 -13.28 -19.27 -10.66
N GLY E 306 -13.38 -17.99 -10.31
CA GLY E 306 -13.98 -17.60 -9.04
C GLY E 306 -15.37 -17.05 -9.23
N LEU E 307 -15.78 -16.88 -10.48
CA LEU E 307 -17.04 -16.22 -10.82
C LEU E 307 -18.28 -16.97 -10.33
N VAL E 308 -18.21 -18.30 -10.38
CA VAL E 308 -19.36 -19.15 -10.06
C VAL E 308 -20.02 -18.79 -8.73
N ARG E 309 -19.19 -18.54 -7.72
CA ARG E 309 -19.66 -18.29 -6.37
C ARG E 309 -20.64 -17.11 -6.31
N ASP E 310 -20.59 -16.25 -7.32
CA ASP E 310 -21.57 -15.17 -7.42
C ASP E 310 -22.97 -15.73 -7.57
N TYR E 311 -23.19 -16.52 -8.61
CA TYR E 311 -24.52 -17.07 -8.88
C TYR E 311 -24.75 -18.49 -8.38
N LEU E 312 -23.74 -19.11 -7.78
CA LEU E 312 -23.87 -20.49 -7.33
C LEU E 312 -24.69 -20.58 -6.05
N VAL E 313 -25.75 -21.39 -6.10
CA VAL E 313 -26.60 -21.61 -4.93
C VAL E 313 -26.03 -22.77 -4.11
N ALA E 314 -26.10 -23.98 -4.67
CA ALA E 314 -25.54 -25.15 -4.01
C ALA E 314 -25.23 -26.25 -5.02
N ARG E 315 -24.37 -27.19 -4.62
CA ARG E 315 -24.15 -28.42 -5.37
C ARG E 315 -24.64 -29.60 -4.54
N VAL E 316 -25.73 -30.21 -4.98
CA VAL E 316 -26.41 -31.25 -4.21
C VAL E 316 -25.91 -32.64 -4.56
N PRO E 317 -25.57 -33.45 -3.54
CA PRO E 317 -25.13 -34.84 -3.74
C PRO E 317 -26.19 -35.70 -4.42
N THR E 318 -25.75 -36.54 -5.36
CA THR E 318 -26.67 -37.32 -6.18
C THR E 318 -26.09 -38.70 -6.46
N GLY E 319 -26.95 -39.68 -6.72
CA GLY E 319 -26.52 -41.01 -7.10
C GLY E 319 -25.70 -40.98 -8.38
N LEU E 320 -25.00 -42.08 -8.65
CA LEU E 320 -24.02 -42.11 -9.73
C LEU E 320 -24.58 -41.85 -11.12
N GLY E 321 -23.95 -40.90 -11.81
CA GLY E 321 -24.24 -40.60 -13.21
C GLY E 321 -25.63 -40.11 -13.57
N PRO E 322 -26.11 -39.04 -12.90
CA PRO E 322 -27.38 -38.50 -13.40
C PRO E 322 -27.25 -37.94 -14.81
N SER E 323 -28.11 -38.37 -15.73
CA SER E 323 -28.11 -37.78 -17.07
C SER E 323 -29.21 -36.73 -17.27
N SER E 324 -30.10 -36.57 -16.29
CA SER E 324 -31.25 -35.70 -16.47
C SER E 324 -31.89 -35.23 -15.18
N VAL E 325 -32.66 -34.14 -15.27
CA VAL E 325 -33.41 -33.61 -14.14
C VAL E 325 -34.78 -33.11 -14.58
N CYS E 326 -35.71 -33.01 -13.63
CA CYS E 326 -37.05 -32.47 -13.91
C CYS E 326 -37.61 -31.80 -12.66
N LEU E 327 -38.62 -30.96 -12.84
CA LEU E 327 -39.17 -30.19 -11.73
C LEU E 327 -40.67 -30.37 -11.55
N SER E 328 -41.13 -30.15 -10.32
CA SER E 328 -42.56 -30.05 -10.05
C SER E 328 -43.06 -28.73 -10.62
N PRO E 329 -44.31 -28.71 -11.10
CA PRO E 329 -44.91 -27.49 -11.65
C PRO E 329 -44.88 -26.30 -10.69
N ASP E 330 -44.84 -26.57 -9.38
CA ASP E 330 -44.70 -25.49 -8.40
C ASP E 330 -43.23 -25.20 -8.11
N GLY E 331 -42.35 -26.05 -8.64
CA GLY E 331 -40.92 -25.84 -8.51
C GLY E 331 -40.34 -26.19 -7.16
N LYS E 332 -41.12 -26.89 -6.33
CA LYS E 332 -40.68 -27.23 -4.99
C LYS E 332 -39.71 -28.41 -4.96
N PHE E 333 -39.81 -29.31 -5.93
CA PHE E 333 -38.99 -30.51 -5.93
C PHE E 333 -38.26 -30.76 -7.25
N CYS E 334 -37.00 -31.18 -7.14
CA CYS E 334 -36.18 -31.49 -8.31
C CYS E 334 -35.80 -32.97 -8.30
N TYR E 335 -36.19 -33.68 -9.35
CA TYR E 335 -35.88 -35.10 -9.46
C TYR E 335 -34.74 -35.32 -10.45
N ALA E 336 -33.72 -36.05 -10.02
CA ALA E 336 -32.59 -36.36 -10.88
C ALA E 336 -32.54 -37.84 -11.22
N ALA E 337 -32.38 -38.16 -12.51
CA ALA E 337 -32.37 -39.55 -12.94
C ALA E 337 -30.94 -40.10 -13.02
N ASN E 338 -30.63 -41.02 -12.13
CA ASN E 338 -29.30 -41.59 -12.02
C ASN E 338 -29.18 -42.96 -12.70
N TYR E 339 -28.24 -43.02 -13.65
CA TYR E 339 -28.08 -44.15 -14.55
C TYR E 339 -27.44 -45.37 -13.89
N PHE E 340 -26.16 -45.24 -13.52
CA PHE E 340 -25.41 -46.35 -12.94
C PHE E 340 -26.02 -46.82 -11.62
N SER E 341 -26.46 -45.87 -10.80
CA SER E 341 -27.10 -46.20 -9.53
C SER E 341 -28.51 -46.75 -9.77
N ASN E 342 -29.01 -46.56 -11.00
CA ASN E 342 -30.32 -47.04 -11.40
C ASN E 342 -31.44 -46.56 -10.50
N ASN E 343 -31.47 -45.26 -10.24
CA ASN E 343 -32.49 -44.73 -9.33
C ASN E 343 -32.80 -43.27 -9.58
N VAL E 344 -33.59 -42.67 -8.70
CA VAL E 344 -33.94 -41.26 -8.83
C VAL E 344 -33.76 -40.52 -7.50
N THR E 345 -33.02 -39.41 -7.55
CA THR E 345 -32.77 -38.62 -6.35
C THR E 345 -33.76 -37.47 -6.24
N VAL E 346 -34.39 -37.34 -5.07
CA VAL E 346 -35.34 -36.27 -4.82
C VAL E 346 -34.69 -35.14 -4.02
N ILE E 347 -34.80 -33.91 -4.52
CA ILE E 347 -34.18 -32.76 -3.88
C ILE E 347 -35.19 -31.67 -3.58
N ARG E 348 -35.22 -31.22 -2.33
CA ARG E 348 -36.07 -30.08 -1.94
C ARG E 348 -35.37 -28.79 -2.35
N THR E 349 -36.03 -27.98 -3.18
CA THR E 349 -35.41 -26.78 -3.72
C THR E 349 -35.43 -25.62 -2.74
N ALA E 350 -35.00 -24.45 -3.22
CA ALA E 350 -34.93 -23.26 -2.38
C ALA E 350 -36.26 -22.53 -2.34
N VAL E 351 -37.18 -22.94 -3.21
CA VAL E 351 -38.50 -22.31 -3.28
C VAL E 351 -39.33 -22.65 -2.05
N ASP E 352 -40.11 -21.69 -1.57
CA ASP E 352 -40.93 -21.88 -0.38
C ASP E 352 -42.23 -22.61 -0.71
N GLY F 1 -35.52 -21.88 2.04
CA GLY F 1 -34.50 -22.72 2.66
C GLY F 1 -33.43 -23.14 1.68
N GLN F 2 -32.40 -23.82 2.18
CA GLN F 2 -31.31 -24.29 1.36
C GLN F 2 -31.61 -25.68 0.80
N PRO F 3 -31.28 -25.91 -0.48
CA PRO F 3 -31.46 -27.20 -1.15
C PRO F 3 -30.92 -28.38 -0.35
N ARG F 4 -31.70 -29.45 -0.27
CA ARG F 4 -31.35 -30.62 0.54
C ARG F 4 -31.87 -31.91 -0.07
N VAL F 5 -31.19 -33.01 0.23
CA VAL F 5 -31.67 -34.34 -0.17
C VAL F 5 -32.66 -34.86 0.84
N ILE F 6 -33.88 -35.17 0.39
CA ILE F 6 -34.91 -35.67 1.28
C ILE F 6 -35.01 -37.19 1.22
N SER F 7 -35.34 -37.73 0.04
CA SER F 7 -35.49 -39.17 -0.12
C SER F 7 -34.90 -39.64 -1.46
N THR F 8 -34.63 -40.93 -1.55
CA THR F 8 -34.13 -41.53 -2.78
C THR F 8 -35.02 -42.68 -3.22
N ILE F 9 -35.46 -42.63 -4.47
CA ILE F 9 -36.33 -43.67 -5.03
C ILE F 9 -35.54 -44.67 -5.85
N GLN F 10 -35.56 -45.94 -5.45
CA GLN F 10 -34.86 -46.96 -6.22
C GLN F 10 -35.82 -47.62 -7.20
N THR F 11 -35.64 -47.30 -8.48
CA THR F 11 -36.49 -47.84 -9.54
C THR F 11 -36.04 -49.25 -9.94
N GLY F 12 -34.75 -49.42 -10.15
CA GLY F 12 -34.19 -50.68 -10.57
C GLY F 12 -33.47 -51.39 -9.45
N ALA F 13 -32.52 -52.25 -9.81
CA ALA F 13 -31.74 -52.98 -8.81
C ALA F 13 -30.51 -52.18 -8.39
N THR F 14 -30.18 -52.26 -7.11
CA THR F 14 -29.02 -51.55 -6.57
C THR F 14 -27.73 -52.05 -7.18
N TRP F 15 -26.84 -51.12 -7.53
CA TRP F 15 -25.55 -51.47 -8.14
C TRP F 15 -24.46 -50.50 -7.70
N GLU F 16 -23.27 -51.04 -7.42
CA GLU F 16 -22.14 -50.22 -7.01
C GLU F 16 -20.90 -50.57 -7.83
N PRO F 17 -20.09 -49.56 -8.17
CA PRO F 17 -18.91 -49.74 -9.02
C PRO F 17 -17.74 -50.37 -8.30
N LEU F 18 -16.62 -50.54 -9.00
CA LEU F 18 -15.43 -51.12 -8.41
C LEU F 18 -14.78 -50.19 -7.40
N GLY F 19 -14.06 -50.76 -6.44
CA GLY F 19 -13.39 -49.99 -5.42
C GLY F 19 -12.09 -49.39 -5.91
N ARG F 20 -11.36 -48.75 -5.00
CA ARG F 20 -10.10 -48.11 -5.35
C ARG F 20 -8.99 -49.12 -5.54
N GLU F 21 -8.88 -50.05 -4.59
CA GLU F 21 -7.83 -51.06 -4.58
C GLU F 21 -6.43 -50.46 -4.64
N GLU F 22 -5.55 -51.08 -5.41
CA GLU F 22 -4.17 -50.63 -5.53
C GLU F 22 -3.83 -50.19 -6.95
N PRO F 23 -3.64 -48.88 -7.15
CA PRO F 23 -3.22 -48.28 -8.43
C PRO F 23 -1.95 -48.91 -9.00
N LEU F 24 -1.95 -49.14 -10.30
CA LEU F 24 -0.78 -49.69 -10.98
C LEU F 24 0.32 -48.65 -11.16
N THR F 25 1.57 -49.06 -11.02
CA THR F 25 2.67 -48.21 -11.41
C THR F 25 2.75 -48.19 -12.94
N VAL F 26 3.42 -47.19 -13.50
CA VAL F 26 3.57 -47.10 -14.95
C VAL F 26 4.29 -48.32 -15.55
N PRO F 27 5.35 -48.82 -14.89
CA PRO F 27 5.90 -50.08 -15.43
C PRO F 27 4.92 -51.25 -15.34
N GLU F 28 4.07 -51.25 -14.31
CA GLU F 28 3.04 -52.28 -14.18
C GLU F 28 2.01 -52.15 -15.29
N VAL F 29 1.77 -50.92 -15.75
CA VAL F 29 0.87 -50.68 -16.86
C VAL F 29 1.50 -51.16 -18.16
N HIS F 30 2.78 -50.84 -18.34
CA HIS F 30 3.52 -51.32 -19.51
C HIS F 30 3.75 -52.82 -19.44
N PHE F 31 3.58 -53.40 -18.25
CA PHE F 31 3.81 -54.83 -18.07
C PHE F 31 2.73 -55.66 -18.74
N ARG F 32 1.59 -55.05 -19.03
CA ARG F 32 0.56 -55.78 -19.75
C ARG F 32 0.74 -55.52 -21.23
N VAL F 33 1.28 -56.51 -21.92
CA VAL F 33 1.52 -56.44 -23.35
C VAL F 33 0.28 -56.84 -24.13
N LYS F 34 -0.50 -57.75 -23.56
CA LYS F 34 -1.64 -58.33 -24.24
C LYS F 34 -2.91 -58.30 -23.40
N HIS F 35 -4.05 -58.51 -24.05
CA HIS F 35 -5.33 -58.51 -23.38
C HIS F 35 -5.50 -59.80 -22.57
N SER F 36 -6.07 -59.70 -21.39
CA SER F 36 -6.46 -60.89 -20.61
C SER F 36 -7.84 -61.32 -21.10
N PRO F 37 -8.25 -62.58 -20.80
CA PRO F 37 -9.54 -63.09 -21.27
C PRO F 37 -10.73 -62.17 -20.98
N PHE F 38 -11.62 -62.07 -21.95
CA PHE F 38 -12.79 -61.22 -21.87
C PHE F 38 -13.72 -61.61 -20.72
N LYS F 39 -14.25 -60.61 -20.03
CA LYS F 39 -15.24 -60.85 -18.98
C LYS F 39 -16.42 -59.91 -19.13
N SER F 40 -17.58 -60.49 -19.35
CA SER F 40 -18.82 -59.75 -19.54
C SER F 40 -19.19 -58.99 -18.27
N GLU F 41 -18.98 -59.67 -17.14
CA GLU F 41 -19.31 -59.14 -15.81
C GLU F 41 -18.73 -57.74 -15.57
N LEU F 42 -17.57 -57.47 -16.16
CA LEU F 42 -16.86 -56.22 -15.92
C LEU F 42 -17.27 -55.09 -16.87
N VAL F 43 -17.99 -55.44 -17.94
CA VAL F 43 -18.25 -54.49 -19.02
C VAL F 43 -18.83 -53.17 -18.52
N ARG F 44 -19.96 -53.26 -17.81
CA ARG F 44 -20.63 -52.08 -17.32
C ARG F 44 -19.76 -51.35 -16.29
N TYR F 45 -19.01 -52.11 -15.50
CA TYR F 45 -18.04 -51.51 -14.59
C TYR F 45 -17.14 -50.59 -15.39
N GLY F 46 -16.62 -51.11 -16.50
CA GLY F 46 -15.80 -50.33 -17.40
C GLY F 46 -16.50 -49.07 -17.85
N GLN F 47 -17.79 -49.20 -18.20
CA GLN F 47 -18.58 -48.06 -18.65
C GLN F 47 -18.55 -46.96 -17.60
N PHE F 48 -18.63 -47.34 -16.33
CA PHE F 48 -18.56 -46.36 -15.25
C PHE F 48 -17.23 -45.62 -15.35
N GLN F 49 -16.14 -46.38 -15.40
CA GLN F 49 -14.81 -45.79 -15.49
C GLN F 49 -14.64 -45.00 -16.77
N PHE F 50 -15.52 -45.22 -17.73
CA PHE F 50 -15.50 -44.47 -18.97
C PHE F 50 -16.17 -43.10 -18.78
N ASN F 51 -17.29 -43.09 -18.08
CA ASN F 51 -18.09 -41.87 -17.95
C ASN F 51 -17.88 -41.09 -16.65
N ASP F 52 -16.99 -41.59 -15.79
CA ASP F 52 -16.78 -40.94 -14.50
C ASP F 52 -15.68 -39.90 -14.55
N ALA F 53 -16.01 -38.68 -14.15
CA ALA F 53 -15.02 -37.60 -14.06
C ALA F 53 -14.49 -37.45 -12.64
N ALA F 54 -15.04 -38.23 -11.70
CA ALA F 54 -14.69 -38.10 -10.30
C ALA F 54 -13.30 -38.64 -10.00
N TRP F 55 -12.86 -39.63 -10.78
CA TRP F 55 -11.55 -40.21 -10.59
C TRP F 55 -10.47 -39.27 -11.07
N SER F 56 -10.88 -38.29 -11.88
CA SER F 56 -9.96 -37.27 -12.37
C SER F 56 -9.47 -36.41 -11.21
N LEU F 57 -8.34 -35.73 -11.40
CA LEU F 57 -7.70 -34.94 -10.35
C LEU F 57 -8.68 -33.99 -9.66
N GLN F 58 -9.09 -32.94 -10.37
CA GLN F 58 -10.05 -31.99 -9.84
C GLN F 58 -11.48 -32.25 -10.33
N GLY F 59 -11.65 -33.30 -11.12
CA GLY F 59 -12.94 -33.64 -11.67
C GLY F 59 -13.27 -32.90 -12.95
N SER F 60 -12.24 -32.66 -13.76
CA SER F 60 -12.38 -31.86 -14.97
C SER F 60 -13.13 -32.61 -16.06
N TYR F 61 -12.53 -33.66 -16.59
CA TYR F 61 -13.13 -34.42 -17.69
C TYR F 61 -12.89 -35.92 -17.56
N SER F 62 -13.67 -36.70 -18.30
CA SER F 62 -13.54 -38.15 -18.33
C SER F 62 -13.12 -38.62 -19.71
N CYS F 63 -13.01 -39.94 -19.89
CA CYS F 63 -12.77 -40.51 -21.21
C CYS F 63 -13.93 -40.14 -22.12
N ALA F 64 -15.09 -39.92 -21.50
CA ALA F 64 -16.31 -39.62 -22.22
C ALA F 64 -16.28 -38.25 -22.89
N SER F 65 -15.34 -37.40 -22.47
CA SER F 65 -15.26 -36.07 -23.03
C SER F 65 -14.74 -36.08 -24.47
N CYS F 66 -13.69 -36.85 -24.72
CA CYS F 66 -13.15 -37.01 -26.07
C CYS F 66 -13.88 -38.06 -26.93
N HIS F 67 -14.25 -39.18 -26.30
CA HIS F 67 -14.73 -40.39 -26.99
C HIS F 67 -16.27 -40.58 -27.09
N TYR F 68 -17.01 -39.49 -26.85
CA TYR F 68 -18.45 -39.39 -26.50
C TYR F 68 -18.83 -40.12 -25.22
N GLU F 69 -20.12 -40.41 -25.10
CA GLU F 69 -20.64 -41.48 -24.24
C GLU F 69 -21.10 -42.63 -25.12
N ARG F 70 -21.06 -42.38 -26.43
CA ARG F 70 -21.54 -43.32 -27.41
C ARG F 70 -20.46 -44.33 -27.70
N GLY F 71 -19.25 -43.98 -27.25
CA GLY F 71 -18.07 -44.78 -27.51
C GLY F 71 -17.66 -44.72 -28.96
N GLN F 72 -17.61 -43.53 -29.55
CA GLN F 72 -17.09 -43.43 -30.91
C GLN F 72 -15.93 -42.40 -31.01
N THR F 73 -16.24 -41.10 -31.04
CA THR F 73 -15.25 -40.00 -31.01
C THR F 73 -15.89 -38.61 -31.06
N THR F 74 -15.24 -37.59 -30.52
CA THR F 74 -15.82 -36.24 -30.58
C THR F 74 -15.32 -35.47 -31.78
N GLY F 75 -14.34 -36.03 -32.47
CA GLY F 75 -13.73 -35.38 -33.61
C GLY F 75 -12.68 -34.38 -33.16
N LEU F 76 -12.62 -34.13 -31.86
CA LEU F 76 -11.66 -33.20 -31.29
C LEU F 76 -10.23 -33.65 -31.54
N ILE F 77 -9.42 -32.73 -32.05
CA ILE F 77 -8.02 -33.04 -32.38
C ILE F 77 -7.10 -32.51 -31.29
N TRP F 78 -6.23 -33.38 -30.77
CA TRP F 78 -5.40 -33.03 -29.62
C TRP F 78 -3.90 -33.16 -29.90
N ASP F 79 -3.11 -32.50 -29.06
CA ASP F 79 -1.65 -32.61 -29.11
C ASP F 79 -1.17 -33.29 -27.83
N LEU F 80 -0.70 -34.53 -27.95
CA LEU F 80 -0.30 -35.29 -26.77
C LEU F 80 1.20 -35.18 -26.51
N GLY F 81 1.66 -35.74 -25.39
CA GLY F 81 3.03 -35.53 -24.96
C GLY F 81 4.07 -36.61 -25.22
N ASP F 82 3.63 -37.85 -25.42
CA ASP F 82 4.57 -38.95 -25.66
C ASP F 82 5.02 -39.00 -27.11
N GLU F 83 4.17 -38.47 -27.97
CA GLU F 83 4.32 -38.63 -29.41
C GLU F 83 4.99 -37.39 -30.06
N GLY F 84 5.27 -36.38 -29.24
CA GLY F 84 5.97 -35.19 -29.72
C GLY F 84 5.10 -33.95 -29.83
N TRP F 85 5.71 -32.78 -29.69
CA TRP F 85 4.98 -31.51 -29.72
C TRP F 85 4.85 -30.92 -31.12
N GLY F 86 3.70 -30.29 -31.38
CA GLY F 86 3.43 -29.71 -32.67
C GLY F 86 2.90 -30.77 -33.61
N SER F 87 2.37 -31.82 -33.02
CA SER F 87 1.96 -33.02 -33.74
C SER F 87 0.57 -33.47 -33.36
N TRP F 88 -0.36 -33.41 -34.31
CA TRP F 88 -1.77 -33.48 -33.98
C TRP F 88 -2.40 -34.85 -34.25
N LYS F 89 -3.36 -35.20 -33.40
CA LYS F 89 -4.02 -36.49 -33.49
C LYS F 89 -5.53 -36.39 -33.35
N ASN F 90 -6.23 -36.97 -34.33
CA ASN F 90 -7.67 -37.10 -34.29
C ASN F 90 -8.09 -38.06 -33.18
N THR F 91 -9.11 -37.68 -32.42
CA THR F 91 -9.65 -38.56 -31.40
C THR F 91 -10.31 -39.72 -32.12
N LYS F 92 -9.87 -40.94 -31.83
CA LYS F 92 -10.22 -42.06 -32.68
C LYS F 92 -11.56 -42.68 -32.39
N TYR F 93 -11.92 -43.66 -33.22
CA TYR F 93 -13.25 -44.27 -33.21
C TYR F 93 -13.16 -45.62 -32.49
N ILE F 94 -13.72 -45.69 -31.28
CA ILE F 94 -13.52 -46.86 -30.44
C ILE F 94 -14.63 -47.92 -30.58
N ARG F 95 -15.58 -47.70 -31.48
CA ARG F 95 -16.52 -48.76 -31.84
C ARG F 95 -15.79 -49.82 -32.66
N GLY F 96 -15.86 -51.07 -32.22
CA GLY F 96 -15.20 -52.16 -32.91
C GLY F 96 -13.69 -52.00 -32.96
N GLY F 97 -13.08 -51.82 -31.81
CA GLY F 97 -11.63 -51.73 -31.72
C GLY F 97 -11.02 -53.10 -31.49
N ARG F 98 -11.86 -54.05 -31.07
CA ARG F 98 -11.43 -55.41 -30.80
C ARG F 98 -10.83 -56.08 -32.04
N TYR F 99 -11.38 -55.75 -33.20
CA TYR F 99 -11.12 -56.52 -34.42
C TYR F 99 -9.81 -56.19 -35.10
N LEU F 100 -9.17 -55.08 -34.74
CA LEU F 100 -8.02 -54.61 -35.52
C LEU F 100 -6.83 -54.14 -34.70
N PRO F 101 -6.01 -55.09 -34.22
CA PRO F 101 -4.68 -54.75 -33.70
C PRO F 101 -3.72 -54.50 -34.87
N PRO F 102 -2.67 -53.68 -34.66
CA PRO F 102 -2.40 -52.95 -33.43
C PRO F 102 -3.32 -51.75 -33.26
N PHE F 103 -3.01 -50.92 -32.27
CA PHE F 103 -3.89 -49.83 -31.90
C PHE F 103 -3.21 -48.50 -32.22
N ARG F 104 -3.81 -47.41 -31.75
CA ARG F 104 -3.48 -46.03 -32.13
C ARG F 104 -3.72 -45.64 -33.57
N HIS F 105 -2.82 -44.79 -34.03
CA HIS F 105 -2.79 -44.27 -35.39
C HIS F 105 -1.50 -44.78 -35.98
N GLU F 106 -0.40 -44.39 -35.33
CA GLU F 106 0.95 -44.72 -35.75
C GLU F 106 1.22 -46.23 -35.74
N GLY F 107 2.04 -46.67 -36.68
CA GLY F 107 2.32 -48.09 -36.85
C GLY F 107 3.66 -48.54 -36.31
N PHE F 108 4.16 -49.64 -36.87
CA PHE F 108 5.37 -50.28 -36.37
C PHE F 108 6.66 -49.56 -36.78
N THR F 109 6.58 -48.78 -37.86
CA THR F 109 7.76 -48.09 -38.39
C THR F 109 8.30 -47.09 -37.38
N GLY F 110 9.59 -47.21 -37.07
CA GLY F 110 10.24 -46.35 -36.11
C GLY F 110 9.64 -46.51 -34.72
N HIS F 111 9.13 -47.70 -34.43
CA HIS F 111 8.47 -47.94 -33.15
C HIS F 111 8.75 -49.31 -32.53
N PRO F 112 9.94 -49.46 -31.90
CA PRO F 112 10.19 -50.60 -31.02
C PRO F 112 9.29 -50.53 -29.80
N ASP F 113 8.70 -49.36 -29.59
CA ASP F 113 7.80 -49.07 -28.48
C ASP F 113 6.69 -50.11 -28.35
N GLU F 114 5.80 -50.14 -29.34
CA GLU F 114 4.55 -50.90 -29.27
C GLU F 114 3.77 -50.45 -28.04
N ILE F 115 3.98 -49.20 -27.65
CA ILE F 115 3.28 -48.55 -26.57
C ILE F 115 2.66 -47.28 -27.11
N VAL F 116 3.51 -46.37 -27.60
CA VAL F 116 3.03 -45.13 -28.17
C VAL F 116 2.37 -45.42 -29.51
N GLY F 117 3.15 -45.83 -30.51
CA GLY F 117 2.56 -46.29 -31.77
C GLY F 117 2.56 -47.80 -31.84
N ALA F 118 1.75 -48.35 -32.75
CA ALA F 118 1.61 -49.79 -32.90
C ALA F 118 1.35 -50.48 -31.57
N THR F 119 0.45 -49.92 -30.78
CA THR F 119 0.18 -50.43 -29.44
C THR F 119 -0.32 -51.87 -29.47
N SER F 120 0.34 -52.71 -28.69
CA SER F 120 0.04 -54.13 -28.65
C SER F 120 -1.12 -54.44 -27.73
N SER F 121 -1.54 -53.46 -26.92
CA SER F 121 -2.61 -53.69 -25.96
C SER F 121 -3.51 -52.47 -25.79
N LEU F 122 -4.78 -52.73 -25.48
CA LEU F 122 -5.70 -51.65 -25.14
C LEU F 122 -5.39 -51.13 -23.74
N ASP F 123 -4.76 -51.98 -22.94
CA ASP F 123 -4.37 -51.62 -21.58
C ASP F 123 -3.27 -50.55 -21.59
N ARG F 124 -2.47 -50.54 -22.66
CA ARG F 124 -1.33 -49.63 -22.76
C ARG F 124 -1.75 -48.24 -23.23
N VAL F 125 -3.05 -48.08 -23.50
CA VAL F 125 -3.60 -46.77 -23.85
C VAL F 125 -4.35 -46.19 -22.66
N CYS F 126 -5.45 -46.86 -22.29
CA CYS F 126 -6.28 -46.42 -21.18
C CYS F 126 -5.56 -46.48 -19.83
N GLY F 127 -4.54 -47.32 -19.75
CA GLY F 127 -3.73 -47.40 -18.53
C GLY F 127 -2.74 -46.26 -18.49
N ARG F 128 -2.37 -45.78 -19.67
CA ARG F 128 -1.44 -44.67 -19.81
C ARG F 128 -2.10 -43.31 -19.61
N ASP F 129 -3.37 -43.21 -20.01
CA ASP F 129 -4.11 -41.95 -19.93
C ASP F 129 -4.16 -41.27 -18.55
N PRO F 130 -4.28 -42.03 -17.45
CA PRO F 130 -4.30 -41.35 -16.15
C PRO F 130 -3.07 -40.48 -15.88
N GLY F 131 -1.88 -40.99 -16.20
CA GLY F 131 -0.67 -40.23 -15.97
C GLY F 131 -0.19 -39.37 -17.13
N PHE F 132 -0.53 -39.77 -18.36
CA PHE F 132 -0.06 -39.03 -19.53
C PHE F 132 -1.08 -38.06 -20.14
N VAL F 133 -2.30 -38.08 -19.63
CA VAL F 133 -3.33 -37.14 -20.10
C VAL F 133 -4.08 -36.50 -18.94
N PHE F 134 -4.83 -37.32 -18.21
CA PHE F 134 -5.65 -36.85 -17.10
C PHE F 134 -4.81 -36.27 -15.96
N ARG F 135 -3.57 -36.74 -15.86
CA ARG F 135 -2.65 -36.34 -14.80
C ARG F 135 -3.27 -36.60 -13.42
N SER F 136 -3.71 -37.83 -13.21
CA SER F 136 -4.35 -38.21 -11.95
C SER F 136 -3.86 -39.58 -11.49
N GLU F 137 -4.47 -40.10 -10.43
CA GLU F 137 -4.09 -41.39 -9.87
C GLU F 137 -4.36 -42.51 -10.85
N ASN F 138 -3.42 -43.44 -10.98
CA ASN F 138 -3.53 -44.54 -11.91
C ASN F 138 -4.64 -45.51 -11.54
N PHE F 139 -5.09 -46.27 -12.53
CA PHE F 139 -6.16 -47.25 -12.34
C PHE F 139 -5.67 -48.48 -11.56
N SER F 140 -6.61 -49.15 -10.90
CA SER F 140 -6.35 -50.46 -10.32
C SER F 140 -6.40 -51.48 -11.46
N PRO F 141 -5.82 -52.67 -11.27
CA PRO F 141 -5.88 -53.68 -12.34
C PRO F 141 -7.32 -54.04 -12.71
N MET F 142 -8.15 -54.26 -11.69
CA MET F 142 -9.55 -54.61 -11.90
C MET F 142 -10.31 -53.54 -12.68
N ARG F 143 -10.18 -52.29 -12.25
CA ARG F 143 -10.86 -51.18 -12.92
C ARG F 143 -10.32 -50.98 -14.34
N LEU F 144 -9.01 -51.06 -14.50
CA LEU F 144 -8.39 -50.90 -15.81
C LEU F 144 -8.92 -51.93 -16.79
N GLU F 145 -8.94 -53.20 -16.39
CA GLU F 145 -9.36 -54.22 -17.35
C GLU F 145 -10.88 -54.31 -17.48
N ALA F 146 -11.62 -53.81 -16.49
CA ALA F 146 -13.05 -53.65 -16.67
C ALA F 146 -13.28 -52.65 -17.79
N LEU F 147 -12.49 -51.57 -17.74
CA LEU F 147 -12.51 -50.55 -18.78
C LEU F 147 -12.16 -51.13 -20.15
N ILE F 148 -11.09 -51.93 -20.20
CA ILE F 148 -10.65 -52.56 -21.44
C ILE F 148 -11.73 -53.49 -22.01
N CYS F 149 -12.38 -54.25 -21.13
CA CYS F 149 -13.44 -55.15 -21.54
C CYS F 149 -14.66 -54.37 -22.03
N TYR F 150 -14.85 -53.16 -21.50
CA TYR F 150 -15.89 -52.28 -22.03
C TYR F 150 -15.51 -51.80 -23.42
N ILE F 151 -14.22 -51.56 -23.63
CA ILE F 151 -13.74 -51.08 -24.93
C ILE F 151 -13.86 -52.15 -26.01
N ARG F 152 -13.44 -53.37 -25.69
CA ARG F 152 -13.46 -54.47 -26.66
C ARG F 152 -14.88 -54.85 -27.06
N ALA F 153 -15.82 -54.65 -26.16
CA ALA F 153 -17.20 -55.04 -26.40
C ALA F 153 -17.90 -54.10 -27.40
N LEU F 154 -17.37 -52.89 -27.53
CA LEU F 154 -17.99 -51.86 -28.39
C LEU F 154 -18.13 -52.31 -29.83
N GLU F 155 -19.28 -52.00 -30.43
CA GLU F 155 -19.64 -52.49 -31.76
C GLU F 155 -20.10 -51.41 -32.72
N PHE F 156 -19.97 -51.68 -34.01
CA PHE F 156 -20.42 -50.74 -35.05
C PHE F 156 -21.94 -50.63 -35.09
N THR F 157 -22.43 -49.43 -35.40
CA THR F 157 -23.87 -49.20 -35.49
C THR F 157 -24.40 -49.46 -36.90
N GLY F 158 -23.49 -49.64 -37.85
CA GLY F 158 -23.87 -49.83 -39.23
C GLY F 158 -24.13 -48.50 -39.92
N SER F 159 -24.43 -48.56 -41.22
CA SER F 159 -24.68 -47.34 -41.99
C SER F 159 -26.16 -47.06 -42.17
N PRO F 160 -26.61 -45.87 -41.74
CA PRO F 160 -28.00 -45.41 -41.90
C PRO F 160 -28.35 -45.04 -43.33
N PHE F 161 -27.34 -44.85 -44.17
CA PHE F 161 -27.54 -44.28 -45.50
C PHE F 161 -28.04 -45.26 -46.56
N ARG F 162 -28.13 -46.55 -46.21
CA ARG F 162 -28.64 -47.51 -47.18
C ARG F 162 -30.14 -47.67 -47.04
N ASN F 163 -30.74 -48.42 -47.96
CA ASN F 163 -32.20 -48.60 -47.97
C ASN F 163 -32.66 -49.67 -46.99
N ALA F 164 -33.92 -49.61 -46.61
CA ALA F 164 -34.56 -50.63 -45.79
C ALA F 164 -34.40 -52.02 -46.41
N ASP F 165 -34.16 -52.06 -47.71
CA ASP F 165 -33.76 -53.30 -48.39
C ASP F 165 -32.56 -53.92 -47.71
N GLY F 166 -31.62 -53.08 -47.29
CA GLY F 166 -30.34 -53.53 -46.77
C GLY F 166 -29.34 -53.47 -47.91
N SER F 167 -29.86 -53.46 -49.12
CA SER F 167 -29.03 -53.34 -50.32
C SER F 167 -28.60 -51.90 -50.53
N LEU F 168 -27.49 -51.72 -51.24
CA LEU F 168 -26.99 -50.38 -51.55
C LEU F 168 -27.94 -49.66 -52.51
N THR F 169 -27.87 -48.34 -52.53
CA THR F 169 -28.52 -47.56 -53.57
C THR F 169 -27.69 -47.67 -54.84
N GLU F 170 -28.13 -47.03 -55.92
CA GLU F 170 -27.35 -47.06 -57.16
C GLU F 170 -26.02 -46.36 -56.97
N ALA F 171 -26.08 -45.16 -56.38
CA ALA F 171 -24.90 -44.35 -56.12
C ALA F 171 -23.85 -45.12 -55.34
N GLN F 172 -24.30 -45.84 -54.32
CA GLN F 172 -23.41 -46.62 -53.48
C GLN F 172 -22.83 -47.81 -54.25
N LYS F 173 -23.57 -48.31 -55.24
CA LYS F 173 -23.12 -49.46 -56.02
C LYS F 173 -22.10 -49.10 -57.10
N ARG F 174 -22.26 -47.92 -57.71
CA ARG F 174 -21.20 -47.43 -58.59
C ARG F 174 -20.02 -46.99 -57.74
N GLY F 175 -20.32 -46.57 -56.51
CA GLY F 175 -19.29 -46.25 -55.55
C GLY F 175 -18.46 -47.49 -55.26
N GLN F 176 -19.15 -48.63 -55.18
CA GLN F 176 -18.47 -49.91 -54.97
C GLN F 176 -17.70 -50.32 -56.22
N LYS F 177 -18.30 -50.05 -57.38
CA LYS F 177 -17.68 -50.38 -58.66
C LYS F 177 -16.35 -49.65 -58.81
N ILE F 178 -16.32 -48.39 -58.40
CA ILE F 178 -15.10 -47.60 -58.48
C ILE F 178 -14.19 -47.85 -57.28
N PHE F 179 -14.76 -48.42 -56.21
CA PHE F 179 -13.98 -48.73 -55.01
C PHE F 179 -13.15 -49.99 -55.23
N GLU F 180 -13.79 -51.02 -55.77
CA GLU F 180 -13.14 -52.32 -55.94
C GLU F 180 -12.29 -52.37 -57.19
N ASP F 181 -12.27 -51.25 -57.92
CA ASP F 181 -11.45 -51.12 -59.11
C ASP F 181 -9.97 -51.30 -58.78
N PRO F 182 -9.33 -52.30 -59.43
CA PRO F 182 -7.90 -52.58 -59.26
C PRO F 182 -7.00 -51.42 -59.69
N LYS F 183 -7.55 -50.50 -60.48
CA LYS F 183 -6.78 -49.34 -60.93
C LYS F 183 -6.52 -48.36 -59.79
N VAL F 184 -7.57 -47.98 -59.08
CA VAL F 184 -7.43 -47.06 -57.96
C VAL F 184 -6.91 -47.80 -56.72
N GLY F 185 -7.16 -49.10 -56.67
CA GLY F 185 -6.62 -49.95 -55.62
C GLY F 185 -7.02 -49.63 -54.20
N CYS F 186 -8.33 -49.58 -53.93
CA CYS F 186 -8.80 -49.35 -52.57
C CYS F 186 -8.83 -50.63 -51.74
N LEU F 187 -8.81 -51.78 -52.42
CA LEU F 187 -9.04 -53.06 -51.77
C LEU F 187 -7.83 -53.63 -51.02
N GLU F 188 -6.62 -53.33 -51.48
CA GLU F 188 -5.43 -53.90 -50.87
C GLU F 188 -5.28 -53.49 -49.41
N CYS F 189 -5.46 -52.20 -49.14
CA CYS F 189 -5.35 -51.70 -47.77
C CYS F 189 -6.70 -51.69 -47.06
N HIS F 190 -7.77 -51.93 -47.80
CA HIS F 190 -9.11 -51.98 -47.21
C HIS F 190 -9.95 -53.11 -47.78
N PRO F 191 -9.55 -54.37 -47.54
CA PRO F 191 -10.31 -55.50 -48.08
C PRO F 191 -11.62 -55.72 -47.34
N GLY F 192 -12.70 -56.00 -48.08
CA GLY F 192 -13.96 -56.33 -47.45
C GLY F 192 -15.16 -56.39 -48.38
N ASP F 193 -16.23 -57.00 -47.90
CA ASP F 193 -17.49 -57.07 -48.60
C ASP F 193 -18.53 -56.24 -47.87
N PRO F 194 -19.14 -55.26 -48.55
CA PRO F 194 -20.14 -54.36 -47.96
C PRO F 194 -21.34 -55.11 -47.37
N MET F 195 -21.63 -56.28 -47.89
CA MET F 195 -22.75 -57.09 -47.39
C MET F 195 -22.28 -58.10 -46.35
N ASP F 196 -20.98 -58.11 -46.07
CA ASP F 196 -20.42 -59.01 -45.07
C ASP F 196 -20.34 -58.33 -43.70
N PRO F 197 -21.13 -58.84 -42.74
CA PRO F 197 -21.18 -58.27 -41.39
C PRO F 197 -19.83 -58.31 -40.67
N ARG F 198 -18.96 -59.22 -41.10
CA ARG F 198 -17.66 -59.39 -40.45
C ARG F 198 -16.53 -58.64 -41.15
N ALA F 199 -16.86 -57.91 -42.21
CA ALA F 199 -15.85 -57.19 -42.99
C ALA F 199 -15.31 -55.98 -42.22
N LEU F 200 -14.01 -55.94 -42.03
CA LEU F 200 -13.37 -54.86 -41.28
C LEU F 200 -12.88 -53.72 -42.17
N PHE F 201 -12.85 -53.97 -43.48
CA PHE F 201 -12.35 -52.99 -44.46
C PHE F 201 -11.01 -52.38 -44.05
N SER F 202 -10.14 -53.19 -43.46
CA SER F 202 -8.86 -52.68 -43.02
C SER F 202 -7.75 -53.69 -43.22
N ASP F 203 -6.58 -53.18 -43.59
CA ASP F 203 -5.42 -54.00 -43.88
C ASP F 203 -4.76 -54.41 -42.56
N ALA F 204 -4.80 -53.48 -41.60
CA ALA F 204 -4.23 -53.66 -40.26
C ALA F 204 -2.70 -53.81 -40.18
N GLN F 205 -1.98 -53.12 -41.07
CA GLN F 205 -0.52 -52.92 -40.95
C GLN F 205 -0.22 -51.49 -41.34
N THR F 206 1.06 -51.21 -41.53
CA THR F 206 1.54 -49.85 -41.71
C THR F 206 2.04 -49.54 -43.13
N HIS F 207 1.50 -48.49 -43.72
CA HIS F 207 1.87 -48.07 -45.07
C HIS F 207 2.23 -46.59 -45.11
N ASP F 208 2.87 -46.16 -46.20
CA ASP F 208 3.10 -44.74 -46.42
C ASP F 208 2.09 -44.22 -47.44
N VAL F 209 1.10 -43.47 -46.96
CA VAL F 209 0.09 -42.88 -47.82
C VAL F 209 0.39 -41.41 -48.14
N GLY F 210 1.52 -40.93 -47.66
CA GLY F 210 1.92 -39.55 -47.89
C GLY F 210 1.17 -38.57 -47.02
N THR F 211 0.58 -39.06 -45.93
CA THR F 211 -0.13 -38.21 -44.99
C THR F 211 0.81 -37.74 -43.89
N GLY F 212 2.08 -38.14 -43.96
CA GLY F 212 3.06 -37.74 -42.98
C GLY F 212 3.32 -36.24 -43.01
N ARG F 213 3.15 -35.60 -41.85
CA ARG F 213 3.33 -34.17 -41.75
C ARG F 213 4.79 -33.84 -41.42
N VAL F 214 5.43 -33.08 -42.31
CA VAL F 214 6.84 -32.73 -42.13
C VAL F 214 7.02 -31.23 -41.97
N GLY F 215 8.28 -30.82 -41.83
CA GLY F 215 8.61 -29.40 -41.70
C GLY F 215 8.86 -28.76 -43.05
N VAL F 216 9.16 -27.46 -43.02
CA VAL F 216 9.42 -26.72 -44.25
C VAL F 216 10.69 -27.19 -44.94
N ASN F 217 11.64 -27.70 -44.14
CA ASN F 217 12.89 -28.21 -44.67
C ASN F 217 12.84 -29.71 -44.88
N GLY F 218 11.67 -30.31 -44.65
CA GLY F 218 11.52 -31.74 -44.75
C GLY F 218 11.39 -32.43 -43.41
N PHE F 219 11.49 -33.76 -43.42
CA PHE F 219 11.31 -34.58 -42.22
C PHE F 219 12.24 -34.18 -41.09
N ARG F 220 11.70 -34.17 -39.87
CA ARG F 220 12.45 -33.81 -38.66
C ARG F 220 13.02 -32.39 -38.72
N SER F 221 12.21 -31.44 -39.18
CA SER F 221 12.61 -30.03 -39.19
C SER F 221 11.49 -29.16 -38.65
N THR F 222 11.74 -27.85 -38.59
CA THR F 222 10.77 -26.91 -38.07
C THR F 222 10.86 -25.58 -38.84
N PRO F 223 9.72 -24.88 -39.00
CA PRO F 223 8.37 -25.24 -38.57
C PRO F 223 7.63 -26.10 -39.60
N GLY F 224 6.40 -26.48 -39.27
CA GLY F 224 5.62 -27.36 -40.12
C GLY F 224 5.08 -26.72 -41.39
N LYS F 225 5.20 -27.44 -42.49
CA LYS F 225 4.64 -27.01 -43.76
C LYS F 225 3.12 -27.14 -43.77
N VAL F 226 2.47 -26.46 -44.70
CA VAL F 226 1.01 -26.55 -44.82
C VAL F 226 0.65 -27.65 -45.81
N PHE F 227 0.07 -28.73 -45.29
CA PHE F 227 -0.28 -29.87 -46.13
C PHE F 227 -1.60 -29.69 -46.87
N ASN F 228 -2.46 -28.81 -46.36
CA ASN F 228 -3.77 -28.62 -46.96
C ASN F 228 -3.73 -27.48 -47.98
N ILE F 229 -3.89 -27.86 -49.25
CA ILE F 229 -3.77 -26.91 -50.35
C ILE F 229 -5.04 -26.08 -50.49
N SER F 230 -6.18 -26.74 -50.26
CA SER F 230 -7.47 -26.06 -50.31
C SER F 230 -7.50 -24.88 -49.35
N ALA F 231 -6.93 -25.08 -48.16
CA ALA F 231 -6.86 -24.03 -47.15
C ALA F 231 -5.71 -23.06 -47.40
N LEU F 232 -4.65 -23.54 -48.06
CA LEU F 232 -3.45 -22.75 -48.27
C LEU F 232 -3.73 -21.50 -49.10
N GLU F 233 -4.30 -21.69 -50.27
CA GLU F 233 -4.57 -20.57 -51.16
C GLU F 233 -5.99 -20.04 -50.99
N ALA F 234 -6.71 -20.58 -50.01
CA ALA F 234 -7.93 -19.94 -49.54
C ALA F 234 -7.56 -18.83 -48.57
N GLY F 235 -6.26 -18.76 -48.26
CA GLY F 235 -5.74 -17.73 -47.39
C GLY F 235 -6.10 -17.96 -45.94
N GLU F 236 -6.09 -19.23 -45.53
CA GLU F 236 -6.33 -19.58 -44.13
C GLU F 236 -5.03 -19.47 -43.33
N ASP F 237 -5.11 -18.89 -42.12
CA ASP F 237 -3.91 -18.73 -41.30
C ASP F 237 -3.55 -20.04 -40.61
N PRO F 238 -2.30 -20.47 -40.79
CA PRO F 238 -1.69 -21.69 -40.26
C PRO F 238 -1.87 -21.85 -38.76
N TYR F 239 -1.69 -20.76 -38.04
CA TYR F 239 -1.76 -20.76 -36.58
C TYR F 239 -3.12 -20.34 -36.03
N GLY F 240 -4.10 -20.15 -36.93
CA GLY F 240 -5.44 -19.74 -36.54
C GLY F 240 -6.09 -20.57 -35.45
N VAL F 241 -6.81 -19.90 -34.56
CA VAL F 241 -7.45 -20.55 -33.42
C VAL F 241 -8.93 -20.88 -33.68
N GLU F 242 -9.44 -20.44 -34.83
CA GLU F 242 -10.85 -20.66 -35.14
C GLU F 242 -11.09 -21.88 -36.04
N SER F 243 -10.01 -22.54 -36.43
CA SER F 243 -10.11 -23.69 -37.33
C SER F 243 -10.48 -24.95 -36.57
N ASN F 244 -11.36 -25.75 -37.16
CA ASN F 244 -11.73 -27.03 -36.58
C ASN F 244 -10.58 -28.02 -36.65
N THR F 245 -9.80 -27.91 -37.72
CA THR F 245 -8.68 -28.82 -37.97
C THR F 245 -7.41 -28.05 -38.33
N PRO F 246 -6.25 -28.56 -37.87
CA PRO F 246 -4.96 -27.94 -38.21
C PRO F 246 -4.59 -28.14 -39.68
N ILE F 247 -4.06 -27.10 -40.32
CA ILE F 247 -3.57 -27.21 -41.68
C ILE F 247 -2.06 -27.41 -41.73
N ILE F 248 -1.44 -27.48 -40.55
CA ILE F 248 -0.01 -27.74 -40.43
C ILE F 248 0.26 -28.78 -39.36
N GLY F 249 1.49 -29.30 -39.34
CA GLY F 249 1.87 -30.27 -38.31
C GLY F 249 3.28 -30.79 -38.48
N LEU F 250 3.81 -31.40 -37.41
CA LEU F 250 5.11 -32.06 -37.46
C LEU F 250 5.01 -33.48 -36.92
N ASP F 251 5.18 -34.47 -37.79
CA ASP F 251 5.05 -35.86 -37.37
C ASP F 251 6.41 -36.51 -37.15
N LEU F 252 6.47 -37.40 -36.16
CA LEU F 252 7.70 -38.12 -35.83
C LEU F 252 7.88 -39.33 -36.74
N VAL F 253 6.80 -39.75 -37.40
CA VAL F 253 6.82 -40.89 -38.29
C VAL F 253 6.08 -40.60 -39.59
N LYS F 254 6.52 -41.21 -40.69
CA LYS F 254 5.90 -41.00 -41.99
C LYS F 254 4.79 -41.99 -42.30
N GLU F 255 4.66 -43.02 -41.46
CA GLU F 255 3.74 -44.11 -41.74
C GLU F 255 2.78 -44.38 -40.58
N PHE F 256 1.57 -44.84 -40.89
CA PHE F 256 0.54 -45.03 -39.88
C PHE F 256 -0.23 -46.34 -40.08
N ASP F 257 -0.89 -46.79 -39.01
CA ASP F 257 -1.72 -47.99 -39.07
C ASP F 257 -3.01 -47.72 -39.83
N THR F 258 -3.48 -48.71 -40.58
CA THR F 258 -4.68 -48.57 -41.39
C THR F 258 -5.95 -48.73 -40.56
N PRO F 259 -6.76 -47.66 -40.48
CA PRO F 259 -8.02 -47.64 -39.73
C PRO F 259 -9.15 -48.31 -40.50
N THR F 260 -10.18 -48.74 -39.77
CA THR F 260 -11.36 -49.35 -40.38
C THR F 260 -12.20 -48.32 -41.13
N LEU F 261 -12.86 -48.76 -42.19
CA LEU F 261 -13.78 -47.89 -42.92
C LEU F 261 -15.21 -48.12 -42.43
N ARG F 262 -15.37 -49.06 -41.49
CA ARG F 262 -16.67 -49.34 -40.92
C ARG F 262 -17.13 -48.19 -40.02
N ASP F 263 -18.38 -47.77 -40.20
CA ASP F 263 -18.94 -46.65 -39.46
C ASP F 263 -18.08 -45.39 -39.59
N ILE F 264 -17.47 -45.21 -40.76
CA ILE F 264 -16.59 -44.07 -40.99
C ILE F 264 -17.41 -42.81 -41.28
N TYR F 265 -18.72 -42.99 -41.44
CA TYR F 265 -19.62 -41.86 -41.60
C TYR F 265 -19.70 -41.08 -40.30
N ALA F 266 -19.48 -41.77 -39.19
CA ALA F 266 -19.60 -41.17 -37.86
C ALA F 266 -18.30 -40.57 -37.35
N SER F 267 -17.20 -40.84 -38.07
CA SER F 267 -15.93 -40.22 -37.72
C SER F 267 -15.98 -38.73 -38.08
N GLY F 268 -15.71 -37.88 -37.09
CA GLY F 268 -15.82 -36.45 -37.28
C GLY F 268 -14.87 -35.89 -38.32
N THR F 269 -13.59 -36.16 -38.13
CA THR F 269 -12.57 -35.72 -39.08
C THR F 269 -11.62 -36.89 -39.35
N TYR F 270 -11.02 -36.91 -40.52
CA TYR F 270 -10.35 -38.11 -40.99
C TYR F 270 -8.82 -38.09 -40.98
N PHE F 271 -8.25 -39.21 -41.41
CA PHE F 271 -6.84 -39.60 -41.22
C PHE F 271 -6.41 -39.58 -39.76
N HIS F 272 -5.13 -39.30 -39.52
CA HIS F 272 -4.61 -39.29 -38.16
C HIS F 272 -4.74 -37.94 -37.46
N ASP F 273 -4.42 -36.87 -38.18
CA ASP F 273 -4.36 -35.53 -37.59
C ASP F 273 -5.67 -34.77 -37.74
N GLY F 274 -6.60 -35.32 -38.51
CA GLY F 274 -7.82 -34.62 -38.83
C GLY F 274 -7.61 -33.72 -40.03
N GLY F 275 -6.62 -34.05 -40.85
CA GLY F 275 -6.27 -33.24 -42.01
C GLY F 275 -7.39 -33.09 -43.01
N ALA F 276 -8.10 -34.19 -43.29
CA ALA F 276 -9.19 -34.16 -44.24
C ALA F 276 -10.52 -33.89 -43.55
N ARG F 277 -11.13 -32.75 -43.86
CA ARG F 277 -12.38 -32.34 -43.24
C ARG F 277 -13.53 -33.26 -43.63
N THR F 278 -13.52 -33.72 -44.88
CA THR F 278 -14.55 -34.60 -45.40
C THR F 278 -13.92 -35.80 -46.09
N LEU F 279 -14.73 -36.82 -46.36
CA LEU F 279 -14.25 -38.01 -47.07
C LEU F 279 -13.75 -37.65 -48.46
N MET F 280 -14.43 -36.69 -49.09
CA MET F 280 -14.02 -36.15 -50.37
C MET F 280 -12.58 -35.65 -50.30
N ASP F 281 -12.23 -35.04 -49.17
CA ASP F 281 -10.89 -34.53 -48.95
C ASP F 281 -9.87 -35.66 -48.80
N THR F 282 -10.33 -36.81 -48.28
CA THR F 282 -9.47 -37.99 -48.20
C THR F 282 -9.19 -38.49 -49.61
N ILE F 283 -10.20 -38.40 -50.47
CA ILE F 283 -10.09 -38.91 -51.83
C ILE F 283 -9.37 -37.98 -52.82
N ASN F 284 -9.54 -36.67 -52.67
CA ASN F 284 -9.20 -35.71 -53.72
C ASN F 284 -7.73 -35.26 -53.79
N ASN F 285 -6.89 -35.84 -52.94
CA ASN F 285 -5.45 -35.56 -52.91
C ASN F 285 -5.11 -34.12 -52.51
N THR F 286 -5.99 -33.49 -51.74
CA THR F 286 -5.71 -32.16 -51.22
C THR F 286 -4.79 -32.20 -50.00
N VAL F 287 -5.10 -33.09 -49.05
CA VAL F 287 -4.35 -33.14 -47.79
C VAL F 287 -3.24 -34.19 -47.79
N ASN F 288 -3.10 -34.92 -48.88
CA ASN F 288 -2.03 -35.90 -49.00
C ASN F 288 -1.34 -35.86 -50.36
N ASP F 289 -0.19 -36.49 -50.46
CA ASP F 289 0.57 -36.53 -51.71
C ASP F 289 -0.23 -37.23 -52.79
N LYS F 290 0.01 -36.85 -54.05
CA LYS F 290 -0.81 -37.32 -55.16
C LYS F 290 -0.68 -38.83 -55.39
N ASP F 291 -1.82 -39.50 -55.37
CA ASP F 291 -1.94 -40.93 -55.67
C ASP F 291 -1.09 -41.82 -54.75
N MET F 292 -0.75 -41.29 -53.58
CA MET F 292 -0.09 -42.09 -52.55
C MET F 292 -1.10 -42.90 -51.76
N HIS F 293 -2.34 -42.40 -51.73
CA HIS F 293 -3.44 -43.07 -51.06
C HIS F 293 -4.14 -43.99 -52.05
N GLY F 294 -3.53 -44.15 -53.21
CA GLY F 294 -4.13 -44.85 -54.34
C GLY F 294 -4.46 -43.79 -55.37
N ARG F 295 -4.57 -44.18 -56.63
CA ARG F 295 -4.67 -43.16 -57.68
C ARG F 295 -6.13 -42.84 -57.98
N THR F 296 -6.55 -41.67 -57.52
CA THR F 296 -7.84 -41.10 -57.86
C THR F 296 -7.69 -40.02 -58.91
N SER F 297 -6.45 -39.80 -59.35
CA SER F 297 -6.10 -38.68 -60.22
C SER F 297 -6.91 -38.63 -61.51
N HIS F 298 -7.15 -39.78 -62.11
CA HIS F 298 -7.80 -39.85 -63.42
C HIS F 298 -9.32 -39.87 -63.33
N LEU F 299 -9.86 -39.94 -62.11
CA LEU F 299 -11.30 -39.96 -61.91
C LEU F 299 -11.94 -38.59 -62.14
N LYS F 300 -13.20 -38.60 -62.57
CA LYS F 300 -13.99 -37.37 -62.61
C LYS F 300 -14.71 -37.20 -61.28
N GLN F 301 -15.41 -36.08 -61.10
CA GLN F 301 -16.00 -35.77 -59.80
C GLN F 301 -17.28 -36.57 -59.56
N GLN F 302 -17.93 -37.03 -60.62
CA GLN F 302 -19.12 -37.87 -60.45
C GLN F 302 -18.73 -39.19 -59.80
N GLU F 303 -17.67 -39.79 -60.29
CA GLU F 303 -17.13 -41.03 -59.74
C GLU F 303 -16.60 -40.82 -58.32
N LEU F 304 -16.03 -39.64 -58.07
CA LEU F 304 -15.51 -39.31 -56.76
C LEU F 304 -16.64 -39.18 -55.73
N GLN F 305 -17.71 -38.51 -56.14
CA GLN F 305 -18.87 -38.32 -55.28
C GLN F 305 -19.60 -39.64 -55.06
N ASP F 306 -19.52 -40.52 -56.05
CA ASP F 306 -20.11 -41.85 -55.91
C ASP F 306 -19.30 -42.71 -54.95
N LEU F 307 -17.98 -42.66 -55.08
CA LEU F 307 -17.07 -43.35 -54.16
C LEU F 307 -17.31 -42.88 -52.73
N VAL F 308 -17.44 -41.56 -52.61
CA VAL F 308 -17.90 -40.91 -51.39
C VAL F 308 -19.17 -41.61 -50.87
N GLU F 309 -20.22 -41.58 -51.69
CA GLU F 309 -21.50 -42.19 -51.35
C GLU F 309 -21.39 -43.66 -50.93
N TYR F 310 -20.37 -44.35 -51.42
CA TYR F 310 -20.13 -45.74 -51.03
C TYR F 310 -19.46 -45.81 -49.67
N LEU F 311 -18.53 -44.90 -49.42
CA LEU F 311 -17.89 -44.80 -48.12
C LEU F 311 -18.94 -44.46 -47.06
N LYS F 312 -20.03 -43.83 -47.48
CA LYS F 312 -21.19 -43.62 -46.61
C LYS F 312 -21.77 -44.95 -46.12
N ALA F 313 -21.81 -45.93 -47.01
CA ALA F 313 -22.52 -47.18 -46.75
C ALA F 313 -21.74 -48.17 -45.90
N LEU F 314 -20.46 -47.87 -45.65
CA LEU F 314 -19.62 -48.78 -44.88
C LEU F 314 -19.80 -48.58 -43.39
XE XE G . -9.45 20.90 7.08
XE XE H . 22.82 22.30 22.96
CL CL I . -0.55 23.89 4.24
CL CL I . 0.17 21.57 5.61
CA CA J . -31.77 8.14 9.95
CA CA K . 3.39 -10.28 35.70
ZN ZN L . -1.32 14.28 5.71
FE HEC M . -5.62 20.07 5.61
CHA HEC M . -5.29 16.75 6.41
CHB HEC M . -5.40 20.88 8.96
CHC HEC M . -6.43 23.36 4.90
CHD HEC M . -6.25 19.26 2.33
NA HEC M . -5.45 19.01 7.36
C1A HEC M . -5.20 17.66 7.45
C2A HEC M . -4.82 17.34 8.81
C3A HEC M . -4.84 18.47 9.51
C4A HEC M . -5.24 19.55 8.62
CMA HEC M . -4.51 18.63 11.02
CAA HEC M . -4.46 15.93 9.31
CBA HEC M . -2.94 15.80 9.46
CGA HEC M . -2.25 15.68 8.13
O1A HEC M . -1.21 16.36 7.93
O2A HEC M . -2.73 14.91 7.26
NB HEC M . -5.96 21.79 6.74
C1B HEC M . -5.61 21.91 8.07
C2B HEC M . -5.50 23.33 8.36
C3B HEC M . -5.79 24.02 7.26
C4B HEC M . -6.08 23.06 6.21
CMB HEC M . -5.11 23.94 9.73
CAB HEC M . -5.77 25.56 7.14
CBB HEC M . -7.21 26.08 6.89
NC HEC M . -6.22 21.11 3.93
C1C HEC M . -6.52 22.46 3.87
C2C HEC M . -6.96 22.76 2.52
C3C HEC M . -6.91 21.64 1.80
C4C HEC M . -6.44 20.57 2.67
CMC HEC M . -7.37 24.15 1.99
CAC HEC M . -7.27 21.51 0.31
CBC HEC M . -8.52 20.63 0.14
ND HEC M . -5.82 18.27 4.55
C1D HEC M . -5.92 18.22 3.16
C2D HEC M . -5.62 16.88 2.73
C3D HEC M . -5.31 16.09 4.00
C4D HEC M . -5.46 17.04 5.08
CMD HEC M . -5.60 16.36 1.26
CAD HEC M . -4.93 14.60 4.13
CBD HEC M . -6.12 13.74 3.74
CGD HEC M . -5.76 12.28 3.85
O1D HEC M . -6.64 11.42 3.59
O2D HEC M . -4.60 11.98 4.22
FE HEC N . -29.63 6.97 -19.21
CHA HEC N . -26.97 5.18 -20.38
CHB HEC N . -28.01 7.41 -16.21
CHC HEC N . -32.17 9.05 -18.10
CHD HEC N . -31.45 6.28 -22.01
NA HEC N . -27.84 6.37 -18.42
C1A HEC N . -26.86 5.70 -19.11
C2A HEC N . -25.68 5.63 -18.27
C3A HEC N . -25.96 6.25 -17.12
C4A HEC N . -27.32 6.73 -17.19
CMA HEC N . -25.00 6.43 -15.93
CAA HEC N . -24.34 4.98 -18.65
CBA HEC N . -24.40 3.49 -18.30
CGA HEC N . -23.09 2.84 -18.66
O1A HEC N . -22.40 3.32 -19.61
O2A HEC N . -22.72 1.83 -18.00
NB HEC N . -30.03 8.00 -17.46
C1B HEC N . -29.19 8.10 -16.37
C2B HEC N . -29.76 9.06 -15.45
C3B HEC N . -30.91 9.50 -15.96
C4B HEC N . -31.10 8.85 -17.24
CMB HEC N . -29.14 9.46 -14.10
CAB HEC N . -31.88 10.53 -15.35
CBB HEC N . -31.25 11.94 -15.43
NC HEC N . -31.48 7.54 -19.91
C1C HEC N . -32.34 8.45 -19.32
C2C HEC N . -33.48 8.62 -20.18
C3C HEC N . -33.29 7.88 -21.29
C4C HEC N . -32.02 7.18 -21.13
CMC HEC N . -34.67 9.57 -19.93
CAC HEC N . -34.25 7.81 -22.48
CBC HEC N . -34.71 6.36 -22.78
ND HEC N . -29.27 5.89 -20.92
C1D HEC N . -30.17 5.78 -21.98
C2D HEC N . -29.55 5.04 -23.05
C3D HEC N . -28.15 4.68 -22.54
C4D HEC N . -28.06 5.25 -21.22
CMD HEC N . -30.17 4.67 -24.42
CAD HEC N . -27.04 3.91 -23.29
CBD HEC N . -26.49 4.78 -24.40
CGD HEC N . -25.54 5.80 -23.82
O1D HEC N . -25.35 6.87 -24.42
O2D HEC N . -24.99 5.52 -22.72
N BET O . -18.70 38.12 -4.92
CA BET O . -19.56 37.37 -5.94
C BET O . -19.79 35.83 -5.47
O BET O . -18.77 35.09 -5.57
OXT BET O . -20.95 35.59 -5.06
C1 BET O . -18.97 37.61 -3.51
C2 BET O . -19.02 39.61 -4.96
C3 BET O . -17.22 37.88 -5.20
N BET P . -9.64 -5.40 44.18
CA BET P . -8.81 -6.56 43.64
C BET P . -7.84 -7.13 44.81
O BET P . -8.44 -7.76 45.72
OXT BET P . -6.62 -6.87 44.65
C1 BET P . -10.12 -4.54 43.02
C2 BET P . -8.81 -4.52 45.11
C3 BET P . -10.90 -5.91 44.87
N BET Q . -16.07 14.53 -25.40
CA BET Q . -17.31 13.81 -24.88
C BET Q . -18.02 12.99 -26.09
O BET Q . -17.42 11.95 -26.43
OXT BET Q . -19.08 13.52 -26.51
C1 BET Q . -15.72 15.68 -24.47
C2 BET Q . -16.29 15.09 -26.80
C3 BET Q . -14.87 13.59 -25.38
MG MG R . -1.04 28.87 19.32
CA CA S . 28.52 56.54 14.95
N BET T . 10.36 35.20 -4.52
CA BET T . 10.95 35.38 -3.14
C BET T . 11.76 34.03 -2.71
O BET T . 11.19 33.37 -1.81
OXT BET T . 12.83 33.85 -3.33
C1 BET T . 9.16 36.12 -4.70
C2 BET T . 9.87 33.76 -4.74
C3 BET T . 11.36 35.60 -5.59
CA CA U . 10.32 52.93 11.16
CA CA V . 4.73 58.23 22.14
CA CA W . -2.34 44.38 12.36
FE HEC X . 7.97 45.29 19.92
CHA HEC X . 6.29 48.25 19.46
CHB HEC X . 9.18 46.44 22.89
CHC HEC X . 9.42 42.21 20.53
CHD HEC X . 7.47 44.38 16.67
NA HEC X . 7.73 47.01 21.00
C1A HEC X . 7.08 48.16 20.59
C2A HEC X . 7.38 49.23 21.54
C3A HEC X . 8.17 48.71 22.49
C4A HEC X . 8.41 47.31 22.16
CMA HEC X . 8.78 49.42 23.72
CAA HEC X . 6.85 50.68 21.46
CBA HEC X . 7.97 51.70 21.32
CGA HEC X . 7.40 53.09 21.24
O1A HEC X . 6.14 53.22 21.29
O2A HEC X . 8.19 54.06 21.13
NB HEC X . 9.19 44.49 21.38
C1B HEC X . 9.35 45.09 22.62
C2B HEC X . 9.72 44.07 23.57
C3B HEC X . 9.79 42.90 22.93
C4B HEC X . 9.46 43.14 21.53
CMB HEC X . 9.99 44.33 25.07
CAB HEC X . 10.15 41.53 23.53
CBB HEC X . 9.04 41.03 24.47
NC HEC X . 8.40 43.61 18.80
C1C HEC X . 8.94 42.43 19.25
C2C HEC X . 8.81 41.44 18.20
C3C HEC X . 8.41 42.08 17.10
C4C HEC X . 8.06 43.43 17.47
CMC HEC X . 9.48 40.04 18.24
CAC HEC X . 8.20 41.45 15.70
CBC HEC X . 7.02 40.45 15.71
ND HEC X . 7.08 46.21 18.29
C1D HEC X . 6.87 45.56 17.08
C2D HEC X . 5.91 46.31 16.31
C3D HEC X . 5.55 47.52 17.18
C4D HEC X . 6.32 47.37 18.39
CMD HEC X . 5.37 45.97 14.90
CAD HEC X . 4.55 48.64 16.83
CBD HEC X . 3.14 48.14 17.09
CGD HEC X . 2.15 49.24 16.86
O1D HEC X . 0.92 49.00 17.04
O2D HEC X . 2.58 50.37 16.49
FE HEC Y . 5.37 64.95 11.47
CHA HEC Y . 5.59 61.55 11.74
CHB HEC Y . 8.50 65.03 10.02
CHC HEC Y . 4.90 68.25 10.55
CHD HEC Y . 2.47 65.01 13.23
NA HEC Y . 6.78 63.55 10.96
C1A HEC Y . 6.67 62.20 11.19
C2A HEC Y . 7.91 61.57 10.76
C3A HEC Y . 8.72 62.52 10.27
C4A HEC Y . 8.03 63.79 10.40
CMA HEC Y . 10.13 62.31 9.70
CAA HEC Y . 8.23 60.06 10.83
CBA HEC Y . 8.35 59.63 12.29
CGA HEC Y . 8.45 58.12 12.35
O1A HEC Y . 8.78 57.58 13.43
O2A HEC Y . 8.17 57.46 11.32
NB HEC Y . 6.53 66.40 10.54
C1B HEC Y . 7.73 66.16 9.88
C2B HEC Y . 8.01 67.30 9.02
C3B HEC Y . 7.01 68.19 9.18
C4B HEC Y . 6.07 67.64 10.13
CMB HEC Y . 9.26 67.44 8.12
CAB HEC Y . 6.88 69.57 8.47
CBB HEC Y . 6.55 69.38 6.97
NC HEC Y . 3.95 66.37 11.82
C1C HEC Y . 3.93 67.67 11.35
C2C HEC Y . 2.68 68.26 11.73
C3C HEC Y . 2.07 67.42 12.58
C4C HEC Y . 2.82 66.17 12.58
CMC HEC Y . 2.32 69.76 11.56
CAC HEC Y . 0.72 67.64 13.31
CBC HEC Y . -0.45 67.69 12.31
ND HEC Y . 4.24 63.51 12.42
C1D HEC Y . 2.97 63.77 12.93
C2D HEC Y . 2.27 62.51 13.09
C3D HEC Y . 3.25 61.43 12.63
C4D HEC Y . 4.45 62.14 12.22
CMD HEC Y . 0.84 62.30 13.63
CAD HEC Y . 3.03 59.90 12.59
CBD HEC Y . 1.93 59.58 11.58
CGD HEC Y . 1.86 58.10 11.36
O1D HEC Y . 1.00 57.64 10.56
O2D HEC Y . 2.68 57.38 11.99
N BET Z . -5.88 69.29 12.75
CA BET Z . -5.17 67.95 12.69
C BET Z . -5.10 67.29 14.18
O BET Z . -4.25 67.82 14.94
OXT BET Z . -5.88 66.32 14.34
C1 BET Z . -7.00 69.26 13.77
C2 BET Z . -6.50 69.63 11.38
C3 BET Z . -4.93 70.39 13.19
XE XE AA . 9.02 -17.39 -14.04
XE XE BA . -21.82 -32.74 -4.10
CL CL CA . -0.15 -16.92 -17.40
CA CA DA . 32.00 -11.79 -3.60
CA CA EA . 0.16 -24.41 28.75
ZN ZN FA . 1.13 -12.73 -8.78
FE HEC GA . 5.09 -15.62 -13.86
CHA HEC GA . 4.61 -14.40 -10.68
CHB HEC GA . 5.09 -18.82 -12.63
CHC HEC GA . 5.81 -16.82 -17.00
CHD HEC GA . 5.51 -12.39 -15.05
NA HEC GA . 4.89 -16.46 -12.00
C1A HEC GA . 4.70 -15.78 -10.82
C2A HEC GA . 4.62 -16.74 -9.74
C3A HEC GA . 4.76 -17.96 -10.28
C4A HEC GA . 4.92 -17.81 -11.71
CMA HEC GA . 4.73 -19.30 -9.50
CAA HEC GA . 4.41 -16.41 -8.25
CBA HEC GA . 2.93 -16.53 -7.90
CGA HEC GA . 2.13 -15.46 -8.60
O1A HEC GA . 1.11 -15.81 -9.24
O2A HEC GA . 2.51 -14.27 -8.52
NB HEC GA . 5.52 -17.47 -14.64
C1B HEC GA . 5.23 -18.66 -13.99
C2B HEC GA . 5.08 -19.69 -15.00
C3B HEC GA . 5.28 -19.15 -16.20
C4B HEC GA . 5.56 -17.74 -16.00
CMB HEC GA . 4.75 -21.17 -14.72
CAB HEC GA . 5.21 -19.89 -17.54
CBB HEC GA . 6.61 -19.92 -18.19
NC HEC GA . 5.56 -14.76 -15.68
C1C HEC GA . 5.85 -15.45 -16.84
C2C HEC GA . 6.18 -14.49 -17.87
C3C HEC GA . 6.12 -13.27 -17.33
C4C HEC GA . 5.72 -13.41 -15.95
CMC HEC GA . 6.59 -14.82 -19.32
CAC HEC GA . 6.41 -11.94 -18.09
CBC HEC GA . 7.68 -11.27 -17.52
ND HEC GA . 5.08 -13.70 -12.99
C1D HEC GA . 5.24 -12.51 -13.71
C2D HEC GA . 5.09 -11.40 -12.79
C3D HEC GA . 4.80 -12.03 -11.43
C4D HEC GA . 4.83 -13.46 -11.65
CMD HEC GA . 5.19 -9.90 -13.15
CAD HEC GA . 4.56 -11.31 -10.09
CBD HEC GA . 5.80 -10.52 -9.72
CGD HEC GA . 5.56 -9.78 -8.43
O1D HEC GA . 6.37 -8.87 -8.10
O2D HEC GA . 4.56 -10.09 -7.72
FE HEC HA . 27.97 13.26 -18.25
CHA HEC HA . 25.40 15.21 -17.15
CHB HEC HA . 26.40 10.46 -16.99
CHC HEC HA . 30.53 11.22 -19.42
CHD HEC HA . 29.68 15.98 -19.42
NA HEC HA . 26.26 12.90 -17.21
C1A HEC HA . 25.29 13.85 -16.96
C2A HEC HA . 24.11 13.17 -16.47
C3A HEC HA . 24.38 11.86 -16.42
C4A HEC HA . 25.74 11.66 -16.89
CMA HEC HA . 23.42 10.75 -15.94
CAA HEC HA . 22.78 13.83 -16.06
CBA HEC HA . 22.85 14.26 -14.59
CGA HEC HA . 21.51 14.78 -14.14
O1A HEC HA . 21.26 14.81 -12.90
O2A HEC HA . 20.69 15.15 -15.01
NB HEC HA . 28.41 11.23 -18.16
C1B HEC HA . 27.56 10.24 -17.69
C2B HEC HA . 28.11 8.96 -18.08
C3B HEC HA . 29.25 9.17 -18.74
C4B HEC HA . 29.46 10.60 -18.81
CMB HEC HA . 27.48 7.58 -17.76
CAB HEC HA . 30.20 8.12 -19.37
CBB HEC HA . 29.55 7.52 -20.63
NC HEC HA . 29.75 13.54 -19.25
C1C HEC HA . 30.68 12.57 -19.60
C2C HEC HA . 31.76 13.21 -20.33
C3C HEC HA . 31.59 14.53 -20.20
C4C HEC HA . 30.29 14.76 -19.61
CMC HEC HA . 33.07 12.49 -20.72
CAC HEC HA . 32.54 15.63 -20.74
CBC HEC HA . 32.61 15.59 -22.28
ND HEC HA . 27.60 15.30 -18.27
C1D HEC HA . 28.44 16.23 -18.85
C2D HEC HA . 27.83 17.54 -18.76
C3D HEC HA . 26.48 17.31 -18.05
C4D HEC HA . 26.43 15.89 -17.78
CMD HEC HA . 28.40 18.87 -19.27
CAD HEC HA . 25.45 18.42 -17.72
CBD HEC HA . 24.00 18.05 -18.02
CGD HEC HA . 23.82 17.58 -19.45
O1D HEC HA . 22.81 16.88 -19.71
O2D HEC HA . 24.66 17.92 -20.32
N BET IA . 13.36 -33.36 28.22
CA BET IA . 13.15 -33.81 29.66
C BET IA . 11.66 -33.40 30.15
O BET IA . 11.65 -32.46 30.99
OXT BET IA . 10.73 -34.06 29.64
C1 BET IA . 14.85 -33.19 27.94
C2 BET IA . 12.68 -32.02 27.95
C3 BET IA . 12.86 -34.42 27.25
MG MG JA . 1.35 -32.17 -13.35
CA CA KA . -29.69 -45.19 -36.68
N BET LA . -12.38 -16.51 -30.69
CA BET LA . -13.22 -17.51 -29.90
C BET LA . -13.31 -17.05 -28.34
O BET LA . -12.23 -17.14 -27.71
OXT BET LA . -14.46 -16.69 -27.99
C1 BET LA . -12.79 -16.53 -32.15
C2 BET LA . -10.89 -16.87 -30.60
C3 BET LA . -12.63 -15.09 -30.20
CA CA MA . -11.94 -39.12 -36.70
CA CA NA . -5.55 -50.52 -35.58
CA CA OA . 1.52 -34.58 -30.21
FE HEC PA . -8.35 -42.01 -26.06
CHA HEC PA . -6.89 -43.23 -28.89
CHB HEC PA . -9.33 -45.18 -25.20
CHC HEC PA . -9.60 -40.86 -23.03
CHD HEC PA . -7.97 -38.80 -27.10
NA HEC PA . -8.10 -43.88 -26.87
C1A HEC PA . -7.54 -44.15 -28.10
C2A HEC PA . -7.77 -45.55 -28.40
C3A HEC PA . -8.44 -46.09 -27.37
C4A HEC PA . -8.66 -45.04 -26.40
CMA HEC PA . -8.92 -47.55 -27.21
CAA HEC PA . -7.29 -46.30 -29.68
CBA HEC PA . -8.48 -46.68 -30.56
CGA HEC PA . -8.01 -47.61 -31.65
O1A HEC PA . -6.78 -47.78 -31.80
O2A HEC PA . -8.87 -48.18 -32.37
NB HEC PA . -9.38 -42.84 -24.45
C1B HEC PA . -9.47 -44.20 -24.24
C2B HEC PA . -9.76 -44.43 -22.84
C3B HEC PA . -9.84 -43.24 -22.24
C4B HEC PA . -9.60 -42.22 -23.24
CMB HEC PA . -9.94 -45.82 -22.19
CAB HEC PA . -10.12 -42.97 -20.74
CBB HEC PA . -8.93 -43.43 -19.86
NC HEC PA . -8.73 -40.17 -25.22
C1C HEC PA . -9.21 -39.91 -23.96
C2C HEC PA . -9.11 -38.47 -23.73
C3C HEC PA . -8.80 -37.91 -24.89
C4C HEC PA . -8.46 -38.96 -25.83
CMC HEC PA . -9.72 -37.75 -22.51
CAC HEC PA . -8.66 -36.39 -25.18
CBC HEC PA . -7.42 -35.83 -24.44
ND HEC PA . -7.62 -41.16 -27.77
C1D HEC PA . -7.41 -39.78 -27.89
C2D HEC PA . -6.49 -39.54 -28.97
C3D HEC PA . -6.16 -40.93 -29.54
C4D HEC PA . -6.91 -41.86 -28.73
CMD HEC PA . -5.99 -38.16 -29.45
CAD HEC PA . -5.21 -41.26 -30.71
CBD HEC PA . -3.84 -40.70 -30.38
CGD HEC PA . -2.91 -40.93 -31.53
O1D HEC PA . -3.34 -41.53 -32.54
O2D HEC PA . -1.72 -40.52 -31.43
FE HEC QA . -6.99 -45.63 -47.09
CHA HEC QA . -7.05 -44.16 -43.97
CHB HEC QA . -10.13 -44.38 -47.72
CHC HEC QA . -6.73 -46.60 -50.38
CHD HEC QA . -3.93 -46.98 -46.45
NA HEC QA . -8.35 -44.52 -46.03
C1A HEC QA . -8.15 -43.96 -44.78
C2A HEC QA . -9.28 -43.10 -44.48
C3A HEC QA . -10.14 -43.16 -45.52
C4A HEC QA . -9.57 -44.05 -46.51
CMA HEC QA . -11.48 -42.42 -45.65
CAA HEC QA . -9.48 -42.28 -43.18
CBA HEC QA . -9.77 -43.24 -42.03
CGA HEC QA . -9.88 -42.48 -40.73
O1A HEC QA . -9.67 -41.25 -40.73
O2A HEC QA . -10.17 -43.13 -39.69
NB HEC QA . -8.21 -45.53 -48.74
C1B HEC QA . -9.46 -44.94 -48.80
C2B HEC QA . -9.92 -44.99 -50.16
C3B HEC QA . -8.99 -45.60 -50.89
C4B HEC QA . -7.90 -45.95 -50.01
CMB HEC QA . -11.28 -44.43 -50.65
CAB HEC QA . -9.03 -45.90 -52.41
CBB HEC QA . -8.86 -44.59 -53.22
NC HEC QA . -5.59 -46.60 -48.20
C1C HEC QA . -5.67 -46.90 -49.55
C2C HEC QA . -4.40 -47.46 -49.96
C3C HEC QA . -3.70 -47.70 -48.86
C4C HEC QA . -4.38 -47.07 -47.74
CMC HEC QA . -4.13 -48.11 -51.34
CAC HEC QA . -2.29 -48.36 -48.79
CBC HEC QA . -1.23 -47.44 -49.44
ND HEC QA . -5.71 -45.64 -45.41
C1D HEC QA . -4.41 -46.12 -45.48
C2D HEC QA . -3.64 -45.56 -44.39
C3D HEC QA . -4.62 -44.68 -43.62
C4D HEC QA . -5.88 -44.80 -44.32
CMD HEC QA . -2.15 -45.81 -44.09
CAD HEC QA . -4.34 -43.84 -42.36
CBD HEC QA . -3.38 -42.71 -42.71
CGD HEC QA . -3.44 -41.63 -41.67
O1D HEC QA . -4.22 -41.79 -40.69
O2D HEC QA . -2.71 -40.62 -41.81
#